data_2CK3
#
_entry.id   2CK3
#
_cell.length_a   261.160
_cell.length_b   105.220
_cell.length_c   122.730
_cell.angle_alpha   90.00
_cell.angle_beta   90.00
_cell.angle_gamma   90.00
#
_symmetry.space_group_name_H-M   'P 21 21 21'
#
loop_
_entity.id
_entity.type
_entity.pdbx_description
1 polymer 'ATP SYNTHASE SUBUNIT ALPHA, MITOCHONDRIAL'
2 polymer 'ATP SYNTHASE SUBUNIT BETA, MITOCHONDRIAL'
3 polymer 'ATP SYNTHASE SUBUNIT GAMMA, MITOCHONDRIAL'
4 polymer 'ATP SYNTHASE SUBUNIT DELTA, MITOCHONDRIAL'
5 polymer 'ATP SYNTHASE SUBUNIT EPSILON, MITOCHONDRIAL'
6 non-polymer 'PHOSPHOAMINOPHOSPHONIC ACID-ADENYLATE ESTER'
7 non-polymer 'MAGNESIUM ION'
8 non-polymer "ADENOSINE-5'-DIPHOSPHATE"
9 non-polymer 'AZIDE ION'
10 non-polymer 'PHOSPHATE ION'
11 water water
#
loop_
_entity_poly.entity_id
_entity_poly.type
_entity_poly.pdbx_seq_one_letter_code
_entity_poly.pdbx_strand_id
1 'polypeptide(L)'
;QKTGTAEVSSILEERILGADTSVDLEETGRVLSIGDGIARVHGLRNVQAEEMVEFSSGLKGMSLNLEPDNVGVVVFGNDK
LIKEGDIVKRTGAIVDVPVGEELLGRVVDALGNAIDGKGPIGSKARRRVGLKAPGIIPRISVREPMQTGIKAVDSLVPIG
RGQRELIIGDRQTGKTSIAIDTIINQKRFNDGTDEKKKLYCIYVAIGQKRSTVAQLVKRLTDADAMKYTIVVSATASDAA
PLQYLAPYSGCSMGEYFRDNGKHALIIYDDLSKQAVAYRQMSLLLRRPPGREAYPGDVFYLHSRLLERAAKMNDAFGGGS
LTALPVIETQAGDVSAYIPTNVISITDGQIFLETELFYKGIRPAINVGLSVSRVGSAAQTRAMKQVAGTMKLELAQYREV
AAFAQFGSDLDAATQQLLSRGVRLTELLKQGQYSPMAIEEQVAVIYAGVRGYLDKLEPSKITKFENAFLSHVISQHQALL
GKIRTDGKISEESDAKLKEIVTNFLAGFEA
;
A,B,C
2 'polypeptide(L)'
;AAQASPSPKAGATTGRIVAVIGAVVDVQFDEGLPPILNALEVQGRETRLVLEVAQHLGESTVRTIAMDGTEGLVRGQKVL
DSGAPIRIPVGPETLGRIMNVIGEPIDERGPIKTKQFAAIHAEAPEFVEMSVEQEILVTGIKVVDLLAPYAKGGKIGLFG
GAGVGKTVLIMELINNVAKAHGGYSVFAGVGERTREGNDLYHEMIESGVINLKDATSKVALVYGQMNEPPGARARVALTG
LTVAEYFRDQEGQDVLLFIDNIFRFTQAGSEVSALLGRIPSAVGYQPTLATDMGTMQERITTTKKGSITSVQAIYVPADD
LTDPAPATTFAHLDATTVLSRAIAELGIYPAVDPLDSTSRIMDPNIVGSEHYDVARGVQKILQDYKSLQDIIAILGMDEL
SEEDKLTVSRARKIQRFLSQPFQVAEVFTGHLGKLVPLKETIKGFQQILAGEYDHLPEQAFYMVGPIEEAVAKADKLAEE
HS
;
D,E,F
3 'polypeptide(L)'
;ATLKDITRRLKSIKNIQKITKSMKMVAAAKYARAERELKPARVYGVGSLALYEKADIKTPEDKKKHLIIGVSSDRGLCGA
IHSSVAKQMKSEAANLAAAGKEVKIIGVGDKIRSILHRTHSDQFLVTFKEVGRRPPTFGDASVIALELLNSGYEFDEGSI
IFNRFRSVISYKTEEKPIFSLDTISSAESMSIYDDIDADVLRNYQEYSLANIIYYSLKESTTSEQSARMTAMDNASKNAS
EMIDKLTLTFNRTRQAVITKELIEIISGAAAL
;
G
4 'polypeptide(L)'
;AEAAAAQAPAAGPGQMSFTFASPTQVFFNSANVRQVDVPTQTGAFGILAAHVPTLQVLRPGLVVVHAEDGTTSKYFVSSG
SVTVNADSSVQLLAEEAVTLDMLDLGAAKANLEKAQSELLGAADEATRAEIQIRIEANEALVKALE
;
H
5 'polypeptide(L)' VAYWRQAGLSYIRYSQICAKAVRDALKTEFKANAMKTSGSTIKIVKVKKE I
#
loop_
_chem_comp.id
_chem_comp.type
_chem_comp.name
_chem_comp.formula
ADP non-polymer ADENOSINE-5'-DIPHOSPHATE 'C10 H15 N5 O10 P2'
ANP non-polymer 'PHOSPHOAMINOPHOSPHONIC ACID-ADENYLATE ESTER' 'C10 H17 N6 O12 P3'
AZI non-polymer 'AZIDE ION' 'N3 -1'
MG non-polymer 'MAGNESIUM ION' 'Mg 2'
PO4 non-polymer 'PHOSPHATE ION' 'O4 P -3'
#
# COMPACT_ATOMS: atom_id res chain seq x y z
N ASP A 24 -35.41 3.10 -45.27
CA ASP A 24 -35.86 3.85 -44.07
C ASP A 24 -34.76 3.84 -43.01
N LEU A 25 -34.41 5.03 -42.52
CA LEU A 25 -33.38 5.15 -41.49
C LEU A 25 -33.92 5.67 -40.16
N GLU A 26 -35.24 5.86 -40.11
CA GLU A 26 -35.90 6.35 -38.90
C GLU A 26 -36.23 5.24 -37.92
N GLU A 27 -36.80 4.15 -38.44
CA GLU A 27 -37.23 3.01 -37.63
C GLU A 27 -36.37 1.78 -37.84
N THR A 28 -35.42 1.88 -38.77
CA THR A 28 -34.46 0.80 -39.02
C THR A 28 -33.03 1.33 -39.11
N GLY A 29 -32.08 0.40 -39.05
CA GLY A 29 -30.67 0.75 -39.19
C GLY A 29 -29.86 -0.38 -39.80
N ARG A 30 -28.57 -0.11 -40.00
CA ARG A 30 -27.63 -1.10 -40.50
C ARG A 30 -26.39 -1.11 -39.63
N VAL A 31 -25.92 -2.31 -39.28
CA VAL A 31 -24.72 -2.48 -38.47
C VAL A 31 -23.50 -1.94 -39.22
N LEU A 32 -22.79 -1.02 -38.57
CA LEU A 32 -21.54 -0.47 -39.11
C LEU A 32 -20.37 -1.33 -38.70
N SER A 33 -20.35 -1.73 -37.42
CA SER A 33 -19.31 -2.56 -36.88
C SER A 33 -19.89 -3.41 -35.76
N ILE A 34 -19.29 -4.57 -35.55
CA ILE A 34 -19.71 -5.48 -34.47
C ILE A 34 -18.48 -6.16 -33.87
N GLY A 35 -18.41 -6.13 -32.54
CA GLY A 35 -17.35 -6.83 -31.84
C GLY A 35 -17.53 -6.71 -30.33
N ASP A 36 -17.13 -7.75 -29.61
CA ASP A 36 -17.18 -7.81 -28.16
C ASP A 36 -18.55 -7.44 -27.56
N GLY A 37 -19.62 -7.92 -28.20
CA GLY A 37 -20.98 -7.68 -27.72
C GLY A 37 -21.53 -6.28 -27.97
N ILE A 38 -20.80 -5.48 -28.74
CA ILE A 38 -21.20 -4.11 -29.06
C ILE A 38 -21.40 -3.98 -30.57
N ALA A 39 -22.62 -3.59 -30.97
CA ALA A 39 -22.90 -3.27 -32.36
C ALA A 39 -23.11 -1.77 -32.50
N ARG A 40 -22.33 -1.16 -33.41
CA ARG A 40 -22.53 0.22 -33.79
C ARG A 40 -23.44 0.23 -35.02
N VAL A 41 -24.54 0.97 -34.93
CA VAL A 41 -25.59 0.93 -35.96
C VAL A 41 -25.86 2.31 -36.56
N HIS A 42 -25.87 2.37 -37.88
CA HIS A 42 -26.24 3.59 -38.62
C HIS A 42 -27.76 3.66 -38.73
N GLY A 43 -28.32 4.85 -38.61
CA GLY A 43 -29.76 5.04 -38.69
C GLY A 43 -30.43 4.89 -37.33
N LEU A 44 -31.62 4.28 -37.33
CA LEU A 44 -32.44 4.15 -36.12
C LEU A 44 -32.65 5.53 -35.47
N ARG A 45 -32.89 6.55 -36.30
CA ARG A 45 -32.93 7.94 -35.81
C ARG A 45 -34.00 8.18 -34.75
N ASN A 46 -35.04 7.35 -34.77
CA ASN A 46 -36.13 7.46 -33.80
C ASN A 46 -36.01 6.58 -32.55
N VAL A 47 -34.89 5.87 -32.37
CA VAL A 47 -34.72 5.01 -31.19
C VAL A 47 -34.65 5.78 -29.88
N GLN A 48 -35.22 5.21 -28.84
CA GLN A 48 -35.16 5.80 -27.51
C GLN A 48 -33.96 5.25 -26.74
N ALA A 49 -33.44 6.06 -25.82
CA ALA A 49 -32.36 5.62 -24.94
C ALA A 49 -32.85 4.41 -24.13
N GLU A 50 -32.05 3.33 -24.17
CA GLU A 50 -32.33 2.05 -23.49
C GLU A 50 -33.41 1.19 -24.16
N GLU A 51 -33.82 1.54 -25.38
CA GLU A 51 -34.78 0.75 -26.13
C GLU A 51 -34.17 -0.56 -26.62
N MET A 52 -34.98 -1.61 -26.61
CA MET A 52 -34.58 -2.92 -27.11
C MET A 52 -34.92 -3.07 -28.59
N VAL A 53 -33.89 -3.29 -29.40
CA VAL A 53 -34.05 -3.43 -30.85
C VAL A 53 -33.72 -4.85 -31.27
N GLU A 54 -34.06 -5.19 -32.52
CA GLU A 54 -33.86 -6.54 -33.02
C GLU A 54 -32.93 -6.58 -34.23
N PHE A 55 -31.97 -7.52 -34.17
CA PHE A 55 -31.12 -7.83 -35.31
C PHE A 55 -31.84 -8.78 -36.25
N SER A 56 -31.37 -8.83 -37.50
CA SER A 56 -31.94 -9.73 -38.51
C SER A 56 -31.82 -11.20 -38.10
N SER A 57 -30.84 -11.51 -37.27
CA SER A 57 -30.63 -12.89 -36.81
C SER A 57 -31.65 -13.32 -35.75
N GLY A 58 -32.40 -12.36 -35.20
CA GLY A 58 -33.37 -12.64 -34.16
C GLY A 58 -32.87 -12.25 -32.78
N LEU A 59 -31.57 -12.07 -32.65
CA LEU A 59 -30.95 -11.63 -31.40
C LEU A 59 -31.45 -10.23 -31.06
N LYS A 60 -31.56 -9.95 -29.76
CA LYS A 60 -31.98 -8.65 -29.31
C LYS A 60 -30.80 -7.82 -28.84
N GLY A 61 -31.00 -6.51 -28.73
CA GLY A 61 -29.99 -5.59 -28.25
C GLY A 61 -30.61 -4.43 -27.54
N MET A 62 -29.85 -3.75 -26.69
CA MET A 62 -30.35 -2.59 -25.98
C MET A 62 -29.57 -1.34 -26.38
N SER A 63 -30.29 -0.28 -26.70
CA SER A 63 -29.69 0.95 -27.22
C SER A 63 -29.18 1.84 -26.09
N LEU A 64 -27.96 1.58 -25.64
CA LEU A 64 -27.40 2.29 -24.49
C LEU A 64 -26.71 3.62 -24.84
N ASN A 65 -26.09 3.69 -26.02
CA ASN A 65 -25.41 4.89 -26.49
C ASN A 65 -26.10 5.46 -27.71
N LEU A 66 -26.66 6.66 -27.55
CA LEU A 66 -27.23 7.41 -28.67
C LEU A 66 -26.23 8.50 -29.00
N GLU A 67 -25.55 8.36 -30.12
CA GLU A 67 -24.53 9.32 -30.52
C GLU A 67 -24.92 9.97 -31.86
N PRO A 68 -24.31 11.12 -32.21
CA PRO A 68 -24.69 11.85 -33.43
C PRO A 68 -24.73 10.96 -34.68
N ASP A 69 -23.75 10.07 -34.83
CA ASP A 69 -23.61 9.29 -36.07
C ASP A 69 -23.89 7.80 -35.92
N ASN A 70 -24.17 7.34 -34.71
CA ASN A 70 -24.44 5.92 -34.48
C ASN A 70 -25.21 5.62 -33.21
N VAL A 71 -25.71 4.40 -33.13
CA VAL A 71 -26.29 3.86 -31.90
C VAL A 71 -25.38 2.75 -31.40
N GLY A 72 -24.93 2.87 -30.15
CA GLY A 72 -24.19 1.81 -29.49
C GLY A 72 -25.17 0.82 -28.90
N VAL A 73 -25.24 -0.36 -29.50
CA VAL A 73 -26.21 -1.37 -29.11
C VAL A 73 -25.49 -2.54 -28.44
N VAL A 74 -25.91 -2.85 -27.23
N VAL A 74 -25.90 -2.84 -27.22
CA VAL A 74 -25.36 -3.96 -26.46
CA VAL A 74 -25.34 -3.96 -26.47
C VAL A 74 -26.13 -5.26 -26.78
C VAL A 74 -26.13 -5.24 -26.78
N VAL A 75 -25.41 -6.28 -27.23
CA VAL A 75 -26.02 -7.53 -27.75
C VAL A 75 -26.39 -8.60 -26.72
N PHE A 76 -27.62 -9.12 -26.83
CA PHE A 76 -28.14 -10.17 -25.95
C PHE A 76 -27.87 -11.57 -26.52
N GLY A 77 -26.60 -11.93 -26.64
CA GLY A 77 -26.21 -13.25 -27.16
C GLY A 77 -24.83 -13.28 -27.79
N ASN A 78 -24.61 -14.26 -28.66
CA ASN A 78 -23.33 -14.43 -29.37
C ASN A 78 -23.28 -13.50 -30.59
N ASP A 79 -22.17 -12.78 -30.76
CA ASP A 79 -22.06 -11.86 -31.89
C ASP A 79 -21.67 -12.53 -33.22
N LYS A 80 -21.51 -13.85 -33.21
CA LYS A 80 -21.19 -14.57 -34.45
C LYS A 80 -22.33 -14.47 -35.46
N LEU A 81 -23.54 -14.23 -34.96
CA LEU A 81 -24.72 -14.09 -35.82
C LEU A 81 -25.00 -12.66 -36.26
N ILE A 82 -24.08 -11.75 -35.93
CA ILE A 82 -24.21 -10.36 -36.35
C ILE A 82 -23.01 -9.97 -37.21
N LYS A 83 -23.30 -9.43 -38.39
CA LYS A 83 -22.27 -9.03 -39.35
C LYS A 83 -22.49 -7.58 -39.78
N GLU A 84 -21.42 -6.94 -40.26
CA GLU A 84 -21.54 -5.63 -40.86
C GLU A 84 -22.60 -5.67 -41.95
N GLY A 85 -23.49 -4.68 -41.93
CA GLY A 85 -24.51 -4.54 -42.96
C GLY A 85 -25.83 -5.18 -42.59
N ASP A 86 -25.86 -5.86 -41.44
CA ASP A 86 -27.08 -6.49 -40.94
C ASP A 86 -28.11 -5.44 -40.56
N ILE A 87 -29.36 -5.71 -40.89
CA ILE A 87 -30.45 -4.78 -40.63
C ILE A 87 -30.88 -4.85 -39.16
N VAL A 88 -31.09 -3.70 -38.55
CA VAL A 88 -31.52 -3.59 -37.16
C VAL A 88 -32.85 -2.85 -37.15
N LYS A 89 -33.81 -3.38 -36.39
CA LYS A 89 -35.17 -2.85 -36.39
C LYS A 89 -35.66 -2.47 -35.00
N ARG A 90 -36.29 -1.30 -34.91
CA ARG A 90 -37.16 -0.98 -33.79
C ARG A 90 -38.39 -1.87 -33.93
N THR A 91 -38.81 -2.49 -32.84
CA THR A 91 -39.97 -3.41 -32.86
C THR A 91 -41.07 -2.97 -31.89
N GLY A 92 -40.89 -1.80 -31.31
CA GLY A 92 -41.80 -1.30 -30.27
C GLY A 92 -41.61 -2.10 -29.00
N ALA A 93 -40.48 -2.80 -28.92
CA ALA A 93 -40.19 -3.71 -27.82
C ALA A 93 -40.15 -2.99 -26.49
N ILE A 94 -40.84 -3.56 -25.52
CA ILE A 94 -40.84 -3.06 -24.15
C ILE A 94 -40.02 -4.06 -23.31
N VAL A 95 -39.07 -3.56 -22.53
CA VAL A 95 -38.24 -4.45 -21.71
C VAL A 95 -38.97 -4.85 -20.44
N ASP A 96 -39.73 -5.95 -20.53
CA ASP A 96 -40.51 -6.45 -19.41
C ASP A 96 -40.35 -7.96 -19.18
N VAL A 97 -40.92 -8.44 -18.08
CA VAL A 97 -40.83 -9.85 -17.69
C VAL A 97 -42.18 -10.37 -17.19
N PRO A 98 -42.40 -11.70 -17.26
CA PRO A 98 -43.59 -12.27 -16.63
C PRO A 98 -43.56 -12.02 -15.13
N VAL A 99 -44.74 -11.91 -14.53
CA VAL A 99 -44.89 -11.51 -13.14
C VAL A 99 -46.13 -12.19 -12.58
N GLY A 100 -46.06 -12.69 -11.34
CA GLY A 100 -47.21 -13.33 -10.69
C GLY A 100 -46.88 -14.63 -10.00
N GLU A 101 -47.90 -15.25 -9.40
CA GLU A 101 -47.73 -16.48 -8.61
C GLU A 101 -47.38 -17.71 -9.46
N GLU A 102 -47.47 -17.56 -10.78
CA GLU A 102 -47.14 -18.65 -11.69
C GLU A 102 -45.63 -18.91 -11.79
N LEU A 103 -44.83 -17.90 -11.46
CA LEU A 103 -43.38 -18.05 -11.44
C LEU A 103 -42.88 -18.86 -10.23
N LEU A 104 -43.72 -18.96 -9.20
CA LEU A 104 -43.37 -19.73 -7.99
C LEU A 104 -43.12 -21.20 -8.29
N GLY A 105 -41.92 -21.67 -7.94
CA GLY A 105 -41.52 -23.05 -8.19
C GLY A 105 -40.76 -23.23 -9.48
N ARG A 106 -40.57 -22.12 -10.20
CA ARG A 106 -39.96 -22.14 -11.53
C ARG A 106 -38.56 -21.55 -11.55
N VAL A 107 -37.74 -22.04 -12.48
CA VAL A 107 -36.41 -21.50 -12.76
C VAL A 107 -36.44 -20.85 -14.13
N VAL A 108 -36.16 -19.55 -14.16
CA VAL A 108 -36.22 -18.76 -15.39
C VAL A 108 -34.88 -18.07 -15.66
N ASP A 109 -34.71 -17.62 -16.91
CA ASP A 109 -33.54 -16.82 -17.25
C ASP A 109 -33.78 -15.35 -16.88
N ALA A 110 -32.84 -14.47 -17.28
CA ALA A 110 -32.95 -13.05 -16.98
C ALA A 110 -34.22 -12.37 -17.52
N LEU A 111 -34.85 -12.97 -18.52
CA LEU A 111 -36.02 -12.38 -19.18
C LEU A 111 -37.34 -13.07 -18.83
N GLY A 112 -37.27 -14.07 -17.95
CA GLY A 112 -38.47 -14.74 -17.45
C GLY A 112 -38.86 -15.95 -18.25
N ASN A 113 -38.02 -16.35 -19.20
CA ASN A 113 -38.21 -17.59 -19.96
C ASN A 113 -37.83 -18.79 -19.10
N ALA A 114 -38.68 -19.81 -19.11
CA ALA A 114 -38.42 -21.05 -18.37
C ALA A 114 -37.15 -21.73 -18.86
N ILE A 115 -36.32 -22.16 -17.92
CA ILE A 115 -35.11 -22.93 -18.26
C ILE A 115 -35.05 -24.24 -17.48
N ASP A 116 -36.15 -24.57 -16.80
CA ASP A 116 -36.24 -25.81 -16.03
C ASP A 116 -36.84 -26.96 -16.86
N GLY A 117 -37.22 -26.67 -18.10
CA GLY A 117 -37.80 -27.66 -19.00
C GLY A 117 -39.21 -28.10 -18.68
N LYS A 118 -39.92 -27.30 -17.87
CA LYS A 118 -41.28 -27.62 -17.46
C LYS A 118 -42.37 -26.88 -18.25
N GLY A 119 -42.03 -26.43 -19.45
CA GLY A 119 -42.98 -25.77 -20.33
C GLY A 119 -43.14 -24.28 -20.07
N PRO A 120 -44.21 -23.67 -20.62
CA PRO A 120 -44.39 -22.23 -20.56
C PRO A 120 -44.80 -21.71 -19.18
N ILE A 121 -44.36 -20.50 -18.84
CA ILE A 121 -44.86 -19.79 -17.66
C ILE A 121 -46.27 -19.30 -17.96
N GLY A 122 -47.23 -19.69 -17.13
CA GLY A 122 -48.63 -19.30 -17.33
C GLY A 122 -48.95 -17.91 -16.84
N SER A 123 -48.06 -16.96 -17.15
CA SER A 123 -48.13 -15.58 -16.64
C SER A 123 -49.33 -14.82 -17.18
N LYS A 124 -50.13 -14.25 -16.26
CA LYS A 124 -51.29 -13.44 -16.61
C LYS A 124 -50.95 -11.94 -16.63
N ALA A 125 -49.84 -11.58 -15.99
CA ALA A 125 -49.43 -10.19 -15.88
C ALA A 125 -47.95 -9.99 -16.20
N ARG A 126 -47.60 -8.81 -16.68
CA ARG A 126 -46.22 -8.45 -16.97
C ARG A 126 -45.86 -7.11 -16.33
N ARG A 127 -44.57 -6.87 -16.15
CA ARG A 127 -44.08 -5.66 -15.51
C ARG A 127 -42.72 -5.26 -16.08
N ARG A 128 -42.54 -3.95 -16.30
CA ARG A 128 -41.26 -3.40 -16.74
C ARG A 128 -40.14 -3.70 -15.74
N VAL A 129 -38.95 -4.02 -16.25
CA VAL A 129 -37.80 -4.32 -15.41
C VAL A 129 -37.16 -3.03 -14.90
N GLY A 130 -37.34 -1.96 -15.67
CA GLY A 130 -36.76 -0.66 -15.34
C GLY A 130 -37.82 0.31 -14.87
N LEU A 131 -38.04 0.33 -13.56
CA LEU A 131 -39.02 1.22 -12.93
C LEU A 131 -38.41 1.92 -11.73
N LYS A 132 -38.94 3.11 -11.44
CA LYS A 132 -38.50 3.88 -10.28
C LYS A 132 -39.04 3.28 -8.99
N ALA A 133 -38.30 3.50 -7.91
CA ALA A 133 -38.68 3.04 -6.58
C ALA A 133 -39.79 3.94 -6.04
N PRO A 134 -40.60 3.41 -5.10
CA PRO A 134 -41.55 4.27 -4.38
C PRO A 134 -40.81 5.46 -3.75
N GLY A 135 -41.47 6.61 -3.70
CA GLY A 135 -40.89 7.80 -3.08
C GLY A 135 -40.95 7.77 -1.56
N ILE A 136 -40.72 8.93 -0.95
CA ILE A 136 -40.75 9.08 0.50
C ILE A 136 -42.13 8.74 1.08
N ILE A 137 -43.18 9.30 0.46
CA ILE A 137 -44.53 9.29 1.02
C ILE A 137 -45.25 7.93 1.13
N PRO A 138 -45.20 7.10 0.07
CA PRO A 138 -45.94 5.81 0.08
C PRO A 138 -45.43 4.77 1.10
N ARG A 139 -44.37 5.10 1.84
CA ARG A 139 -43.73 4.15 2.76
C ARG A 139 -44.09 4.37 4.23
N ILE A 140 -43.79 3.36 5.04
CA ILE A 140 -43.91 3.44 6.49
C ILE A 140 -42.70 2.73 7.14
N SER A 141 -42.31 3.16 8.34
CA SER A 141 -41.18 2.57 9.07
C SER A 141 -41.22 1.04 9.09
N VAL A 142 -40.06 0.43 8.89
CA VAL A 142 -39.92 -1.02 8.94
C VAL A 142 -40.13 -1.50 10.37
N ARG A 143 -41.08 -2.43 10.55
CA ARG A 143 -41.48 -2.88 11.90
C ARG A 143 -41.85 -4.37 12.03
N GLU A 144 -41.97 -5.07 10.90
CA GLU A 144 -42.32 -6.50 10.95
C GLU A 144 -41.06 -7.33 10.80
N PRO A 145 -40.88 -8.33 11.68
CA PRO A 145 -39.68 -9.15 11.59
C PRO A 145 -39.60 -9.92 10.28
N MET A 146 -38.40 -9.96 9.70
CA MET A 146 -38.09 -10.90 8.64
C MET A 146 -37.12 -11.90 9.26
N GLN A 147 -37.64 -13.05 9.68
CA GLN A 147 -36.86 -14.03 10.44
C GLN A 147 -35.99 -14.89 9.53
N THR A 148 -34.69 -14.87 9.78
CA THR A 148 -33.74 -15.73 9.04
C THR A 148 -33.69 -17.15 9.63
N GLY A 149 -33.97 -17.27 10.92
CA GLY A 149 -33.83 -18.54 11.62
C GLY A 149 -32.38 -18.80 12.03
N ILE A 150 -31.54 -17.78 11.85
CA ILE A 150 -30.14 -17.83 12.22
C ILE A 150 -29.97 -16.94 13.45
N LYS A 151 -29.57 -17.57 14.56
CA LYS A 151 -29.47 -16.93 15.87
C LYS A 151 -28.67 -15.63 15.86
N ALA A 152 -27.49 -15.65 15.26
CA ALA A 152 -26.61 -14.47 15.25
C ALA A 152 -27.27 -13.29 14.54
N VAL A 153 -28.03 -13.58 13.50
CA VAL A 153 -28.67 -12.55 12.70
C VAL A 153 -29.94 -12.03 13.39
N ASP A 154 -30.85 -12.95 13.72
CA ASP A 154 -32.11 -12.56 14.33
C ASP A 154 -31.92 -11.84 15.67
N SER A 155 -30.83 -12.14 16.37
CA SER A 155 -30.56 -11.52 17.67
C SER A 155 -29.70 -10.25 17.59
N LEU A 156 -28.64 -10.27 16.78
CA LEU A 156 -27.68 -9.16 16.78
C LEU A 156 -27.65 -8.29 15.52
N VAL A 157 -28.17 -8.82 14.41
CA VAL A 157 -28.23 -8.06 13.15
C VAL A 157 -29.66 -8.14 12.55
N PRO A 158 -30.69 -7.79 13.35
CA PRO A 158 -32.06 -8.13 12.96
C PRO A 158 -32.54 -7.46 11.67
N ILE A 159 -33.30 -8.20 10.87
CA ILE A 159 -33.82 -7.71 9.60
C ILE A 159 -35.34 -7.58 9.67
N GLY A 160 -35.84 -6.43 9.23
CA GLY A 160 -37.28 -6.20 9.14
C GLY A 160 -37.76 -6.20 7.70
N ARG A 161 -39.06 -6.35 7.51
CA ARG A 161 -39.64 -6.43 6.17
C ARG A 161 -39.64 -5.07 5.49
N GLY A 162 -38.98 -5.01 4.34
CA GLY A 162 -38.77 -3.77 3.60
C GLY A 162 -37.33 -3.29 3.64
N GLN A 163 -36.53 -3.90 4.51
CA GLN A 163 -35.12 -3.53 4.72
C GLN A 163 -34.21 -4.07 3.63
N ARG A 164 -33.03 -3.46 3.47
CA ARG A 164 -31.97 -3.97 2.62
C ARG A 164 -30.77 -4.31 3.51
N GLU A 165 -30.46 -5.60 3.63
CA GLU A 165 -29.37 -6.05 4.48
C GLU A 165 -28.32 -6.77 3.64
N LEU A 166 -27.13 -6.20 3.60
CA LEU A 166 -26.04 -6.75 2.81
C LEU A 166 -25.43 -7.98 3.48
N ILE A 167 -25.21 -9.02 2.68
CA ILE A 167 -24.37 -10.14 3.08
C ILE A 167 -23.05 -9.96 2.36
N ILE A 168 -21.96 -9.81 3.13
CA ILE A 168 -20.67 -9.43 2.56
C ILE A 168 -19.51 -10.24 3.18
N GLY A 169 -18.56 -10.64 2.33
CA GLY A 169 -17.41 -11.42 2.78
C GLY A 169 -16.63 -11.97 1.58
N ASP A 170 -15.48 -12.55 1.86
CA ASP A 170 -14.64 -13.14 0.81
C ASP A 170 -15.30 -14.39 0.24
N ARG A 171 -14.76 -14.89 -0.86
CA ARG A 171 -15.14 -16.21 -1.39
C ARG A 171 -15.22 -17.26 -0.30
N GLN A 172 -16.25 -18.10 -0.38
CA GLN A 172 -16.36 -19.28 0.49
C GLN A 172 -16.36 -18.97 1.99
N THR A 173 -17.00 -17.85 2.35
CA THR A 173 -17.18 -17.47 3.77
C THR A 173 -18.56 -17.84 4.33
N GLY A 174 -19.45 -18.30 3.45
CA GLY A 174 -20.78 -18.74 3.89
C GLY A 174 -21.92 -17.81 3.51
N LYS A 175 -21.71 -17.00 2.48
CA LYS A 175 -22.67 -15.97 2.09
C LYS A 175 -23.99 -16.52 1.55
N THR A 176 -23.93 -17.36 0.52
CA THR A 176 -25.14 -17.97 -0.05
C THR A 176 -25.91 -18.76 1.00
N SER A 177 -25.19 -19.42 1.90
CA SER A 177 -25.82 -20.25 2.94
C SER A 177 -26.79 -19.47 3.83
N ILE A 178 -26.42 -18.25 4.18
CA ILE A 178 -27.29 -17.37 4.96
C ILE A 178 -28.60 -17.10 4.21
N ALA A 179 -28.48 -16.85 2.91
CA ALA A 179 -29.64 -16.59 2.06
C ALA A 179 -30.54 -17.80 1.90
N ILE A 180 -29.93 -18.95 1.70
CA ILE A 180 -30.66 -20.21 1.51
C ILE A 180 -31.39 -20.62 2.78
N ASP A 181 -30.69 -20.55 3.92
CA ASP A 181 -31.31 -20.85 5.21
C ASP A 181 -32.47 -19.91 5.54
N THR A 182 -32.35 -18.64 5.14
CA THR A 182 -33.44 -17.69 5.30
C THR A 182 -34.66 -18.09 4.46
N ILE A 183 -34.42 -18.46 3.20
CA ILE A 183 -35.51 -18.93 2.32
C ILE A 183 -36.17 -20.18 2.90
N ILE A 184 -35.35 -21.15 3.30
CA ILE A 184 -35.85 -22.38 3.91
C ILE A 184 -36.68 -22.09 5.16
N ASN A 185 -36.26 -21.07 5.93
CA ASN A 185 -36.95 -20.71 7.18
C ASN A 185 -38.42 -20.30 7.02
N GLN A 186 -38.77 -19.73 5.86
CA GLN A 186 -40.12 -19.21 5.63
C GLN A 186 -41.20 -20.29 5.51
N LYS A 187 -40.78 -21.53 5.28
CA LYS A 187 -41.71 -22.64 5.10
C LYS A 187 -42.72 -22.77 6.24
N ARG A 188 -42.27 -22.53 7.47
CA ARG A 188 -43.16 -22.63 8.64
C ARG A 188 -44.30 -21.61 8.60
N PHE A 189 -43.99 -20.42 8.08
CA PHE A 189 -44.97 -19.35 7.93
C PHE A 189 -45.89 -19.62 6.73
N ASN A 190 -45.27 -19.99 5.61
CA ASN A 190 -45.99 -20.26 4.36
C ASN A 190 -46.94 -21.46 4.43
N ASP A 191 -46.67 -22.37 5.36
CA ASP A 191 -47.57 -23.51 5.64
C ASP A 191 -48.63 -23.16 6.68
N GLY A 192 -48.48 -22.01 7.32
CA GLY A 192 -49.41 -21.57 8.35
C GLY A 192 -50.67 -20.91 7.81
N THR A 193 -51.48 -20.36 8.71
CA THR A 193 -52.73 -19.70 8.34
C THR A 193 -52.70 -18.19 8.57
N ASP A 194 -51.62 -17.70 9.18
CA ASP A 194 -51.49 -16.27 9.49
C ASP A 194 -51.24 -15.46 8.21
N GLU A 195 -52.19 -14.58 7.91
CA GLU A 195 -52.18 -13.80 6.67
C GLU A 195 -51.38 -12.50 6.78
N LYS A 196 -50.24 -12.58 7.46
CA LYS A 196 -49.35 -11.44 7.63
C LYS A 196 -47.91 -11.94 7.64
N LYS A 197 -47.74 -13.18 8.09
CA LYS A 197 -46.41 -13.77 8.25
C LYS A 197 -45.83 -14.32 6.96
N LYS A 198 -46.69 -14.66 6.00
CA LYS A 198 -46.06 -15.28 4.82
CA LYS A 198 -46.44 -14.76 4.53
C LYS A 198 -45.05 -14.32 4.10
N LEU A 199 -44.34 -14.99 3.19
CA LEU A 199 -43.15 -14.40 2.54
C LEU A 199 -42.68 -15.19 1.32
N TYR A 200 -42.90 -14.64 0.15
CA TYR A 200 -42.52 -15.28 -1.10
C TYR A 200 -41.07 -14.93 -1.44
N CYS A 201 -40.33 -15.93 -1.92
CA CYS A 201 -38.88 -15.75 -2.09
C CYS A 201 -38.43 -15.73 -3.54
N ILE A 202 -37.45 -14.89 -3.80
CA ILE A 202 -36.84 -14.79 -5.13
C ILE A 202 -35.33 -14.83 -4.97
N TYR A 203 -34.73 -15.82 -5.61
CA TYR A 203 -33.28 -15.97 -5.60
C TYR A 203 -32.76 -15.62 -6.98
N VAL A 204 -31.97 -14.56 -7.06
CA VAL A 204 -31.34 -14.17 -8.31
C VAL A 204 -29.88 -14.60 -8.36
N ALA A 205 -29.57 -15.49 -9.30
CA ALA A 205 -28.20 -15.95 -9.52
C ALA A 205 -27.58 -15.15 -10.67
N ILE A 206 -26.49 -14.44 -10.38
CA ILE A 206 -25.80 -13.63 -11.40
C ILE A 206 -24.36 -14.11 -11.55
N GLY A 207 -24.04 -14.61 -12.74
CA GLY A 207 -22.65 -14.95 -13.10
C GLY A 207 -22.11 -16.24 -12.52
N GLN A 208 -22.97 -17.00 -11.85
CA GLN A 208 -22.60 -18.30 -11.29
C GLN A 208 -22.56 -19.35 -12.40
N LYS A 209 -21.97 -20.52 -12.11
CA LYS A 209 -22.01 -21.59 -13.10
C LYS A 209 -23.31 -22.36 -12.98
N ARG A 210 -23.81 -22.89 -14.09
CA ARG A 210 -25.10 -23.63 -14.14
C ARG A 210 -25.21 -24.79 -13.14
N SER A 211 -24.14 -25.57 -12.97
CA SER A 211 -24.17 -26.69 -12.03
C SER A 211 -24.31 -26.25 -10.58
N THR A 212 -23.75 -25.10 -10.23
CA THR A 212 -23.91 -24.51 -8.90
C THR A 212 -25.38 -24.15 -8.64
N VAL A 213 -26.01 -23.50 -9.61
CA VAL A 213 -27.44 -23.18 -9.54
C VAL A 213 -28.29 -24.47 -9.47
N ALA A 214 -27.91 -25.49 -10.24
CA ALA A 214 -28.60 -26.79 -10.18
C ALA A 214 -28.51 -27.42 -8.78
N GLN A 215 -27.34 -27.35 -8.16
CA GLN A 215 -27.17 -27.83 -6.77
C GLN A 215 -28.04 -27.04 -5.81
N LEU A 216 -28.10 -25.73 -6.05
CA LEU A 216 -28.88 -24.79 -5.25
C LEU A 216 -30.37 -25.13 -5.27
N VAL A 217 -30.91 -25.35 -6.47
CA VAL A 217 -32.33 -25.65 -6.61
C VAL A 217 -32.70 -27.03 -6.04
N LYS A 218 -31.76 -27.97 -6.12
CA LYS A 218 -31.91 -29.28 -5.51
C LYS A 218 -32.12 -29.10 -4.00
N ARG A 219 -31.24 -28.31 -3.38
CA ARG A 219 -31.32 -28.00 -1.96
C ARG A 219 -32.68 -27.42 -1.57
N LEU A 220 -33.16 -26.45 -2.34
CA LEU A 220 -34.46 -25.83 -2.11
C LEU A 220 -35.62 -26.79 -2.34
N THR A 221 -35.45 -27.68 -3.33
CA THR A 221 -36.48 -28.67 -3.64
C THR A 221 -36.61 -29.71 -2.53
N ASP A 222 -35.47 -30.22 -2.04
CA ASP A 222 -35.46 -31.21 -0.97
C ASP A 222 -36.00 -30.65 0.34
N ALA A 223 -35.81 -29.35 0.54
CA ALA A 223 -36.30 -28.66 1.73
C ALA A 223 -37.77 -28.22 1.62
N ASP A 224 -38.38 -28.53 0.47
CA ASP A 224 -39.76 -28.12 0.15
C ASP A 224 -39.92 -26.60 0.10
N ALA A 225 -38.91 -25.92 -0.41
CA ALA A 225 -38.87 -24.45 -0.46
C ALA A 225 -39.21 -23.87 -1.82
N MET A 226 -39.02 -24.66 -2.88
CA MET A 226 -39.27 -24.20 -4.25
C MET A 226 -40.71 -23.74 -4.46
N LYS A 227 -41.65 -24.35 -3.74
CA LYS A 227 -43.09 -24.05 -3.92
C LYS A 227 -43.45 -22.58 -3.68
N TYR A 228 -42.62 -21.87 -2.90
CA TYR A 228 -42.81 -20.45 -2.67
C TYR A 228 -41.62 -19.62 -3.17
N THR A 229 -40.78 -20.22 -4.00
CA THR A 229 -39.56 -19.56 -4.46
C THR A 229 -39.50 -19.44 -6.00
N ILE A 230 -39.08 -18.28 -6.47
CA ILE A 230 -38.74 -18.06 -7.87
C ILE A 230 -37.21 -17.99 -7.98
N VAL A 231 -36.63 -18.82 -8.84
CA VAL A 231 -35.20 -18.70 -9.16
C VAL A 231 -35.01 -18.01 -10.52
N VAL A 232 -34.35 -16.85 -10.50
CA VAL A 232 -33.98 -16.11 -11.71
C VAL A 232 -32.47 -16.21 -11.90
N SER A 233 -32.05 -16.73 -13.04
CA SER A 233 -30.66 -17.10 -13.22
C SER A 233 -30.07 -16.63 -14.54
N ALA A 234 -29.01 -15.83 -14.44
CA ALA A 234 -28.21 -15.42 -15.58
C ALA A 234 -26.77 -15.82 -15.30
N THR A 235 -26.39 -16.95 -15.86
CA THR A 235 -25.15 -17.64 -15.48
C THR A 235 -23.93 -17.15 -16.25
N ALA A 236 -22.77 -17.75 -15.96
CA ALA A 236 -21.48 -17.29 -16.45
C ALA A 236 -21.37 -17.18 -17.98
N SER A 237 -22.06 -18.07 -18.71
CA SER A 237 -21.98 -18.07 -20.17
C SER A 237 -23.04 -17.19 -20.84
N ASP A 238 -23.92 -16.61 -20.03
CA ASP A 238 -24.90 -15.65 -20.54
C ASP A 238 -24.24 -14.32 -20.85
N ALA A 239 -24.64 -13.70 -21.95
CA ALA A 239 -24.10 -12.41 -22.36
C ALA A 239 -24.26 -11.37 -21.25
N ALA A 240 -23.27 -10.47 -21.14
CA ALA A 240 -23.23 -9.42 -20.13
C ALA A 240 -24.54 -8.64 -19.88
N PRO A 241 -25.26 -8.23 -20.95
CA PRO A 241 -26.51 -7.48 -20.69
C PRO A 241 -27.57 -8.28 -19.94
N LEU A 242 -27.62 -9.59 -20.16
CA LEU A 242 -28.53 -10.49 -19.44
C LEU A 242 -28.20 -10.54 -17.94
N GLN A 243 -26.91 -10.64 -17.63
CA GLN A 243 -26.45 -10.62 -16.24
C GLN A 243 -26.75 -9.26 -15.59
N TYR A 244 -26.53 -8.19 -16.35
CA TYR A 244 -26.90 -6.82 -15.97
C TYR A 244 -28.39 -6.66 -15.63
N LEU A 245 -29.27 -7.25 -16.45
CA LEU A 245 -30.71 -7.11 -16.25
C LEU A 245 -31.30 -8.00 -15.15
N ALA A 246 -30.72 -9.18 -14.96
CA ALA A 246 -31.32 -10.19 -14.08
C ALA A 246 -31.81 -9.69 -12.71
N PRO A 247 -30.99 -8.88 -11.99
CA PRO A 247 -31.46 -8.36 -10.69
C PRO A 247 -32.72 -7.51 -10.81
N TYR A 248 -32.75 -6.61 -11.79
CA TYR A 248 -33.92 -5.78 -12.06
C TYR A 248 -35.15 -6.60 -12.43
N SER A 249 -34.95 -7.62 -13.27
CA SER A 249 -36.02 -8.55 -13.63
C SER A 249 -36.60 -9.24 -12.41
N GLY A 250 -35.73 -9.73 -11.53
CA GLY A 250 -36.15 -10.34 -10.28
C GLY A 250 -36.87 -9.36 -9.36
N CYS A 251 -36.34 -8.12 -9.29
CA CYS A 251 -36.94 -7.05 -8.50
C CYS A 251 -38.40 -6.80 -8.88
N SER A 252 -38.67 -6.67 -10.18
CA SER A 252 -40.03 -6.47 -10.69
C SER A 252 -40.96 -7.61 -10.32
N MET A 253 -40.42 -8.83 -10.25
CA MET A 253 -41.21 -9.98 -9.81
C MET A 253 -41.58 -9.86 -8.34
N GLY A 254 -40.65 -9.36 -7.53
CA GLY A 254 -40.91 -9.13 -6.10
C GLY A 254 -41.85 -7.97 -5.86
N GLU A 255 -41.75 -6.96 -6.72
CA GLU A 255 -42.60 -5.78 -6.65
C GLU A 255 -44.07 -6.10 -6.91
N TYR A 256 -44.34 -7.20 -7.63
CA TYR A 256 -45.70 -7.68 -7.80
C TYR A 256 -46.35 -8.01 -6.45
N PHE A 257 -45.59 -8.68 -5.58
CA PHE A 257 -46.08 -9.03 -4.25
C PHE A 257 -46.17 -7.78 -3.38
N ARG A 258 -45.14 -6.94 -3.44
CA ARG A 258 -45.09 -5.68 -2.70
C ARG A 258 -46.32 -4.82 -3.00
N ASP A 259 -46.71 -4.74 -4.26
CA ASP A 259 -47.78 -3.83 -4.68
C ASP A 259 -49.18 -4.41 -4.55
N ASN A 260 -49.26 -5.68 -4.13
CA ASN A 260 -50.53 -6.36 -3.94
C ASN A 260 -50.75 -6.79 -2.49
N GLY A 261 -50.13 -6.08 -1.55
CA GLY A 261 -50.35 -6.30 -0.12
C GLY A 261 -49.68 -7.55 0.44
N LYS A 262 -48.69 -8.06 -0.28
CA LYS A 262 -47.98 -9.26 0.12
C LYS A 262 -46.51 -8.94 0.40
N HIS A 263 -45.79 -9.90 0.96
CA HIS A 263 -44.41 -9.70 1.37
C HIS A 263 -43.48 -10.63 0.59
N ALA A 264 -42.44 -10.05 0.01
CA ALA A 264 -41.48 -10.80 -0.78
C ALA A 264 -40.04 -10.57 -0.31
N LEU A 265 -39.21 -11.61 -0.47
CA LEU A 265 -37.80 -11.52 -0.17
C LEU A 265 -36.99 -11.80 -1.43
N ILE A 266 -36.08 -10.88 -1.77
CA ILE A 266 -35.20 -11.08 -2.91
C ILE A 266 -33.72 -11.16 -2.50
N ILE A 267 -33.02 -12.14 -3.05
CA ILE A 267 -31.59 -12.29 -2.86
C ILE A 267 -30.89 -12.00 -4.19
N TYR A 268 -29.89 -11.13 -4.15
CA TYR A 268 -29.09 -10.84 -5.33
C TYR A 268 -27.70 -11.45 -5.17
N ASP A 269 -27.51 -12.64 -5.73
CA ASP A 269 -26.31 -13.44 -5.52
C ASP A 269 -25.50 -13.63 -6.83
N ASP A 270 -24.55 -12.74 -7.13
CA ASP A 270 -24.21 -11.59 -6.29
C ASP A 270 -24.05 -10.30 -7.12
N LEU A 271 -24.07 -9.15 -6.44
CA LEU A 271 -24.03 -7.85 -7.12
C LEU A 271 -22.64 -7.47 -7.61
N SER A 272 -21.62 -8.12 -7.07
CA SER A 272 -20.25 -7.97 -7.57
C SER A 272 -20.17 -8.42 -9.03
N LYS A 273 -20.76 -9.57 -9.32
CA LYS A 273 -20.75 -10.10 -10.68
C LYS A 273 -21.61 -9.27 -11.64
N GLN A 274 -22.73 -8.73 -11.15
CA GLN A 274 -23.53 -7.80 -11.94
C GLN A 274 -22.73 -6.57 -12.34
N ALA A 275 -21.96 -6.03 -11.39
CA ALA A 275 -21.14 -4.84 -11.65
C ALA A 275 -20.05 -5.12 -12.69
N VAL A 276 -19.47 -6.32 -12.63
CA VAL A 276 -18.46 -6.75 -13.61
C VAL A 276 -19.04 -6.79 -15.02
N ALA A 277 -20.26 -7.31 -15.16
CA ALA A 277 -20.94 -7.36 -16.46
C ALA A 277 -21.22 -5.95 -17.01
N TYR A 278 -21.69 -5.06 -16.14
CA TYR A 278 -21.94 -3.68 -16.53
C TYR A 278 -20.66 -2.94 -16.91
N ARG A 279 -19.58 -3.20 -16.19
CA ARG A 279 -18.27 -2.63 -16.50
C ARG A 279 -17.80 -3.06 -17.88
N GLN A 280 -18.01 -4.34 -18.22
CA GLN A 280 -17.64 -4.86 -19.55
C GLN A 280 -18.31 -4.02 -20.63
N MET A 281 -19.62 -3.81 -20.48
CA MET A 281 -20.42 -3.05 -21.45
C MET A 281 -19.98 -1.59 -21.54
N SER A 282 -19.81 -0.95 -20.38
CA SER A 282 -19.44 0.47 -20.31
C SER A 282 -18.10 0.72 -20.98
N LEU A 283 -17.11 -0.10 -20.65
CA LEU A 283 -15.77 0.05 -21.21
C LEU A 283 -15.79 -0.17 -22.72
N LEU A 284 -16.54 -1.18 -23.17
CA LEU A 284 -16.58 -1.50 -24.59
C LEU A 284 -17.39 -0.49 -25.38
N LEU A 285 -18.30 0.20 -24.68
CA LEU A 285 -18.99 1.37 -25.24
C LEU A 285 -18.09 2.62 -25.16
N ARG A 286 -16.89 2.45 -24.63
CA ARG A 286 -15.89 3.54 -24.51
C ARG A 286 -16.33 4.68 -23.59
N ARG A 287 -17.17 4.35 -22.62
CA ARG A 287 -17.50 5.28 -21.55
C ARG A 287 -16.28 5.42 -20.64
N PRO A 288 -16.09 6.61 -20.04
CA PRO A 288 -14.85 6.86 -19.29
C PRO A 288 -14.67 5.98 -18.05
N PRO A 289 -13.50 5.32 -17.93
CA PRO A 289 -13.24 4.49 -16.75
C PRO A 289 -12.85 5.30 -15.52
N GLY A 290 -13.21 4.78 -14.35
CA GLY A 290 -12.80 5.35 -13.09
C GLY A 290 -12.09 4.32 -12.23
N ARG A 291 -12.20 4.49 -10.91
CA ARG A 291 -11.61 3.57 -9.95
C ARG A 291 -11.94 2.12 -10.30
N GLU A 292 -10.92 1.27 -10.34
CA GLU A 292 -11.02 -0.14 -10.73
C GLU A 292 -11.67 -0.34 -12.11
N ALA A 293 -11.57 0.70 -12.95
CA ALA A 293 -12.14 0.72 -14.30
C ALA A 293 -13.68 0.74 -14.39
N TYR A 294 -14.35 0.90 -13.24
CA TYR A 294 -15.81 1.04 -13.22
C TYR A 294 -16.24 2.43 -13.67
N PRO A 295 -17.44 2.53 -14.29
CA PRO A 295 -17.92 3.83 -14.75
C PRO A 295 -18.51 4.65 -13.59
N GLY A 296 -18.69 5.93 -13.81
CA GLY A 296 -19.23 6.84 -12.79
C GLY A 296 -20.67 6.59 -12.35
N ASP A 297 -21.40 5.79 -13.12
CA ASP A 297 -22.79 5.46 -12.79
C ASP A 297 -22.98 4.09 -12.14
N VAL A 298 -21.87 3.48 -11.70
CA VAL A 298 -21.94 2.15 -11.07
C VAL A 298 -22.61 2.18 -9.69
N PHE A 299 -22.47 3.29 -8.97
CA PHE A 299 -23.22 3.49 -7.72
C PHE A 299 -24.70 3.55 -8.04
N TYR A 300 -25.03 4.42 -9.00
CA TYR A 300 -26.38 4.63 -9.52
C TYR A 300 -27.05 3.32 -9.96
N LEU A 301 -26.28 2.45 -10.61
CA LEU A 301 -26.73 1.10 -10.96
C LEU A 301 -27.34 0.37 -9.77
N HIS A 302 -26.57 0.26 -8.69
CA HIS A 302 -27.02 -0.46 -7.51
C HIS A 302 -28.02 0.29 -6.64
N SER A 303 -27.92 1.62 -6.61
CA SER A 303 -28.88 2.39 -5.80
C SER A 303 -30.29 2.38 -6.37
N ARG A 304 -30.41 2.47 -7.70
CA ARG A 304 -31.71 2.30 -8.38
C ARG A 304 -32.35 0.95 -8.04
N LEU A 305 -31.53 -0.09 -8.05
CA LEU A 305 -32.00 -1.44 -7.75
C LEU A 305 -32.46 -1.58 -6.31
N LEU A 306 -31.61 -1.19 -5.37
CA LEU A 306 -31.82 -1.49 -3.95
C LEU A 306 -32.84 -0.58 -3.26
N GLU A 307 -33.10 0.58 -3.85
CA GLU A 307 -34.10 1.50 -3.29
C GLU A 307 -35.52 1.01 -3.56
N ARG A 308 -35.64 0.06 -4.47
CA ARG A 308 -36.94 -0.55 -4.82
C ARG A 308 -37.46 -1.53 -3.77
N ALA A 309 -36.56 -2.02 -2.92
CA ALA A 309 -36.96 -2.72 -1.71
C ALA A 309 -37.57 -1.67 -0.77
N ALA A 310 -38.77 -1.95 -0.29
CA ALA A 310 -39.54 -0.97 0.48
C ALA A 310 -40.63 -1.61 1.32
N LYS A 311 -40.96 -0.95 2.43
CA LYS A 311 -42.15 -1.27 3.21
C LYS A 311 -43.21 -0.22 2.91
N MET A 312 -44.36 -0.66 2.42
CA MET A 312 -45.43 0.25 2.04
C MET A 312 -46.36 0.52 3.21
N ASN A 313 -46.90 1.74 3.28
CA ASN A 313 -47.90 2.06 4.30
C ASN A 313 -49.25 1.41 3.99
N ASP A 314 -50.13 1.37 4.98
CA ASP A 314 -51.45 0.74 4.82
C ASP A 314 -52.24 1.32 3.65
N ALA A 315 -52.01 2.60 3.36
CA ALA A 315 -52.68 3.28 2.24
C ALA A 315 -52.32 2.67 0.88
N PHE A 316 -51.09 2.16 0.77
CA PHE A 316 -50.61 1.54 -0.47
C PHE A 316 -50.58 0.00 -0.42
N GLY A 317 -51.37 -0.57 0.49
CA GLY A 317 -51.54 -2.02 0.58
C GLY A 317 -50.83 -2.71 1.73
N GLY A 318 -49.81 -2.04 2.28
CA GLY A 318 -49.07 -2.57 3.42
C GLY A 318 -48.05 -3.66 3.07
N GLY A 319 -47.86 -3.89 1.78
CA GLY A 319 -46.92 -4.90 1.30
C GLY A 319 -45.47 -4.52 1.52
N SER A 320 -44.56 -5.46 1.24
CA SER A 320 -43.13 -5.21 1.39
C SER A 320 -42.27 -6.01 0.42
N LEU A 321 -41.10 -5.46 0.13
CA LEU A 321 -40.01 -6.18 -0.52
C LEU A 321 -38.73 -5.98 0.29
N THR A 322 -38.17 -7.08 0.74
CA THR A 322 -36.92 -7.07 1.50
C THR A 322 -35.81 -7.55 0.57
N ALA A 323 -34.66 -6.90 0.60
CA ALA A 323 -33.55 -7.29 -0.23
C ALA A 323 -32.36 -7.75 0.58
N LEU A 324 -31.75 -8.87 0.15
CA LEU A 324 -30.48 -9.33 0.69
C LEU A 324 -29.46 -9.40 -0.44
N PRO A 325 -28.83 -8.25 -0.76
CA PRO A 325 -27.79 -8.27 -1.77
C PRO A 325 -26.55 -8.98 -1.23
N VAL A 326 -25.80 -9.60 -2.13
CA VAL A 326 -24.56 -10.29 -1.79
C VAL A 326 -23.41 -9.56 -2.47
N ILE A 327 -22.38 -9.26 -1.70
CA ILE A 327 -21.15 -8.70 -2.22
C ILE A 327 -19.99 -9.61 -1.85
N GLU A 328 -19.14 -9.90 -2.83
CA GLU A 328 -17.90 -10.63 -2.60
C GLU A 328 -16.74 -9.64 -2.49
N THR A 329 -16.06 -9.66 -1.34
CA THR A 329 -14.84 -8.86 -1.19
C THR A 329 -13.61 -9.67 -1.59
N GLN A 330 -12.51 -8.95 -1.77
CA GLN A 330 -11.23 -9.56 -2.08
C GLN A 330 -10.27 -9.33 -0.92
N ALA A 331 -9.79 -10.42 -0.32
CA ALA A 331 -8.88 -10.39 0.83
C ALA A 331 -9.36 -9.42 1.92
N GLY A 332 -10.65 -9.48 2.23
CA GLY A 332 -11.27 -8.68 3.28
C GLY A 332 -11.39 -7.19 3.08
N ASP A 333 -11.15 -6.70 1.86
CA ASP A 333 -11.20 -5.27 1.59
C ASP A 333 -12.63 -4.73 1.42
N VAL A 334 -13.26 -4.40 2.54
CA VAL A 334 -14.61 -3.85 2.53
C VAL A 334 -14.66 -2.40 2.02
N SER A 335 -13.48 -1.84 1.75
CA SER A 335 -13.37 -0.46 1.26
C SER A 335 -13.06 -0.35 -0.23
N ALA A 336 -13.10 -1.47 -0.95
CA ALA A 336 -13.00 -1.45 -2.41
C ALA A 336 -14.24 -0.76 -2.96
N TYR A 337 -14.22 -0.44 -4.25
CA TYR A 337 -15.22 0.45 -4.85
C TYR A 337 -16.64 -0.10 -4.71
N ILE A 338 -16.87 -1.31 -5.21
CA ILE A 338 -18.22 -1.88 -5.22
C ILE A 338 -18.73 -2.19 -3.79
N PRO A 339 -17.91 -2.83 -2.93
CA PRO A 339 -18.32 -2.96 -1.52
C PRO A 339 -18.72 -1.64 -0.87
N THR A 340 -17.89 -0.61 -1.02
CA THR A 340 -18.18 0.72 -0.48
C THR A 340 -19.56 1.23 -0.91
N ASN A 341 -19.84 1.12 -2.21
CA ASN A 341 -21.13 1.55 -2.76
C ASN A 341 -22.29 0.86 -2.06
N VAL A 342 -22.28 -0.46 -2.07
CA VAL A 342 -23.41 -1.25 -1.58
C VAL A 342 -23.52 -1.20 -0.06
N ILE A 343 -22.38 -1.12 0.65
CA ILE A 343 -22.42 -0.86 2.08
C ILE A 343 -23.16 0.45 2.38
N SER A 344 -22.83 1.52 1.64
CA SER A 344 -23.44 2.82 1.87
C SER A 344 -24.93 2.83 1.53
N ILE A 345 -25.32 2.09 0.49
CA ILE A 345 -26.72 2.04 0.05
C ILE A 345 -27.64 1.33 1.04
N THR A 346 -27.15 0.21 1.59
CA THR A 346 -28.00 -0.68 2.39
C THR A 346 -28.27 -0.14 3.81
N ASP A 347 -29.16 -0.81 4.53
CA ASP A 347 -29.55 -0.40 5.88
C ASP A 347 -28.72 -1.10 6.95
N GLY A 348 -27.76 -1.90 6.51
CA GLY A 348 -26.97 -2.71 7.42
C GLY A 348 -26.27 -3.82 6.68
N GLN A 349 -25.31 -4.44 7.37
CA GLN A 349 -24.43 -5.42 6.76
C GLN A 349 -24.14 -6.56 7.71
N ILE A 350 -24.10 -7.77 7.16
CA ILE A 350 -23.63 -8.95 7.86
C ILE A 350 -22.25 -9.27 7.27
N PHE A 351 -21.20 -9.00 8.06
CA PHE A 351 -19.82 -9.20 7.63
C PHE A 351 -19.34 -10.61 7.98
N LEU A 352 -18.92 -11.35 6.96
CA LEU A 352 -18.38 -12.69 7.15
C LEU A 352 -16.86 -12.68 6.95
N GLU A 353 -16.15 -13.49 7.73
CA GLU A 353 -14.69 -13.50 7.72
C GLU A 353 -14.08 -14.90 7.67
N THR A 354 -12.99 -15.04 6.91
CA THR A 354 -12.33 -16.34 6.74
C THR A 354 -11.70 -16.83 8.05
N GLU A 355 -10.98 -15.95 8.76
CA GLU A 355 -10.37 -16.49 9.95
CA GLU A 355 -10.54 -16.08 10.19
C GLU A 355 -11.44 -16.91 11.04
N LEU A 356 -12.64 -16.34 11.08
CA LEU A 356 -13.69 -16.79 11.97
C LEU A 356 -14.21 -18.15 11.52
N PHE A 357 -14.43 -18.29 10.20
CA PHE A 357 -14.90 -19.55 9.61
C PHE A 357 -14.05 -20.74 10.05
N TYR A 358 -12.74 -20.61 9.91
CA TYR A 358 -11.82 -21.71 10.25
C TYR A 358 -11.53 -21.85 11.74
N LYS A 359 -11.79 -20.78 12.51
CA LYS A 359 -11.74 -20.87 13.98
C LYS A 359 -12.89 -21.69 14.55
N GLY A 360 -13.91 -21.93 13.74
CA GLY A 360 -15.10 -22.67 14.21
C GLY A 360 -16.33 -21.79 14.36
N ILE A 361 -16.16 -20.49 14.17
CA ILE A 361 -17.28 -19.54 14.16
C ILE A 361 -18.01 -19.71 12.84
N ARG A 362 -19.03 -20.56 12.85
CA ARG A 362 -19.89 -20.79 11.68
C ARG A 362 -21.35 -20.75 12.13
N PRO A 363 -22.15 -19.80 11.58
CA PRO A 363 -21.81 -18.79 10.56
C PRO A 363 -20.72 -17.81 11.01
N ALA A 364 -19.87 -17.41 10.07
CA ALA A 364 -18.66 -16.66 10.30
C ALA A 364 -18.91 -15.15 10.41
N ILE A 365 -19.91 -14.79 11.20
CA ILE A 365 -20.31 -13.41 11.35
C ILE A 365 -19.43 -12.68 12.37
N ASN A 366 -18.85 -11.57 11.95
CA ASN A 366 -18.23 -10.63 12.86
C ASN A 366 -19.34 -9.79 13.50
N VAL A 367 -19.67 -10.15 14.75
CA VAL A 367 -20.75 -9.53 15.51
C VAL A 367 -20.47 -8.06 15.87
N GLY A 368 -19.19 -7.75 16.09
CA GLY A 368 -18.77 -6.39 16.42
C GLY A 368 -18.89 -5.39 15.28
N LEU A 369 -18.67 -5.86 14.06
CA LEU A 369 -18.70 -5.00 12.88
C LEU A 369 -20.05 -4.99 12.17
N SER A 370 -20.79 -6.08 12.26
CA SER A 370 -22.06 -6.19 11.59
C SER A 370 -23.07 -5.25 12.24
N VAL A 371 -23.98 -4.71 11.43
CA VAL A 371 -24.95 -3.75 11.94
C VAL A 371 -26.29 -3.85 11.21
N SER A 372 -27.34 -3.51 11.94
CA SER A 372 -28.66 -3.30 11.38
C SER A 372 -29.17 -1.97 11.92
N ARG A 373 -29.34 -0.99 11.04
CA ARG A 373 -29.84 0.32 11.45
C ARG A 373 -31.33 0.33 11.79
N VAL A 374 -32.05 -0.69 11.32
CA VAL A 374 -33.44 -0.86 11.71
C VAL A 374 -33.49 -1.37 13.15
N GLY A 375 -32.56 -2.26 13.49
CA GLY A 375 -32.35 -2.73 14.87
C GLY A 375 -33.56 -3.34 15.54
N SER A 376 -33.83 -2.88 16.77
CA SER A 376 -34.89 -3.40 17.65
C SER A 376 -36.29 -3.36 17.05
N ALA A 377 -36.53 -2.39 16.18
CA ALA A 377 -37.83 -2.19 15.55
C ALA A 377 -38.29 -3.41 14.76
N ALA A 378 -37.33 -4.26 14.40
CA ALA A 378 -37.58 -5.44 13.58
C ALA A 378 -37.63 -6.74 14.38
N GLN A 379 -37.60 -6.63 15.71
CA GLN A 379 -37.60 -7.80 16.59
C GLN A 379 -38.91 -7.98 17.36
N THR A 380 -39.24 -9.23 17.66
CA THR A 380 -40.35 -9.56 18.55
C THR A 380 -39.92 -9.36 20.00
N ARG A 381 -40.90 -9.22 20.89
CA ARG A 381 -40.65 -9.00 22.32
C ARG A 381 -39.81 -10.12 22.95
N ALA A 382 -40.08 -11.36 22.55
CA ALA A 382 -39.32 -12.52 23.02
C ALA A 382 -37.83 -12.40 22.71
N MET A 383 -37.50 -11.98 21.49
CA MET A 383 -36.10 -11.77 21.10
C MET A 383 -35.51 -10.52 21.76
N LYS A 384 -36.32 -9.47 21.84
CA LYS A 384 -35.90 -8.20 22.43
C LYS A 384 -35.58 -8.31 23.92
N GLN A 385 -36.12 -9.32 24.59
CA GLN A 385 -35.88 -9.52 26.02
C GLN A 385 -34.54 -10.21 26.33
N VAL A 386 -33.87 -10.72 25.29
CA VAL A 386 -32.60 -11.43 25.47
C VAL A 386 -31.47 -10.89 24.59
N ALA A 387 -31.82 -10.31 23.44
CA ALA A 387 -30.83 -9.83 22.48
C ALA A 387 -30.02 -8.65 23.01
N GLY A 388 -30.65 -7.83 23.84
CA GLY A 388 -30.00 -6.66 24.43
C GLY A 388 -28.89 -7.05 25.39
N THR A 389 -29.21 -7.95 26.31
CA THR A 389 -28.25 -8.44 27.29
C THR A 389 -27.06 -9.10 26.59
N MET A 390 -27.35 -9.94 25.59
CA MET A 390 -26.30 -10.64 24.85
C MET A 390 -25.36 -9.68 24.12
N LYS A 391 -25.93 -8.65 23.50
CA LYS A 391 -25.17 -7.64 22.78
C LYS A 391 -24.19 -6.92 23.69
N LEU A 392 -24.63 -6.61 24.91
CA LEU A 392 -23.80 -5.88 25.88
C LEU A 392 -22.67 -6.74 26.44
N GLU A 393 -22.97 -8.00 26.74
CA GLU A 393 -21.98 -8.92 27.30
C GLU A 393 -20.89 -9.30 26.30
N LEU A 394 -21.26 -9.38 25.03
CA LEU A 394 -20.28 -9.68 23.97
C LEU A 394 -19.40 -8.47 23.66
N ALA A 395 -19.97 -7.27 23.80
CA ALA A 395 -19.22 -6.03 23.61
C ALA A 395 -18.17 -5.86 24.69
N GLN A 396 -18.55 -6.14 25.93
CA GLN A 396 -17.64 -6.13 27.08
C GLN A 396 -16.57 -7.21 26.97
N TYR A 397 -16.93 -8.36 26.39
CA TYR A 397 -15.99 -9.45 26.16
C TYR A 397 -14.96 -9.12 25.09
N ARG A 398 -15.39 -8.43 24.03
CA ARG A 398 -14.50 -8.04 22.94
C ARG A 398 -13.38 -7.09 23.35
N GLU A 399 -13.61 -6.32 24.41
CA GLU A 399 -12.60 -5.43 24.96
C GLU A 399 -11.46 -6.18 25.67
N VAL A 400 -11.78 -7.38 26.17
CA VAL A 400 -10.86 -8.17 27.00
C VAL A 400 -10.33 -9.43 26.27
N ALA A 401 -10.99 -9.79 25.17
CA ALA A 401 -10.76 -11.06 24.47
C ALA A 401 -9.33 -11.36 23.98
N ALA A 402 -8.56 -10.30 23.68
CA ALA A 402 -7.19 -10.46 23.16
C ALA A 402 -6.26 -11.23 24.11
N PHE A 403 -6.42 -10.99 25.41
CA PHE A 403 -5.64 -11.68 26.44
C PHE A 403 -6.51 -12.68 27.23
N ALA A 404 -7.36 -13.41 26.50
CA ALA A 404 -8.14 -14.49 27.07
C ALA A 404 -7.24 -15.68 27.40
N GLN A 405 -6.14 -15.77 26.66
CA GLN A 405 -5.15 -16.84 26.83
C GLN A 405 -3.87 -16.30 27.48
N PHE A 406 -3.88 -15.01 27.82
CA PHE A 406 -2.73 -14.34 28.44
C PHE A 406 -3.14 -13.62 29.72
N GLY A 407 -3.89 -14.30 30.57
CA GLY A 407 -4.36 -13.71 31.83
C GLY A 407 -4.73 -14.74 32.89
N SER A 408 -3.72 -15.48 33.36
CA SER A 408 -3.93 -16.52 34.37
C SER A 408 -4.03 -15.95 35.78
N ASP A 409 -3.57 -14.72 35.96
CA ASP A 409 -3.55 -14.08 37.27
C ASP A 409 -4.38 -12.79 37.35
N LEU A 410 -5.12 -12.47 36.28
CA LEU A 410 -6.01 -11.31 36.31
C LEU A 410 -7.25 -11.57 37.16
N ASP A 411 -7.85 -10.50 37.67
CA ASP A 411 -8.93 -10.57 38.67
C ASP A 411 -10.21 -11.24 38.16
N ALA A 412 -11.03 -11.67 39.11
CA ALA A 412 -12.25 -12.44 38.83
C ALA A 412 -13.27 -11.73 37.93
N ALA A 413 -13.37 -10.41 38.07
CA ALA A 413 -14.34 -9.61 37.31
C ALA A 413 -14.12 -9.71 35.79
N THR A 414 -12.87 -9.59 35.37
CA THR A 414 -12.50 -9.72 33.97
C THR A 414 -12.40 -11.20 33.54
N GLN A 415 -12.21 -12.08 34.52
CA GLN A 415 -12.27 -13.53 34.28
C GLN A 415 -13.70 -13.98 33.97
N GLN A 416 -14.67 -13.33 34.60
CA GLN A 416 -16.09 -13.62 34.37
C GLN A 416 -16.55 -13.10 33.00
N LEU A 417 -16.04 -11.93 32.60
CA LEU A 417 -16.35 -11.37 31.29
C LEU A 417 -15.88 -12.29 30.18
N LEU A 418 -14.71 -12.89 30.37
CA LEU A 418 -14.14 -13.83 29.42
C LEU A 418 -14.91 -15.14 29.41
N SER A 419 -15.31 -15.60 30.60
CA SER A 419 -16.06 -16.85 30.78
C SER A 419 -17.46 -16.78 30.19
N ARG A 420 -18.17 -15.69 30.43
CA ARG A 420 -19.46 -15.46 29.78
C ARG A 420 -19.23 -15.28 28.27
N GLY A 421 -18.11 -14.63 27.95
CA GLY A 421 -17.70 -14.34 26.57
C GLY A 421 -17.65 -15.51 25.61
N VAL A 422 -16.66 -16.39 25.76
CA VAL A 422 -16.68 -17.41 24.70
CA VAL A 422 -16.52 -17.79 25.23
C VAL A 422 -17.78 -18.52 24.92
N ARG A 423 -18.68 -18.35 25.89
CA ARG A 423 -19.89 -19.17 26.02
C ARG A 423 -20.98 -18.67 25.10
N LEU A 424 -21.22 -17.35 25.12
CA LEU A 424 -22.22 -16.74 24.25
C LEU A 424 -21.83 -16.86 22.80
N THR A 425 -20.52 -16.79 22.54
CA THR A 425 -19.95 -16.94 21.22
C THR A 425 -20.21 -18.35 20.67
N GLU A 426 -20.06 -19.36 21.52
CA GLU A 426 -20.36 -20.75 21.15
C GLU A 426 -21.85 -20.93 20.85
N LEU A 427 -22.70 -20.18 21.55
CA LEU A 427 -24.14 -20.24 21.36
C LEU A 427 -24.62 -19.52 20.08
N LEU A 428 -23.72 -18.76 19.46
CA LEU A 428 -24.02 -18.09 18.20
C LEU A 428 -23.60 -18.94 17.00
N LYS A 429 -22.92 -20.05 17.28
CA LYS A 429 -22.57 -21.02 16.25
C LYS A 429 -23.82 -21.79 15.87
N GLN A 430 -23.93 -22.17 14.60
CA GLN A 430 -25.12 -22.85 14.11
C GLN A 430 -24.82 -23.67 12.87
N GLY A 431 -25.40 -24.87 12.82
CA GLY A 431 -25.32 -25.72 11.64
C GLY A 431 -26.11 -25.16 10.46
N GLN A 432 -25.96 -25.81 9.32
CA GLN A 432 -26.58 -25.38 8.07
C GLN A 432 -27.89 -26.15 7.85
N TYR A 433 -28.84 -25.51 7.14
CA TYR A 433 -30.08 -26.16 6.67
C TYR A 433 -31.15 -26.48 7.72
N SER A 434 -30.95 -26.03 8.96
CA SER A 434 -32.00 -26.13 9.99
C SER A 434 -32.21 -24.79 10.71
N PRO A 435 -32.74 -23.78 9.99
CA PRO A 435 -33.06 -22.51 10.65
C PRO A 435 -34.07 -22.70 11.78
N MET A 436 -33.93 -21.90 12.84
CA MET A 436 -34.67 -22.10 14.09
C MET A 436 -35.84 -21.14 14.26
N ALA A 437 -36.94 -21.66 14.80
CA ALA A 437 -38.06 -20.84 15.25
C ALA A 437 -37.60 -19.92 16.37
N ILE A 438 -38.16 -18.71 16.42
CA ILE A 438 -37.74 -17.67 17.36
C ILE A 438 -37.73 -18.13 18.84
N GLU A 439 -38.71 -18.96 19.21
CA GLU A 439 -38.81 -19.45 20.59
C GLU A 439 -37.69 -20.43 20.94
N GLU A 440 -37.21 -21.16 19.93
CA GLU A 440 -36.07 -22.06 20.08
C GLU A 440 -34.77 -21.27 20.22
N GLN A 441 -34.67 -20.17 19.47
CA GLN A 441 -33.53 -19.26 19.55
C GLN A 441 -33.39 -18.65 20.95
N VAL A 442 -34.47 -18.06 21.46
CA VAL A 442 -34.44 -17.37 22.75
C VAL A 442 -34.22 -18.32 23.93
N ALA A 443 -34.67 -19.57 23.80
CA ALA A 443 -34.48 -20.57 24.84
C ALA A 443 -33.00 -20.94 25.01
N VAL A 444 -32.24 -20.93 23.92
CA VAL A 444 -30.79 -21.15 23.98
C VAL A 444 -30.05 -19.88 24.40
N ILE A 445 -30.46 -18.73 23.87
CA ILE A 445 -29.84 -17.44 24.21
C ILE A 445 -30.06 -17.10 25.69
N TYR A 446 -31.25 -17.41 26.20
CA TYR A 446 -31.57 -17.19 27.62
C TYR A 446 -30.68 -18.01 28.56
N ALA A 447 -30.41 -19.25 28.16
CA ALA A 447 -29.60 -20.18 28.95
C ALA A 447 -28.16 -19.68 29.17
N GLY A 448 -27.60 -19.02 28.16
CA GLY A 448 -26.26 -18.44 28.26
C GLY A 448 -26.27 -17.11 28.99
N VAL A 449 -27.27 -16.30 28.69
CA VAL A 449 -27.42 -14.95 29.26
C VAL A 449 -27.68 -14.99 30.78
N ARG A 450 -28.61 -15.84 31.21
CA ARG A 450 -28.93 -15.96 32.62
C ARG A 450 -27.93 -16.84 33.39
N GLY A 451 -26.87 -17.25 32.71
CA GLY A 451 -25.78 -17.99 33.32
C GLY A 451 -26.16 -19.38 33.77
N TYR A 452 -26.09 -20.33 32.84
CA TYR A 452 -26.35 -21.74 33.15
C TYR A 452 -25.31 -22.64 32.50
N LEU A 453 -24.40 -22.05 31.74
CA LEU A 453 -23.39 -22.81 31.00
C LEU A 453 -21.96 -22.35 31.33
N ASP A 454 -21.84 -21.48 32.33
CA ASP A 454 -20.55 -20.88 32.70
C ASP A 454 -19.53 -21.91 33.18
N LYS A 455 -20.03 -23.06 33.64
CA LYS A 455 -19.19 -24.13 34.15
C LYS A 455 -18.95 -25.23 33.11
N LEU A 456 -19.56 -25.07 31.93
CA LEU A 456 -19.40 -26.06 30.86
C LEU A 456 -18.21 -25.74 29.97
N GLU A 457 -17.39 -26.76 29.73
CA GLU A 457 -16.22 -26.66 28.85
C GLU A 457 -16.62 -26.11 27.46
N PRO A 458 -16.02 -24.97 27.06
CA PRO A 458 -16.23 -24.29 25.78
C PRO A 458 -16.45 -25.23 24.60
N SER A 459 -15.52 -26.17 24.40
CA SER A 459 -15.51 -27.08 23.25
C SER A 459 -16.74 -28.01 23.16
N LYS A 460 -17.52 -28.10 24.24
CA LYS A 460 -18.66 -29.01 24.29
C LYS A 460 -20.01 -28.35 24.00
N ILE A 461 -20.02 -27.02 23.94
CA ILE A 461 -21.27 -26.25 23.84
C ILE A 461 -22.09 -26.50 22.56
N THR A 462 -21.41 -26.56 21.42
CA THR A 462 -22.08 -26.82 20.14
C THR A 462 -22.80 -28.17 20.12
N LYS A 463 -22.14 -29.19 20.67
CA LYS A 463 -22.69 -30.53 20.73
C LYS A 463 -23.75 -30.62 21.83
N PHE A 464 -23.60 -29.79 22.86
CA PHE A 464 -24.60 -29.67 23.93
C PHE A 464 -25.93 -29.13 23.40
N GLU A 465 -25.84 -28.04 22.64
CA GLU A 465 -27.03 -27.36 22.11
C GLU A 465 -27.82 -28.26 21.16
N ASN A 466 -27.12 -28.99 20.29
CA ASN A 466 -27.73 -29.95 19.38
C ASN A 466 -28.57 -30.98 20.14
N ALA A 467 -27.99 -31.50 21.22
CA ALA A 467 -28.65 -32.49 22.06
C ALA A 467 -29.78 -31.84 22.85
N PHE A 468 -29.51 -30.64 23.37
CA PHE A 468 -30.49 -29.89 24.17
C PHE A 468 -31.73 -29.52 23.35
N LEU A 469 -31.48 -29.02 22.13
CA LEU A 469 -32.55 -28.56 21.25
C LEU A 469 -33.44 -29.72 20.79
N SER A 470 -32.82 -30.84 20.42
CA SER A 470 -33.55 -32.07 20.07
C SER A 470 -34.43 -32.54 21.21
N HIS A 471 -33.91 -32.39 22.43
CA HIS A 471 -34.60 -32.80 23.64
C HIS A 471 -35.82 -31.94 23.98
N VAL A 472 -35.68 -30.62 23.86
CA VAL A 472 -36.79 -29.71 24.16
C VAL A 472 -37.88 -29.71 23.08
N ILE A 473 -37.47 -29.78 21.82
CA ILE A 473 -38.42 -29.89 20.71
C ILE A 473 -39.29 -31.13 20.85
N SER A 474 -38.67 -32.28 21.14
CA SER A 474 -39.38 -33.56 21.26
C SER A 474 -40.21 -33.70 22.53
N GLN A 475 -39.70 -33.19 23.66
CA GLN A 475 -40.32 -33.45 24.96
C GLN A 475 -40.95 -32.23 25.63
N HIS A 476 -40.44 -31.04 25.35
CA HIS A 476 -40.95 -29.82 25.97
C HIS A 476 -41.46 -28.81 24.95
N GLN A 477 -42.34 -29.29 24.06
CA GLN A 477 -43.03 -28.45 23.09
C GLN A 477 -44.02 -27.53 23.78
N ALA A 478 -44.58 -28.00 24.90
CA ALA A 478 -45.45 -27.21 25.77
C ALA A 478 -44.72 -25.98 26.30
N LEU A 479 -43.45 -26.14 26.64
CA LEU A 479 -42.59 -25.04 27.10
C LEU A 479 -42.31 -24.04 25.98
N LEU A 480 -41.96 -24.57 24.80
CA LEU A 480 -41.64 -23.73 23.64
C LEU A 480 -42.86 -22.96 23.15
N GLY A 481 -44.03 -23.57 23.24
CA GLY A 481 -45.30 -22.92 22.94
C GLY A 481 -45.61 -21.76 23.87
N LYS A 482 -45.30 -21.95 25.16
CA LYS A 482 -45.50 -20.92 26.18
C LYS A 482 -44.67 -19.66 25.93
N ILE A 483 -43.47 -19.84 25.37
CA ILE A 483 -42.61 -18.71 25.02
C ILE A 483 -43.12 -18.02 23.74
N ARG A 484 -43.92 -18.76 22.96
CA ARG A 484 -44.47 -18.25 21.71
C ARG A 484 -45.86 -17.62 21.91
N THR A 485 -46.74 -18.35 22.59
CA THR A 485 -48.11 -17.89 22.88
C THR A 485 -48.12 -16.66 23.77
N ASP A 486 -47.18 -16.60 24.71
CA ASP A 486 -47.10 -15.51 25.68
C ASP A 486 -46.08 -14.45 25.27
N GLY A 487 -45.27 -14.77 24.27
CA GLY A 487 -44.33 -13.81 23.68
C GLY A 487 -43.19 -13.34 24.57
N LYS A 488 -42.79 -14.20 25.51
CA LYS A 488 -41.67 -13.95 26.43
C LYS A 488 -41.40 -15.17 27.31
N ILE A 489 -40.33 -15.11 28.10
CA ILE A 489 -40.02 -16.14 29.09
C ILE A 489 -40.48 -15.67 30.47
N SER A 490 -41.56 -16.28 30.97
CA SER A 490 -42.11 -15.93 32.28
C SER A 490 -41.30 -16.56 33.41
N GLU A 491 -41.73 -16.33 34.65
CA GLU A 491 -41.09 -16.94 35.82
C GLU A 491 -41.29 -18.46 35.83
N GLU A 492 -42.48 -18.89 35.41
CA GLU A 492 -42.80 -20.32 35.27
C GLU A 492 -41.92 -20.98 34.21
N SER A 493 -41.78 -20.32 33.06
CA SER A 493 -40.91 -20.79 31.98
C SER A 493 -39.45 -20.79 32.39
N ASP A 494 -39.04 -19.75 33.12
CA ASP A 494 -37.68 -19.61 33.64
C ASP A 494 -37.31 -20.75 34.59
N ALA A 495 -38.25 -21.12 35.47
CA ALA A 495 -38.05 -22.20 36.42
C ALA A 495 -37.93 -23.56 35.73
N LYS A 496 -38.78 -23.79 34.72
CA LYS A 496 -38.78 -25.03 33.96
C LYS A 496 -37.51 -25.17 33.13
N LEU A 497 -37.06 -24.08 32.53
CA LEU A 497 -35.83 -24.07 31.74
C LEU A 497 -34.59 -24.28 32.61
N LYS A 498 -34.63 -23.78 33.84
CA LYS A 498 -33.54 -23.99 34.80
C LYS A 498 -33.39 -25.48 35.12
N GLU A 499 -34.50 -26.13 35.45
CA GLU A 499 -34.50 -27.57 35.76
C GLU A 499 -33.98 -28.41 34.60
N ILE A 500 -34.44 -28.10 33.39
CA ILE A 500 -34.07 -28.86 32.19
C ILE A 500 -32.59 -28.66 31.81
N VAL A 501 -32.12 -27.42 31.80
CA VAL A 501 -30.75 -27.11 31.42
C VAL A 501 -29.72 -27.69 32.40
N THR A 502 -29.90 -27.40 33.69
CA THR A 502 -28.93 -27.77 34.72
C THR A 502 -28.74 -29.28 34.84
N ASN A 503 -29.85 -30.01 34.90
CA ASN A 503 -29.82 -31.47 34.95
C ASN A 503 -29.32 -32.10 33.66
N PHE A 504 -29.62 -31.45 32.53
CA PHE A 504 -29.17 -31.89 31.20
C PHE A 504 -27.67 -31.68 31.03
N LEU A 505 -27.17 -30.58 31.60
CA LEU A 505 -25.76 -30.21 31.53
C LEU A 505 -24.88 -31.24 32.22
N ALA A 506 -25.30 -31.70 33.40
CA ALA A 506 -24.55 -32.67 34.20
C ALA A 506 -24.44 -34.03 33.52
N GLY A 507 -25.50 -34.45 32.83
CA GLY A 507 -25.51 -35.69 32.08
C GLY A 507 -24.64 -35.63 30.84
N PHE A 508 -24.60 -34.47 30.19
CA PHE A 508 -23.88 -34.29 28.94
C PHE A 508 -22.36 -34.18 29.12
N GLU A 509 -21.93 -33.57 30.22
CA GLU A 509 -20.49 -33.32 30.44
C GLU A 509 -19.72 -34.54 30.95
N ALA A 510 -20.44 -35.62 31.24
CA ALA A 510 -19.85 -36.87 31.70
C ALA A 510 -19.07 -37.56 30.59
N VAL B 23 -13.58 39.98 -36.37
CA VAL B 23 -13.20 40.36 -37.77
C VAL B 23 -11.68 40.45 -37.95
N ASP B 24 -11.01 41.05 -36.96
CA ASP B 24 -9.55 41.15 -36.96
C ASP B 24 -8.97 39.88 -36.36
N LEU B 25 -8.69 38.90 -37.22
CA LEU B 25 -8.22 37.59 -36.79
C LEU B 25 -6.78 37.58 -36.25
N GLU B 26 -6.09 38.70 -36.42
CA GLU B 26 -4.73 38.87 -35.94
C GLU B 26 -4.72 39.31 -34.47
N GLU B 27 -5.62 40.23 -34.12
CA GLU B 27 -5.66 40.83 -32.78
C GLU B 27 -6.80 40.32 -31.90
N THR B 28 -7.71 39.56 -32.50
CA THR B 28 -8.95 39.13 -31.87
C THR B 28 -9.24 37.69 -32.30
N GLY B 29 -10.07 37.00 -31.52
CA GLY B 29 -10.48 35.65 -31.82
C GLY B 29 -11.86 35.35 -31.27
N ARG B 30 -12.37 34.16 -31.58
CA ARG B 30 -13.66 33.72 -31.08
C ARG B 30 -13.51 32.38 -30.36
N VAL B 31 -14.18 32.24 -29.22
CA VAL B 31 -14.14 31.00 -28.46
C VAL B 31 -14.78 29.88 -29.28
N LEU B 32 -14.03 28.80 -29.49
CA LEU B 32 -14.52 27.61 -30.18
C LEU B 32 -15.22 26.66 -29.22
N SER B 33 -14.61 26.49 -28.04
CA SER B 33 -15.13 25.59 -27.01
C SER B 33 -14.59 26.01 -25.65
N ILE B 34 -15.31 25.65 -24.60
CA ILE B 34 -14.92 25.94 -23.21
C ILE B 34 -15.61 24.93 -22.27
N GLY B 35 -14.89 24.44 -21.27
CA GLY B 35 -15.53 23.56 -20.29
C GLY B 35 -14.66 22.60 -19.50
N ASP B 36 -13.35 22.79 -19.59
CA ASP B 36 -12.38 22.06 -18.76
C ASP B 36 -11.34 23.03 -18.19
N GLY B 37 -11.80 24.22 -17.78
CA GLY B 37 -10.91 25.29 -17.35
C GLY B 37 -10.12 25.95 -18.47
N ILE B 38 -10.17 25.35 -19.66
CA ILE B 38 -9.50 25.88 -20.84
C ILE B 38 -10.46 26.26 -21.97
N ALA B 39 -10.24 27.46 -22.52
CA ALA B 39 -10.96 27.94 -23.67
C ALA B 39 -10.10 27.71 -24.90
N ARG B 40 -10.70 27.12 -25.94
CA ARG B 40 -10.04 27.01 -27.23
C ARG B 40 -10.57 28.16 -28.06
N VAL B 41 -9.66 28.93 -28.63
CA VAL B 41 -10.01 30.17 -29.32
C VAL B 41 -9.47 30.12 -30.74
N HIS B 42 -10.34 30.43 -31.72
CA HIS B 42 -9.96 30.56 -33.12
C HIS B 42 -9.43 31.98 -33.37
N GLY B 43 -8.40 32.11 -34.21
CA GLY B 43 -7.84 33.41 -34.53
C GLY B 43 -6.67 33.76 -33.63
N LEU B 44 -6.63 35.02 -33.18
CA LEU B 44 -5.52 35.55 -32.37
C LEU B 44 -4.16 35.25 -33.01
N ARG B 45 -4.07 35.40 -34.34
CA ARG B 45 -2.88 34.97 -35.07
C ARG B 45 -1.59 35.60 -34.57
N ASN B 46 -1.67 36.84 -34.09
CA ASN B 46 -0.50 37.56 -33.61
C ASN B 46 -0.23 37.44 -32.10
N VAL B 47 -1.03 36.64 -31.40
CA VAL B 47 -0.85 36.48 -29.95
C VAL B 47 0.48 35.79 -29.63
N GLN B 48 1.12 36.26 -28.56
CA GLN B 48 2.35 35.65 -28.05
C GLN B 48 2.04 34.49 -27.11
N ALA B 49 2.99 33.56 -27.00
CA ALA B 49 2.96 32.54 -25.95
C ALA B 49 3.01 33.25 -24.60
N GLU B 50 2.07 32.88 -23.72
CA GLU B 50 1.95 33.42 -22.36
C GLU B 50 1.49 34.88 -22.29
N GLU B 51 0.80 35.32 -23.34
CA GLU B 51 0.21 36.64 -23.36
C GLU B 51 -1.14 36.62 -22.65
N MET B 52 -1.42 37.70 -21.91
CA MET B 52 -2.73 37.89 -21.32
C MET B 52 -3.73 38.27 -22.43
N VAL B 53 -4.89 37.63 -22.41
CA VAL B 53 -5.98 37.98 -23.33
C VAL B 53 -7.20 38.39 -22.50
N GLU B 54 -8.14 39.06 -23.14
CA GLU B 54 -9.31 39.56 -22.44
C GLU B 54 -10.59 39.03 -23.08
N PHE B 55 -11.46 38.44 -22.26
CA PHE B 55 -12.74 37.94 -22.71
C PHE B 55 -13.81 39.01 -22.67
N SER B 56 -14.85 38.82 -23.49
CA SER B 56 -15.97 39.74 -23.60
C SER B 56 -16.57 40.08 -22.23
N SER B 57 -16.66 39.06 -21.37
CA SER B 57 -17.25 39.19 -20.04
C SER B 57 -16.41 40.04 -19.08
N GLY B 58 -15.14 40.27 -19.44
CA GLY B 58 -14.21 41.01 -18.58
C GLY B 58 -13.19 40.12 -17.87
N LEU B 59 -13.34 38.81 -18.03
CA LEU B 59 -12.35 37.88 -17.50
C LEU B 59 -11.05 37.99 -18.27
N LYS B 60 -9.96 37.66 -17.60
CA LYS B 60 -8.65 37.57 -18.24
C LYS B 60 -8.28 36.10 -18.43
N GLY B 61 -7.33 35.88 -19.34
CA GLY B 61 -6.84 34.52 -19.61
C GLY B 61 -5.41 34.58 -20.11
N MET B 62 -4.71 33.45 -20.03
CA MET B 62 -3.34 33.35 -20.53
C MET B 62 -3.29 32.43 -21.74
N SER B 63 -2.72 32.93 -22.83
CA SER B 63 -2.45 32.11 -24.00
C SER B 63 -1.39 31.06 -23.64
N LEU B 64 -1.84 29.81 -23.47
CA LEU B 64 -0.94 28.73 -23.07
C LEU B 64 -0.41 27.93 -24.26
N ASN B 65 -1.36 27.42 -25.04
CA ASN B 65 -1.09 26.56 -26.17
C ASN B 65 -1.28 27.29 -27.49
N LEU B 66 -0.19 27.55 -28.20
CA LEU B 66 -0.32 28.07 -29.56
C LEU B 66 -0.29 26.87 -30.50
N GLU B 67 -1.41 26.63 -31.18
CA GLU B 67 -1.51 25.50 -32.11
C GLU B 67 -1.85 26.03 -33.50
N PRO B 68 -1.69 25.19 -34.55
CA PRO B 68 -1.93 25.67 -35.92
C PRO B 68 -3.32 26.26 -36.16
N ASP B 69 -4.34 25.71 -35.51
CA ASP B 69 -5.74 26.06 -35.79
C ASP B 69 -6.47 26.73 -34.62
N ASN B 70 -5.81 26.82 -33.46
CA ASN B 70 -6.44 27.37 -32.26
C ASN B 70 -5.42 27.81 -31.22
N VAL B 71 -5.90 28.56 -30.23
CA VAL B 71 -5.10 28.96 -29.08
C VAL B 71 -5.78 28.44 -27.82
N GLY B 72 -5.04 27.69 -27.01
CA GLY B 72 -5.54 27.20 -25.72
C GLY B 72 -5.31 28.26 -24.65
N VAL B 73 -6.39 28.71 -24.04
CA VAL B 73 -6.35 29.80 -23.05
C VAL B 73 -6.75 29.31 -21.65
N VAL B 74 -5.87 29.53 -20.69
CA VAL B 74 -6.15 29.28 -19.27
C VAL B 74 -6.96 30.45 -18.72
N VAL B 75 -8.07 30.17 -18.06
CA VAL B 75 -9.00 31.24 -17.68
C VAL B 75 -8.84 31.62 -16.21
N PHE B 76 -8.58 32.90 -15.94
CA PHE B 76 -8.41 33.38 -14.56
C PHE B 76 -9.73 33.80 -13.92
N GLY B 77 -10.65 32.84 -13.84
CA GLY B 77 -11.99 33.06 -13.29
C GLY B 77 -12.89 31.88 -13.58
N ASN B 78 -14.18 32.04 -13.30
CA ASN B 78 -15.17 30.97 -13.49
C ASN B 78 -15.45 30.84 -14.98
N ASP B 79 -15.42 29.62 -15.52
CA ASP B 79 -15.67 29.43 -16.95
C ASP B 79 -17.14 29.51 -17.38
N LYS B 80 -18.05 29.59 -16.41
CA LYS B 80 -19.47 29.88 -16.69
C LYS B 80 -19.62 31.20 -17.45
N LEU B 81 -18.65 32.09 -17.29
CA LEU B 81 -18.69 33.42 -17.87
C LEU B 81 -18.17 33.48 -19.30
N ILE B 82 -17.79 32.32 -19.85
CA ILE B 82 -17.30 32.24 -21.22
C ILE B 82 -18.17 31.28 -22.03
N LYS B 83 -18.55 31.72 -23.22
CA LYS B 83 -19.41 30.95 -24.12
C LYS B 83 -18.77 30.81 -25.50
N GLU B 84 -19.07 29.71 -26.20
CA GLU B 84 -18.68 29.56 -27.61
C GLU B 84 -19.15 30.79 -28.37
N GLY B 85 -18.26 31.38 -29.15
CA GLY B 85 -18.59 32.57 -29.93
C GLY B 85 -18.17 33.88 -29.30
N ASP B 86 -17.83 33.87 -28.01
CA ASP B 86 -17.38 35.07 -27.32
C ASP B 86 -16.10 35.63 -27.96
N ILE B 87 -16.01 36.95 -28.01
CA ILE B 87 -14.83 37.61 -28.56
C ILE B 87 -13.71 37.63 -27.53
N VAL B 88 -12.50 37.33 -27.99
CA VAL B 88 -11.30 37.35 -27.14
C VAL B 88 -10.29 38.30 -27.76
N LYS B 89 -9.71 39.17 -26.93
CA LYS B 89 -8.81 40.23 -27.40
C LYS B 89 -7.40 40.12 -26.84
N ARG B 90 -6.42 40.40 -27.70
CA ARG B 90 -5.03 40.55 -27.28
C ARG B 90 -4.88 41.75 -26.37
N THR B 91 -3.96 41.66 -25.42
CA THR B 91 -3.55 42.81 -24.61
C THR B 91 -2.15 43.23 -25.00
N GLY B 92 -1.45 42.35 -25.72
CA GLY B 92 -0.09 42.62 -26.15
C GLY B 92 0.96 42.38 -25.07
N ALA B 93 0.51 41.99 -23.87
CA ALA B 93 1.41 41.89 -22.72
C ALA B 93 1.51 40.46 -22.19
N ILE B 94 2.73 39.95 -22.05
CA ILE B 94 2.99 38.70 -21.34
C ILE B 94 2.39 38.86 -19.94
N VAL B 95 1.70 37.82 -19.45
CA VAL B 95 0.99 37.91 -18.17
C VAL B 95 1.81 38.68 -17.15
N ASP B 96 1.23 39.78 -16.67
CA ASP B 96 1.90 40.65 -15.71
C ASP B 96 0.94 41.16 -14.64
N VAL B 97 1.49 41.82 -13.62
CA VAL B 97 0.71 42.39 -12.52
C VAL B 97 1.24 43.79 -12.15
N PRO B 98 0.37 44.65 -11.60
CA PRO B 98 0.88 45.90 -11.05
C PRO B 98 1.85 45.63 -9.89
N VAL B 99 2.87 46.46 -9.79
CA VAL B 99 3.83 46.39 -8.67
C VAL B 99 4.11 47.83 -8.18
N GLY B 100 4.69 47.96 -7.00
CA GLY B 100 5.01 49.28 -6.45
C GLY B 100 4.61 49.44 -5.01
N GLU B 101 4.87 50.61 -4.44
CA GLU B 101 4.56 50.86 -3.04
C GLU B 101 3.07 51.16 -2.81
N GLU B 102 2.36 51.50 -3.88
CA GLU B 102 0.93 51.78 -3.79
C GLU B 102 0.12 50.59 -3.27
N LEU B 103 0.65 49.37 -3.42
CA LEU B 103 -0.02 48.16 -2.97
C LEU B 103 0.08 47.91 -1.46
N LEU B 104 0.99 48.60 -0.78
CA LEU B 104 1.13 48.48 0.68
C LEU B 104 -0.16 48.88 1.38
N GLY B 105 -0.62 48.04 2.32
CA GLY B 105 -1.87 48.28 3.02
C GLY B 105 -3.11 47.74 2.33
N ARG B 106 -2.92 47.09 1.18
CA ARG B 106 -4.05 46.64 0.36
C ARG B 106 -4.21 45.13 0.30
N VAL B 107 -5.46 44.71 0.09
CA VAL B 107 -5.78 43.31 -0.20
C VAL B 107 -6.23 43.21 -1.65
N VAL B 108 -5.51 42.40 -2.42
CA VAL B 108 -5.75 42.22 -3.85
C VAL B 108 -6.00 40.74 -4.20
N ASP B 109 -6.68 40.49 -5.31
CA ASP B 109 -6.78 39.13 -5.86
C ASP B 109 -5.49 38.78 -6.63
N ALA B 110 -5.47 37.59 -7.25
CA ALA B 110 -4.29 37.08 -7.96
C ALA B 110 -3.81 37.96 -9.11
N LEU B 111 -4.73 38.74 -9.68
CA LEU B 111 -4.41 39.61 -10.81
C LEU B 111 -3.98 41.01 -10.35
N GLY B 112 -4.05 41.23 -9.04
CA GLY B 112 -3.67 42.53 -8.47
C GLY B 112 -4.78 43.56 -8.43
N ASN B 113 -6.02 43.11 -8.58
CA ASN B 113 -7.18 44.00 -8.43
C ASN B 113 -7.57 44.10 -6.95
N ALA B 114 -7.92 45.31 -6.51
CA ALA B 114 -8.33 45.53 -5.12
C ALA B 114 -9.59 44.73 -4.79
N ILE B 115 -9.57 44.05 -3.64
CA ILE B 115 -10.77 43.35 -3.15
C ILE B 115 -11.21 43.83 -1.77
N ASP B 116 -10.58 44.90 -1.28
CA ASP B 116 -10.83 45.43 0.05
C ASP B 116 -11.79 46.63 0.06
N GLY B 117 -12.27 47.01 -1.12
CA GLY B 117 -13.22 48.13 -1.26
C GLY B 117 -12.63 49.50 -0.96
N LYS B 118 -11.29 49.59 -0.92
CA LYS B 118 -10.62 50.84 -0.58
C LYS B 118 -10.25 51.71 -1.79
N GLY B 119 -10.80 51.34 -2.95
CA GLY B 119 -10.65 52.16 -4.15
C GLY B 119 -9.46 51.79 -5.00
N PRO B 120 -9.18 52.61 -6.02
CA PRO B 120 -8.12 52.36 -7.00
C PRO B 120 -6.75 52.19 -6.36
N ILE B 121 -5.90 51.39 -6.99
CA ILE B 121 -4.49 51.27 -6.62
C ILE B 121 -3.66 52.01 -7.66
N GLY B 122 -2.87 52.96 -7.20
CA GLY B 122 -2.17 53.89 -8.11
C GLY B 122 -1.04 53.34 -8.97
N SER B 123 -0.64 52.09 -8.74
CA SER B 123 0.56 51.52 -9.37
C SER B 123 0.59 51.70 -10.89
N LYS B 124 1.71 52.22 -11.39
CA LYS B 124 1.87 52.47 -12.80
C LYS B 124 2.73 51.39 -13.48
N ALA B 125 3.76 50.92 -12.78
CA ALA B 125 4.66 49.89 -13.28
C ALA B 125 4.06 48.49 -13.15
N ARG B 126 4.53 47.57 -14.00
CA ARG B 126 4.06 46.19 -14.03
C ARG B 126 5.24 45.25 -14.23
N ARG B 127 5.16 44.05 -13.65
CA ARG B 127 6.18 43.02 -13.83
C ARG B 127 5.54 41.73 -14.30
N ARG B 128 6.23 41.02 -15.18
CA ARG B 128 5.81 39.70 -15.64
C ARG B 128 5.84 38.69 -14.50
N VAL B 129 4.75 37.96 -14.32
CA VAL B 129 4.65 37.00 -13.22
C VAL B 129 5.60 35.81 -13.37
N GLY B 130 5.99 35.50 -14.60
CA GLY B 130 6.85 34.35 -14.89
C GLY B 130 8.34 34.63 -15.08
N LEU B 131 8.77 35.84 -14.71
CA LEU B 131 10.16 36.27 -14.93
C LEU B 131 11.14 35.31 -14.25
N LYS B 132 12.18 34.91 -14.97
CA LYS B 132 13.18 33.97 -14.42
C LYS B 132 14.00 34.63 -13.30
N ALA B 133 14.30 33.84 -12.26
CA ALA B 133 15.14 34.29 -11.15
C ALA B 133 16.53 34.74 -11.60
N PRO B 134 17.13 35.71 -10.88
CA PRO B 134 18.51 36.14 -11.12
C PRO B 134 19.46 34.96 -11.15
N GLY B 135 20.47 35.03 -12.00
CA GLY B 135 21.47 33.95 -12.13
C GLY B 135 22.50 34.01 -11.01
N ILE B 136 23.65 33.39 -11.25
CA ILE B 136 24.72 33.33 -10.25
C ILE B 136 25.31 34.71 -9.92
N ILE B 137 25.73 35.44 -10.95
CA ILE B 137 26.50 36.68 -10.77
C ILE B 137 25.79 37.84 -10.04
N PRO B 138 24.49 38.07 -10.31
CA PRO B 138 23.81 39.16 -9.57
C PRO B 138 23.68 38.98 -8.05
N ARG B 139 24.05 37.81 -7.54
CA ARG B 139 23.80 37.46 -6.14
C ARG B 139 25.03 37.59 -5.24
N ILE B 140 24.77 37.60 -3.93
CA ILE B 140 25.83 37.51 -2.92
C ILE B 140 25.24 36.74 -1.74
N SER B 141 26.10 36.12 -0.93
CA SER B 141 25.67 35.28 0.18
C SER B 141 24.81 36.07 1.16
N VAL B 142 23.77 35.42 1.70
CA VAL B 142 22.92 36.08 2.69
C VAL B 142 23.70 36.36 3.98
N ARG B 143 23.58 37.59 4.46
CA ARG B 143 24.43 38.12 5.51
C ARG B 143 23.64 38.91 6.54
N GLU B 144 22.44 39.36 6.17
CA GLU B 144 21.63 40.23 7.01
C GLU B 144 20.53 39.43 7.70
N PRO B 145 20.34 39.63 9.02
CA PRO B 145 19.29 38.93 9.76
C PRO B 145 17.88 39.31 9.30
N MET B 146 17.04 38.30 9.12
CA MET B 146 15.62 38.50 8.94
C MET B 146 15.00 38.01 10.24
N GLN B 147 14.71 38.96 11.13
CA GLN B 147 14.31 38.64 12.51
C GLN B 147 12.82 38.34 12.61
N THR B 148 12.50 37.15 13.13
CA THR B 148 11.11 36.75 13.31
C THR B 148 10.52 37.27 14.62
N GLY B 149 11.39 37.47 15.62
CA GLY B 149 10.94 37.82 16.97
C GLY B 149 10.47 36.61 17.76
N ILE B 150 10.65 35.42 17.17
CA ILE B 150 10.32 34.15 17.82
C ILE B 150 11.63 33.51 18.29
N LYS B 151 11.76 33.37 19.60
CA LYS B 151 13.00 32.91 20.25
C LYS B 151 13.55 31.62 19.65
N ALA B 152 12.69 30.61 19.50
CA ALA B 152 13.11 29.31 18.96
C ALA B 152 13.73 29.45 17.57
N VAL B 153 13.15 30.32 16.75
CA VAL B 153 13.62 30.50 15.37
C VAL B 153 14.90 31.33 15.32
N ASP B 154 14.88 32.51 15.91
CA ASP B 154 16.01 33.44 15.80
C ASP B 154 17.30 32.90 16.46
N SER B 155 17.15 32.02 17.43
CA SER B 155 18.29 31.43 18.12
C SER B 155 18.80 30.17 17.44
N LEU B 156 17.89 29.25 17.14
CA LEU B 156 18.27 27.90 16.70
C LEU B 156 18.10 27.62 15.21
N VAL B 157 17.20 28.37 14.56
CA VAL B 157 16.95 28.21 13.13
C VAL B 157 17.00 29.59 12.43
N PRO B 158 18.14 30.31 12.55
CA PRO B 158 18.15 31.73 12.14
C PRO B 158 17.91 31.90 10.64
N ILE B 159 17.18 32.96 10.28
CA ILE B 159 16.84 33.24 8.88
C ILE B 159 17.52 34.54 8.42
N GLY B 160 18.12 34.48 7.24
CA GLY B 160 18.76 35.63 6.63
C GLY B 160 17.94 36.24 5.50
N ARG B 161 18.24 37.48 5.17
CA ARG B 161 17.53 38.20 4.09
C ARG B 161 18.03 37.69 2.74
N GLY B 162 17.11 37.12 1.96
CA GLY B 162 17.45 36.44 0.71
C GLY B 162 17.19 34.94 0.79
N GLN B 163 17.12 34.42 2.01
CA GLN B 163 16.95 32.98 2.25
C GLN B 163 15.54 32.51 1.92
N ARG B 164 15.40 31.22 1.66
CA ARG B 164 14.11 30.57 1.57
C ARG B 164 14.06 29.59 2.74
N GLU B 165 13.05 29.71 3.60
CA GLU B 165 12.93 28.83 4.75
C GLU B 165 11.52 28.26 4.83
N LEU B 166 11.42 26.96 4.62
CA LEU B 166 10.12 26.27 4.61
C LEU B 166 9.54 26.17 6.01
N ILE B 167 8.25 26.48 6.13
CA ILE B 167 7.48 26.18 7.34
C ILE B 167 6.62 24.97 6.98
N ILE B 168 6.78 23.89 7.74
CA ILE B 168 6.17 22.61 7.37
C ILE B 168 5.61 21.87 8.60
N GLY B 169 4.41 21.31 8.45
CA GLY B 169 3.76 20.56 9.53
C GLY B 169 2.32 20.21 9.18
N ASP B 170 1.71 19.38 10.04
CA ASP B 170 0.32 18.96 9.88
C ASP B 170 -0.62 20.15 10.03
N ARG B 171 -1.90 19.94 9.69
CA ARG B 171 -2.91 20.97 9.90
C ARG B 171 -2.95 21.42 11.36
N GLN B 172 -3.21 22.71 11.57
CA GLN B 172 -3.37 23.31 12.90
C GLN B 172 -2.20 23.09 13.87
N THR B 173 -0.97 23.22 13.36
CA THR B 173 0.23 23.05 14.18
C THR B 173 0.92 24.39 14.49
N GLY B 174 0.39 25.49 13.96
CA GLY B 174 0.93 26.83 14.22
C GLY B 174 1.71 27.45 13.07
N LYS B 175 1.54 26.92 11.87
CA LYS B 175 2.33 27.35 10.70
C LYS B 175 2.14 28.84 10.36
N THR B 176 0.89 29.24 10.14
CA THR B 176 0.57 30.64 9.80
C THR B 176 1.02 31.60 10.89
N SER B 177 0.88 31.17 12.16
CA SER B 177 1.28 31.99 13.31
C SER B 177 2.76 32.39 13.27
N ILE B 178 3.62 31.50 12.77
CA ILE B 178 5.04 31.83 12.60
C ILE B 178 5.16 33.03 11.66
N ALA B 179 4.49 32.94 10.51
CA ALA B 179 4.51 33.98 9.49
C ALA B 179 3.94 35.31 9.99
N ILE B 180 2.82 35.26 10.70
CA ILE B 180 2.16 36.47 11.20
C ILE B 180 3.00 37.23 12.22
N ASP B 181 3.61 36.50 13.17
CA ASP B 181 4.49 37.13 14.15
C ASP B 181 5.72 37.76 13.51
N THR B 182 6.24 37.11 12.47
CA THR B 182 7.37 37.65 11.70
C THR B 182 6.98 38.99 11.04
N ILE B 183 5.80 39.02 10.41
CA ILE B 183 5.31 40.27 9.80
C ILE B 183 5.18 41.38 10.85
N ILE B 184 4.46 41.08 11.95
CA ILE B 184 4.27 42.03 13.04
C ILE B 184 5.60 42.51 13.62
N ASN B 185 6.60 41.62 13.64
CA ASN B 185 7.92 41.95 14.18
C ASN B 185 8.62 43.11 13.50
N GLN B 186 8.39 43.26 12.20
CA GLN B 186 9.09 44.23 11.37
C GLN B 186 8.71 45.67 11.68
N LYS B 187 7.61 45.86 12.42
CA LYS B 187 7.17 47.20 12.82
C LYS B 187 8.31 48.05 13.40
N ARG B 188 9.15 47.45 14.23
CA ARG B 188 10.22 48.20 14.90
C ARG B 188 11.27 48.77 13.93
N PHE B 189 11.50 48.07 12.82
CA PHE B 189 12.44 48.54 11.78
C PHE B 189 11.74 49.50 10.82
N ASN B 190 10.49 49.17 10.50
CA ASN B 190 9.69 49.95 9.55
C ASN B 190 9.24 51.31 10.07
N ASP B 191 9.23 51.47 11.39
CA ASP B 191 8.98 52.76 12.01
C ASP B 191 10.21 53.66 11.96
N GLY B 192 11.36 53.07 11.63
CA GLY B 192 12.61 53.81 11.48
C GLY B 192 12.69 54.60 10.18
N THR B 193 13.87 55.15 9.88
CA THR B 193 14.06 55.93 8.66
C THR B 193 15.10 55.32 7.71
N ASP B 194 15.78 54.27 8.17
CA ASP B 194 16.79 53.56 7.38
C ASP B 194 16.13 52.49 6.52
N GLU B 195 15.95 52.77 5.23
CA GLU B 195 15.27 51.87 4.29
C GLU B 195 15.97 50.51 4.12
N LYS B 196 17.27 50.46 4.43
CA LYS B 196 18.06 49.23 4.32
C LYS B 196 17.72 48.22 5.42
N LYS B 197 17.26 48.72 6.57
CA LYS B 197 16.89 47.88 7.71
C LYS B 197 15.43 47.45 7.66
N LYS B 198 14.64 48.12 6.81
CA LYS B 198 13.20 47.85 6.70
C LYS B 198 12.90 46.57 5.97
N LEU B 199 11.76 45.98 6.28
CA LEU B 199 11.30 44.74 5.63
C LEU B 199 9.83 44.85 5.25
N TYR B 200 9.60 45.03 3.94
CA TYR B 200 8.24 45.11 3.43
C TYR B 200 7.68 43.70 3.22
N CYS B 201 6.42 43.50 3.58
CA CYS B 201 5.87 42.15 3.64
C CYS B 201 4.76 41.88 2.62
N ILE B 202 4.70 40.64 2.17
CA ILE B 202 3.69 40.18 1.23
C ILE B 202 3.16 38.85 1.74
N TYR B 203 1.85 38.80 2.00
CA TYR B 203 1.23 37.57 2.44
C TYR B 203 0.34 37.02 1.33
N VAL B 204 0.73 35.87 0.79
CA VAL B 204 -0.05 35.23 -0.26
C VAL B 204 -0.91 34.12 0.33
N ALA B 205 -2.21 34.32 0.28
CA ALA B 205 -3.17 33.31 0.70
C ALA B 205 -3.60 32.49 -0.51
N ILE B 206 -3.36 31.18 -0.48
CA ILE B 206 -3.77 30.28 -1.55
C ILE B 206 -4.64 29.17 -0.99
N GLY B 207 -5.89 29.11 -1.47
CA GLY B 207 -6.79 28.01 -1.13
C GLY B 207 -7.47 28.11 0.22
N GLN B 208 -7.23 29.22 0.93
CA GLN B 208 -7.76 29.43 2.28
C GLN B 208 -9.22 29.83 2.26
N LYS B 209 -9.84 29.81 3.44
CA LYS B 209 -11.17 30.38 3.61
C LYS B 209 -11.07 31.89 3.62
N ARG B 210 -12.02 32.55 2.97
CA ARG B 210 -12.08 34.01 2.92
C ARG B 210 -12.15 34.60 4.33
N SER B 211 -12.88 33.94 5.22
CA SER B 211 -13.02 34.37 6.61
C SER B 211 -11.66 34.38 7.32
N THR B 212 -10.86 33.35 7.03
CA THR B 212 -9.52 33.25 7.60
C THR B 212 -8.64 34.43 7.17
N VAL B 213 -8.68 34.76 5.89
CA VAL B 213 -7.90 35.90 5.38
C VAL B 213 -8.38 37.22 6.00
N ALA B 214 -9.69 37.40 6.07
CA ALA B 214 -10.27 38.59 6.69
C ALA B 214 -9.81 38.75 8.14
N GLN B 215 -9.84 37.66 8.90
CA GLN B 215 -9.41 37.67 10.31
C GLN B 215 -7.93 38.01 10.41
N LEU B 216 -7.17 37.56 9.40
CA LEU B 216 -5.75 37.79 9.30
C LEU B 216 -5.43 39.29 9.13
N VAL B 217 -6.08 39.93 8.15
CA VAL B 217 -5.87 41.37 7.92
C VAL B 217 -6.28 42.20 9.13
N LYS B 218 -7.39 41.81 9.78
CA LYS B 218 -7.84 42.45 11.02
C LYS B 218 -6.74 42.41 12.09
N ARG B 219 -6.13 41.23 12.26
CA ARG B 219 -5.01 41.05 13.18
C ARG B 219 -3.83 41.95 12.83
N LEU B 220 -3.45 41.96 11.55
CA LEU B 220 -2.35 42.79 11.08
C LEU B 220 -2.63 44.28 11.27
N THR B 221 -3.88 44.69 10.98
CA THR B 221 -4.30 46.07 11.14
C THR B 221 -4.22 46.52 12.61
N ASP B 222 -4.73 45.68 13.51
CA ASP B 222 -4.68 45.96 14.94
C ASP B 222 -3.25 46.12 15.46
N ALA B 223 -2.32 45.40 14.85
CA ALA B 223 -0.92 45.43 15.26
C ALA B 223 -0.12 46.50 14.51
N ASP B 224 -0.81 47.32 13.72
CA ASP B 224 -0.21 48.37 12.88
C ASP B 224 0.86 47.80 11.91
N ALA B 225 0.59 46.61 11.40
CA ALA B 225 1.49 45.93 10.48
C ALA B 225 0.98 45.94 9.04
N MET B 226 -0.31 46.23 8.88
CA MET B 226 -0.94 46.19 7.56
C MET B 226 -0.36 47.26 6.61
N LYS B 227 0.10 48.38 7.18
CA LYS B 227 0.62 49.50 6.40
C LYS B 227 1.88 49.18 5.59
N TYR B 228 2.60 48.14 6.00
CA TYR B 228 3.78 47.68 5.25
C TYR B 228 3.60 46.29 4.66
N THR B 229 2.34 45.87 4.53
CA THR B 229 2.01 44.54 4.04
C THR B 229 1.07 44.59 2.84
N ILE B 230 1.33 43.72 1.86
CA ILE B 230 0.43 43.50 0.75
C ILE B 230 -0.19 42.12 0.91
N VAL B 231 -1.51 42.03 0.89
CA VAL B 231 -2.13 40.71 0.91
C VAL B 231 -2.66 40.38 -0.47
N VAL B 232 -2.17 39.26 -1.02
CA VAL B 232 -2.65 38.70 -2.26
C VAL B 232 -3.48 37.46 -1.91
N SER B 233 -4.72 37.43 -2.37
CA SER B 233 -5.64 36.35 -1.96
C SER B 233 -6.35 35.67 -3.11
N ALA B 234 -6.16 34.35 -3.19
CA ALA B 234 -6.91 33.47 -4.07
C ALA B 234 -7.43 32.32 -3.21
N THR B 235 -8.69 32.45 -2.80
CA THR B 235 -9.27 31.62 -1.75
C THR B 235 -9.93 30.33 -2.28
N ALA B 236 -10.46 29.52 -1.36
CA ALA B 236 -11.01 28.20 -1.66
C ALA B 236 -12.07 28.18 -2.78
N SER B 237 -12.84 29.27 -2.91
CA SER B 237 -13.85 29.37 -3.96
C SER B 237 -13.37 30.05 -5.27
N ASP B 238 -12.12 30.51 -5.29
CA ASP B 238 -11.54 31.07 -6.51
C ASP B 238 -11.09 29.94 -7.45
N ALA B 239 -11.26 30.16 -8.76
CA ALA B 239 -10.88 29.18 -9.78
C ALA B 239 -9.42 28.73 -9.61
N ALA B 240 -9.15 27.46 -9.87
CA ALA B 240 -7.79 26.91 -9.74
C ALA B 240 -6.68 27.74 -10.42
N PRO B 241 -6.89 28.24 -11.67
CA PRO B 241 -5.83 29.05 -12.27
C PRO B 241 -5.47 30.32 -11.48
N LEU B 242 -6.42 30.87 -10.71
CA LEU B 242 -6.14 32.03 -9.84
C LEU B 242 -5.26 31.63 -8.66
N GLN B 243 -5.53 30.44 -8.10
CA GLN B 243 -4.73 29.88 -7.01
C GLN B 243 -3.32 29.55 -7.50
N TYR B 244 -3.25 29.00 -8.72
CA TYR B 244 -1.99 28.73 -9.39
C TYR B 244 -1.18 30.02 -9.55
N LEU B 245 -1.85 31.09 -9.99
CA LEU B 245 -1.21 32.38 -10.28
C LEU B 245 -0.71 33.13 -9.05
N ALA B 246 -1.53 33.14 -8.00
CA ALA B 246 -1.33 33.98 -6.81
C ALA B 246 0.13 34.07 -6.31
N PRO B 247 0.82 32.92 -6.11
CA PRO B 247 2.22 32.98 -5.67
C PRO B 247 3.12 33.77 -6.60
N TYR B 248 2.96 33.57 -7.91
CA TYR B 248 3.80 34.26 -8.89
C TYR B 248 3.55 35.77 -8.89
N SER B 249 2.28 36.15 -8.76
CA SER B 249 1.90 37.56 -8.68
C SER B 249 2.50 38.22 -7.45
N GLY B 250 2.35 37.56 -6.30
CA GLY B 250 2.91 38.08 -5.05
C GLY B 250 4.42 38.21 -5.13
N CYS B 251 5.05 37.20 -5.74
CA CYS B 251 6.50 37.17 -5.91
C CYS B 251 7.00 38.37 -6.74
N SER B 252 6.30 38.65 -7.84
CA SER B 252 6.61 39.86 -8.66
C SER B 252 6.47 41.16 -7.86
N MET B 253 5.45 41.24 -7.00
CA MET B 253 5.30 42.38 -6.09
C MET B 253 6.44 42.48 -5.10
N GLY B 254 6.95 41.33 -4.65
CA GLY B 254 8.15 41.26 -3.82
C GLY B 254 9.42 41.65 -4.54
N GLU B 255 9.58 41.18 -5.78
CA GLU B 255 10.76 41.48 -6.59
C GLU B 255 10.91 42.98 -6.86
N TYR B 256 9.79 43.69 -6.90
CA TYR B 256 9.80 45.15 -7.02
C TYR B 256 10.71 45.75 -5.93
N PHE B 257 10.54 45.28 -4.71
CA PHE B 257 11.37 45.72 -3.58
C PHE B 257 12.80 45.21 -3.70
N ARG B 258 12.96 43.92 -3.99
CA ARG B 258 14.27 43.30 -4.17
C ARG B 258 15.13 44.09 -5.16
N ASP B 259 14.54 44.42 -6.31
CA ASP B 259 15.26 45.10 -7.39
C ASP B 259 15.34 46.62 -7.25
N ASN B 260 14.62 47.17 -6.27
CA ASN B 260 14.68 48.61 -5.95
C ASN B 260 15.63 48.93 -4.78
N GLY B 261 16.52 47.99 -4.47
CA GLY B 261 17.48 48.15 -3.38
C GLY B 261 16.88 48.06 -1.98
N LYS B 262 15.69 47.49 -1.88
CA LYS B 262 15.02 47.33 -0.58
C LYS B 262 14.80 45.85 -0.28
N HIS B 263 14.16 45.57 0.85
CA HIS B 263 14.02 44.19 1.30
C HIS B 263 12.56 43.83 1.53
N ALA B 264 12.16 42.71 0.94
CA ALA B 264 10.81 42.21 1.09
C ALA B 264 10.81 40.78 1.66
N LEU B 265 9.71 40.44 2.32
CA LEU B 265 9.49 39.11 2.84
C LEU B 265 8.18 38.64 2.26
N ILE B 266 8.19 37.43 1.69
CA ILE B 266 6.98 36.85 1.14
C ILE B 266 6.66 35.50 1.80
N ILE B 267 5.38 35.32 2.10
CA ILE B 267 4.87 34.09 2.66
C ILE B 267 3.90 33.49 1.64
N TYR B 268 4.14 32.22 1.28
CA TYR B 268 3.22 31.47 0.43
C TYR B 268 2.44 30.51 1.31
N ASP B 269 1.20 30.85 1.62
CA ASP B 269 0.37 30.11 2.57
C ASP B 269 -0.92 29.59 1.89
N ASP B 270 -0.87 28.40 1.28
CA ASP B 270 0.30 27.52 1.30
C ASP B 270 0.55 26.87 -0.07
N LEU B 271 1.77 26.38 -0.26
CA LEU B 271 2.16 25.77 -1.52
C LEU B 271 1.56 24.38 -1.77
N SER B 272 1.08 23.72 -0.72
CA SER B 272 0.36 22.45 -0.87
C SER B 272 -0.92 22.66 -1.67
N LYS B 273 -1.67 23.69 -1.29
CA LYS B 273 -2.93 24.02 -1.97
C LYS B 273 -2.68 24.52 -3.40
N GLN B 274 -1.60 25.27 -3.62
CA GLN B 274 -1.23 25.67 -4.98
C GLN B 274 -0.95 24.45 -5.87
N ALA B 275 -0.19 23.49 -5.34
CA ALA B 275 0.11 22.27 -6.10
C ALA B 275 -1.14 21.48 -6.44
N VAL B 276 -2.11 21.46 -5.53
CA VAL B 276 -3.41 20.80 -5.75
C VAL B 276 -4.14 21.50 -6.90
N ALA B 277 -4.14 22.83 -6.88
CA ALA B 277 -4.74 23.66 -7.94
C ALA B 277 -4.09 23.39 -9.29
N TYR B 278 -2.77 23.28 -9.29
CA TYR B 278 -2.04 23.00 -10.53
C TYR B 278 -2.33 21.59 -11.04
N ARG B 279 -2.41 20.63 -10.12
CA ARG B 279 -2.79 19.26 -10.47
C ARG B 279 -4.19 19.21 -11.11
N GLN B 280 -5.14 19.99 -10.58
CA GLN B 280 -6.45 20.11 -11.21
C GLN B 280 -6.33 20.56 -12.66
N MET B 281 -5.61 21.67 -12.87
CA MET B 281 -5.38 22.22 -14.21
C MET B 281 -4.75 21.19 -15.14
N SER B 282 -3.71 20.51 -14.63
CA SER B 282 -2.93 19.56 -15.41
C SER B 282 -3.71 18.30 -15.80
N LEU B 283 -4.53 17.77 -14.89
CA LEU B 283 -5.36 16.61 -15.22
C LEU B 283 -6.47 16.96 -16.22
N LEU B 284 -7.00 18.17 -16.09
CA LEU B 284 -8.00 18.68 -17.02
C LEU B 284 -7.41 18.92 -18.41
N LEU B 285 -6.12 19.25 -18.46
CA LEU B 285 -5.38 19.34 -19.71
C LEU B 285 -4.94 17.97 -20.23
N ARG B 286 -5.24 16.93 -19.46
CA ARG B 286 -4.93 15.52 -19.77
C ARG B 286 -3.42 15.24 -19.91
N ARG B 287 -2.65 15.95 -19.09
CA ARG B 287 -1.22 15.71 -18.98
C ARG B 287 -0.98 14.46 -18.11
N PRO B 288 0.01 13.61 -18.48
CA PRO B 288 0.21 12.32 -17.80
C PRO B 288 0.64 12.49 -16.35
N PRO B 289 -0.15 11.94 -15.41
CA PRO B 289 0.15 12.05 -13.98
C PRO B 289 1.17 11.02 -13.49
N GLY B 290 1.82 11.32 -12.36
CA GLY B 290 2.75 10.39 -11.73
C GLY B 290 2.37 10.16 -10.29
N ARG B 291 3.34 10.34 -9.39
CA ARG B 291 3.12 10.21 -7.94
C ARG B 291 1.94 11.05 -7.45
N GLU B 292 1.00 10.40 -6.78
CA GLU B 292 -0.21 11.04 -6.25
C GLU B 292 -0.95 11.83 -7.34
N ALA B 293 -0.85 11.35 -8.57
CA ALA B 293 -1.48 11.99 -9.74
C ALA B 293 -0.97 13.41 -10.05
N TYR B 294 0.14 13.82 -9.44
CA TYR B 294 0.77 15.12 -9.76
C TYR B 294 1.50 15.05 -11.10
N PRO B 295 1.57 16.21 -11.81
CA PRO B 295 2.29 16.24 -13.07
C PRO B 295 3.79 16.24 -12.83
N GLY B 296 4.55 15.87 -13.86
CA GLY B 296 6.00 15.79 -13.76
C GLY B 296 6.71 17.14 -13.55
N ASP B 297 6.01 18.23 -13.84
CA ASP B 297 6.57 19.57 -13.66
C ASP B 297 6.14 20.21 -12.35
N VAL B 298 5.64 19.40 -11.40
CA VAL B 298 5.19 19.95 -10.11
C VAL B 298 6.38 20.46 -9.26
N PHE B 299 7.55 19.82 -9.40
CA PHE B 299 8.77 20.32 -8.75
C PHE B 299 9.11 21.71 -9.32
N TYR B 300 9.12 21.80 -10.64
CA TYR B 300 9.49 23.04 -11.34
C TYR B 300 8.54 24.18 -11.01
N LEU B 301 7.26 23.84 -10.80
CA LEU B 301 6.23 24.79 -10.35
C LEU B 301 6.69 25.57 -9.13
N HIS B 302 7.23 24.84 -8.16
CA HIS B 302 7.75 25.44 -6.93
C HIS B 302 9.20 25.92 -7.05
N SER B 303 10.00 25.24 -7.85
CA SER B 303 11.42 25.60 -7.96
C SER B 303 11.60 26.98 -8.59
N ARG B 304 10.90 27.24 -9.69
CA ARG B 304 11.05 28.52 -10.39
C ARG B 304 10.55 29.68 -9.53
N LEU B 305 9.53 29.42 -8.71
CA LEU B 305 8.97 30.39 -7.79
C LEU B 305 9.95 30.77 -6.69
N LEU B 306 10.47 29.77 -5.99
CA LEU B 306 11.28 30.02 -4.80
C LEU B 306 12.71 30.48 -5.13
N GLU B 307 13.19 30.13 -6.32
CA GLU B 307 14.48 30.64 -6.82
C GLU B 307 14.53 32.17 -6.88
N ARG B 308 13.35 32.78 -6.94
CA ARG B 308 13.24 34.24 -7.09
C ARG B 308 13.43 35.02 -5.80
N ALA B 309 13.21 34.35 -4.66
CA ALA B 309 13.75 34.86 -3.39
C ALA B 309 15.28 34.77 -3.49
N ALA B 310 15.94 35.90 -3.31
CA ALA B 310 17.37 36.02 -3.55
C ALA B 310 17.95 37.22 -2.82
N LYS B 311 19.26 37.18 -2.59
CA LYS B 311 20.01 38.33 -2.09
C LYS B 311 20.87 38.87 -3.22
N MET B 312 20.70 40.15 -3.53
CA MET B 312 21.39 40.78 -4.66
C MET B 312 22.68 41.41 -4.19
N ASN B 313 23.70 41.39 -5.06
CA ASN B 313 24.95 42.08 -4.79
C ASN B 313 24.75 43.61 -4.86
N ASP B 314 25.76 44.36 -4.43
CA ASP B 314 25.63 45.82 -4.37
C ASP B 314 25.47 46.50 -5.72
N ALA B 315 26.09 45.91 -6.76
CA ALA B 315 25.96 46.42 -8.14
C ALA B 315 24.53 46.34 -8.66
N PHE B 316 23.75 45.42 -8.10
CA PHE B 316 22.34 45.28 -8.44
C PHE B 316 21.42 46.00 -7.46
N GLY B 317 22.00 46.76 -6.54
CA GLY B 317 21.23 47.53 -5.56
C GLY B 317 21.25 47.01 -4.14
N GLY B 318 21.68 45.76 -3.97
CA GLY B 318 21.83 45.16 -2.65
C GLY B 318 20.55 44.72 -1.95
N GLY B 319 19.44 44.71 -2.69
CA GLY B 319 18.14 44.35 -2.14
C GLY B 319 17.99 42.84 -1.95
N SER B 320 16.85 42.44 -1.39
CA SER B 320 16.59 41.03 -1.16
C SER B 320 15.11 40.71 -1.15
N LEU B 321 14.81 39.45 -1.44
CA LEU B 321 13.49 38.91 -1.21
C LEU B 321 13.67 37.62 -0.43
N THR B 322 13.05 37.56 0.74
CA THR B 322 13.07 36.36 1.60
C THR B 322 11.72 35.66 1.45
N ALA B 323 11.75 34.33 1.37
CA ALA B 323 10.50 33.56 1.25
C ALA B 323 10.29 32.55 2.37
N LEU B 324 9.06 32.51 2.87
CA LEU B 324 8.64 31.49 3.82
C LEU B 324 7.47 30.73 3.20
N PRO B 325 7.77 29.73 2.36
CA PRO B 325 6.70 28.90 1.83
C PRO B 325 6.14 28.01 2.94
N VAL B 326 4.87 27.66 2.82
CA VAL B 326 4.22 26.81 3.80
C VAL B 326 3.79 25.50 3.12
N ILE B 327 4.09 24.37 3.77
CA ILE B 327 3.66 23.06 3.27
C ILE B 327 2.92 22.34 4.39
N GLU B 328 1.80 21.72 4.04
CA GLU B 328 1.01 20.95 4.99
C GLU B 328 1.26 19.47 4.78
N THR B 329 1.71 18.80 5.84
CA THR B 329 1.96 17.36 5.80
C THR B 329 0.71 16.58 6.25
N GLN B 330 0.64 15.32 5.85
CA GLN B 330 -0.35 14.39 6.38
C GLN B 330 0.37 13.51 7.40
N ALA B 331 -0.02 13.66 8.67
CA ALA B 331 0.47 12.81 9.76
C ALA B 331 1.98 12.83 9.97
N GLY B 332 2.59 13.99 9.77
CA GLY B 332 4.01 14.20 10.04
C GLY B 332 4.96 13.62 8.99
N ASP B 333 4.42 13.19 7.86
CA ASP B 333 5.21 12.54 6.82
C ASP B 333 5.88 13.54 5.86
N VAL B 334 7.14 13.87 6.15
CA VAL B 334 7.92 14.82 5.34
C VAL B 334 8.55 14.14 4.13
N SER B 335 8.40 12.81 4.03
CA SER B 335 9.02 12.04 2.96
C SER B 335 8.12 11.90 1.73
N ALA B 336 6.90 12.47 1.79
CA ALA B 336 5.98 12.45 0.66
C ALA B 336 6.51 13.34 -0.49
N TYR B 337 5.88 13.21 -1.66
CA TYR B 337 6.35 13.84 -2.89
C TYR B 337 6.48 15.36 -2.78
N ILE B 338 5.40 16.05 -2.44
CA ILE B 338 5.44 17.52 -2.41
C ILE B 338 6.33 18.07 -1.29
N PRO B 339 6.18 17.54 -0.05
CA PRO B 339 7.12 17.91 1.01
C PRO B 339 8.60 17.77 0.62
N THR B 340 9.02 16.60 0.13
CA THR B 340 10.42 16.42 -0.29
C THR B 340 10.80 17.36 -1.44
N ASN B 341 9.90 17.56 -2.39
CA ASN B 341 10.17 18.54 -3.48
C ASN B 341 10.58 19.91 -2.93
N VAL B 342 9.80 20.43 -1.97
CA VAL B 342 10.05 21.78 -1.47
C VAL B 342 11.28 21.85 -0.55
N ILE B 343 11.51 20.78 0.20
CA ILE B 343 12.73 20.67 1.01
C ILE B 343 13.97 20.71 0.09
N SER B 344 13.84 20.10 -1.08
CA SER B 344 14.94 20.06 -2.06
C SER B 344 15.11 21.38 -2.82
N ILE B 345 14.26 22.36 -2.49
CA ILE B 345 14.32 23.71 -3.06
C ILE B 345 14.82 24.72 -2.01
N THR B 346 14.17 24.72 -0.83
CA THR B 346 14.44 25.75 0.18
C THR B 346 15.79 25.56 0.88
N ASP B 347 16.14 26.50 1.76
CA ASP B 347 17.44 26.50 2.44
C ASP B 347 17.28 26.05 3.89
N GLY B 348 16.47 25.03 4.10
CA GLY B 348 16.14 24.57 5.45
C GLY B 348 14.65 24.60 5.72
N GLN B 349 14.25 24.09 6.89
CA GLN B 349 12.84 24.01 7.27
C GLN B 349 12.66 24.25 8.76
N ILE B 350 11.51 24.83 9.10
CA ILE B 350 11.00 24.87 10.47
C ILE B 350 9.88 23.83 10.52
N PHE B 351 10.09 22.78 11.31
CA PHE B 351 9.13 21.69 11.40
C PHE B 351 8.29 21.80 12.65
N LEU B 352 6.97 21.89 12.44
CA LEU B 352 6.02 21.94 13.53
C LEU B 352 5.35 20.60 13.68
N GLU B 353 5.28 20.13 14.92
CA GLU B 353 4.93 18.75 15.24
C GLU B 353 3.65 18.70 16.08
N THR B 354 2.67 17.93 15.61
CA THR B 354 1.37 17.75 16.28
C THR B 354 1.53 17.31 17.74
N GLU B 355 2.36 16.30 17.97
CA GLU B 355 2.61 15.78 19.32
C GLU B 355 3.07 16.87 20.29
N LEU B 356 3.98 17.73 19.82
CA LEU B 356 4.45 18.86 20.63
C LEU B 356 3.34 19.88 20.89
N PHE B 357 2.62 20.25 19.83
CA PHE B 357 1.47 21.14 19.91
C PHE B 357 0.41 20.60 20.89
N TYR B 358 0.21 19.29 20.87
CA TYR B 358 -0.74 18.63 21.76
C TYR B 358 -0.30 18.69 23.23
N LYS B 359 1.01 18.58 23.47
CA LYS B 359 1.58 18.65 24.82
C LYS B 359 1.58 20.06 25.40
N GLY B 360 1.27 21.05 24.55
CA GLY B 360 1.25 22.45 24.97
C GLY B 360 2.54 23.19 24.67
N ILE B 361 3.46 22.53 23.96
CA ILE B 361 4.70 23.16 23.53
C ILE B 361 4.36 24.09 22.37
N ARG B 362 4.47 25.39 22.61
CA ARG B 362 4.16 26.40 21.60
C ARG B 362 5.15 27.56 21.64
N PRO B 363 5.76 27.89 20.49
CA PRO B 363 5.55 27.23 19.18
C PRO B 363 6.01 25.78 19.18
N ALA B 364 5.31 24.93 18.42
CA ALA B 364 5.54 23.48 18.41
C ALA B 364 6.70 23.04 17.52
N ILE B 365 7.81 23.77 17.62
CA ILE B 365 8.98 23.56 16.77
C ILE B 365 9.81 22.38 17.29
N ASN B 366 10.02 21.39 16.43
CA ASN B 366 10.97 20.31 16.70
C ASN B 366 12.36 20.85 16.41
N VAL B 367 13.13 21.11 17.46
CA VAL B 367 14.45 21.73 17.31
C VAL B 367 15.37 20.86 16.44
N GLY B 368 15.50 19.59 16.83
CA GLY B 368 16.39 18.65 16.16
C GLY B 368 16.13 18.43 14.69
N LEU B 369 14.85 18.43 14.31
CA LEU B 369 14.46 18.22 12.91
C LEU B 369 14.44 19.50 12.07
N SER B 370 14.44 20.66 12.73
CA SER B 370 14.50 21.94 12.02
C SER B 370 15.95 22.28 11.66
N VAL B 371 16.11 22.97 10.53
CA VAL B 371 17.44 23.29 9.98
C VAL B 371 17.43 24.66 9.31
N SER B 372 18.49 25.44 9.52
CA SER B 372 18.77 26.58 8.65
C SER B 372 20.11 26.36 7.96
N ARG B 373 20.08 26.21 6.64
CA ARG B 373 21.31 25.91 5.90
C ARG B 373 22.25 27.12 5.76
N VAL B 374 21.70 28.33 5.76
CA VAL B 374 22.49 29.54 5.46
C VAL B 374 22.32 30.68 6.47
N GLY B 375 21.53 30.45 7.51
CA GLY B 375 21.16 31.50 8.45
C GLY B 375 22.16 31.91 9.51
N SER B 376 23.14 31.04 9.81
CA SER B 376 24.12 31.32 10.86
C SER B 376 24.97 32.55 10.54
N ALA B 377 25.31 32.72 9.26
CA ALA B 377 25.97 33.92 8.78
C ALA B 377 25.04 35.13 8.81
N ALA B 378 23.75 34.89 9.01
CA ALA B 378 22.75 35.96 9.12
C ALA B 378 22.15 36.01 10.53
N GLN B 379 23.01 35.81 11.52
CA GLN B 379 22.64 35.89 12.93
C GLN B 379 23.57 36.93 13.53
N THR B 380 23.05 37.79 14.42
CA THR B 380 23.92 38.75 15.11
C THR B 380 24.90 37.98 15.98
N ARG B 381 26.07 38.58 16.22
CA ARG B 381 27.07 37.97 17.08
C ARG B 381 26.52 37.76 18.50
N ALA B 382 25.75 38.74 18.97
CA ALA B 382 25.09 38.67 20.27
C ALA B 382 24.30 37.36 20.42
N MET B 383 23.47 37.04 19.43
CA MET B 383 22.70 35.79 19.42
C MET B 383 23.59 34.57 19.16
N LYS B 384 24.49 34.67 18.17
CA LYS B 384 25.48 33.62 17.88
C LYS B 384 26.16 33.08 19.12
N GLN B 385 26.41 33.96 20.10
CA GLN B 385 27.07 33.60 21.34
C GLN B 385 26.21 32.66 22.20
N VAL B 386 25.12 33.19 22.74
CA VAL B 386 24.28 32.48 23.70
C VAL B 386 23.47 31.32 23.08
N ALA B 387 23.22 31.38 21.78
CA ALA B 387 22.44 30.36 21.09
C ALA B 387 23.27 29.14 20.67
N GLY B 388 24.56 29.36 20.42
CA GLY B 388 25.49 28.27 20.05
C GLY B 388 25.67 27.30 21.20
N THR B 389 25.79 27.86 22.40
CA THR B 389 25.89 27.04 23.62
C THR B 389 24.54 26.42 24.02
N MET B 390 23.43 27.08 23.68
CA MET B 390 22.10 26.48 23.86
C MET B 390 21.88 25.35 22.86
N LYS B 391 22.36 25.53 21.64
CA LYS B 391 22.33 24.50 20.61
C LYS B 391 23.07 23.25 21.09
N LEU B 392 24.23 23.46 21.72
CA LEU B 392 25.04 22.38 22.29
C LEU B 392 24.33 21.72 23.47
N GLU B 393 23.81 22.52 24.39
CA GLU B 393 23.13 22.02 25.60
C GLU B 393 21.78 21.33 25.32
N LEU B 394 21.19 21.61 24.16
CA LEU B 394 19.96 20.90 23.75
C LEU B 394 20.26 19.63 22.97
N ALA B 395 21.34 19.64 22.20
CA ALA B 395 21.82 18.46 21.48
C ALA B 395 22.32 17.38 22.45
N GLN B 396 22.80 17.82 23.60
CA GLN B 396 23.23 16.92 24.68
C GLN B 396 22.07 16.53 25.60
N TYR B 397 20.90 17.07 25.31
CA TYR B 397 19.69 16.80 26.09
C TYR B 397 18.73 15.87 25.34
N ARG B 398 18.90 15.78 24.03
CA ARG B 398 18.00 14.98 23.19
C ARG B 398 18.30 13.48 23.13
N GLU B 399 19.06 12.98 24.10
CA GLU B 399 19.30 11.55 24.25
C GLU B 399 19.23 11.09 25.71
N VAL B 400 19.30 12.04 26.64
CA VAL B 400 19.14 11.75 28.07
C VAL B 400 17.69 11.93 28.53
N ALA B 401 16.84 12.42 27.62
CA ALA B 401 15.42 12.67 27.91
C ALA B 401 14.56 11.43 27.68
N LEU B 410 19.48 8.76 39.68
CA LEU B 410 20.11 9.24 38.44
C LEU B 410 21.53 9.73 38.70
N ASP B 411 22.44 9.39 37.79
CA ASP B 411 23.84 9.80 37.90
C ASP B 411 24.04 11.29 37.64
N ALA B 412 24.97 11.90 38.38
CA ALA B 412 25.19 13.35 38.36
C ALA B 412 25.67 13.90 37.01
N ALA B 413 26.36 13.05 36.24
CA ALA B 413 26.89 13.43 34.92
C ALA B 413 25.79 13.75 33.91
N THR B 414 24.68 13.03 33.99
CA THR B 414 23.53 13.25 33.10
C THR B 414 22.39 13.99 33.81
N GLN B 415 22.54 14.19 35.12
CA GLN B 415 21.54 14.91 35.92
C GLN B 415 21.56 16.41 35.61
N GLN B 416 22.74 16.92 35.29
CA GLN B 416 22.90 18.33 34.91
C GLN B 416 22.39 18.58 33.49
N LEU B 417 22.62 17.62 32.59
CA LEU B 417 22.19 17.72 31.19
C LEU B 417 20.67 17.73 31.05
N LEU B 418 19.99 16.98 31.92
CA LEU B 418 18.53 16.95 31.95
C LEU B 418 17.95 18.19 32.60
N SER B 419 18.56 18.63 33.70
CA SER B 419 18.11 19.80 34.46
C SER B 419 18.18 21.08 33.62
N ARG B 420 19.24 21.21 32.83
CA ARG B 420 19.43 22.37 31.97
C ARG B 420 18.48 22.34 30.76
N GLY B 421 18.33 21.16 30.17
CA GLY B 421 17.53 20.99 28.97
C GLY B 421 16.04 21.30 29.09
N VAL B 422 15.46 20.98 30.25
CA VAL B 422 14.04 21.22 30.50
C VAL B 422 13.73 22.70 30.72
N ARG B 423 14.68 23.41 31.30
CA ARG B 423 14.56 24.84 31.56
C ARG B 423 14.79 25.67 30.30
N LEU B 424 15.70 25.20 29.45
CA LEU B 424 15.95 25.82 28.15
C LEU B 424 14.76 25.64 27.22
N THR B 425 14.15 24.46 27.27
CA THR B 425 12.92 24.15 26.54
C THR B 425 11.77 25.07 26.95
N GLU B 426 11.75 25.45 28.23
CA GLU B 426 10.76 26.39 28.77
C GLU B 426 10.96 27.81 28.24
N LEU B 427 12.22 28.18 28.01
CA LEU B 427 12.55 29.48 27.44
C LEU B 427 12.18 29.57 25.96
N LEU B 428 12.03 28.42 25.31
CA LEU B 428 11.67 28.35 23.89
C LEU B 428 10.16 28.45 23.66
N LYS B 429 9.40 28.39 24.76
CA LYS B 429 7.94 28.59 24.71
C LYS B 429 7.66 30.08 24.53
N GLN B 430 6.60 30.40 23.82
CA GLN B 430 6.28 31.79 23.50
C GLN B 430 4.82 31.94 23.11
N GLY B 431 4.20 33.02 23.58
CA GLY B 431 2.85 33.35 23.16
C GLY B 431 2.83 34.00 21.78
N GLN B 432 1.62 34.21 21.26
CA GLN B 432 1.42 34.85 19.96
C GLN B 432 1.39 36.37 20.06
N TYR B 433 1.63 37.02 18.93
CA TYR B 433 1.39 38.45 18.71
C TYR B 433 2.28 39.41 19.50
N SER B 434 3.35 38.89 20.08
CA SER B 434 4.30 39.74 20.80
C SER B 434 5.74 39.36 20.48
N PRO B 435 6.13 39.43 19.19
CA PRO B 435 7.49 39.05 18.80
C PRO B 435 8.51 39.92 19.54
N MET B 436 9.67 39.35 19.83
CA MET B 436 10.62 39.99 20.74
C MET B 436 11.83 40.59 20.06
N ALA B 437 12.26 41.76 20.55
CA ALA B 437 13.50 42.36 20.13
C ALA B 437 14.66 41.39 20.34
N ILE B 438 15.64 41.42 19.45
CA ILE B 438 16.77 40.49 19.50
C ILE B 438 17.56 40.58 20.82
N GLU B 439 17.75 41.80 21.33
CA GLU B 439 18.46 42.00 22.59
C GLU B 439 17.67 41.47 23.79
N GLU B 440 16.33 41.51 23.69
CA GLU B 440 15.47 40.95 24.72
C GLU B 440 15.53 39.42 24.69
N GLN B 441 15.68 38.88 23.49
CA GLN B 441 15.85 37.43 23.30
C GLN B 441 17.19 36.97 23.83
N VAL B 442 18.23 37.79 23.61
CA VAL B 442 19.57 37.47 24.05
C VAL B 442 19.69 37.51 25.57
N ALA B 443 18.84 38.32 26.21
CA ALA B 443 18.84 38.47 27.66
C ALA B 443 18.18 37.29 28.36
N VAL B 444 17.08 36.79 27.79
CA VAL B 444 16.35 35.67 28.38
C VAL B 444 17.11 34.35 28.21
N ILE B 445 17.67 34.15 27.02
CA ILE B 445 18.49 32.96 26.71
C ILE B 445 19.79 32.96 27.53
N TYR B 446 20.33 34.15 27.77
CA TYR B 446 21.52 34.34 28.61
C TYR B 446 21.36 33.72 30.00
N ALA B 447 20.19 33.92 30.60
CA ALA B 447 19.89 33.43 31.95
C ALA B 447 19.93 31.90 32.03
N GLY B 448 19.30 31.24 31.06
CA GLY B 448 19.24 29.78 31.03
C GLY B 448 20.56 29.11 30.70
N VAL B 449 21.32 29.72 29.79
CA VAL B 449 22.59 29.17 29.32
C VAL B 449 23.71 29.31 30.36
N ARG B 450 23.77 30.46 31.03
CA ARG B 450 24.80 30.73 32.03
C ARG B 450 24.53 30.04 33.36
N GLY B 451 23.29 29.56 33.53
CA GLY B 451 22.91 28.77 34.69
C GLY B 451 22.24 29.55 35.80
N TYR B 452 21.30 30.42 35.44
CA TYR B 452 20.56 31.21 36.41
C TYR B 452 19.13 30.70 36.59
N LEU B 453 18.86 29.51 36.08
CA LEU B 453 17.55 28.88 36.20
C LEU B 453 17.63 27.51 36.85
N ASP B 454 18.87 27.03 37.03
CA ASP B 454 19.14 25.68 37.53
C ASP B 454 18.51 25.38 38.89
N LYS B 455 18.57 26.35 39.81
CA LYS B 455 18.00 26.19 41.15
C LYS B 455 16.47 26.36 41.15
N LEU B 456 15.96 27.09 40.17
CA LEU B 456 14.51 27.25 40.01
C LEU B 456 13.89 26.01 39.36
N GLU B 457 12.64 25.73 39.71
CA GLU B 457 11.93 24.57 39.16
C GLU B 457 11.43 24.82 37.73
N PRO B 458 11.38 23.76 36.90
CA PRO B 458 10.99 23.87 35.49
C PRO B 458 9.60 24.50 35.28
N SER B 459 8.68 24.22 36.19
CA SER B 459 7.29 24.69 36.08
C SER B 459 7.13 26.19 36.33
N LYS B 460 8.17 26.83 36.86
CA LYS B 460 8.14 28.26 37.18
C LYS B 460 9.06 29.13 36.31
N ILE B 461 9.68 28.53 35.29
CA ILE B 461 10.59 29.25 34.40
C ILE B 461 9.84 30.30 33.55
N THR B 462 8.76 29.87 32.91
CA THR B 462 7.90 30.75 32.11
C THR B 462 7.50 32.01 32.88
N LYS B 463 7.10 31.83 34.15
CA LYS B 463 6.73 32.94 35.02
C LYS B 463 7.91 33.85 35.35
N PHE B 464 9.09 33.26 35.56
CA PHE B 464 10.31 34.01 35.84
C PHE B 464 10.72 34.90 34.67
N GLU B 465 10.66 34.33 33.46
CA GLU B 465 11.09 35.03 32.24
C GLU B 465 10.39 36.37 32.04
N ASN B 466 9.05 36.35 32.12
CA ASN B 466 8.24 37.56 31.96
C ASN B 466 8.49 38.60 33.05
N ALA B 467 8.75 38.12 34.27
CA ALA B 467 9.10 38.98 35.39
C ALA B 467 10.50 39.57 35.22
N PHE B 468 11.41 38.78 34.65
CA PHE B 468 12.78 39.22 34.39
C PHE B 468 12.87 40.21 33.24
N LEU B 469 12.02 40.02 32.23
CA LEU B 469 12.02 40.86 31.03
C LEU B 469 11.54 42.28 31.34
N SER B 470 10.45 42.39 32.08
CA SER B 470 9.94 43.70 32.51
C SER B 470 10.93 44.45 33.39
N HIS B 471 11.78 43.70 34.11
CA HIS B 471 12.82 44.29 34.95
C HIS B 471 13.96 44.93 34.14
N VAL B 472 14.45 44.21 33.13
CA VAL B 472 15.54 44.72 32.29
C VAL B 472 15.11 45.87 31.37
N ILE B 473 13.86 45.83 30.93
CA ILE B 473 13.28 46.89 30.10
C ILE B 473 13.12 48.18 30.91
N SER B 474 12.47 48.07 32.07
CA SER B 474 12.21 49.21 32.93
C SER B 474 13.49 49.81 33.54
N GLN B 475 14.39 48.94 34.00
CA GLN B 475 15.60 49.39 34.71
C GLN B 475 16.81 49.62 33.80
N HIS B 476 17.23 48.58 33.07
CA HIS B 476 18.49 48.61 32.33
C HIS B 476 18.30 48.72 30.82
N GLN B 477 17.93 49.92 30.36
CA GLN B 477 17.81 50.21 28.93
C GLN B 477 19.18 50.43 28.29
N ALA B 478 20.13 50.91 29.09
CA ALA B 478 21.48 51.22 28.63
C ALA B 478 22.22 49.99 28.12
N LEU B 479 22.03 48.85 28.81
CA LEU B 479 22.66 47.60 28.43
C LEU B 479 21.96 46.98 27.21
N LEU B 480 20.63 47.00 27.23
CA LEU B 480 19.83 46.47 26.12
C LEU B 480 20.03 47.27 24.83
N GLY B 481 20.14 48.59 24.97
CA GLY B 481 20.42 49.48 23.85
C GLY B 481 21.80 49.27 23.25
N LYS B 482 22.79 49.05 24.12
CA LYS B 482 24.17 48.83 23.70
C LYS B 482 24.37 47.50 22.98
N ILE B 483 23.71 46.45 23.48
CA ILE B 483 23.74 45.13 22.81
C ILE B 483 23.10 45.22 21.43
N ARG B 484 21.97 45.94 21.35
CA ARG B 484 21.25 46.16 20.09
C ARG B 484 22.09 46.91 19.04
N THR B 485 22.83 47.92 19.49
CA THR B 485 23.67 48.74 18.60
C THR B 485 24.94 48.00 18.17
N ASP B 486 25.66 47.44 19.14
CA ASP B 486 26.92 46.75 18.87
C ASP B 486 26.71 45.39 18.20
N GLY B 487 25.56 44.76 18.45
CA GLY B 487 25.27 43.43 17.92
C GLY B 487 26.12 42.34 18.53
N LYS B 488 26.69 42.64 19.70
CA LYS B 488 27.65 41.75 20.36
C LYS B 488 27.60 41.97 21.87
N ILE B 489 27.92 40.92 22.63
CA ILE B 489 28.08 41.03 24.08
C ILE B 489 29.58 41.06 24.41
N SER B 490 30.09 42.27 24.69
CA SER B 490 31.48 42.46 25.06
C SER B 490 31.71 42.08 26.52
N GLU B 491 32.98 42.06 26.95
CA GLU B 491 33.32 41.70 28.33
C GLU B 491 32.67 42.65 29.36
N GLU B 492 32.59 43.93 29.01
CA GLU B 492 31.89 44.92 29.81
C GLU B 492 30.38 44.61 29.87
N SER B 493 29.80 44.25 28.73
CA SER B 493 28.38 43.89 28.65
C SER B 493 28.08 42.58 29.36
N ASP B 494 29.00 41.62 29.26
CA ASP B 494 28.88 40.31 29.88
C ASP B 494 28.92 40.40 31.41
N ALA B 495 29.88 41.18 31.92
CA ALA B 495 30.03 41.38 33.36
C ALA B 495 28.89 42.19 33.97
N LYS B 496 28.41 43.18 33.21
CA LYS B 496 27.29 44.01 33.63
C LYS B 496 25.99 43.20 33.69
N LEU B 497 25.80 42.33 32.71
CA LEU B 497 24.61 41.48 32.63
C LEU B 497 24.65 40.37 33.68
N LYS B 498 25.86 39.93 34.04
CA LYS B 498 26.08 38.94 35.09
C LYS B 498 25.51 39.42 36.43
N GLU B 499 25.77 40.68 36.77
CA GLU B 499 25.33 41.28 38.03
C GLU B 499 23.82 41.47 38.11
N ILE B 500 23.21 41.83 36.97
CA ILE B 500 21.77 42.10 36.90
C ILE B 500 20.94 40.84 37.14
N VAL B 501 21.31 39.75 36.49
CA VAL B 501 20.60 38.47 36.63
C VAL B 501 20.80 37.86 38.01
N THR B 502 22.01 38.02 38.57
CA THR B 502 22.31 37.56 39.92
C THR B 502 21.45 38.28 40.96
N ASN B 503 21.39 39.61 40.85
CA ASN B 503 20.63 40.43 41.79
C ASN B 503 19.12 40.32 41.65
N PHE B 504 18.65 39.98 40.45
CA PHE B 504 17.23 39.75 40.23
C PHE B 504 16.81 38.36 40.70
N LEU B 505 17.68 37.37 40.53
CA LEU B 505 17.43 36.00 40.97
C LEU B 505 17.24 35.93 42.48
N ALA B 506 18.02 36.73 43.21
CA ALA B 506 17.90 36.86 44.66
C ALA B 506 16.62 37.60 45.05
N GLY B 507 16.21 38.55 44.20
CA GLY B 507 14.99 39.32 44.42
C GLY B 507 13.72 38.55 44.08
N PHE B 508 13.79 37.75 43.02
CA PHE B 508 12.67 36.90 42.60
C PHE B 508 12.45 35.80 43.62
N GLU B 509 11.27 35.81 44.25
CA GLU B 509 10.92 34.84 45.27
C GLU B 509 9.96 33.78 44.72
N ALA B 510 8.69 34.15 44.61
CA ALA B 510 7.65 33.23 44.13
C ALA B 510 7.04 33.73 42.82
N THR C 21 11.28 6.38 -65.30
CA THR C 21 10.01 6.80 -64.64
C THR C 21 9.66 5.89 -63.47
N SER C 22 9.56 6.46 -62.27
CA SER C 22 9.27 5.69 -61.06
C SER C 22 7.90 5.98 -60.45
N VAL C 23 7.09 4.93 -60.35
CA VAL C 23 5.80 4.97 -59.65
C VAL C 23 5.77 3.81 -58.65
N ASP C 24 6.82 2.99 -58.67
CA ASP C 24 6.89 1.77 -57.87
C ASP C 24 7.20 2.02 -56.39
N LEU C 25 6.16 2.06 -55.58
CA LEU C 25 6.34 2.11 -54.13
C LEU C 25 6.10 0.73 -53.52
N GLU C 26 6.39 -0.31 -54.31
CA GLU C 26 6.24 -1.69 -53.86
C GLU C 26 7.49 -2.18 -53.14
N GLU C 27 8.65 -1.86 -53.69
CA GLU C 27 9.93 -2.33 -53.15
C GLU C 27 10.65 -1.25 -52.37
N THR C 28 10.17 0.00 -52.49
CA THR C 28 10.74 1.12 -51.76
C THR C 28 9.63 1.97 -51.12
N GLY C 29 10.06 2.87 -50.24
CA GLY C 29 9.16 3.79 -49.58
C GLY C 29 9.85 5.08 -49.20
N ARG C 30 9.12 5.97 -48.54
CA ARG C 30 9.61 7.29 -48.16
C ARG C 30 9.26 7.58 -46.72
N VAL C 31 10.22 8.11 -45.97
CA VAL C 31 10.00 8.48 -44.57
C VAL C 31 8.98 9.62 -44.49
N LEU C 32 7.89 9.37 -43.77
CA LEU C 32 6.88 10.41 -43.50
C LEU C 32 7.29 11.19 -42.27
N SER C 33 7.68 10.47 -41.22
CA SER C 33 8.14 11.07 -39.99
C SER C 33 9.21 10.23 -39.33
N ILE C 34 10.03 10.88 -38.51
CA ILE C 34 11.08 10.20 -37.76
C ILE C 34 11.28 10.84 -36.38
N GLY C 35 11.22 10.01 -35.35
CA GLY C 35 11.38 10.48 -33.99
C GLY C 35 11.49 9.34 -33.01
N ASP C 36 12.38 9.49 -32.04
CA ASP C 36 12.55 8.53 -30.94
C ASP C 36 12.70 7.09 -31.41
N GLY C 37 13.48 6.90 -32.47
CA GLY C 37 13.77 5.57 -33.01
C GLY C 37 12.64 4.92 -33.79
N ILE C 38 11.62 5.69 -34.12
CA ILE C 38 10.51 5.19 -34.94
C ILE C 38 10.39 6.01 -36.21
N ALA C 39 10.51 5.33 -37.35
CA ALA C 39 10.22 5.95 -38.64
C ALA C 39 8.89 5.43 -39.17
N ARG C 40 8.01 6.34 -39.55
CA ARG C 40 6.76 5.98 -40.23
C ARG C 40 7.03 6.13 -41.73
N VAL C 41 6.74 5.08 -42.49
CA VAL C 41 7.13 5.03 -43.90
C VAL C 41 5.93 4.89 -44.83
N HIS C 42 5.87 5.75 -45.85
CA HIS C 42 4.92 5.65 -46.94
C HIS C 42 5.46 4.67 -47.97
N GLY C 43 4.57 3.93 -48.63
CA GLY C 43 4.98 2.95 -49.66
C GLY C 43 5.34 1.60 -49.08
N LEU C 44 6.41 0.99 -49.62
CA LEU C 44 6.88 -0.34 -49.22
C LEU C 44 5.74 -1.35 -49.27
N ARG C 45 4.97 -1.33 -50.35
CA ARG C 45 3.78 -2.15 -50.46
C ARG C 45 4.04 -3.65 -50.32
N ASN C 46 5.23 -4.08 -50.74
CA ASN C 46 5.59 -5.50 -50.71
C ASN C 46 6.38 -5.94 -49.48
N VAL C 47 6.60 -5.04 -48.54
CA VAL C 47 7.37 -5.35 -47.33
C VAL C 47 6.64 -6.40 -46.45
N GLN C 48 7.42 -7.31 -45.87
CA GLN C 48 6.91 -8.36 -44.99
C GLN C 48 6.96 -7.92 -43.54
N ALA C 49 6.11 -8.51 -42.70
CA ALA C 49 6.13 -8.25 -41.27
C ALA C 49 7.46 -8.74 -40.68
N GLU C 50 8.10 -7.87 -39.91
CA GLU C 50 9.40 -8.15 -39.28
C GLU C 50 10.58 -8.13 -40.26
N GLU C 51 10.35 -7.67 -41.49
CA GLU C 51 11.42 -7.59 -42.47
C GLU C 51 12.38 -6.44 -42.17
N MET C 52 13.67 -6.70 -42.33
CA MET C 52 14.69 -5.65 -42.22
C MET C 52 14.69 -4.81 -43.49
N VAL C 53 14.64 -3.49 -43.32
CA VAL C 53 14.69 -2.56 -44.44
C VAL C 53 15.91 -1.66 -44.26
N GLU C 54 16.29 -0.93 -45.32
CA GLU C 54 17.46 -0.05 -45.27
C GLU C 54 17.13 1.40 -45.68
N PHE C 55 17.51 2.34 -44.83
CA PHE C 55 17.32 3.75 -45.11
C PHE C 55 18.40 4.31 -46.04
N SER C 56 18.12 5.47 -46.60
CA SER C 56 19.04 6.19 -47.50
C SER C 56 20.47 6.26 -46.94
N SER C 57 20.58 6.57 -45.65
CA SER C 57 21.88 6.78 -45.00
C SER C 57 22.68 5.50 -44.77
N GLY C 58 22.02 4.35 -44.88
CA GLY C 58 22.66 3.06 -44.63
C GLY C 58 22.13 2.36 -43.39
N LEU C 59 21.45 3.12 -42.52
CA LEU C 59 20.85 2.54 -41.32
C LEU C 59 19.84 1.46 -41.67
N LYS C 60 19.74 0.45 -40.80
CA LYS C 60 18.74 -0.61 -40.95
C LYS C 60 17.62 -0.44 -39.93
N GLY C 61 16.48 -1.04 -40.23
CA GLY C 61 15.34 -1.04 -39.33
C GLY C 61 14.42 -2.22 -39.57
N MET C 62 13.61 -2.56 -38.56
CA MET C 62 12.68 -3.67 -38.66
C MET C 62 11.25 -3.17 -38.81
N SER C 63 10.53 -3.75 -39.77
CA SER C 63 9.15 -3.36 -40.05
C SER C 63 8.18 -4.10 -39.12
N LEU C 64 7.86 -3.47 -38.00
CA LEU C 64 7.05 -4.14 -36.96
C LEU C 64 5.55 -3.85 -37.06
N ASN C 65 5.20 -2.64 -37.51
CA ASN C 65 3.82 -2.26 -37.75
C ASN C 65 3.54 -2.12 -39.24
N LEU C 66 2.74 -3.02 -39.80
CA LEU C 66 2.24 -2.86 -41.16
C LEU C 66 0.82 -2.32 -41.10
N GLU C 67 0.67 -1.03 -41.36
CA GLU C 67 -0.63 -0.38 -41.30
C GLU C 67 -1.11 -0.03 -42.71
N PRO C 68 -2.42 0.22 -42.89
CA PRO C 68 -2.91 0.48 -44.25
C PRO C 68 -2.18 1.60 -45.01
N ASP C 69 -1.78 2.66 -44.32
CA ASP C 69 -1.22 3.84 -44.99
C ASP C 69 0.25 4.09 -44.65
N ASN C 70 0.83 3.24 -43.80
CA ASN C 70 2.22 3.40 -43.40
C ASN C 70 2.83 2.13 -42.82
N VAL C 71 4.16 2.12 -42.74
CA VAL C 71 4.89 1.06 -42.06
C VAL C 71 5.63 1.68 -40.87
N GLY C 72 5.45 1.10 -39.69
CA GLY C 72 6.18 1.51 -38.50
C GLY C 72 7.48 0.74 -38.38
N VAL C 73 8.59 1.46 -38.54
CA VAL C 73 9.92 0.84 -38.57
C VAL C 73 10.74 1.28 -37.36
N VAL C 74 11.26 0.30 -36.62
CA VAL C 74 12.14 0.57 -35.50
C VAL C 74 13.58 0.67 -36.02
N VAL C 75 14.30 1.68 -35.57
CA VAL C 75 15.59 2.04 -36.15
C VAL C 75 16.77 1.47 -35.34
N PHE C 76 17.66 0.76 -36.03
CA PHE C 76 18.85 0.18 -35.41
C PHE C 76 20.01 1.16 -35.43
N GLY C 77 19.89 2.22 -34.63
CA GLY C 77 20.91 3.25 -34.58
C GLY C 77 20.34 4.64 -34.30
N ASN C 78 21.12 5.65 -34.65
CA ASN C 78 20.81 7.04 -34.31
C ASN C 78 19.91 7.70 -35.35
N ASP C 79 18.70 8.09 -34.94
CA ASP C 79 17.74 8.63 -35.91
C ASP C 79 18.09 10.00 -36.52
N LYS C 80 19.15 10.66 -36.04
CA LYS C 80 19.66 11.86 -36.72
C LYS C 80 20.10 11.51 -38.15
N LEU C 81 20.35 10.23 -38.40
CA LEU C 81 20.73 9.74 -39.71
C LEU C 81 19.52 9.48 -40.61
N ILE C 82 18.32 9.79 -40.11
CA ILE C 82 17.10 9.66 -40.90
C ILE C 82 16.35 10.99 -40.95
N LYS C 83 15.87 11.35 -42.14
CA LYS C 83 15.12 12.58 -42.36
C LYS C 83 13.82 12.30 -43.10
N GLU C 84 12.81 13.14 -42.90
CA GLU C 84 11.59 13.10 -43.73
C GLU C 84 11.99 13.14 -45.21
N GLY C 85 11.40 12.26 -46.01
CA GLY C 85 11.68 12.22 -47.44
C GLY C 85 12.75 11.23 -47.86
N ASP C 86 13.52 10.73 -46.88
CA ASP C 86 14.52 9.70 -47.14
C ASP C 86 13.87 8.44 -47.70
N ILE C 87 14.54 7.82 -48.67
CA ILE C 87 14.10 6.55 -49.22
C ILE C 87 14.30 5.44 -48.20
N VAL C 88 13.48 4.40 -48.30
CA VAL C 88 13.59 3.19 -47.51
C VAL C 88 13.46 2.05 -48.51
N LYS C 89 14.34 1.05 -48.39
CA LYS C 89 14.41 -0.02 -49.39
C LYS C 89 14.27 -1.39 -48.74
N ARG C 90 13.56 -2.29 -49.42
CA ARG C 90 13.36 -3.66 -48.94
C ARG C 90 14.66 -4.45 -48.97
N THR C 91 14.86 -5.31 -47.98
CA THR C 91 16.04 -6.19 -47.94
C THR C 91 15.67 -7.58 -48.48
N GLY C 92 14.42 -7.97 -48.25
CA GLY C 92 13.91 -9.25 -48.71
C GLY C 92 13.66 -10.25 -47.59
N ALA C 93 14.34 -10.08 -46.45
CA ALA C 93 14.23 -11.05 -45.35
C ALA C 93 14.37 -10.50 -43.92
N ILE C 94 14.26 -11.41 -42.95
CA ILE C 94 14.38 -11.07 -41.53
C ILE C 94 15.86 -11.08 -41.09
N VAL C 95 16.12 -10.64 -39.86
CA VAL C 95 17.48 -10.50 -39.29
C VAL C 95 18.22 -11.84 -39.12
N ASP C 96 19.54 -11.81 -39.27
CA ASP C 96 20.38 -12.99 -39.04
C ASP C 96 21.78 -12.62 -38.55
N VAL C 97 22.54 -13.60 -38.07
CA VAL C 97 23.83 -13.32 -37.41
C VAL C 97 24.90 -14.36 -37.76
N PRO C 98 26.18 -13.96 -37.67
CA PRO C 98 27.29 -14.90 -37.82
C PRO C 98 27.22 -15.98 -36.74
N VAL C 99 27.54 -17.21 -37.12
CA VAL C 99 27.31 -18.38 -36.27
C VAL C 99 28.40 -19.43 -36.44
N GLY C 100 28.94 -19.91 -35.33
CA GLY C 100 29.98 -20.93 -35.35
C GLY C 100 31.09 -20.72 -34.34
N GLU C 101 32.12 -21.57 -34.42
CA GLU C 101 33.22 -21.58 -33.45
C GLU C 101 34.19 -20.41 -33.60
N GLU C 102 34.06 -19.64 -34.69
CA GLU C 102 34.93 -18.49 -34.94
C GLU C 102 34.62 -17.32 -34.00
N LEU C 103 33.43 -17.35 -33.40
CA LEU C 103 32.99 -16.32 -32.46
C LEU C 103 33.59 -16.52 -31.06
N LEU C 104 34.07 -17.73 -30.79
CA LEU C 104 34.66 -18.04 -29.48
C LEU C 104 35.89 -17.18 -29.23
N GLY C 105 35.94 -16.59 -28.05
CA GLY C 105 37.05 -15.72 -27.66
C GLY C 105 36.85 -14.29 -28.10
N ARG C 106 35.68 -14.00 -28.68
CA ARG C 106 35.41 -12.69 -29.26
C ARG C 106 34.28 -11.94 -28.56
N VAL C 107 34.42 -10.61 -28.52
CA VAL C 107 33.36 -9.73 -28.04
C VAL C 107 32.70 -9.09 -29.24
N VAL C 108 31.40 -9.32 -29.38
CA VAL C 108 30.63 -8.78 -30.52
C VAL C 108 29.45 -7.94 -30.05
N ASP C 109 28.87 -7.18 -30.97
CA ASP C 109 27.66 -6.41 -30.68
C ASP C 109 26.43 -7.27 -30.95
N ALA C 110 25.25 -6.64 -30.98
CA ALA C 110 23.97 -7.35 -31.12
C ALA C 110 23.77 -8.02 -32.47
N LEU C 111 24.63 -7.68 -33.44
CA LEU C 111 24.55 -8.24 -34.79
C LEU C 111 25.80 -9.06 -35.13
N GLY C 112 26.61 -9.36 -34.13
CA GLY C 112 27.81 -10.18 -34.31
C GLY C 112 29.01 -9.45 -34.90
N ASN C 113 28.94 -8.12 -34.96
CA ASN C 113 30.08 -7.32 -35.40
C ASN C 113 31.15 -7.22 -34.30
N ALA C 114 32.41 -7.47 -34.68
CA ALA C 114 33.52 -7.45 -33.73
C ALA C 114 33.73 -6.08 -33.09
N ILE C 115 33.61 -6.01 -31.77
CA ILE C 115 33.78 -4.73 -31.07
C ILE C 115 35.01 -4.75 -30.16
N ASP C 116 35.81 -5.81 -30.28
CA ASP C 116 36.97 -6.03 -29.41
C ASP C 116 38.33 -5.63 -30.00
N GLY C 117 38.30 -5.10 -31.23
CA GLY C 117 39.52 -4.61 -31.89
C GLY C 117 40.46 -5.70 -32.39
N LYS C 118 39.95 -6.93 -32.46
CA LYS C 118 40.77 -8.08 -32.82
C LYS C 118 40.67 -8.44 -34.31
N GLY C 119 39.75 -7.80 -35.03
CA GLY C 119 39.57 -8.03 -36.46
C GLY C 119 38.20 -8.61 -36.80
N PRO C 120 37.80 -8.55 -38.08
CA PRO C 120 36.50 -9.03 -38.56
C PRO C 120 36.20 -10.49 -38.19
N ILE C 121 34.93 -10.79 -37.94
CA ILE C 121 34.48 -12.15 -37.60
C ILE C 121 34.15 -12.94 -38.85
N GLY C 122 34.89 -14.02 -39.10
CA GLY C 122 34.71 -14.81 -40.32
C GLY C 122 34.22 -16.22 -40.11
N SER C 123 32.90 -16.37 -40.00
CA SER C 123 32.26 -17.69 -39.87
C SER C 123 31.80 -18.23 -41.22
N LYS C 124 31.76 -19.56 -41.34
CA LYS C 124 31.27 -20.22 -42.55
C LYS C 124 29.75 -20.42 -42.51
N ALA C 125 29.15 -20.15 -41.36
CA ALA C 125 27.71 -20.33 -41.19
C ALA C 125 27.03 -19.07 -40.62
N ARG C 126 25.78 -18.88 -41.02
CA ARG C 126 24.93 -17.79 -40.52
C ARG C 126 23.64 -18.42 -40.00
N ARG C 127 22.92 -17.67 -39.16
CA ARG C 127 21.64 -18.16 -38.64
C ARG C 127 20.68 -17.02 -38.30
N ARG C 128 19.40 -17.23 -38.64
CA ARG C 128 18.31 -16.29 -38.33
C ARG C 128 18.14 -16.10 -36.80
N VAL C 129 17.73 -14.91 -36.38
CA VAL C 129 17.58 -14.64 -34.94
C VAL C 129 16.20 -14.97 -34.37
N GLY C 130 15.16 -14.93 -35.20
CA GLY C 130 13.79 -15.12 -34.73
C GLY C 130 13.14 -16.49 -34.93
N LEU C 131 13.94 -17.55 -34.90
CA LEU C 131 13.43 -18.93 -35.09
C LEU C 131 12.69 -19.48 -33.87
N LYS C 132 11.62 -20.23 -34.13
CA LYS C 132 10.81 -20.82 -33.07
C LYS C 132 11.51 -22.00 -32.38
N ALA C 133 11.25 -22.15 -31.10
CA ALA C 133 11.79 -23.25 -30.28
C ALA C 133 11.40 -24.64 -30.81
N PRO C 134 12.27 -25.65 -30.62
CA PRO C 134 11.90 -27.02 -30.98
C PRO C 134 10.66 -27.47 -30.22
N GLY C 135 9.82 -28.27 -30.87
CA GLY C 135 8.59 -28.75 -30.26
C GLY C 135 8.84 -29.92 -29.32
N ILE C 136 7.79 -30.70 -29.08
CA ILE C 136 7.88 -31.86 -28.19
C ILE C 136 8.84 -32.94 -28.70
N ILE C 137 8.72 -33.29 -29.98
CA ILE C 137 9.40 -34.48 -30.53
C ILE C 137 10.94 -34.41 -30.58
N PRO C 138 11.51 -33.29 -31.08
CA PRO C 138 12.99 -33.20 -31.14
C PRO C 138 13.70 -33.26 -29.79
N ARG C 139 12.92 -33.30 -28.70
CA ARG C 139 13.45 -33.19 -27.36
C ARG C 139 13.58 -34.52 -26.63
N ILE C 140 14.42 -34.51 -25.59
CA ILE C 140 14.51 -35.59 -24.64
C ILE C 140 14.79 -35.02 -23.25
N SER C 141 14.36 -35.73 -22.20
CA SER C 141 14.46 -35.23 -20.84
C SER C 141 15.88 -34.80 -20.44
N VAL C 142 15.96 -33.68 -19.73
CA VAL C 142 17.22 -33.19 -19.19
C VAL C 142 17.78 -34.22 -18.20
N ARG C 143 19.01 -34.66 -18.44
CA ARG C 143 19.61 -35.76 -17.68
C ARG C 143 21.12 -35.63 -17.47
N GLU C 144 21.74 -34.68 -18.16
CA GLU C 144 23.18 -34.47 -18.06
C GLU C 144 23.45 -33.29 -17.14
N PRO C 145 24.40 -33.44 -16.20
CA PRO C 145 24.77 -32.34 -15.30
C PRO C 145 25.43 -31.15 -15.99
N MET C 146 24.92 -29.95 -15.70
CA MET C 146 25.61 -28.71 -16.05
C MET C 146 26.20 -28.16 -14.76
N GLN C 147 27.47 -28.50 -14.49
CA GLN C 147 28.11 -28.16 -13.23
C GLN C 147 28.50 -26.68 -13.14
N THR C 148 28.05 -26.02 -12.08
CA THR C 148 28.40 -24.62 -11.84
C THR C 148 29.69 -24.50 -11.04
N GLY C 149 29.99 -25.54 -10.27
CA GLY C 149 31.12 -25.53 -9.34
C GLY C 149 30.78 -24.79 -8.05
N ILE C 150 29.52 -24.39 -7.92
CA ILE C 150 29.01 -23.74 -6.71
C ILE C 150 28.25 -24.79 -5.89
N LYS C 151 28.78 -25.10 -4.72
CA LYS C 151 28.23 -26.14 -3.85
C LYS C 151 26.73 -26.02 -3.64
N ALA C 152 26.28 -24.82 -3.27
CA ALA C 152 24.87 -24.57 -2.98
C ALA C 152 23.97 -24.84 -4.19
N VAL C 153 24.42 -24.44 -5.38
CA VAL C 153 23.65 -24.65 -6.61
C VAL C 153 23.64 -26.12 -7.00
N ASP C 154 24.82 -26.72 -7.16
CA ASP C 154 24.95 -28.09 -7.63
C ASP C 154 24.30 -29.13 -6.72
N SER C 155 24.29 -28.87 -5.42
CA SER C 155 23.69 -29.79 -4.45
C SER C 155 22.20 -29.55 -4.20
N LEU C 156 21.80 -28.29 -4.13
CA LEU C 156 20.43 -27.93 -3.72
C LEU C 156 19.48 -27.61 -4.87
N VAL C 157 19.97 -26.93 -5.89
CA VAL C 157 19.14 -26.57 -7.04
C VAL C 157 19.87 -26.89 -8.35
N PRO C 158 20.09 -28.20 -8.61
CA PRO C 158 21.01 -28.62 -9.68
C PRO C 158 20.51 -28.25 -11.07
N ILE C 159 21.45 -27.89 -11.94
CA ILE C 159 21.14 -27.52 -13.31
C ILE C 159 21.64 -28.60 -14.26
N GLY C 160 20.77 -29.02 -15.18
CA GLY C 160 21.14 -29.97 -16.21
C GLY C 160 21.30 -29.31 -17.56
N ARG C 161 21.85 -30.06 -18.52
CA ARG C 161 22.06 -29.53 -19.87
C ARG C 161 20.75 -29.50 -20.66
N GLY C 162 20.37 -28.30 -21.11
CA GLY C 162 19.07 -28.09 -21.76
C GLY C 162 18.06 -27.37 -20.87
N GLN C 163 18.43 -27.18 -19.61
CA GLN C 163 17.57 -26.53 -18.62
C GLN C 163 17.64 -25.00 -18.71
N ARG C 164 16.60 -24.34 -18.23
CA ARG C 164 16.62 -22.90 -18.02
C ARG C 164 16.53 -22.68 -16.50
N GLU C 165 17.50 -21.97 -15.96
CA GLU C 165 17.50 -21.67 -14.53
C GLU C 165 17.76 -20.19 -14.32
N LEU C 166 16.75 -19.51 -13.78
CA LEU C 166 16.80 -18.08 -13.52
C LEU C 166 17.75 -17.74 -12.37
N ILE C 167 18.48 -16.64 -12.52
CA ILE C 167 19.22 -16.04 -11.43
C ILE C 167 18.53 -14.71 -11.10
N ILE C 168 18.04 -14.58 -9.87
CA ILE C 168 17.16 -13.45 -9.53
C ILE C 168 17.49 -12.83 -8.15
N GLY C 169 17.38 -11.51 -8.07
CA GLY C 169 17.68 -10.80 -6.84
C GLY C 169 17.83 -9.31 -7.03
N ASP C 170 17.94 -8.59 -5.92
CA ASP C 170 18.15 -7.15 -5.95
C ASP C 170 19.53 -6.82 -6.52
N ARG C 171 19.75 -5.54 -6.81
CA ARG C 171 21.06 -5.04 -7.20
C ARG C 171 22.13 -5.51 -6.22
N GLN C 172 23.29 -5.85 -6.76
CA GLN C 172 24.47 -6.20 -5.98
C GLN C 172 24.29 -7.33 -4.96
N THR C 173 23.56 -8.37 -5.34
CA THR C 173 23.34 -9.54 -4.50
C THR C 173 24.20 -10.74 -4.92
N GLY C 174 24.85 -10.62 -6.07
CA GLY C 174 25.80 -11.64 -6.54
C GLY C 174 25.36 -12.42 -7.76
N LYS C 175 24.44 -11.85 -8.54
CA LYS C 175 23.81 -12.53 -9.67
C LYS C 175 24.79 -12.86 -10.81
N THR C 176 25.47 -11.84 -11.32
CA THR C 176 26.47 -12.04 -12.38
C THR C 176 27.53 -13.06 -11.93
N SER C 177 27.94 -12.95 -10.67
CA SER C 177 29.00 -13.80 -10.12
C SER C 177 28.69 -15.30 -10.20
N ILE C 178 27.41 -15.65 -10.09
CA ILE C 178 26.98 -17.05 -10.29
C ILE C 178 27.29 -17.50 -11.72
N ALA C 179 26.92 -16.65 -12.68
CA ALA C 179 27.13 -16.94 -14.10
C ALA C 179 28.61 -17.02 -14.44
N ILE C 180 29.41 -16.10 -13.88
CA ILE C 180 30.86 -16.03 -14.12
C ILE C 180 31.61 -17.24 -13.58
N ASP C 181 31.35 -17.60 -12.32
CA ASP C 181 31.90 -18.82 -11.75
C ASP C 181 31.52 -20.06 -12.57
N THR C 182 30.31 -20.06 -13.14
CA THR C 182 29.84 -21.16 -13.98
C THR C 182 30.65 -21.28 -15.28
N ILE C 183 30.85 -20.16 -15.97
CA ILE C 183 31.67 -20.13 -17.19
C ILE C 183 33.09 -20.61 -16.92
N ILE C 184 33.73 -20.01 -15.90
CA ILE C 184 35.09 -20.41 -15.48
C ILE C 184 35.17 -21.89 -15.13
N ASN C 185 34.08 -22.43 -14.59
CA ASN C 185 34.03 -23.86 -14.20
C ASN C 185 34.24 -24.85 -15.35
N GLN C 186 33.89 -24.44 -16.57
CA GLN C 186 33.92 -25.36 -17.71
C GLN C 186 35.31 -25.66 -18.27
N LYS C 187 36.32 -24.91 -17.84
CA LYS C 187 37.71 -25.08 -18.30
C LYS C 187 38.21 -26.51 -18.09
N ARG C 188 37.82 -27.11 -16.96
CA ARG C 188 38.15 -28.48 -16.60
C ARG C 188 37.74 -29.48 -17.69
N PHE C 189 36.60 -29.23 -18.32
CA PHE C 189 36.06 -30.12 -19.34
C PHE C 189 36.55 -29.74 -20.73
N ASN C 190 36.68 -28.44 -20.96
CA ASN C 190 37.02 -27.91 -22.29
C ASN C 190 38.47 -28.13 -22.70
N ASP C 191 39.35 -28.28 -21.72
CA ASP C 191 40.76 -28.59 -21.97
C ASP C 191 40.96 -30.02 -22.44
N GLY C 192 39.98 -30.88 -22.15
CA GLY C 192 40.02 -32.29 -22.53
C GLY C 192 39.70 -32.55 -23.99
N THR C 193 39.48 -33.83 -24.31
CA THR C 193 39.27 -34.26 -25.70
C THR C 193 37.92 -34.95 -25.91
N ASP C 194 37.09 -34.98 -24.86
CA ASP C 194 35.75 -35.54 -24.93
C ASP C 194 34.75 -34.42 -25.23
N GLU C 195 34.27 -34.39 -26.47
CA GLU C 195 33.42 -33.31 -26.98
C GLU C 195 32.01 -33.29 -26.39
N LYS C 196 31.55 -34.44 -25.89
CA LYS C 196 30.22 -34.54 -25.28
C LYS C 196 30.15 -34.03 -23.85
N LYS C 197 31.32 -33.75 -23.26
CA LYS C 197 31.41 -33.24 -21.90
C LYS C 197 31.74 -31.76 -21.87
N LYS C 198 32.16 -31.23 -23.01
CA LYS C 198 32.50 -29.82 -23.16
C LYS C 198 31.25 -28.93 -23.07
N LEU C 199 31.47 -27.68 -22.68
CA LEU C 199 30.39 -26.70 -22.65
C LEU C 199 30.89 -25.35 -23.12
N TYR C 200 30.38 -24.93 -24.28
CA TYR C 200 30.71 -23.63 -24.84
C TYR C 200 29.77 -22.56 -24.29
N CYS C 201 30.34 -21.40 -23.96
CA CYS C 201 29.61 -20.38 -23.20
C CYS C 201 29.33 -19.12 -24.00
N ILE C 202 28.16 -18.53 -23.74
CA ILE C 202 27.77 -17.25 -24.33
C ILE C 202 27.26 -16.31 -23.24
N TYR C 203 27.92 -15.17 -23.11
CA TYR C 203 27.47 -14.14 -22.18
C TYR C 203 26.83 -13.00 -22.95
N VAL C 204 25.53 -12.81 -22.76
CA VAL C 204 24.82 -11.68 -23.37
C VAL C 204 24.61 -10.57 -22.35
N ALA C 205 25.25 -9.43 -22.60
CA ALA C 205 25.08 -8.24 -21.78
C ALA C 205 24.06 -7.31 -22.42
N ILE C 206 22.98 -7.03 -21.70
CA ILE C 206 21.92 -6.15 -22.19
C ILE C 206 21.78 -4.94 -21.27
N GLY C 207 22.01 -3.75 -21.81
CA GLY C 207 21.80 -2.50 -21.07
C GLY C 207 22.85 -2.13 -20.06
N GLN C 208 23.93 -2.90 -19.99
CA GLN C 208 25.03 -2.62 -19.06
C GLN C 208 25.88 -1.48 -19.57
N LYS C 209 26.79 -0.97 -18.74
CA LYS C 209 27.75 0.01 -19.22
C LYS C 209 28.99 -0.68 -19.77
N ARG C 210 29.58 -0.10 -20.81
CA ARG C 210 30.70 -0.70 -21.50
C ARG C 210 31.88 -1.05 -20.61
N SER C 211 32.18 -0.20 -19.63
CA SER C 211 33.31 -0.48 -18.72
C SER C 211 33.09 -1.73 -17.86
N THR C 212 31.84 -1.99 -17.50
CA THR C 212 31.48 -3.20 -16.74
C THR C 212 31.69 -4.44 -17.60
N VAL C 213 31.25 -4.38 -18.85
CA VAL C 213 31.45 -5.49 -19.79
C VAL C 213 32.95 -5.73 -20.01
N ALA C 214 33.73 -4.66 -20.05
CA ALA C 214 35.18 -4.76 -20.24
C ALA C 214 35.87 -5.43 -19.05
N GLN C 215 35.45 -5.08 -17.83
CA GLN C 215 35.98 -5.70 -16.63
C GLN C 215 35.60 -7.17 -16.56
N LEU C 216 34.39 -7.47 -17.02
CA LEU C 216 33.89 -8.84 -17.15
C LEU C 216 34.81 -9.66 -18.07
N VAL C 217 35.14 -9.10 -19.23
CA VAL C 217 35.99 -9.75 -20.22
C VAL C 217 37.42 -9.95 -19.71
N LYS C 218 37.95 -8.96 -18.99
CA LYS C 218 39.28 -9.07 -18.37
C LYS C 218 39.34 -10.25 -17.39
N ARG C 219 38.26 -10.41 -16.61
CA ARG C 219 38.13 -11.51 -15.66
C ARG C 219 38.13 -12.89 -16.36
N LEU C 220 37.37 -12.98 -17.45
CA LEU C 220 37.27 -14.23 -18.20
C LEU C 220 38.55 -14.57 -18.96
N THR C 221 39.31 -13.55 -19.34
CA THR C 221 40.58 -13.74 -20.02
C THR C 221 41.66 -14.19 -19.04
N ASP C 222 41.69 -13.58 -17.86
CA ASP C 222 42.67 -13.93 -16.82
C ASP C 222 42.51 -15.35 -16.30
N ALA C 223 41.27 -15.85 -16.32
CA ALA C 223 40.96 -17.20 -15.90
C ALA C 223 41.10 -18.19 -17.06
N ASP C 224 41.54 -17.66 -18.21
CA ASP C 224 41.67 -18.42 -19.46
C ASP C 224 40.36 -19.09 -19.87
N ALA C 225 39.27 -18.35 -19.75
CA ALA C 225 37.93 -18.85 -20.03
C ALA C 225 37.34 -18.26 -21.31
N MET C 226 37.85 -17.11 -21.74
CA MET C 226 37.36 -16.43 -22.94
C MET C 226 37.46 -17.29 -24.20
N LYS C 227 38.48 -18.15 -24.25
CA LYS C 227 38.74 -19.00 -25.41
C LYS C 227 37.56 -19.89 -25.82
N TYR C 228 36.68 -20.20 -24.87
CA TYR C 228 35.47 -20.97 -25.16
C TYR C 228 34.19 -20.15 -24.90
N THR C 229 34.35 -18.83 -24.84
CA THR C 229 33.22 -17.93 -24.55
C THR C 229 33.02 -16.90 -25.65
N ILE C 230 31.77 -16.74 -26.08
CA ILE C 230 31.34 -15.61 -26.91
C ILE C 230 30.68 -14.56 -26.03
N VAL C 231 31.15 -13.31 -26.13
CA VAL C 231 30.47 -12.20 -25.45
C VAL C 231 29.66 -11.39 -26.47
N VAL C 232 28.34 -11.34 -26.23
CA VAL C 232 27.41 -10.57 -27.06
C VAL C 232 26.94 -9.37 -26.23
N SER C 233 27.23 -8.16 -26.71
CA SER C 233 26.98 -6.97 -25.90
C SER C 233 26.16 -5.90 -26.59
N ALA C 234 24.95 -5.67 -26.07
CA ALA C 234 24.17 -4.48 -26.42
C ALA C 234 24.06 -3.57 -25.19
N THR C 235 24.88 -2.54 -25.16
CA THR C 235 25.05 -1.72 -23.96
C THR C 235 24.05 -0.57 -23.84
N ALA C 236 24.21 0.20 -22.76
CA ALA C 236 23.27 1.26 -22.36
C ALA C 236 23.04 2.39 -23.38
N SER C 237 24.05 2.69 -24.18
CA SER C 237 23.93 3.73 -25.20
C SER C 237 23.60 3.15 -26.59
N ASP C 238 23.46 1.83 -26.70
CA ASP C 238 22.92 1.22 -27.92
C ASP C 238 21.43 1.47 -27.99
N ALA C 239 20.91 1.70 -29.20
CA ALA C 239 19.48 1.94 -29.42
C ALA C 239 18.64 0.78 -28.89
N ALA C 240 17.42 1.09 -28.47
CA ALA C 240 16.51 0.11 -27.87
C ALA C 240 16.30 -1.17 -28.69
N PRO C 241 16.19 -1.05 -30.04
CA PRO C 241 16.09 -2.27 -30.86
C PRO C 241 17.28 -3.21 -30.73
N LEU C 242 18.48 -2.66 -30.56
CA LEU C 242 19.66 -3.50 -30.42
C LEU C 242 19.65 -4.28 -29.11
N GLN C 243 19.21 -3.63 -28.03
CA GLN C 243 19.10 -4.28 -26.71
C GLN C 243 18.00 -5.34 -26.68
N TYR C 244 16.86 -5.02 -27.28
CA TYR C 244 15.77 -5.97 -27.51
C TYR C 244 16.26 -7.21 -28.29
N LEU C 245 17.10 -6.98 -29.30
CA LEU C 245 17.56 -8.05 -30.18
C LEU C 245 18.65 -8.93 -29.59
N ALA C 246 19.54 -8.35 -28.79
CA ALA C 246 20.75 -9.05 -28.34
C ALA C 246 20.55 -10.48 -27.77
N PRO C 247 19.53 -10.68 -26.89
CA PRO C 247 19.29 -12.04 -26.38
C PRO C 247 18.98 -13.08 -27.46
N TYR C 248 18.16 -12.71 -28.45
CA TYR C 248 17.82 -13.60 -29.56
C TYR C 248 19.02 -13.93 -30.42
N SER C 249 19.89 -12.95 -30.64
CA SER C 249 21.10 -13.13 -31.46
C SER C 249 22.09 -14.06 -30.77
N GLY C 250 22.28 -13.85 -29.47
CA GLY C 250 23.10 -14.72 -28.64
C GLY C 250 22.55 -16.13 -28.64
N CYS C 251 21.21 -16.23 -28.55
CA CYS C 251 20.49 -17.51 -28.58
C CYS C 251 20.74 -18.27 -29.87
N SER C 252 20.86 -17.54 -30.98
CA SER C 252 21.08 -18.15 -32.29
C SER C 252 22.51 -18.72 -32.38
N MET C 253 23.47 -18.00 -31.81
CA MET C 253 24.83 -18.48 -31.70
C MET C 253 24.93 -19.76 -30.87
N GLY C 254 24.11 -19.85 -29.82
CA GLY C 254 24.07 -21.03 -28.96
C GLY C 254 23.35 -22.21 -29.58
N GLU C 255 22.33 -21.92 -30.39
CA GLU C 255 21.57 -22.96 -31.11
C GLU C 255 22.41 -23.65 -32.17
N TYR C 256 23.50 -23.03 -32.59
CA TYR C 256 24.46 -23.65 -33.50
C TYR C 256 25.06 -24.89 -32.86
N PHE C 257 25.53 -24.74 -31.62
CA PHE C 257 26.11 -25.86 -30.87
C PHE C 257 25.06 -26.90 -30.57
N ARG C 258 23.87 -26.43 -30.18
CA ARG C 258 22.73 -27.28 -29.82
C ARG C 258 22.34 -28.22 -30.96
N ASP C 259 22.31 -27.71 -32.19
CA ASP C 259 21.86 -28.47 -33.34
C ASP C 259 22.98 -29.27 -34.02
N ASN C 260 24.20 -29.16 -33.50
CA ASN C 260 25.36 -29.88 -34.04
C ASN C 260 26.02 -30.82 -33.02
N GLY C 261 25.21 -31.38 -32.13
CA GLY C 261 25.67 -32.38 -31.16
C GLY C 261 26.63 -31.88 -30.10
N LYS C 262 26.64 -30.56 -29.89
CA LYS C 262 27.48 -29.94 -28.88
C LYS C 262 26.61 -29.28 -27.81
N HIS C 263 27.25 -28.82 -26.74
CA HIS C 263 26.54 -28.24 -25.62
C HIS C 263 27.00 -26.81 -25.33
N ALA C 264 26.02 -25.90 -25.27
CA ALA C 264 26.29 -24.50 -25.02
C ALA C 264 25.53 -23.99 -23.79
N LEU C 265 26.11 -22.99 -23.14
CA LEU C 265 25.46 -22.31 -22.03
C LEU C 265 25.32 -20.85 -22.41
N ILE C 266 24.13 -20.28 -22.19
CA ILE C 266 23.89 -18.87 -22.48
C ILE C 266 23.37 -18.13 -21.24
N ILE C 267 23.95 -16.96 -21.01
CA ILE C 267 23.56 -16.10 -19.91
C ILE C 267 22.95 -14.83 -20.49
N TYR C 268 21.76 -14.47 -20.02
CA TYR C 268 21.12 -13.22 -20.42
C TYR C 268 21.17 -12.23 -19.25
N ASP C 269 22.13 -11.32 -19.33
CA ASP C 269 22.40 -10.36 -18.26
C ASP C 269 22.14 -8.89 -18.68
N ASP C 270 20.92 -8.39 -18.47
CA ASP C 270 19.82 -9.11 -17.84
C ASP C 270 18.51 -8.91 -18.60
N LEU C 271 17.51 -9.74 -18.31
CA LEU C 271 16.23 -9.65 -19.02
C LEU C 271 15.33 -8.51 -18.57
N SER C 272 15.60 -7.97 -17.37
CA SER C 272 14.91 -6.78 -16.90
C SER C 272 15.19 -5.61 -17.82
N LYS C 273 16.45 -5.42 -18.20
CA LYS C 273 16.83 -4.34 -19.09
C LYS C 273 16.34 -4.56 -20.53
N GLN C 274 16.28 -5.81 -20.98
CA GLN C 274 15.68 -6.11 -22.29
C GLN C 274 14.19 -5.74 -22.31
N ALA C 275 13.47 -6.05 -21.24
CA ALA C 275 12.04 -5.72 -21.13
C ALA C 275 11.82 -4.20 -21.18
N VAL C 276 12.72 -3.46 -20.55
CA VAL C 276 12.67 -1.99 -20.56
C VAL C 276 12.89 -1.41 -21.97
N ALA C 277 13.86 -1.96 -22.70
CA ALA C 277 14.13 -1.53 -24.08
C ALA C 277 12.94 -1.86 -25.00
N TYR C 278 12.36 -3.04 -24.80
CA TYR C 278 11.17 -3.45 -25.55
C TYR C 278 9.94 -2.59 -25.20
N ARG C 279 9.80 -2.23 -23.92
CA ARG C 279 8.72 -1.33 -23.51
C ARG C 279 8.79 0.02 -24.23
N GLN C 280 9.98 0.59 -24.31
CA GLN C 280 10.20 1.85 -25.03
C GLN C 280 9.72 1.74 -26.48
N MET C 281 10.24 0.74 -27.20
CA MET C 281 9.92 0.56 -28.61
C MET C 281 8.42 0.49 -28.82
N SER C 282 7.77 -0.29 -27.96
CA SER C 282 6.35 -0.59 -28.05
C SER C 282 5.49 0.65 -27.79
N LEU C 283 5.85 1.42 -26.75
CA LEU C 283 5.17 2.69 -26.45
C LEU C 283 5.33 3.70 -27.57
N LEU C 284 6.50 3.70 -28.21
CA LEU C 284 6.78 4.65 -29.28
C LEU C 284 6.19 4.23 -30.63
N LEU C 285 5.93 2.94 -30.79
CA LEU C 285 5.14 2.43 -31.91
C LEU C 285 3.64 2.69 -31.67
N ARG C 286 3.34 3.30 -30.52
CA ARG C 286 1.98 3.66 -30.13
C ARG C 286 1.09 2.46 -29.81
N ARG C 287 1.72 1.31 -29.53
CA ARG C 287 1.01 0.13 -29.02
C ARG C 287 0.66 0.43 -27.56
N PRO C 288 -0.63 0.31 -27.20
CA PRO C 288 -1.08 0.74 -25.87
C PRO C 288 -0.49 -0.11 -24.75
N PRO C 289 -0.01 0.54 -23.67
CA PRO C 289 0.61 -0.13 -22.52
C PRO C 289 -0.35 -0.99 -21.70
N GLY C 290 0.23 -1.95 -20.97
CA GLY C 290 -0.52 -2.76 -20.01
C GLY C 290 0.06 -2.56 -18.62
N ARG C 291 0.03 -3.61 -17.79
CA ARG C 291 0.57 -3.55 -16.42
C ARG C 291 1.95 -2.92 -16.39
N GLU C 292 2.11 -1.91 -15.52
CA GLU C 292 3.40 -1.23 -15.30
C GLU C 292 3.98 -0.61 -16.58
N ALA C 293 3.08 -0.25 -17.50
CA ALA C 293 3.41 0.33 -18.79
C ALA C 293 4.13 -0.61 -19.77
N TYR C 294 4.39 -1.85 -19.33
CA TYR C 294 4.96 -2.87 -20.20
C TYR C 294 3.93 -3.32 -21.26
N PRO C 295 4.41 -3.77 -22.43
CA PRO C 295 3.48 -4.14 -23.49
C PRO C 295 2.67 -5.38 -23.09
N GLY C 296 1.49 -5.53 -23.68
CA GLY C 296 0.57 -6.62 -23.32
C GLY C 296 1.17 -8.01 -23.38
N ASP C 297 2.17 -8.17 -24.24
CA ASP C 297 2.84 -9.45 -24.47
C ASP C 297 4.30 -9.41 -24.01
N VAL C 298 4.54 -8.86 -22.82
CA VAL C 298 5.88 -8.86 -22.24
C VAL C 298 6.30 -10.27 -21.79
N PHE C 299 5.32 -11.09 -21.39
CA PHE C 299 5.56 -12.50 -21.09
C PHE C 299 6.10 -13.23 -22.32
N TYR C 300 5.42 -13.05 -23.45
CA TYR C 300 5.74 -13.74 -24.70
C TYR C 300 7.14 -13.36 -25.20
N LEU C 301 7.56 -12.12 -24.93
CA LEU C 301 8.91 -11.68 -25.24
C LEU C 301 9.97 -12.61 -24.65
N HIS C 302 9.79 -12.96 -23.38
CA HIS C 302 10.76 -13.81 -22.67
C HIS C 302 10.51 -15.30 -22.84
N SER C 303 9.24 -15.68 -22.99
CA SER C 303 8.90 -17.09 -23.13
C SER C 303 9.35 -17.69 -24.46
N ARG C 304 9.29 -16.93 -25.55
CA ARG C 304 9.76 -17.41 -26.84
C ARG C 304 11.30 -17.54 -26.88
N LEU C 305 11.99 -16.62 -26.20
CA LEU C 305 13.45 -16.67 -26.08
C LEU C 305 13.92 -17.89 -25.29
N LEU C 306 13.31 -18.08 -24.12
CA LEU C 306 13.76 -19.09 -23.16
C LEU C 306 13.38 -20.53 -23.53
N GLU C 307 12.28 -20.67 -24.28
CA GLU C 307 11.86 -21.98 -24.82
C GLU C 307 12.86 -22.58 -25.80
N ARG C 308 13.72 -21.74 -26.35
CA ARG C 308 14.69 -22.15 -27.35
C ARG C 308 15.89 -22.84 -26.71
N ALA C 309 16.09 -22.61 -25.41
CA ALA C 309 16.99 -23.43 -24.63
C ALA C 309 16.30 -24.79 -24.49
N ALA C 310 16.99 -25.83 -24.90
CA ALA C 310 16.40 -27.18 -24.94
C ALA C 310 17.46 -28.27 -25.01
N LYS C 311 17.08 -29.47 -24.58
CA LYS C 311 17.90 -30.67 -24.74
C LYS C 311 17.34 -31.48 -25.92
N MET C 312 18.22 -31.84 -26.86
CA MET C 312 17.83 -32.52 -28.08
C MET C 312 17.98 -34.02 -27.94
N ASN C 313 17.05 -34.78 -28.51
CA ASN C 313 17.22 -36.24 -28.56
C ASN C 313 18.36 -36.63 -29.50
N ASP C 314 18.73 -37.91 -29.51
CA ASP C 314 19.87 -38.40 -30.29
C ASP C 314 19.66 -38.25 -31.80
N ALA C 315 18.40 -38.30 -32.25
CA ALA C 315 18.05 -38.09 -33.66
C ALA C 315 18.48 -36.72 -34.15
N PHE C 316 18.42 -35.73 -33.27
CA PHE C 316 18.75 -34.35 -33.61
C PHE C 316 20.16 -33.97 -33.17
N GLY C 317 20.96 -34.97 -32.80
CA GLY C 317 22.37 -34.76 -32.44
C GLY C 317 22.70 -34.94 -30.96
N GLY C 318 21.67 -34.90 -30.10
CA GLY C 318 21.87 -35.05 -28.66
C GLY C 318 22.44 -33.82 -27.98
N GLY C 319 22.60 -32.74 -28.73
CA GLY C 319 23.14 -31.48 -28.21
C GLY C 319 22.19 -30.74 -27.28
N SER C 320 22.65 -29.63 -26.73
CA SER C 320 21.84 -28.85 -25.80
C SER C 320 22.23 -27.38 -25.75
N LEU C 321 21.28 -26.57 -25.30
CA LEU C 321 21.54 -25.18 -24.94
C LEU C 321 20.91 -24.92 -23.57
N THR C 322 21.75 -24.57 -22.60
CA THR C 322 21.31 -24.25 -21.24
C THR C 322 21.27 -22.72 -21.09
N ALA C 323 20.18 -22.20 -20.51
CA ALA C 323 20.05 -20.75 -20.31
C ALA C 323 20.03 -20.33 -18.85
N LEU C 324 20.83 -19.33 -18.52
CA LEU C 324 20.77 -18.68 -17.22
C LEU C 324 20.34 -17.22 -17.41
N PRO C 325 19.02 -16.97 -17.51
CA PRO C 325 18.55 -15.59 -17.55
C PRO C 325 18.67 -14.94 -16.18
N VAL C 326 18.83 -13.62 -16.18
CA VAL C 326 19.01 -12.84 -14.97
C VAL C 326 17.87 -11.83 -14.88
N ILE C 327 17.27 -11.74 -13.70
CA ILE C 327 16.22 -10.76 -13.41
C ILE C 327 16.60 -9.95 -12.16
N GLU C 328 16.49 -8.63 -12.25
CA GLU C 328 16.73 -7.78 -11.10
C GLU C 328 15.40 -7.42 -10.42
N THR C 329 15.29 -7.77 -9.15
CA THR C 329 14.11 -7.39 -8.35
C THR C 329 14.36 -6.03 -7.71
N GLN C 330 13.29 -5.44 -7.17
CA GLN C 330 13.38 -4.18 -6.43
C GLN C 330 12.90 -4.45 -5.02
N ALA C 331 13.70 -4.07 -4.03
CA ALA C 331 13.38 -4.30 -2.61
C ALA C 331 13.11 -5.77 -2.26
N GLY C 332 13.67 -6.69 -3.04
CA GLY C 332 13.63 -8.12 -2.73
C GLY C 332 12.29 -8.82 -2.95
N ASP C 333 11.46 -8.24 -3.82
CA ASP C 333 10.12 -8.76 -4.04
C ASP C 333 10.09 -9.79 -5.17
N VAL C 334 10.44 -11.05 -4.85
CA VAL C 334 10.37 -12.16 -5.82
C VAL C 334 8.97 -12.38 -6.37
N SER C 335 7.97 -11.93 -5.62
CA SER C 335 6.57 -12.14 -5.95
C SER C 335 5.99 -11.06 -6.86
N ALA C 336 6.84 -10.22 -7.44
CA ALA C 336 6.39 -9.14 -8.33
C ALA C 336 5.95 -9.64 -9.72
N TYR C 337 5.36 -8.74 -10.51
CA TYR C 337 4.82 -9.09 -11.83
C TYR C 337 5.85 -9.72 -12.76
N ILE C 338 6.84 -8.94 -13.21
CA ILE C 338 7.84 -9.40 -14.17
C ILE C 338 8.72 -10.57 -13.66
N PRO C 339 9.21 -10.48 -12.40
CA PRO C 339 9.84 -11.65 -11.78
C PRO C 339 9.03 -12.94 -11.86
N THR C 340 7.76 -12.94 -11.41
CA THR C 340 6.93 -14.16 -11.46
C THR C 340 6.61 -14.58 -12.91
N ASN C 341 6.57 -13.61 -13.83
CA ASN C 341 6.48 -13.91 -15.26
C ASN C 341 7.62 -14.80 -15.70
N VAL C 342 8.85 -14.37 -15.38
CA VAL C 342 10.05 -15.12 -15.75
C VAL C 342 10.25 -16.38 -14.90
N ILE C 343 9.94 -16.32 -13.60
CA ILE C 343 9.93 -17.55 -12.78
C ILE C 343 8.97 -18.57 -13.41
N SER C 344 7.85 -18.09 -13.94
CA SER C 344 6.85 -18.97 -14.55
C SER C 344 7.24 -19.50 -15.94
N ILE C 345 8.40 -19.09 -16.45
CA ILE C 345 8.94 -19.61 -17.71
C ILE C 345 10.03 -20.65 -17.46
N THR C 346 10.99 -20.29 -16.60
CA THR C 346 12.19 -21.11 -16.38
C THR C 346 11.93 -22.41 -15.61
N ASP C 347 12.90 -23.30 -15.63
CA ASP C 347 12.83 -24.59 -14.93
C ASP C 347 13.43 -24.47 -13.53
N GLY C 348 13.13 -23.37 -12.86
CA GLY C 348 13.68 -23.10 -11.55
C GLY C 348 14.35 -21.75 -11.46
N GLN C 349 14.78 -21.40 -10.26
CA GLN C 349 15.41 -20.11 -10.01
C GLN C 349 16.35 -20.17 -8.81
N ILE C 350 17.39 -19.35 -8.87
CA ILE C 350 18.31 -19.16 -7.76
C ILE C 350 18.01 -17.75 -7.23
N PHE C 351 17.45 -17.69 -6.01
CA PHE C 351 17.06 -16.40 -5.44
C PHE C 351 18.10 -15.89 -4.44
N LEU C 352 18.65 -14.71 -4.71
CA LEU C 352 19.69 -14.09 -3.89
C LEU C 352 19.13 -12.89 -3.11
N GLU C 353 19.58 -12.72 -1.88
CA GLU C 353 19.10 -11.65 -0.98
C GLU C 353 20.22 -10.90 -0.30
N THR C 354 20.04 -9.58 -0.19
CA THR C 354 20.99 -8.69 0.50
C THR C 354 21.19 -9.06 1.96
N GLU C 355 20.10 -9.37 2.66
CA GLU C 355 20.14 -9.78 4.07
C GLU C 355 21.12 -10.92 4.28
N LEU C 356 20.96 -11.98 3.49
CA LEU C 356 21.82 -13.15 3.55
C LEU C 356 23.25 -12.78 3.21
N PHE C 357 23.40 -12.00 2.14
CA PHE C 357 24.70 -11.53 1.68
C PHE C 357 25.52 -10.91 2.80
N TYR C 358 24.94 -9.95 3.51
CA TYR C 358 25.67 -9.25 4.58
C TYR C 358 25.81 -10.05 5.88
N LYS C 359 24.94 -11.05 6.07
CA LYS C 359 25.07 -11.98 7.20
C LYS C 359 26.28 -12.91 7.04
N GLY C 360 26.88 -12.89 5.86
CA GLY C 360 27.99 -13.78 5.54
C GLY C 360 27.57 -15.01 4.76
N ILE C 361 26.27 -15.10 4.45
CA ILE C 361 25.76 -16.16 3.57
C ILE C 361 26.07 -15.76 2.13
N ARG C 362 27.25 -16.15 1.66
CA ARG C 362 27.66 -15.93 0.28
C ARG C 362 28.18 -17.26 -0.27
N PRO C 363 27.64 -17.71 -1.42
CA PRO C 363 26.60 -17.06 -2.23
C PRO C 363 25.30 -16.88 -1.44
N ALA C 364 24.64 -15.75 -1.67
CA ALA C 364 23.50 -15.31 -0.87
C ALA C 364 22.17 -15.99 -1.25
N ILE C 365 22.21 -17.31 -1.38
CA ILE C 365 21.07 -18.09 -1.86
C ILE C 365 20.04 -18.38 -0.76
N ASN C 366 18.81 -17.94 -0.99
CA ASN C 366 17.68 -18.36 -0.17
C ASN C 366 17.23 -19.75 -0.58
N VAL C 367 17.43 -20.74 0.28
CA VAL C 367 17.19 -22.13 -0.07
C VAL C 367 15.71 -22.43 -0.31
N GLY C 368 14.85 -22.02 0.63
CA GLY C 368 13.42 -22.31 0.56
C GLY C 368 12.74 -21.70 -0.66
N LEU C 369 13.22 -20.53 -1.07
CA LEU C 369 12.63 -19.81 -2.19
C LEU C 369 13.23 -20.16 -3.54
N SER C 370 14.39 -20.82 -3.54
CA SER C 370 15.03 -21.30 -4.76
C SER C 370 14.51 -22.69 -5.07
N VAL C 371 14.40 -23.02 -6.35
CA VAL C 371 14.03 -24.38 -6.78
C VAL C 371 14.77 -24.79 -8.06
N SER C 372 14.86 -26.11 -8.27
CA SER C 372 15.19 -26.67 -9.57
C SER C 372 14.03 -27.58 -9.96
N ARG C 373 13.56 -27.45 -11.21
CA ARG C 373 12.44 -28.25 -11.69
C ARG C 373 12.88 -29.54 -12.38
N VAL C 374 14.20 -29.75 -12.43
CA VAL C 374 14.76 -31.01 -12.94
C VAL C 374 15.23 -31.93 -11.79
N GLY C 375 15.76 -31.33 -10.73
CA GLY C 375 16.12 -32.08 -9.52
C GLY C 375 17.29 -33.03 -9.69
N SER C 376 17.21 -34.19 -9.04
CA SER C 376 18.34 -35.12 -8.97
C SER C 376 18.72 -35.75 -10.30
N ALA C 377 17.80 -35.68 -11.28
CA ALA C 377 18.06 -36.17 -12.64
C ALA C 377 19.23 -35.43 -13.30
N ALA C 378 19.53 -34.23 -12.81
CA ALA C 378 20.63 -33.42 -13.32
C ALA C 378 21.91 -33.54 -12.49
N GLN C 379 21.94 -34.53 -11.59
CA GLN C 379 23.10 -34.74 -10.71
C GLN C 379 23.81 -36.05 -10.98
N THR C 380 25.11 -36.10 -10.72
CA THR C 380 25.85 -37.37 -10.67
C THR C 380 25.35 -38.17 -9.48
N ARG C 381 25.44 -39.50 -9.56
CA ARG C 381 25.01 -40.37 -8.46
C ARG C 381 25.70 -39.99 -7.15
N ALA C 382 26.99 -39.68 -7.21
CA ALA C 382 27.75 -39.23 -6.04
C ALA C 382 27.10 -38.04 -5.33
N MET C 383 26.74 -37.00 -6.08
CA MET C 383 26.05 -35.84 -5.52
C MET C 383 24.64 -36.18 -5.02
N LYS C 384 23.94 -37.02 -5.78
CA LYS C 384 22.61 -37.47 -5.40
C LYS C 384 22.65 -38.26 -4.08
N GLN C 385 23.72 -39.03 -3.87
CA GLN C 385 23.94 -39.75 -2.62
C GLN C 385 24.04 -38.82 -1.40
N VAL C 386 24.88 -37.78 -1.51
CA VAL C 386 25.13 -36.88 -0.38
C VAL C 386 24.11 -35.73 -0.19
N ALA C 387 23.42 -35.35 -1.26
CA ALA C 387 22.52 -34.20 -1.21
C ALA C 387 21.06 -34.53 -1.46
N GLY C 388 20.73 -35.81 -1.50
CA GLY C 388 19.38 -36.29 -1.85
C GLY C 388 18.19 -35.68 -1.11
N THR C 389 18.34 -35.49 0.20
CA THR C 389 17.25 -34.98 1.03
C THR C 389 17.55 -33.60 1.65
N MET C 390 18.72 -33.05 1.31
CA MET C 390 19.26 -31.87 1.98
C MET C 390 18.42 -30.59 1.77
N LYS C 391 17.82 -30.42 0.59
CA LYS C 391 17.07 -29.19 0.30
C LYS C 391 15.84 -29.02 1.18
N LEU C 392 15.04 -30.08 1.29
CA LEU C 392 13.83 -30.05 2.12
C LEU C 392 14.21 -29.94 3.60
N GLU C 393 15.30 -30.61 3.96
CA GLU C 393 15.85 -30.61 5.31
C GLU C 393 16.30 -29.21 5.75
N LEU C 394 16.96 -28.49 4.86
CA LEU C 394 17.43 -27.13 5.15
C LEU C 394 16.28 -26.12 5.19
N ALA C 395 15.26 -26.38 4.38
CA ALA C 395 14.01 -25.59 4.43
C ALA C 395 13.33 -25.76 5.77
N GLN C 396 13.26 -27.00 6.24
CA GLN C 396 12.69 -27.28 7.57
C GLN C 396 13.55 -26.72 8.71
N TYR C 397 14.87 -26.76 8.54
CA TYR C 397 15.79 -26.21 9.54
C TYR C 397 15.56 -24.71 9.79
N ARG C 398 15.38 -23.94 8.72
CA ARG C 398 15.16 -22.51 8.82
C ARG C 398 13.83 -22.15 9.52
N GLU C 399 12.82 -22.98 9.34
CA GLU C 399 11.53 -22.83 10.02
C GLU C 399 11.69 -23.06 11.52
N VAL C 400 12.42 -24.12 11.88
CA VAL C 400 12.62 -24.48 13.28
C VAL C 400 13.56 -23.48 13.97
N ALA C 401 14.56 -22.99 13.24
CA ALA C 401 15.46 -21.96 13.76
C ALA C 401 14.69 -20.70 14.16
N ALA C 402 13.81 -20.25 13.28
CA ALA C 402 12.96 -19.08 13.54
C ALA C 402 12.02 -19.30 14.72
N PHE C 403 11.45 -20.51 14.81
CA PHE C 403 10.51 -20.84 15.87
C PHE C 403 11.17 -21.00 17.25
N ALA C 404 12.40 -21.50 17.26
CA ALA C 404 13.11 -21.76 18.52
C ALA C 404 13.95 -20.58 19.01
N GLN C 405 13.81 -19.42 18.36
CA GLN C 405 14.66 -18.24 18.64
C GLN C 405 14.86 -17.93 20.13
N PHE C 406 13.79 -18.02 20.90
CA PHE C 406 13.86 -17.91 22.36
C PHE C 406 14.34 -19.21 22.99
N GLY C 407 15.25 -19.11 23.95
CA GLY C 407 15.86 -20.28 24.60
C GLY C 407 14.92 -21.05 25.51
N SER C 408 13.82 -21.54 24.94
CA SER C 408 12.87 -22.38 25.66
C SER C 408 13.22 -23.85 25.46
N ASP C 409 12.98 -24.65 26.50
CA ASP C 409 13.30 -26.09 26.51
C ASP C 409 12.98 -26.79 25.18
N LEU C 410 14.02 -27.25 24.50
CA LEU C 410 13.91 -27.97 23.23
C LEU C 410 14.34 -29.41 23.38
N ASP C 411 13.64 -30.33 22.73
CA ASP C 411 13.99 -31.75 22.77
C ASP C 411 15.27 -32.04 21.97
N ALA C 412 15.83 -33.22 22.16
CA ALA C 412 17.08 -33.63 21.52
C ALA C 412 17.00 -33.64 19.99
N ALA C 413 15.85 -34.08 19.47
CA ALA C 413 15.64 -34.17 18.03
C ALA C 413 15.66 -32.80 17.33
N THR C 414 15.00 -31.81 17.93
CA THR C 414 15.01 -30.46 17.38
C THR C 414 16.39 -29.82 17.50
N GLN C 415 17.08 -30.07 18.62
CA GLN C 415 18.44 -29.58 18.83
C GLN C 415 19.39 -30.15 17.79
N GLN C 416 19.23 -31.44 17.49
CA GLN C 416 20.03 -32.11 16.46
C GLN C 416 19.76 -31.53 15.07
N LEU C 417 18.48 -31.27 14.80
CA LEU C 417 18.06 -30.66 13.55
C LEU C 417 18.66 -29.27 13.40
N LEU C 418 18.73 -28.54 14.51
CA LEU C 418 19.33 -27.21 14.51
C LEU C 418 20.85 -27.28 14.36
N SER C 419 21.48 -28.18 15.10
CA SER C 419 22.93 -28.39 15.02
C SER C 419 23.35 -28.72 13.60
N ARG C 420 22.69 -29.70 12.99
CA ARG C 420 23.00 -30.12 11.63
C ARG C 420 22.84 -28.97 10.63
N GLY C 421 21.68 -28.31 10.68
CA GLY C 421 21.34 -27.22 9.76
C GLY C 421 22.30 -26.05 9.78
N VAL C 422 22.74 -25.66 10.98
CA VAL C 422 23.71 -24.58 11.18
C VAL C 422 25.04 -24.92 10.51
N ARG C 423 25.45 -26.18 10.63
CA ARG C 423 26.73 -26.62 10.12
C ARG C 423 26.73 -26.78 8.60
N LEU C 424 25.62 -27.29 8.06
CA LEU C 424 25.43 -27.39 6.60
C LEU C 424 25.37 -26.01 5.94
N THR C 425 24.78 -25.05 6.66
CA THR C 425 24.70 -23.67 6.19
C THR C 425 26.11 -23.09 6.00
N GLU C 426 26.99 -23.33 6.97
CA GLU C 426 28.39 -22.91 6.89
C GLU C 426 29.11 -23.58 5.72
N LEU C 427 28.82 -24.87 5.50
CA LEU C 427 29.42 -25.65 4.41
C LEU C 427 29.10 -25.13 3.01
N LEU C 428 27.92 -24.54 2.86
CA LEU C 428 27.46 -24.06 1.55
C LEU C 428 27.93 -22.64 1.24
N LYS C 429 28.59 -22.01 2.21
CA LYS C 429 29.27 -20.74 1.98
C LYS C 429 30.46 -21.03 1.08
N GLN C 430 30.70 -20.15 0.09
CA GLN C 430 31.76 -20.36 -0.88
C GLN C 430 32.29 -19.03 -1.40
N GLY C 431 33.60 -18.97 -1.62
CA GLY C 431 34.22 -17.77 -2.20
C GLY C 431 33.99 -17.65 -3.70
N GLN C 432 34.59 -16.63 -4.30
CA GLN C 432 34.46 -16.39 -5.74
C GLN C 432 35.67 -16.87 -6.53
N TYR C 433 35.45 -17.11 -7.82
CA TYR C 433 36.51 -17.36 -8.81
C TYR C 433 37.32 -18.63 -8.59
N SER C 434 36.75 -19.58 -7.85
CA SER C 434 37.36 -20.91 -7.68
C SER C 434 36.32 -22.02 -7.73
N PRO C 435 35.54 -22.10 -8.82
CA PRO C 435 34.47 -23.10 -8.90
C PRO C 435 35.01 -24.51 -8.71
N MET C 436 34.32 -25.28 -7.87
CA MET C 436 34.81 -26.58 -7.38
C MET C 436 34.39 -27.77 -8.23
N ALA C 437 35.36 -28.66 -8.49
CA ALA C 437 35.11 -29.93 -9.17
C ALA C 437 34.13 -30.78 -8.38
N ILE C 438 33.32 -31.57 -9.08
CA ILE C 438 32.17 -32.25 -8.46
C ILE C 438 32.55 -33.23 -7.33
N GLU C 439 33.65 -33.96 -7.53
CA GLU C 439 34.12 -34.95 -6.55
C GLU C 439 34.59 -34.28 -5.26
N GLU C 440 35.14 -33.07 -5.38
CA GLU C 440 35.54 -32.26 -4.24
C GLU C 440 34.32 -31.77 -3.44
N GLN C 441 33.29 -31.32 -4.16
CA GLN C 441 32.02 -30.92 -3.56
C GLN C 441 31.40 -32.06 -2.76
N VAL C 442 31.33 -33.23 -3.38
CA VAL C 442 30.78 -34.42 -2.74
C VAL C 442 31.55 -34.76 -1.45
N ALA C 443 32.88 -34.64 -1.51
CA ALA C 443 33.74 -34.96 -0.36
C ALA C 443 33.47 -34.05 0.85
N VAL C 444 33.29 -32.75 0.62
CA VAL C 444 33.01 -31.83 1.73
C VAL C 444 31.60 -32.02 2.26
N ILE C 445 30.62 -32.10 1.37
CA ILE C 445 29.22 -32.30 1.75
C ILE C 445 29.09 -33.59 2.55
N TYR C 446 29.84 -34.61 2.15
CA TYR C 446 29.91 -35.90 2.84
C TYR C 446 30.20 -35.75 4.33
N ALA C 447 31.20 -34.94 4.68
CA ALA C 447 31.57 -34.71 6.07
C ALA C 447 30.43 -34.10 6.88
N GLY C 448 29.65 -33.24 6.25
CA GLY C 448 28.49 -32.61 6.89
C GLY C 448 27.28 -33.53 7.00
N VAL C 449 26.92 -34.15 5.88
CA VAL C 449 25.70 -34.98 5.80
C VAL C 449 25.79 -36.28 6.62
N ARG C 450 27.00 -36.78 6.82
CA ARG C 450 27.22 -38.00 7.60
C ARG C 450 27.38 -37.74 9.09
N GLY C 451 27.41 -36.47 9.47
CA GLY C 451 27.34 -36.07 10.88
C GLY C 451 28.65 -35.78 11.60
N TYR C 452 29.74 -35.70 10.86
CA TYR C 452 31.07 -35.51 11.45
C TYR C 452 31.31 -34.09 11.98
N LEU C 453 30.48 -33.14 11.55
CA LEU C 453 30.65 -31.74 11.94
C LEU C 453 29.78 -31.33 13.13
N ASP C 454 28.95 -32.26 13.60
CA ASP C 454 27.87 -31.96 14.54
C ASP C 454 28.31 -31.42 15.90
N LYS C 455 29.51 -31.77 16.34
CA LYS C 455 30.03 -31.34 17.63
C LYS C 455 31.00 -30.15 17.53
N LEU C 456 31.35 -29.78 16.31
CA LEU C 456 32.24 -28.64 16.05
C LEU C 456 31.51 -27.32 16.26
N GLU C 457 32.24 -26.31 16.73
CA GLU C 457 31.72 -24.95 16.77
C GLU C 457 31.41 -24.48 15.34
N PRO C 458 30.22 -23.88 15.14
CA PRO C 458 29.82 -23.32 13.85
C PRO C 458 30.87 -22.43 13.21
N SER C 459 31.57 -21.64 14.03
CA SER C 459 32.59 -20.69 13.57
C SER C 459 33.82 -21.37 12.98
N LYS C 460 34.02 -22.65 13.27
CA LYS C 460 35.21 -23.37 12.82
C LYS C 460 34.95 -24.34 11.66
N ILE C 461 33.74 -24.31 11.11
CA ILE C 461 33.35 -25.20 10.01
C ILE C 461 34.11 -24.89 8.71
N THR C 462 34.19 -23.61 8.36
CA THR C 462 34.95 -23.18 7.18
C THR C 462 36.44 -23.53 7.32
N LYS C 463 36.95 -23.42 8.55
CA LYS C 463 38.33 -23.83 8.86
C LYS C 463 38.50 -25.33 8.57
N PHE C 464 37.54 -26.13 9.03
CA PHE C 464 37.54 -27.58 8.79
C PHE C 464 37.53 -27.89 7.29
N GLU C 465 36.59 -27.27 6.57
CA GLU C 465 36.43 -27.49 5.14
C GLU C 465 37.70 -27.18 4.34
N ASN C 466 38.32 -26.04 4.63
CA ASN C 466 39.57 -25.62 3.99
C ASN C 466 40.70 -26.62 4.22
N ALA C 467 40.85 -27.04 5.48
CA ALA C 467 41.90 -27.99 5.85
C ALA C 467 41.62 -29.39 5.30
N PHE C 468 40.35 -29.80 5.32
CA PHE C 468 39.96 -31.14 4.85
C PHE C 468 40.08 -31.30 3.34
N LEU C 469 39.61 -30.30 2.60
CA LEU C 469 39.67 -30.33 1.14
C LEU C 469 41.11 -30.34 0.63
N SER C 470 41.95 -29.49 1.21
CA SER C 470 43.37 -29.43 0.83
C SER C 470 44.10 -30.73 1.14
N HIS C 471 43.66 -31.43 2.19
CA HIS C 471 44.24 -32.72 2.57
C HIS C 471 43.90 -33.84 1.57
N VAL C 472 42.62 -33.94 1.19
CA VAL C 472 42.18 -34.99 0.26
C VAL C 472 42.69 -34.73 -1.16
N ILE C 473 42.93 -33.47 -1.50
CA ILE C 473 43.57 -33.09 -2.76
C ILE C 473 45.03 -33.50 -2.72
N SER C 474 45.65 -33.35 -1.55
CA SER C 474 47.07 -33.66 -1.35
C SER C 474 47.33 -35.17 -1.35
N GLN C 475 46.63 -35.90 -0.50
CA GLN C 475 46.97 -37.29 -0.21
C GLN C 475 46.01 -38.32 -0.83
N HIS C 476 44.81 -37.89 -1.20
CA HIS C 476 43.78 -38.83 -1.65
C HIS C 476 43.22 -38.53 -3.04
N GLN C 477 44.11 -38.24 -3.99
CA GLN C 477 43.75 -38.04 -5.39
C GLN C 477 43.17 -39.31 -6.02
N ALA C 478 43.58 -40.46 -5.50
CA ALA C 478 43.08 -41.75 -5.95
C ALA C 478 41.60 -41.91 -5.62
N LEU C 479 41.19 -41.38 -4.47
CA LEU C 479 39.79 -41.43 -4.04
C LEU C 479 38.95 -40.45 -4.84
N LEU C 480 39.40 -39.21 -4.93
CA LEU C 480 38.71 -38.15 -5.69
C LEU C 480 38.57 -38.52 -7.16
N GLY C 481 39.66 -39.00 -7.76
CA GLY C 481 39.66 -39.45 -9.16
C GLY C 481 38.71 -40.60 -9.41
N LYS C 482 38.53 -41.46 -8.40
CA LYS C 482 37.61 -42.59 -8.49
C LYS C 482 36.15 -42.12 -8.43
N ILE C 483 35.88 -41.10 -7.62
CA ILE C 483 34.55 -40.51 -7.53
C ILE C 483 34.20 -39.77 -8.83
N ARG C 484 35.20 -39.12 -9.41
CA ARG C 484 35.02 -38.39 -10.67
C ARG C 484 34.78 -39.31 -11.86
N THR C 485 35.53 -40.42 -11.91
CA THR C 485 35.42 -41.41 -12.99
C THR C 485 34.15 -42.25 -12.87
N ASP C 486 33.94 -42.86 -11.71
CA ASP C 486 32.75 -43.66 -11.45
C ASP C 486 31.47 -42.82 -11.45
N GLY C 487 31.58 -41.57 -11.03
CA GLY C 487 30.43 -40.68 -10.91
C GLY C 487 29.58 -41.02 -9.70
N LYS C 488 30.12 -41.85 -8.82
CA LYS C 488 29.41 -42.32 -7.62
C LYS C 488 30.38 -42.61 -6.47
N ILE C 489 29.83 -42.78 -5.27
CA ILE C 489 30.61 -43.27 -4.12
C ILE C 489 30.34 -44.76 -3.95
N SER C 490 31.30 -45.58 -4.36
CA SER C 490 31.22 -47.02 -4.16
C SER C 490 31.34 -47.35 -2.67
N GLU C 491 31.09 -48.61 -2.33
CA GLU C 491 31.21 -49.05 -0.94
C GLU C 491 32.65 -48.97 -0.45
N GLU C 492 33.60 -49.10 -1.38
CA GLU C 492 35.02 -48.98 -1.06
C GLU C 492 35.38 -47.52 -0.80
N SER C 493 34.89 -46.63 -1.67
CA SER C 493 35.10 -45.19 -1.50
C SER C 493 34.45 -44.66 -0.22
N ASP C 494 33.29 -45.21 0.12
CA ASP C 494 32.56 -44.83 1.33
C ASP C 494 33.32 -45.24 2.59
N ALA C 495 33.93 -46.42 2.54
CA ALA C 495 34.75 -46.92 3.65
C ALA C 495 36.03 -46.10 3.82
N LYS C 496 36.65 -45.74 2.69
CA LYS C 496 37.85 -44.90 2.69
C LYS C 496 37.57 -43.51 3.24
N LEU C 497 36.52 -42.87 2.73
CA LEU C 497 36.07 -41.56 3.22
C LEU C 497 35.77 -41.58 4.71
N LYS C 498 35.08 -42.62 5.16
CA LYS C 498 34.73 -42.82 6.57
C LYS C 498 35.98 -42.84 7.46
N GLU C 499 37.00 -43.58 7.04
CA GLU C 499 38.27 -43.68 7.76
C GLU C 499 39.00 -42.34 7.83
N ILE C 500 38.95 -41.60 6.72
CA ILE C 500 39.65 -40.31 6.61
C ILE C 500 39.04 -39.24 7.51
N VAL C 501 37.72 -39.07 7.42
CA VAL C 501 37.02 -38.03 8.20
C VAL C 501 37.00 -38.32 9.70
N THR C 502 36.91 -39.59 10.09
CA THR C 502 36.93 -39.96 11.50
C THR C 502 38.25 -39.58 12.16
N ASN C 503 39.36 -39.98 11.55
CA ASN C 503 40.70 -39.68 12.06
C ASN C 503 41.06 -38.20 11.96
N PHE C 504 40.61 -37.55 10.88
CA PHE C 504 40.82 -36.12 10.66
C PHE C 504 40.07 -35.30 11.70
N LEU C 505 38.82 -35.69 11.97
CA LEU C 505 37.94 -35.02 12.92
C LEU C 505 38.48 -35.16 14.35
N ALA C 506 39.02 -36.34 14.67
CA ALA C 506 39.61 -36.60 15.99
C ALA C 506 40.80 -35.69 16.26
N GLY C 507 41.52 -35.33 15.20
CA GLY C 507 42.66 -34.42 15.29
C GLY C 507 42.23 -32.96 15.37
N PHE C 508 41.16 -32.64 14.64
CA PHE C 508 40.64 -31.27 14.56
C PHE C 508 40.00 -30.79 15.87
N GLU C 509 39.35 -31.71 16.58
CA GLU C 509 38.66 -31.39 17.83
C GLU C 509 39.60 -31.03 18.97
N ALA C 510 40.80 -31.61 18.96
CA ALA C 510 41.83 -31.29 19.95
C ALA C 510 42.58 -30.01 19.60
N THR D 13 -14.96 -17.22 -50.55
CA THR D 13 -14.70 -15.75 -50.64
C THR D 13 -13.24 -15.41 -50.31
N THR D 14 -12.72 -14.36 -50.95
CA THR D 14 -11.31 -14.00 -50.85
C THR D 14 -11.10 -12.57 -50.35
N GLY D 15 -10.19 -12.44 -49.38
CA GLY D 15 -9.84 -11.14 -48.83
C GLY D 15 -8.36 -10.84 -49.03
N ARG D 16 -7.97 -9.63 -48.66
CA ARG D 16 -6.56 -9.22 -48.69
C ARG D 16 -6.19 -8.68 -47.33
N ILE D 17 -5.00 -9.06 -46.85
CA ILE D 17 -4.43 -8.47 -45.65
C ILE D 17 -4.23 -6.97 -45.86
N VAL D 18 -4.71 -6.17 -44.92
CA VAL D 18 -4.52 -4.71 -44.99
C VAL D 18 -3.67 -4.15 -43.86
N ALA D 19 -3.55 -4.91 -42.76
CA ALA D 19 -2.73 -4.50 -41.63
C ALA D 19 -2.20 -5.69 -40.84
N VAL D 20 -0.98 -5.55 -40.30
CA VAL D 20 -0.36 -6.57 -39.44
C VAL D 20 0.33 -5.87 -38.28
N ILE D 21 -0.12 -6.17 -37.06
CA ILE D 21 0.54 -5.68 -35.85
C ILE D 21 0.59 -6.84 -34.85
N GLY D 22 1.77 -7.43 -34.71
CA GLY D 22 1.93 -8.63 -33.89
C GLY D 22 1.00 -9.74 -34.32
N ALA D 23 0.27 -10.29 -33.35
CA ALA D 23 -0.64 -11.41 -33.60
C ALA D 23 -1.98 -11.00 -34.22
N VAL D 24 -2.16 -9.69 -34.43
CA VAL D 24 -3.44 -9.16 -34.92
C VAL D 24 -3.35 -8.72 -36.39
N VAL D 25 -4.21 -9.31 -37.21
CA VAL D 25 -4.20 -9.12 -38.65
C VAL D 25 -5.56 -8.64 -39.15
N ASP D 26 -5.57 -7.51 -39.86
CA ASP D 26 -6.78 -6.98 -40.47
C ASP D 26 -6.89 -7.45 -41.93
N VAL D 27 -8.08 -7.90 -42.31
CA VAL D 27 -8.32 -8.43 -43.65
C VAL D 27 -9.55 -7.74 -44.27
N GLN D 28 -9.39 -7.24 -45.49
CA GLN D 28 -10.49 -6.62 -46.22
C GLN D 28 -11.09 -7.58 -47.24
N PHE D 29 -12.42 -7.65 -47.27
CA PHE D 29 -13.16 -8.45 -48.23
C PHE D 29 -14.03 -7.55 -49.09
N ASP D 30 -13.87 -7.64 -50.41
CA ASP D 30 -14.67 -6.84 -51.34
C ASP D 30 -16.12 -7.32 -51.40
N GLU D 31 -16.34 -8.60 -51.11
CA GLU D 31 -17.67 -9.20 -51.21
C GLU D 31 -18.10 -9.89 -49.91
N GLY D 32 -18.09 -11.21 -49.91
CA GLY D 32 -18.59 -12.02 -48.79
C GLY D 32 -17.76 -11.95 -47.52
N LEU D 33 -18.19 -11.07 -46.61
CA LEU D 33 -17.52 -10.88 -45.32
C LEU D 33 -17.76 -12.06 -44.38
N PRO D 34 -16.68 -12.68 -43.87
CA PRO D 34 -16.80 -13.85 -42.98
C PRO D 34 -17.31 -13.47 -41.58
N PRO D 35 -18.24 -14.27 -41.02
CA PRO D 35 -18.76 -13.99 -39.68
C PRO D 35 -17.71 -14.14 -38.59
N ILE D 36 -17.96 -13.51 -37.44
CA ILE D 36 -17.07 -13.64 -36.28
C ILE D 36 -16.90 -15.12 -35.90
N LEU D 37 -15.68 -15.49 -35.51
CA LEU D 37 -15.30 -16.87 -35.14
C LEU D 37 -14.86 -17.75 -36.33
N ASN D 38 -15.07 -17.29 -37.55
CA ASN D 38 -14.65 -18.06 -38.73
C ASN D 38 -13.14 -18.21 -38.84
N ALA D 39 -12.71 -19.35 -39.38
CA ALA D 39 -11.30 -19.62 -39.61
C ALA D 39 -10.94 -19.22 -41.04
N LEU D 40 -9.90 -18.40 -41.15
CA LEU D 40 -9.43 -17.92 -42.44
C LEU D 40 -8.07 -18.53 -42.74
N GLU D 41 -7.82 -18.84 -44.01
CA GLU D 41 -6.58 -19.46 -44.45
C GLU D 41 -5.75 -18.47 -45.24
N VAL D 42 -4.57 -18.13 -44.72
CA VAL D 42 -3.64 -17.28 -45.45
C VAL D 42 -3.00 -18.10 -46.58
N GLN D 43 -3.03 -17.55 -47.78
CA GLN D 43 -2.40 -18.18 -48.93
C GLN D 43 -0.91 -17.84 -48.95
N GLY D 44 -0.14 -18.63 -49.71
CA GLY D 44 1.30 -18.39 -49.88
C GLY D 44 2.14 -18.61 -48.64
N ARG D 45 1.72 -19.54 -47.79
CA ARG D 45 2.50 -19.92 -46.59
C ARG D 45 3.00 -21.35 -46.71
N GLU D 46 4.21 -21.61 -46.22
CA GLU D 46 4.79 -22.94 -46.23
C GLU D 46 4.04 -23.89 -45.31
N THR D 47 3.74 -23.42 -44.10
CA THR D 47 2.91 -24.17 -43.15
C THR D 47 1.59 -23.44 -42.96
N ARG D 48 0.52 -24.20 -42.75
CA ARG D 48 -0.83 -23.64 -42.61
C ARG D 48 -0.92 -22.55 -41.54
N LEU D 49 -1.39 -21.38 -41.94
CA LEU D 49 -1.60 -20.26 -41.03
C LEU D 49 -3.07 -19.83 -40.99
N VAL D 50 -3.69 -20.08 -39.84
CA VAL D 50 -5.10 -19.76 -39.62
C VAL D 50 -5.27 -18.43 -38.88
N LEU D 51 -6.16 -17.59 -39.39
CA LEU D 51 -6.60 -16.40 -38.68
C LEU D 51 -8.03 -16.63 -38.21
N GLU D 52 -8.31 -16.31 -36.95
CA GLU D 52 -9.69 -16.37 -36.46
C GLU D 52 -10.33 -14.99 -36.41
N VAL D 53 -11.51 -14.86 -37.00
CA VAL D 53 -12.22 -13.60 -37.04
C VAL D 53 -12.70 -13.23 -35.64
N ALA D 54 -12.32 -12.04 -35.19
CA ALA D 54 -12.65 -11.56 -33.86
C ALA D 54 -13.68 -10.42 -33.91
N GLN D 55 -13.56 -9.56 -34.92
CA GLN D 55 -14.40 -8.37 -35.03
C GLN D 55 -14.69 -8.00 -36.47
N HIS D 56 -15.80 -7.32 -36.68
CA HIS D 56 -16.07 -6.57 -37.91
C HIS D 56 -15.82 -5.10 -37.61
N LEU D 57 -14.78 -4.54 -38.21
CA LEU D 57 -14.37 -3.14 -37.95
C LEU D 57 -15.20 -2.13 -38.73
N GLY D 58 -15.91 -2.61 -39.76
CA GLY D 58 -16.57 -1.74 -40.71
C GLY D 58 -15.69 -1.56 -41.93
N GLU D 59 -16.24 -0.93 -42.96
CA GLU D 59 -15.54 -0.71 -44.24
C GLU D 59 -15.07 -2.03 -44.85
N SER D 60 -15.92 -3.06 -44.74
CA SER D 60 -15.66 -4.40 -45.29
C SER D 60 -14.38 -5.04 -44.76
N THR D 61 -13.98 -4.63 -43.55
CA THR D 61 -12.74 -5.11 -42.95
C THR D 61 -13.02 -5.87 -41.64
N VAL D 62 -12.42 -7.04 -41.53
CA VAL D 62 -12.47 -7.82 -40.29
C VAL D 62 -11.13 -7.80 -39.57
N ARG D 63 -11.18 -7.83 -38.24
CA ARG D 63 -9.98 -7.94 -37.43
C ARG D 63 -9.88 -9.37 -36.91
N THR D 64 -8.68 -9.93 -37.03
CA THR D 64 -8.46 -11.37 -36.80
C THR D 64 -7.31 -11.63 -35.84
N ILE D 65 -7.33 -12.81 -35.22
CA ILE D 65 -6.20 -13.26 -34.40
C ILE D 65 -5.51 -14.46 -35.06
N ALA D 66 -4.20 -14.36 -35.26
CA ALA D 66 -3.41 -15.42 -35.90
C ALA D 66 -3.15 -16.59 -34.95
N MET D 67 -3.19 -17.81 -35.51
CA MET D 67 -2.91 -19.05 -34.76
C MET D 67 -1.44 -19.47 -34.84
N ASP D 68 -0.65 -18.75 -35.63
CA ASP D 68 0.78 -18.96 -35.69
C ASP D 68 1.44 -17.60 -35.95
N GLY D 69 2.78 -17.60 -36.07
CA GLY D 69 3.54 -16.37 -36.23
C GLY D 69 3.12 -15.58 -37.45
N THR D 70 3.23 -14.26 -37.36
CA THR D 70 2.82 -13.38 -38.46
C THR D 70 3.99 -12.84 -39.29
N GLU D 71 5.21 -13.24 -38.92
CA GLU D 71 6.39 -12.87 -39.71
C GLU D 71 6.23 -13.32 -41.16
N GLY D 72 6.56 -12.42 -42.07
CA GLY D 72 6.52 -12.73 -43.50
C GLY D 72 5.23 -12.34 -44.19
N LEU D 73 4.22 -11.95 -43.42
CA LEU D 73 2.95 -11.50 -44.00
C LEU D 73 3.09 -10.16 -44.71
N VAL D 74 2.36 -10.00 -45.80
CA VAL D 74 2.44 -8.79 -46.64
C VAL D 74 1.05 -8.20 -46.83
N ARG D 75 0.95 -6.88 -46.79
CA ARG D 75 -0.29 -6.19 -47.14
C ARG D 75 -0.62 -6.46 -48.61
N GLY D 76 -1.78 -7.07 -48.84
CA GLY D 76 -2.19 -7.50 -50.17
C GLY D 76 -2.26 -9.02 -50.28
N GLN D 77 -1.68 -9.72 -49.32
CA GLN D 77 -1.70 -11.18 -49.32
C GLN D 77 -3.13 -11.69 -49.24
N LYS D 78 -3.42 -12.71 -50.05
CA LYS D 78 -4.78 -13.24 -50.18
C LYS D 78 -5.14 -14.11 -48.99
N VAL D 79 -6.40 -14.04 -48.56
CA VAL D 79 -6.90 -14.83 -47.43
C VAL D 79 -8.25 -15.44 -47.79
N LEU D 80 -8.37 -16.76 -47.61
CA LEU D 80 -9.62 -17.48 -47.92
C LEU D 80 -10.45 -17.72 -46.67
N ASP D 81 -11.76 -17.48 -46.78
CA ASP D 81 -12.71 -17.84 -45.74
C ASP D 81 -13.00 -19.34 -45.86
N SER D 82 -12.76 -20.11 -44.81
CA SER D 82 -13.05 -21.54 -44.81
C SER D 82 -14.54 -21.82 -44.70
N GLY D 83 -15.30 -20.81 -44.29
CA GLY D 83 -16.75 -20.95 -44.13
C GLY D 83 -17.16 -21.61 -42.83
N ALA D 84 -16.21 -21.72 -41.89
CA ALA D 84 -16.48 -22.33 -40.58
C ALA D 84 -15.38 -21.94 -39.57
N PRO D 85 -15.68 -22.07 -38.26
CA PRO D 85 -14.65 -21.93 -37.21
C PRO D 85 -13.57 -23.00 -37.35
N ILE D 86 -12.52 -22.91 -36.53
CA ILE D 86 -11.48 -23.93 -36.53
C ILE D 86 -12.11 -25.29 -36.25
N ARG D 87 -11.82 -26.25 -37.11
CA ARG D 87 -12.35 -27.61 -36.97
C ARG D 87 -11.20 -28.60 -36.78
N ILE D 88 -11.34 -29.47 -35.79
CA ILE D 88 -10.26 -30.39 -35.41
C ILE D 88 -10.73 -31.85 -35.39
N PRO D 89 -9.79 -32.81 -35.53
CA PRO D 89 -10.11 -34.22 -35.44
C PRO D 89 -10.55 -34.60 -34.03
N VAL D 90 -11.65 -35.35 -33.95
CA VAL D 90 -12.08 -35.93 -32.68
C VAL D 90 -12.22 -37.45 -32.85
N GLY D 91 -12.65 -38.15 -31.80
CA GLY D 91 -12.82 -39.60 -31.87
C GLY D 91 -11.62 -40.36 -31.32
N PRO D 92 -11.74 -41.71 -31.29
CA PRO D 92 -10.74 -42.60 -30.67
C PRO D 92 -9.35 -42.53 -31.30
N GLU D 93 -9.24 -42.04 -32.52
CA GLU D 93 -7.95 -41.92 -33.20
C GLU D 93 -7.08 -40.77 -32.69
N THR D 94 -7.63 -39.94 -31.81
CA THR D 94 -6.86 -38.89 -31.14
C THR D 94 -6.07 -39.47 -29.96
N LEU D 95 -6.52 -40.62 -29.46
CA LEU D 95 -5.87 -41.28 -28.32
C LEU D 95 -4.47 -41.75 -28.67
N GLY D 96 -3.50 -41.37 -27.84
CA GLY D 96 -2.10 -41.72 -28.04
C GLY D 96 -1.36 -40.80 -29.00
N ARG D 97 -2.09 -39.82 -29.53
CA ARG D 97 -1.53 -38.86 -30.48
C ARG D 97 -1.35 -37.49 -29.80
N ILE D 98 -0.54 -36.63 -30.41
CA ILE D 98 -0.44 -35.23 -29.99
C ILE D 98 -0.91 -34.29 -31.11
N MET D 99 -1.82 -33.39 -30.76
CA MET D 99 -2.37 -32.41 -31.69
C MET D 99 -2.06 -30.98 -31.26
N ASN D 100 -2.09 -30.05 -32.23
CA ASN D 100 -1.97 -28.62 -31.94
C ASN D 100 -3.33 -27.91 -31.96
N VAL D 101 -3.32 -26.57 -31.92
CA VAL D 101 -4.55 -25.76 -31.87
C VAL D 101 -5.54 -26.03 -32.98
N ILE D 102 -5.02 -26.20 -34.19
CA ILE D 102 -5.84 -26.33 -35.39
C ILE D 102 -6.04 -27.80 -35.82
N GLY D 103 -5.60 -28.72 -34.98
CA GLY D 103 -5.86 -30.15 -35.18
C GLY D 103 -4.77 -30.96 -35.87
N GLU D 104 -3.66 -30.31 -36.20
CA GLU D 104 -2.54 -30.98 -36.89
C GLU D 104 -1.76 -31.87 -35.93
N PRO D 105 -1.26 -33.03 -36.43
CA PRO D 105 -0.39 -33.89 -35.62
C PRO D 105 0.98 -33.26 -35.41
N ILE D 106 1.47 -33.28 -34.17
CA ILE D 106 2.80 -32.77 -33.87
C ILE D 106 3.70 -33.85 -33.22
N ASP D 107 3.40 -35.10 -33.54
CA ASP D 107 4.14 -36.23 -32.98
C ASP D 107 4.94 -37.04 -34.01
N GLU D 108 5.04 -36.50 -35.22
CA GLU D 108 5.80 -37.12 -36.34
C GLU D 108 5.33 -38.53 -36.68
N ARG D 109 4.06 -38.82 -36.40
CA ARG D 109 3.50 -40.15 -36.62
C ARG D 109 2.51 -40.16 -37.77
N GLY D 110 2.60 -39.15 -38.63
CA GLY D 110 1.72 -39.05 -39.79
C GLY D 110 0.34 -38.53 -39.43
N PRO D 111 -0.61 -38.62 -40.37
CA PRO D 111 -1.94 -38.02 -40.20
C PRO D 111 -2.72 -38.61 -39.04
N ILE D 112 -3.60 -37.81 -38.46
CA ILE D 112 -4.59 -38.32 -37.52
C ILE D 112 -5.58 -39.11 -38.36
N LYS D 113 -5.54 -40.44 -38.23
CA LYS D 113 -6.34 -41.35 -39.06
C LYS D 113 -7.85 -41.29 -38.75
N THR D 114 -8.43 -40.12 -38.90
CA THR D 114 -9.84 -39.87 -38.60
C THR D 114 -10.50 -39.06 -39.71
N LYS D 115 -11.84 -39.05 -39.69
CA LYS D 115 -12.61 -38.20 -40.59
C LYS D 115 -13.88 -37.65 -39.92
N GLN D 116 -13.91 -37.72 -38.60
CA GLN D 116 -14.89 -36.99 -37.81
C GLN D 116 -14.22 -35.75 -37.25
N PHE D 117 -14.85 -34.60 -37.45
CA PHE D 117 -14.30 -33.29 -37.08
C PHE D 117 -15.29 -32.52 -36.22
N ALA D 118 -14.76 -31.57 -35.43
CA ALA D 118 -15.61 -30.72 -34.58
C ALA D 118 -15.05 -29.30 -34.48
N ALA D 119 -15.96 -28.32 -34.52
CA ALA D 119 -15.61 -26.92 -34.32
C ALA D 119 -15.18 -26.70 -32.88
N ILE D 120 -14.11 -25.92 -32.68
CA ILE D 120 -13.60 -25.66 -31.33
C ILE D 120 -14.47 -24.65 -30.55
N HIS D 121 -15.39 -24.00 -31.24
CA HIS D 121 -16.37 -23.12 -30.62
C HIS D 121 -17.72 -23.81 -30.59
N ALA D 122 -18.34 -23.84 -29.41
CA ALA D 122 -19.61 -24.55 -29.21
C ALA D 122 -20.36 -23.92 -28.04
N GLU D 123 -21.68 -24.10 -28.03
CA GLU D 123 -22.52 -23.61 -26.94
C GLU D 123 -22.36 -24.50 -25.71
N ALA D 124 -22.40 -23.89 -24.53
CA ALA D 124 -22.33 -24.62 -23.27
C ALA D 124 -23.63 -25.41 -23.02
N PRO D 125 -23.53 -26.58 -22.37
CA PRO D 125 -24.75 -27.33 -22.02
C PRO D 125 -25.73 -26.46 -21.23
N GLU D 126 -27.02 -26.63 -21.50
CA GLU D 126 -28.06 -25.82 -20.86
C GLU D 126 -28.27 -26.22 -19.40
N PHE D 127 -29.04 -25.41 -18.68
CA PHE D 127 -29.37 -25.69 -17.27
C PHE D 127 -30.05 -27.06 -17.08
N VAL D 128 -30.93 -27.42 -18.01
CA VAL D 128 -31.64 -28.71 -17.94
C VAL D 128 -30.71 -29.93 -18.04
N GLU D 129 -29.51 -29.73 -18.56
CA GLU D 129 -28.57 -30.83 -18.80
C GLU D 129 -27.66 -31.11 -17.59
N MET D 130 -27.84 -30.36 -16.51
CA MET D 130 -26.95 -30.45 -15.35
C MET D 130 -27.22 -31.68 -14.48
N SER D 131 -26.15 -32.24 -13.95
CA SER D 131 -26.19 -33.36 -13.00
C SER D 131 -25.86 -32.86 -11.60
N VAL D 132 -26.58 -33.37 -10.59
CA VAL D 132 -26.33 -32.97 -9.20
C VAL D 132 -25.61 -34.05 -8.39
N GLU D 133 -25.27 -35.16 -9.04
CA GLU D 133 -24.56 -36.26 -8.41
C GLU D 133 -23.16 -35.81 -7.99
N GLN D 134 -22.81 -36.10 -6.74
CA GLN D 134 -21.49 -35.75 -6.22
C GLN D 134 -20.98 -36.75 -5.19
N GLU D 135 -20.11 -37.65 -5.62
CA GLU D 135 -19.50 -38.62 -4.73
C GLU D 135 -17.97 -38.48 -4.71
N ILE D 136 -17.39 -38.76 -3.55
CA ILE D 136 -15.96 -38.57 -3.31
C ILE D 136 -15.06 -39.35 -4.29
N LEU D 137 -14.01 -38.67 -4.75
CA LEU D 137 -12.95 -39.29 -5.53
C LEU D 137 -11.68 -39.24 -4.70
N VAL D 138 -11.32 -40.38 -4.11
CA VAL D 138 -10.14 -40.48 -3.26
C VAL D 138 -8.85 -40.38 -4.07
N THR D 139 -7.94 -39.50 -3.62
CA THR D 139 -6.69 -39.26 -4.34
C THR D 139 -5.48 -40.00 -3.74
N GLY D 140 -5.56 -40.37 -2.46
CA GLY D 140 -4.41 -40.92 -1.74
C GLY D 140 -3.48 -39.81 -1.23
N ILE D 141 -3.90 -38.58 -1.42
CA ILE D 141 -3.17 -37.40 -0.97
C ILE D 141 -3.87 -36.91 0.30
N LYS D 142 -3.18 -37.01 1.42
CA LYS D 142 -3.75 -36.76 2.75
C LYS D 142 -4.47 -35.42 2.87
N VAL D 143 -3.80 -34.34 2.49
CA VAL D 143 -4.32 -32.99 2.68
C VAL D 143 -5.60 -32.75 1.87
N VAL D 144 -5.58 -33.19 0.61
CA VAL D 144 -6.72 -33.10 -0.29
C VAL D 144 -7.89 -33.96 0.25
N ASP D 145 -7.66 -35.24 0.47
CA ASP D 145 -8.71 -36.17 0.94
C ASP D 145 -9.35 -35.77 2.27
N LEU D 146 -8.54 -35.27 3.21
CA LEU D 146 -9.02 -34.91 4.53
C LEU D 146 -9.84 -33.62 4.51
N LEU D 147 -9.29 -32.59 3.88
CA LEU D 147 -9.80 -31.23 4.06
C LEU D 147 -10.72 -30.71 2.96
N ALA D 148 -10.43 -31.08 1.72
CA ALA D 148 -11.18 -30.55 0.59
C ALA D 148 -11.25 -31.60 -0.52
N PRO D 149 -11.95 -32.71 -0.26
CA PRO D 149 -11.90 -33.84 -1.18
C PRO D 149 -12.51 -33.53 -2.55
N TYR D 150 -12.00 -34.22 -3.56
CA TYR D 150 -12.50 -34.07 -4.92
C TYR D 150 -13.75 -34.94 -5.10
N ALA D 151 -14.55 -34.58 -6.08
CA ALA D 151 -15.75 -35.35 -6.43
C ALA D 151 -15.63 -35.88 -7.85
N LYS D 152 -16.13 -37.10 -8.07
CA LYS D 152 -16.18 -37.69 -9.40
C LYS D 152 -17.13 -36.86 -10.26
N GLY D 153 -16.69 -36.51 -11.46
CA GLY D 153 -17.47 -35.65 -12.35
C GLY D 153 -17.52 -34.18 -11.96
N GLY D 154 -16.71 -33.80 -10.97
CA GLY D 154 -16.70 -32.43 -10.47
C GLY D 154 -15.60 -31.59 -11.10
N LYS D 155 -15.65 -30.28 -10.83
CA LYS D 155 -14.65 -29.36 -11.33
C LYS D 155 -13.65 -29.03 -10.24
N ILE D 156 -12.39 -29.39 -10.51
CA ILE D 156 -11.31 -29.25 -9.54
C ILE D 156 -10.32 -28.22 -10.05
N GLY D 157 -9.94 -27.30 -9.18
CA GLY D 157 -8.95 -26.27 -9.51
C GLY D 157 -7.75 -26.29 -8.58
N LEU D 158 -6.56 -26.20 -9.18
CA LEU D 158 -5.31 -26.18 -8.44
C LEU D 158 -4.64 -24.80 -8.61
N PHE D 159 -4.85 -23.93 -7.63
CA PHE D 159 -4.29 -22.57 -7.65
C PHE D 159 -2.87 -22.53 -7.13
N GLY D 160 -2.05 -21.67 -7.70
CA GLY D 160 -0.70 -21.46 -7.21
C GLY D 160 0.06 -20.41 -7.97
N GLY D 161 0.91 -19.67 -7.25
CA GLY D 161 1.90 -18.79 -7.86
C GLY D 161 2.99 -19.58 -8.56
N ALA D 162 3.93 -18.86 -9.16
CA ALA D 162 4.98 -19.49 -9.94
C ALA D 162 5.88 -20.40 -9.10
N GLY D 163 5.94 -21.69 -9.48
CA GLY D 163 6.85 -22.64 -8.86
C GLY D 163 6.47 -23.19 -7.49
N VAL D 164 5.18 -23.22 -7.18
CA VAL D 164 4.72 -23.72 -5.87
C VAL D 164 4.23 -25.17 -5.88
N GLY D 165 3.94 -25.71 -7.07
CA GLY D 165 3.66 -27.15 -7.18
C GLY D 165 2.40 -27.58 -7.91
N LYS D 166 1.82 -26.69 -8.71
CA LYS D 166 0.62 -27.00 -9.48
C LYS D 166 0.79 -28.22 -10.39
N THR D 167 1.88 -28.22 -11.16
CA THR D 167 2.17 -29.28 -12.15
C THR D 167 2.54 -30.60 -11.49
N VAL D 168 3.41 -30.55 -10.48
CA VAL D 168 3.76 -31.75 -9.73
C VAL D 168 2.49 -32.42 -9.20
N LEU D 169 1.57 -31.63 -8.66
CA LEU D 169 0.32 -32.15 -8.12
C LEU D 169 -0.58 -32.76 -9.21
N ILE D 170 -0.72 -32.05 -10.33
CA ILE D 170 -1.52 -32.56 -11.45
C ILE D 170 -0.94 -33.87 -11.97
N MET D 171 0.39 -33.97 -12.03
CA MET D 171 1.07 -35.20 -12.46
C MET D 171 0.88 -36.32 -11.47
N GLU D 172 0.89 -35.98 -10.17
CA GLU D 172 0.62 -36.98 -9.14
C GLU D 172 -0.83 -37.49 -9.23
N LEU D 173 -1.76 -36.59 -9.51
CA LEU D 173 -3.17 -36.96 -9.71
C LEU D 173 -3.36 -37.86 -10.93
N ILE D 174 -2.67 -37.55 -12.02
CA ILE D 174 -2.67 -38.41 -13.21
C ILE D 174 -2.12 -39.79 -12.87
N ASN D 175 -1.11 -39.82 -12.01
CA ASN D 175 -0.50 -41.08 -11.54
C ASN D 175 -1.43 -41.88 -10.64
N ASN D 176 -2.12 -41.19 -9.74
CA ASN D 176 -2.96 -41.83 -8.72
C ASN D 176 -4.40 -42.13 -9.12
N VAL D 177 -4.90 -41.40 -10.13
CA VAL D 177 -6.30 -41.47 -10.53
C VAL D 177 -6.45 -41.98 -11.98
N ALA D 178 -5.64 -41.43 -12.89
CA ALA D 178 -5.80 -41.70 -14.32
C ALA D 178 -5.21 -43.03 -14.80
N LYS D 179 -4.14 -43.49 -14.16
CA LYS D 179 -3.50 -44.75 -14.53
C LYS D 179 -4.39 -45.97 -14.30
N ALA D 180 -5.37 -45.83 -13.40
CA ALA D 180 -6.35 -46.88 -13.11
C ALA D 180 -7.77 -46.41 -13.42
N HIS D 181 -7.90 -45.60 -14.47
CA HIS D 181 -9.20 -45.05 -14.87
C HIS D 181 -9.90 -45.94 -15.90
N GLY D 182 -11.23 -46.02 -15.79
CA GLY D 182 -12.03 -46.90 -16.63
C GLY D 182 -12.45 -46.33 -17.98
N GLY D 183 -12.07 -45.08 -18.24
CA GLY D 183 -12.41 -44.42 -19.50
C GLY D 183 -11.22 -43.79 -20.20
N TYR D 184 -11.46 -42.64 -20.81
CA TYR D 184 -10.43 -41.93 -21.55
C TYR D 184 -10.04 -40.65 -20.82
N SER D 185 -8.80 -40.22 -21.03
CA SER D 185 -8.33 -38.93 -20.49
C SER D 185 -7.89 -38.01 -21.63
N VAL D 186 -8.09 -36.72 -21.42
CA VAL D 186 -7.56 -35.69 -22.31
C VAL D 186 -6.69 -34.78 -21.47
N PHE D 187 -5.44 -34.59 -21.90
CA PHE D 187 -4.55 -33.60 -21.30
C PHE D 187 -4.35 -32.46 -22.29
N ALA D 188 -4.59 -31.24 -21.81
CA ALA D 188 -4.40 -30.05 -22.60
C ALA D 188 -3.27 -29.19 -22.04
N GLY D 189 -2.14 -29.16 -22.74
CA GLY D 189 -1.03 -28.27 -22.42
C GLY D 189 -1.36 -26.91 -23.00
N VAL D 190 -1.61 -25.95 -22.10
CA VAL D 190 -2.03 -24.59 -22.47
C VAL D 190 -1.02 -23.59 -21.94
N GLY D 191 -0.22 -23.02 -22.85
CA GLY D 191 0.75 -21.99 -22.51
C GLY D 191 1.85 -22.39 -21.53
N GLU D 192 2.19 -23.68 -21.47
CA GLU D 192 3.23 -24.12 -20.53
C GLU D 192 4.56 -24.49 -21.19
N ARG D 193 5.40 -25.24 -20.47
CA ARG D 193 6.73 -25.60 -20.97
C ARG D 193 6.68 -26.77 -21.93
N THR D 194 7.35 -26.64 -23.07
CA THR D 194 7.44 -27.74 -24.03
C THR D 194 8.17 -28.94 -23.43
N ARG D 195 9.18 -28.67 -22.61
CA ARG D 195 9.94 -29.72 -21.92
C ARG D 195 9.04 -30.62 -21.06
N GLU D 196 8.04 -30.02 -20.41
CA GLU D 196 7.04 -30.76 -19.65
C GLU D 196 6.14 -31.62 -20.54
N GLY D 197 5.86 -31.14 -21.75
CA GLY D 197 5.11 -31.92 -22.74
C GLY D 197 5.89 -33.14 -23.19
N ASN D 198 7.19 -32.97 -23.43
CA ASN D 198 8.07 -34.09 -23.79
C ASN D 198 8.23 -35.09 -22.64
N ASP D 199 8.37 -34.57 -21.42
CA ASP D 199 8.46 -35.39 -20.21
C ASP D 199 7.24 -36.31 -20.11
N LEU D 200 6.06 -35.71 -20.19
CA LEU D 200 4.79 -36.42 -20.01
C LEU D 200 4.53 -37.45 -21.11
N TYR D 201 4.84 -37.08 -22.35
CA TYR D 201 4.65 -37.92 -23.52
C TYR D 201 5.45 -39.23 -23.40
N HIS D 202 6.73 -39.12 -23.11
CA HIS D 202 7.61 -40.27 -22.94
C HIS D 202 7.33 -41.10 -21.67
N GLU D 203 6.77 -40.44 -20.65
CA GLU D 203 6.39 -41.12 -19.41
C GLU D 203 5.18 -42.02 -19.63
N MET D 204 4.22 -41.53 -20.41
CA MET D 204 3.02 -42.29 -20.74
C MET D 204 3.27 -43.44 -21.73
N ILE D 205 4.35 -43.32 -22.50
CA ILE D 205 4.79 -44.42 -23.37
C ILE D 205 5.44 -45.50 -22.50
N GLU D 206 6.24 -45.05 -21.52
CA GLU D 206 6.91 -45.95 -20.59
C GLU D 206 5.92 -46.69 -19.68
N SER D 207 4.81 -46.04 -19.36
CA SER D 207 3.77 -46.63 -18.52
C SER D 207 2.74 -47.43 -19.32
N GLY D 208 2.65 -47.16 -20.63
CA GLY D 208 1.74 -47.89 -21.51
C GLY D 208 0.37 -47.27 -21.68
N VAL D 209 0.13 -46.15 -21.00
CA VAL D 209 -1.11 -45.39 -21.15
C VAL D 209 -1.19 -44.79 -22.58
N ILE D 210 -0.02 -44.57 -23.17
CA ILE D 210 0.08 -44.35 -24.61
C ILE D 210 0.83 -45.53 -25.22
N ASN D 211 0.25 -46.12 -26.26
CA ASN D 211 0.91 -47.19 -26.99
C ASN D 211 1.05 -46.81 -28.46
N LEU D 212 2.29 -46.83 -28.96
CA LEU D 212 2.58 -46.38 -30.32
C LEU D 212 2.38 -47.47 -31.38
N LYS D 213 2.01 -48.68 -30.96
CA LYS D 213 1.91 -49.81 -31.88
C LYS D 213 0.54 -50.47 -31.97
N ASP D 214 -0.22 -50.44 -30.88
CA ASP D 214 -1.60 -50.93 -30.89
C ASP D 214 -2.58 -49.82 -30.56
N ALA D 215 -3.87 -50.17 -30.45
CA ALA D 215 -4.91 -49.16 -30.22
C ALA D 215 -5.37 -49.08 -28.75
N THR D 216 -4.48 -49.44 -27.83
CA THR D 216 -4.82 -49.46 -26.39
C THR D 216 -4.53 -48.13 -25.65
N SER D 217 -4.23 -47.07 -26.39
CA SER D 217 -3.97 -45.76 -25.79
C SER D 217 -5.19 -45.19 -25.09
N LYS D 218 -4.99 -44.62 -23.90
CA LYS D 218 -6.08 -44.15 -23.05
C LYS D 218 -6.18 -42.63 -23.01
N VAL D 219 -5.12 -41.95 -23.46
CA VAL D 219 -5.01 -40.50 -23.33
C VAL D 219 -4.79 -39.80 -24.68
N ALA D 220 -5.55 -38.73 -24.93
CA ALA D 220 -5.39 -37.87 -26.09
C ALA D 220 -4.71 -36.56 -25.67
N LEU D 221 -3.67 -36.17 -26.40
CA LEU D 221 -2.87 -34.98 -26.03
C LEU D 221 -3.07 -33.81 -26.99
N VAL D 222 -3.23 -32.62 -26.42
CA VAL D 222 -3.38 -31.37 -27.18
C VAL D 222 -2.44 -30.35 -26.53
N TYR D 223 -1.59 -29.71 -27.33
CA TYR D 223 -0.59 -28.77 -26.81
C TYR D 223 -0.44 -27.50 -27.63
N GLY D 224 -0.33 -26.38 -26.93
CA GLY D 224 0.05 -25.08 -27.49
C GLY D 224 0.76 -24.36 -26.37
N GLN D 225 2.08 -24.49 -26.34
CA GLN D 225 2.86 -24.08 -25.18
C GLN D 225 3.28 -22.62 -25.25
N MET D 226 4.08 -22.18 -24.28
CA MET D 226 4.47 -20.77 -24.19
C MET D 226 5.45 -20.32 -25.28
N ASN D 227 5.78 -21.23 -26.19
CA ASN D 227 6.56 -20.88 -27.39
C ASN D 227 5.69 -20.37 -28.52
N GLU D 228 4.37 -20.47 -28.34
CA GLU D 228 3.40 -20.10 -29.37
C GLU D 228 2.91 -18.67 -29.20
N PRO D 229 2.51 -18.01 -30.31
CA PRO D 229 1.91 -16.68 -30.23
C PRO D 229 0.55 -16.73 -29.50
N PRO D 230 0.05 -15.57 -29.01
CA PRO D 230 -1.13 -15.53 -28.13
C PRO D 230 -2.41 -16.13 -28.70
N GLY D 231 -2.60 -16.06 -30.01
CA GLY D 231 -3.79 -16.64 -30.64
C GLY D 231 -3.88 -18.13 -30.39
N ALA D 232 -2.75 -18.82 -30.55
CA ALA D 232 -2.63 -20.24 -30.26
C ALA D 232 -2.97 -20.51 -28.80
N ARG D 233 -2.33 -19.77 -27.90
CA ARG D 233 -2.52 -19.94 -26.46
C ARG D 233 -3.94 -19.58 -26.00
N ALA D 234 -4.59 -18.66 -26.72
CA ALA D 234 -5.97 -18.28 -26.43
C ALA D 234 -6.97 -19.38 -26.82
N ARG D 235 -6.58 -20.21 -27.79
CA ARG D 235 -7.50 -21.21 -28.35
C ARG D 235 -7.24 -22.69 -28.05
N VAL D 236 -5.99 -23.09 -27.81
CA VAL D 236 -5.69 -24.48 -27.38
C VAL D 236 -6.53 -25.13 -26.29
N ALA D 237 -7.04 -24.34 -25.35
CA ALA D 237 -7.94 -24.89 -24.32
C ALA D 237 -9.25 -25.32 -24.96
N LEU D 238 -9.74 -24.53 -25.92
CA LEU D 238 -10.96 -24.87 -26.63
C LEU D 238 -10.79 -26.13 -27.46
N THR D 239 -9.61 -26.27 -28.07
CA THR D 239 -9.26 -27.48 -28.82
C THR D 239 -9.25 -28.69 -27.90
N GLY D 240 -8.52 -28.55 -26.79
CA GLY D 240 -8.39 -29.63 -25.81
C GLY D 240 -9.74 -30.10 -25.27
N LEU D 241 -10.61 -29.15 -24.95
CA LEU D 241 -11.91 -29.48 -24.38
C LEU D 241 -12.93 -29.99 -25.41
N THR D 242 -12.74 -29.61 -26.68
CA THR D 242 -13.56 -30.12 -27.77
C THR D 242 -13.37 -31.63 -27.90
N VAL D 243 -12.11 -32.07 -27.83
CA VAL D 243 -11.77 -33.49 -27.82
C VAL D 243 -12.49 -34.19 -26.66
N ALA D 244 -12.54 -33.53 -25.50
CA ALA D 244 -13.20 -34.05 -24.29
C ALA D 244 -14.72 -34.15 -24.45
N GLU D 245 -15.31 -33.11 -25.03
CA GLU D 245 -16.77 -33.05 -25.29
C GLU D 245 -17.27 -34.20 -26.17
N TYR D 246 -16.47 -34.60 -27.16
CA TYR D 246 -16.83 -35.74 -28.01
C TYR D 246 -16.92 -37.03 -27.19
N PHE D 247 -15.90 -37.27 -26.39
CA PHE D 247 -15.83 -38.47 -25.55
C PHE D 247 -16.95 -38.53 -24.50
N ARG D 248 -17.44 -37.36 -24.10
CA ARG D 248 -18.53 -37.25 -23.13
C ARG D 248 -19.90 -37.49 -23.78
N ASP D 249 -20.14 -36.85 -24.92
CA ASP D 249 -21.49 -36.81 -25.52
C ASP D 249 -21.81 -37.94 -26.49
N GLN D 250 -20.84 -38.28 -27.35
CA GLN D 250 -21.07 -39.26 -28.40
C GLN D 250 -20.83 -40.67 -27.89
N GLU D 251 -20.20 -40.77 -26.72
CA GLU D 251 -19.94 -42.06 -26.07
C GLU D 251 -20.83 -42.27 -24.85
N GLY D 252 -20.69 -41.38 -23.86
CA GLY D 252 -21.44 -41.50 -22.60
C GLY D 252 -20.61 -42.07 -21.46
N GLN D 253 -19.41 -42.54 -21.77
CA GLN D 253 -18.45 -43.03 -20.77
C GLN D 253 -17.81 -41.86 -20.03
N ASP D 254 -17.12 -42.17 -18.94
CA ASP D 254 -16.52 -41.14 -18.09
C ASP D 254 -15.18 -40.66 -18.64
N VAL D 255 -14.96 -39.35 -18.55
CA VAL D 255 -13.79 -38.70 -19.12
C VAL D 255 -13.04 -37.95 -18.02
N LEU D 256 -11.71 -38.02 -18.04
CA LEU D 256 -10.86 -37.14 -17.22
C LEU D 256 -10.20 -36.11 -18.11
N LEU D 257 -10.34 -34.85 -17.74
CA LEU D 257 -9.74 -33.74 -18.48
C LEU D 257 -8.78 -32.95 -17.59
N PHE D 258 -7.51 -32.97 -17.96
CA PHE D 258 -6.46 -32.24 -17.23
C PHE D 258 -5.98 -31.06 -18.07
N ILE D 259 -5.94 -29.88 -17.46
CA ILE D 259 -5.49 -28.66 -18.14
C ILE D 259 -4.39 -27.98 -17.35
N ASP D 260 -3.25 -27.76 -18.01
CA ASP D 260 -2.14 -27.03 -17.41
C ASP D 260 -1.58 -26.14 -18.51
N ASN D 261 -1.84 -24.82 -18.45
CA ASN D 261 -2.48 -24.13 -17.32
C ASN D 261 -3.58 -23.21 -17.85
N ILE D 262 -4.77 -23.28 -17.25
CA ILE D 262 -5.94 -22.54 -17.78
C ILE D 262 -5.85 -21.00 -17.69
N PHE D 263 -4.98 -20.50 -16.81
CA PHE D 263 -4.69 -19.06 -16.74
C PHE D 263 -4.25 -18.55 -18.09
N ARG D 264 -3.48 -19.38 -18.80
CA ARG D 264 -2.81 -18.98 -20.04
C ARG D 264 -3.79 -18.61 -21.17
N PHE D 265 -5.01 -19.14 -21.08
CA PHE D 265 -6.14 -18.75 -21.90
C PHE D 265 -6.53 -17.27 -21.68
N THR D 266 -6.56 -16.86 -20.42
CA THR D 266 -6.93 -15.49 -20.06
C THR D 266 -5.77 -14.55 -20.35
N GLN D 267 -4.56 -15.00 -20.04
CA GLN D 267 -3.35 -14.21 -20.32
C GLN D 267 -3.25 -13.90 -21.81
N ALA D 268 -3.52 -14.89 -22.66
CA ALA D 268 -3.42 -14.70 -24.11
C ALA D 268 -4.44 -13.67 -24.62
N GLY D 269 -5.65 -13.72 -24.06
CA GLY D 269 -6.67 -12.70 -24.30
C GLY D 269 -6.19 -11.30 -23.92
N SER D 270 -5.48 -11.20 -22.80
CA SER D 270 -4.97 -9.90 -22.33
C SER D 270 -3.82 -9.39 -23.19
N GLU D 271 -3.04 -10.32 -23.76
CA GLU D 271 -1.91 -9.95 -24.64
C GLU D 271 -2.35 -9.21 -25.91
N VAL D 272 -3.52 -9.56 -26.44
CA VAL D 272 -4.00 -8.98 -27.70
C VAL D 272 -5.10 -7.92 -27.52
N SER D 273 -5.55 -7.75 -26.28
CA SER D 273 -6.70 -6.88 -25.99
C SER D 273 -6.57 -5.43 -26.47
N ALA D 274 -5.43 -4.80 -26.17
CA ALA D 274 -5.19 -3.42 -26.63
C ALA D 274 -5.17 -3.30 -28.16
N LEU D 275 -4.60 -4.30 -28.84
CA LEU D 275 -4.56 -4.31 -30.31
C LEU D 275 -5.92 -4.59 -30.96
N LEU D 276 -6.84 -5.17 -30.18
CA LEU D 276 -8.23 -5.35 -30.58
C LEU D 276 -9.07 -4.10 -30.27
N GLY D 277 -8.40 -3.05 -29.83
CA GLY D 277 -9.01 -1.74 -29.63
C GLY D 277 -9.80 -1.57 -28.34
N ARG D 278 -9.47 -2.39 -27.34
CA ARG D 278 -10.17 -2.32 -26.06
C ARG D 278 -9.46 -1.42 -25.05
N ILE D 279 -10.25 -0.56 -24.40
N ILE D 279 -10.22 -0.55 -24.41
CA ILE D 279 -9.85 0.12 -23.17
CA ILE D 279 -9.68 0.18 -23.27
C ILE D 279 -9.58 -0.94 -22.11
C ILE D 279 -9.62 -0.79 -22.07
N PRO D 280 -8.47 -0.82 -21.36
CA PRO D 280 -8.24 -1.83 -20.33
C PRO D 280 -9.20 -1.78 -19.14
N SER D 281 -9.43 -2.94 -18.54
CA SER D 281 -10.10 -3.03 -17.26
C SER D 281 -9.02 -3.05 -16.18
N ALA D 282 -9.43 -3.33 -14.93
CA ALA D 282 -8.51 -3.37 -13.80
C ALA D 282 -7.34 -4.34 -14.02
N VAL D 283 -6.17 -3.94 -13.54
CA VAL D 283 -4.95 -4.76 -13.54
C VAL D 283 -4.51 -5.16 -14.97
N GLY D 284 -4.78 -4.27 -15.92
CA GLY D 284 -4.43 -4.48 -17.33
C GLY D 284 -5.18 -5.56 -18.10
N TYR D 285 -6.24 -6.11 -17.52
CA TYR D 285 -6.99 -7.17 -18.20
C TYR D 285 -8.04 -6.66 -19.20
N GLN D 286 -8.41 -7.54 -20.13
CA GLN D 286 -9.49 -7.29 -21.07
C GLN D 286 -10.81 -7.07 -20.31
N PRO D 287 -11.66 -6.13 -20.79
CA PRO D 287 -12.99 -5.93 -20.18
C PRO D 287 -13.88 -7.17 -20.23
N THR D 288 -13.57 -8.08 -21.16
CA THR D 288 -14.37 -9.28 -21.39
C THR D 288 -13.91 -10.50 -20.57
N LEU D 289 -12.93 -10.30 -19.69
CA LEU D 289 -12.33 -11.41 -18.92
C LEU D 289 -13.33 -12.44 -18.40
N ALA D 290 -14.40 -11.96 -17.76
CA ALA D 290 -15.35 -12.85 -17.07
C ALA D 290 -16.32 -13.59 -17.99
N THR D 291 -16.81 -12.91 -19.03
CA THR D 291 -17.68 -13.59 -20.02
C THR D 291 -16.88 -14.53 -20.91
N ASP D 292 -15.68 -14.10 -21.31
CA ASP D 292 -14.74 -14.98 -22.02
C ASP D 292 -14.53 -16.29 -21.25
N MET D 293 -14.18 -16.15 -19.98
CA MET D 293 -13.99 -17.30 -19.10
C MET D 293 -15.26 -18.13 -18.95
N GLY D 294 -16.40 -17.45 -18.82
CA GLY D 294 -17.69 -18.12 -18.64
C GLY D 294 -18.11 -19.00 -19.81
N THR D 295 -17.89 -18.52 -21.03
CA THR D 295 -18.28 -19.26 -22.23
C THR D 295 -17.39 -20.49 -22.45
N MET D 296 -16.18 -20.44 -21.91
CA MET D 296 -15.22 -21.54 -21.99
C MET D 296 -15.43 -22.54 -20.84
N GLN D 297 -15.54 -22.03 -19.61
CA GLN D 297 -15.69 -22.89 -18.42
C GLN D 297 -16.99 -23.67 -18.40
N GLU D 298 -18.07 -23.05 -18.87
CA GLU D 298 -19.40 -23.68 -18.80
C GLU D 298 -19.56 -24.87 -19.75
N ARG D 299 -18.57 -25.07 -20.62
CA ARG D 299 -18.51 -26.25 -21.48
C ARG D 299 -17.77 -27.39 -20.77
N ILE D 300 -16.85 -27.01 -19.88
CA ILE D 300 -16.08 -27.96 -19.09
C ILE D 300 -16.95 -28.46 -17.93
N THR D 301 -17.71 -29.51 -18.18
CA THR D 301 -18.71 -29.95 -17.20
C THR D 301 -19.27 -31.35 -17.46
N THR D 302 -19.72 -31.97 -16.37
CA THR D 302 -20.53 -33.18 -16.43
C THR D 302 -21.94 -32.78 -16.83
N THR D 303 -22.60 -33.65 -17.59
CA THR D 303 -23.98 -33.46 -17.98
C THR D 303 -24.73 -34.76 -17.74
N LYS D 304 -26.05 -34.73 -17.98
CA LYS D 304 -26.87 -35.93 -17.94
C LYS D 304 -26.44 -36.97 -18.99
N LYS D 305 -25.70 -36.51 -20.00
CA LYS D 305 -25.21 -37.40 -21.06
C LYS D 305 -23.91 -38.13 -20.69
N GLY D 306 -23.07 -37.47 -19.89
CA GLY D 306 -21.78 -38.04 -19.53
C GLY D 306 -20.97 -37.22 -18.54
N SER D 307 -20.00 -37.88 -17.92
CA SER D 307 -19.24 -37.29 -16.83
C SER D 307 -17.87 -36.78 -17.28
N ILE D 308 -17.53 -35.57 -16.84
CA ILE D 308 -16.17 -35.09 -16.97
C ILE D 308 -15.66 -34.71 -15.58
N THR D 309 -14.62 -35.41 -15.13
CA THR D 309 -13.86 -34.97 -13.98
C THR D 309 -12.74 -34.09 -14.51
N SER D 310 -12.85 -32.77 -14.26
CA SER D 310 -11.87 -31.82 -14.75
C SER D 310 -10.94 -31.33 -13.65
N VAL D 311 -9.64 -31.35 -13.95
CA VAL D 311 -8.62 -30.84 -13.05
C VAL D 311 -7.80 -29.78 -13.79
N GLN D 312 -7.93 -28.53 -13.35
CA GLN D 312 -7.30 -27.41 -14.02
C GLN D 312 -6.26 -26.74 -13.12
N ALA D 313 -5.04 -26.66 -13.60
CA ALA D 313 -3.99 -25.89 -12.94
C ALA D 313 -4.25 -24.41 -13.24
N ILE D 314 -4.17 -23.59 -12.19
CA ILE D 314 -4.53 -22.17 -12.29
C ILE D 314 -3.41 -21.29 -11.72
N TYR D 315 -2.72 -20.60 -12.62
CA TYR D 315 -1.63 -19.71 -12.24
C TYR D 315 -2.17 -18.47 -11.52
N VAL D 316 -1.42 -18.01 -10.52
CA VAL D 316 -1.79 -16.85 -9.72
C VAL D 316 -0.67 -15.80 -9.85
N PRO D 317 -0.89 -14.78 -10.70
CA PRO D 317 0.16 -13.77 -10.95
C PRO D 317 0.55 -13.03 -9.69
N ALA D 318 1.87 -12.87 -9.51
CA ALA D 318 2.42 -12.15 -8.36
C ALA D 318 1.92 -12.71 -7.02
N ASP D 319 1.62 -14.01 -7.00
CA ASP D 319 1.07 -14.73 -5.83
C ASP D 319 -0.23 -14.14 -5.27
N ASP D 320 -0.84 -13.22 -6.00
CA ASP D 320 -2.02 -12.51 -5.51
C ASP D 320 -3.30 -13.21 -5.92
N LEU D 321 -3.94 -13.86 -4.96
CA LEU D 321 -5.19 -14.59 -5.22
C LEU D 321 -6.37 -13.70 -5.58
N THR D 322 -6.22 -12.39 -5.38
CA THR D 322 -7.26 -11.41 -5.74
C THR D 322 -7.07 -10.89 -7.17
N ASP D 323 -5.98 -11.31 -7.82
CA ASP D 323 -5.77 -11.00 -9.23
C ASP D 323 -7.00 -11.43 -10.03
N PRO D 324 -7.52 -10.56 -10.90
CA PRO D 324 -8.75 -10.84 -11.63
C PRO D 324 -8.85 -12.23 -12.27
N ALA D 325 -7.74 -12.75 -12.80
CA ALA D 325 -7.74 -14.07 -13.45
C ALA D 325 -8.07 -15.22 -12.49
N PRO D 326 -7.22 -15.47 -11.45
CA PRO D 326 -7.64 -16.49 -10.49
C PRO D 326 -8.93 -16.14 -9.73
N ALA D 327 -9.10 -14.88 -9.35
CA ALA D 327 -10.29 -14.44 -8.59
C ALA D 327 -11.60 -14.81 -9.28
N THR D 328 -11.63 -14.64 -10.61
CA THR D 328 -12.80 -14.98 -11.41
C THR D 328 -12.97 -16.51 -11.60
N THR D 329 -11.87 -17.26 -11.44
CA THR D 329 -11.91 -18.71 -11.65
C THR D 329 -12.61 -19.49 -10.52
N PHE D 330 -12.50 -18.98 -9.29
CA PHE D 330 -13.02 -19.71 -8.10
C PHE D 330 -14.45 -20.19 -8.25
N ALA D 331 -15.33 -19.32 -8.73
CA ALA D 331 -16.77 -19.59 -8.87
C ALA D 331 -17.12 -20.72 -9.85
N HIS D 332 -16.14 -21.11 -10.68
CA HIS D 332 -16.34 -22.17 -11.67
C HIS D 332 -16.00 -23.56 -11.15
N LEU D 333 -15.60 -23.65 -9.88
CA LEU D 333 -15.07 -24.90 -9.33
C LEU D 333 -15.95 -25.48 -8.23
N ASP D 334 -15.87 -26.80 -8.06
CA ASP D 334 -16.56 -27.50 -6.96
C ASP D 334 -15.59 -27.81 -5.82
N ALA D 335 -14.29 -27.96 -6.17
CA ALA D 335 -13.24 -28.18 -5.20
C ALA D 335 -12.04 -27.35 -5.56
N THR D 336 -11.43 -26.72 -4.55
CA THR D 336 -10.30 -25.82 -4.78
C THR D 336 -9.14 -26.26 -3.92
N THR D 337 -7.98 -26.44 -4.56
CA THR D 337 -6.75 -26.73 -3.86
C THR D 337 -5.87 -25.51 -4.05
N VAL D 338 -5.64 -24.77 -2.97
CA VAL D 338 -4.85 -23.55 -3.04
C VAL D 338 -3.46 -23.80 -2.48
N LEU D 339 -2.45 -23.61 -3.34
CA LEU D 339 -1.05 -23.80 -2.96
C LEU D 339 -0.45 -22.46 -2.56
N SER D 340 0.51 -22.48 -1.64
CA SER D 340 1.07 -21.25 -1.08
C SER D 340 2.60 -21.29 -1.06
N ARG D 341 3.24 -20.23 -1.55
CA ARG D 341 4.69 -20.11 -1.53
C ARG D 341 5.20 -20.06 -0.08
N ALA D 342 4.40 -19.44 0.80
CA ALA D 342 4.74 -19.32 2.21
C ALA D 342 4.90 -20.70 2.84
N ILE D 343 4.17 -21.67 2.32
CA ILE D 343 4.21 -23.05 2.80
C ILE D 343 5.31 -23.85 2.10
N ALA D 344 5.41 -23.73 0.78
CA ALA D 344 6.46 -24.40 0.00
C ALA D 344 7.85 -24.02 0.53
N GLU D 345 8.01 -22.75 0.89
CA GLU D 345 9.26 -22.19 1.40
C GLU D 345 9.75 -22.92 2.66
N LEU D 346 8.82 -23.55 3.37
CA LEU D 346 9.14 -24.27 4.59
C LEU D 346 9.54 -25.72 4.34
N GLY D 347 9.48 -26.15 3.08
CA GLY D 347 9.72 -27.54 2.73
C GLY D 347 8.48 -28.42 2.92
N ILE D 348 7.33 -27.79 3.15
CA ILE D 348 6.07 -28.52 3.26
C ILE D 348 5.50 -28.72 1.86
N TYR D 349 5.54 -29.97 1.41
CA TYR D 349 5.03 -30.37 0.10
C TYR D 349 4.09 -31.56 0.27
N PRO D 350 2.94 -31.57 -0.43
CA PRO D 350 2.49 -30.49 -1.33
C PRO D 350 2.15 -29.23 -0.53
N ALA D 351 2.37 -28.07 -1.13
CA ALA D 351 2.27 -26.79 -0.45
C ALA D 351 0.83 -26.29 -0.30
N VAL D 352 -0.06 -27.20 0.07
CA VAL D 352 -1.49 -26.89 0.15
C VAL D 352 -1.79 -26.04 1.39
N ASP D 353 -2.45 -24.91 1.17
CA ASP D 353 -2.97 -24.09 2.26
C ASP D 353 -4.21 -24.75 2.85
N PRO D 354 -4.10 -25.30 4.07
CA PRO D 354 -5.24 -26.00 4.65
C PRO D 354 -6.36 -25.06 5.09
N LEU D 355 -6.04 -23.77 5.13
CA LEU D 355 -7.01 -22.75 5.53
C LEU D 355 -7.48 -21.91 4.34
N ASP D 356 -7.29 -22.42 3.12
CA ASP D 356 -7.77 -21.73 1.92
C ASP D 356 -8.15 -22.68 0.78
N SER D 357 -8.35 -23.95 1.14
CA SER D 357 -8.77 -24.98 0.19
C SER D 357 -10.14 -25.49 0.62
N THR D 358 -11.06 -25.61 -0.35
CA THR D 358 -12.48 -25.89 -0.04
C THR D 358 -13.04 -26.95 -0.99
N SER D 359 -14.17 -27.55 -0.61
CA SER D 359 -14.88 -28.50 -1.45
C SER D 359 -16.36 -28.54 -1.13
N ARG D 360 -17.19 -28.57 -2.18
CA ARG D 360 -18.64 -28.70 -2.04
C ARG D 360 -19.04 -29.91 -1.20
N ILE D 361 -18.29 -30.99 -1.31
CA ILE D 361 -18.63 -32.24 -0.60
C ILE D 361 -18.08 -32.34 0.84
N MET D 362 -17.33 -31.33 1.28
CA MET D 362 -16.97 -31.24 2.70
C MET D 362 -18.21 -30.86 3.52
N ASP D 363 -19.01 -31.88 3.78
CA ASP D 363 -20.35 -31.78 4.35
C ASP D 363 -20.52 -33.08 5.14
N PRO D 364 -20.95 -32.98 6.41
CA PRO D 364 -21.14 -34.20 7.23
C PRO D 364 -22.12 -35.20 6.64
N ASN D 365 -23.11 -34.72 5.89
CA ASN D 365 -24.10 -35.59 5.24
C ASN D 365 -23.56 -36.34 4.02
N ILE D 366 -22.40 -35.93 3.53
CA ILE D 366 -21.80 -36.57 2.36
C ILE D 366 -20.60 -37.43 2.75
N VAL D 367 -19.65 -36.85 3.49
CA VAL D 367 -18.42 -37.56 3.90
C VAL D 367 -18.56 -38.30 5.24
N GLY D 368 -19.65 -38.03 5.96
CA GLY D 368 -19.87 -38.63 7.28
C GLY D 368 -19.36 -37.71 8.37
N SER D 369 -19.88 -37.88 9.58
CA SER D 369 -19.56 -37.00 10.70
C SER D 369 -18.11 -37.15 11.17
N GLU D 370 -17.59 -38.37 11.17
CA GLU D 370 -16.19 -38.63 11.56
C GLU D 370 -15.22 -37.84 10.69
N HIS D 371 -15.30 -38.05 9.37
CA HIS D 371 -14.48 -37.30 8.41
C HIS D 371 -14.61 -35.79 8.60
N TYR D 372 -15.85 -35.30 8.64
CA TYR D 372 -16.10 -33.86 8.75
C TYR D 372 -15.55 -33.26 10.06
N ASP D 373 -15.78 -33.95 11.17
CA ASP D 373 -15.31 -33.50 12.48
C ASP D 373 -13.79 -33.38 12.57
N VAL D 374 -13.08 -34.38 12.04
CA VAL D 374 -11.60 -34.37 12.02
C VAL D 374 -11.06 -33.25 11.13
N ALA D 375 -11.69 -33.07 9.96
CA ALA D 375 -11.30 -32.01 9.04
C ALA D 375 -11.45 -30.61 9.67
N ARG D 376 -12.59 -30.37 10.32
CA ARG D 376 -12.86 -29.09 10.98
C ARG D 376 -11.98 -28.89 12.21
N GLY D 377 -11.71 -30.00 12.92
CA GLY D 377 -10.79 -30.00 14.05
C GLY D 377 -9.37 -29.61 13.66
N VAL D 378 -8.89 -30.18 12.55
CA VAL D 378 -7.58 -29.84 11.98
C VAL D 378 -7.51 -28.37 11.57
N GLN D 379 -8.56 -27.89 10.90
CA GLN D 379 -8.59 -26.50 10.48
C GLN D 379 -8.62 -25.53 11.67
N LYS D 380 -9.40 -25.86 12.69
CA LYS D 380 -9.48 -25.05 13.91
C LYS D 380 -8.13 -24.91 14.61
N ILE D 381 -7.46 -26.05 14.84
CA ILE D 381 -6.17 -26.05 15.54
C ILE D 381 -5.11 -25.24 14.75
N LEU D 382 -5.15 -25.36 13.43
CA LEU D 382 -4.23 -24.63 12.57
C LEU D 382 -4.52 -23.14 12.53
N GLN D 383 -5.81 -22.77 12.57
CA GLN D 383 -6.17 -21.34 12.61
C GLN D 383 -5.83 -20.71 13.96
N ASP D 384 -6.03 -21.48 15.03
CA ASP D 384 -5.62 -21.06 16.38
C ASP D 384 -4.11 -20.83 16.47
N TYR D 385 -3.32 -21.76 15.93
CA TYR D 385 -1.87 -21.61 15.89
C TYR D 385 -1.42 -20.41 15.06
N LYS D 386 -1.98 -20.28 13.85
CA LYS D 386 -1.68 -19.16 12.95
C LYS D 386 -1.88 -17.80 13.66
N SER D 387 -2.97 -17.69 14.41
CA SER D 387 -3.30 -16.48 15.16
C SER D 387 -2.34 -16.23 16.34
N LEU D 388 -1.71 -17.30 16.83
CA LEU D 388 -0.77 -17.21 17.96
C LEU D 388 0.66 -16.93 17.55
N GLN D 389 1.08 -17.50 16.42
CA GLN D 389 2.46 -17.42 15.92
C GLN D 389 3.12 -16.06 16.15
N ASP D 390 2.43 -15.01 15.71
CA ASP D 390 2.97 -13.65 15.71
C ASP D 390 3.10 -13.09 17.13
N ILE D 391 2.18 -13.49 18.00
CA ILE D 391 2.20 -13.05 19.39
C ILE D 391 3.37 -13.73 20.12
N ILE D 392 3.53 -15.04 19.90
CA ILE D 392 4.59 -15.79 20.55
C ILE D 392 5.97 -15.49 19.96
N ALA D 393 6.02 -15.03 18.72
CA ALA D 393 7.29 -14.63 18.10
C ALA D 393 7.93 -13.44 18.83
N ILE D 394 7.09 -12.63 19.47
CA ILE D 394 7.57 -11.43 20.18
C ILE D 394 7.58 -11.61 21.70
N LEU D 395 6.51 -12.16 22.26
CA LEU D 395 6.38 -12.30 23.72
C LEU D 395 6.91 -13.62 24.28
N GLY D 396 7.04 -14.62 23.43
CA GLY D 396 7.66 -15.88 23.82
C GLY D 396 6.70 -17.00 24.17
N MET D 397 7.17 -18.22 23.95
CA MET D 397 6.42 -19.45 24.24
C MET D 397 6.04 -19.58 25.72
N ASP D 398 6.92 -19.12 26.61
CA ASP D 398 6.74 -19.27 28.06
C ASP D 398 5.56 -18.47 28.59
N GLU D 399 5.07 -17.53 27.79
CA GLU D 399 3.92 -16.72 28.15
C GLU D 399 2.60 -17.42 27.86
N LEU D 400 2.64 -18.47 27.03
CA LEU D 400 1.46 -19.25 26.69
C LEU D 400 1.01 -20.12 27.86
N SER D 401 -0.31 -20.26 28.00
CA SER D 401 -0.90 -21.20 28.91
C SER D 401 -0.65 -22.62 28.41
N GLU D 402 -0.77 -23.60 29.31
CA GLU D 402 -0.56 -25.01 28.95
C GLU D 402 -1.47 -25.46 27.81
N GLU D 403 -2.70 -24.93 27.81
CA GLU D 403 -3.67 -25.20 26.75
C GLU D 403 -3.21 -24.65 25.39
N ASP D 404 -2.57 -23.49 25.42
CA ASP D 404 -2.08 -22.85 24.21
C ASP D 404 -0.85 -23.53 23.61
N LYS D 405 0.08 -23.96 24.47
CA LYS D 405 1.32 -24.57 23.99
C LYS D 405 1.12 -26.03 23.60
N LEU D 406 0.01 -26.61 24.06
CA LEU D 406 -0.43 -27.92 23.61
C LEU D 406 -1.00 -27.82 22.20
N THR D 407 -1.80 -26.77 21.96
CA THR D 407 -2.32 -26.51 20.61
C THR D 407 -1.20 -26.11 19.64
N VAL D 408 -0.14 -25.49 20.15
CA VAL D 408 1.02 -25.15 19.32
C VAL D 408 1.76 -26.41 18.86
N SER D 409 2.14 -27.26 19.81
CA SER D 409 2.91 -28.47 19.49
C SER D 409 2.11 -29.43 18.60
N ARG D 410 0.83 -29.63 18.90
CA ARG D 410 -0.04 -30.47 18.08
C ARG D 410 -0.26 -29.90 16.68
N ALA D 411 -0.42 -28.58 16.58
CA ALA D 411 -0.60 -27.91 15.30
C ALA D 411 0.60 -28.07 14.38
N ARG D 412 1.80 -28.00 14.98
CA ARG D 412 3.04 -28.13 14.24
C ARG D 412 3.25 -29.56 13.74
N LYS D 413 2.74 -30.53 14.50
CA LYS D 413 2.76 -31.92 14.10
C LYS D 413 1.74 -32.18 12.99
N ILE D 414 0.57 -31.55 13.11
CA ILE D 414 -0.48 -31.60 12.09
C ILE D 414 -0.03 -30.98 10.76
N GLN D 415 0.62 -29.82 10.82
CA GLN D 415 1.20 -29.17 9.64
C GLN D 415 2.15 -30.11 8.90
N ARG D 416 2.97 -30.82 9.67
CA ARG D 416 3.95 -31.76 9.13
C ARG D 416 3.31 -33.03 8.57
N PHE D 417 2.28 -33.54 9.25
CA PHE D 417 1.62 -34.76 8.78
C PHE D 417 0.77 -34.55 7.52
N LEU D 418 0.57 -33.30 7.14
CA LEU D 418 -0.10 -32.93 5.90
C LEU D 418 0.86 -32.99 4.71
N SER D 419 2.16 -32.87 5.00
CA SER D 419 3.19 -33.04 3.97
C SER D 419 3.29 -34.52 3.60
N GLN D 420 3.74 -34.81 2.38
CA GLN D 420 3.70 -36.18 1.87
C GLN D 420 4.65 -36.33 0.66
N PRO D 421 5.44 -37.43 0.63
CA PRO D 421 6.29 -37.65 -0.53
C PRO D 421 5.49 -38.21 -1.71
N PHE D 422 5.55 -37.51 -2.84
CA PHE D 422 4.87 -37.91 -4.06
C PHE D 422 5.78 -38.80 -4.91
N GLN D 423 5.19 -39.79 -5.57
CA GLN D 423 5.92 -40.66 -6.49
C GLN D 423 6.56 -39.86 -7.63
N VAL D 424 5.83 -38.88 -8.13
CA VAL D 424 6.33 -38.02 -9.22
C VAL D 424 7.34 -36.98 -8.74
N ALA D 425 7.56 -36.90 -7.42
CA ALA D 425 8.45 -35.89 -6.84
C ALA D 425 9.71 -36.50 -6.22
N GLU D 426 9.95 -37.78 -6.50
CA GLU D 426 11.11 -38.50 -5.95
C GLU D 426 12.44 -37.82 -6.31
N VAL D 427 12.50 -37.22 -7.50
CA VAL D 427 13.68 -36.47 -7.95
C VAL D 427 13.92 -35.17 -7.15
N PHE D 428 12.91 -34.77 -6.38
CA PHE D 428 12.98 -33.53 -5.59
C PHE D 428 13.10 -33.80 -4.09
N THR D 429 12.47 -34.86 -3.62
CA THR D 429 12.41 -35.16 -2.17
C THR D 429 13.49 -36.10 -1.67
N GLY D 430 13.93 -37.03 -2.52
CA GLY D 430 14.88 -38.07 -2.11
C GLY D 430 14.18 -39.16 -1.33
N HIS D 431 12.85 -39.08 -1.26
CA HIS D 431 12.02 -40.07 -0.57
C HIS D 431 11.16 -40.82 -1.57
N LEU D 432 10.93 -42.10 -1.28
CA LEU D 432 10.00 -42.92 -2.05
C LEU D 432 8.60 -42.34 -1.90
N GLY D 433 7.85 -42.31 -3.00
CA GLY D 433 6.49 -41.79 -3.00
C GLY D 433 5.54 -42.65 -2.18
N LYS D 434 4.48 -42.03 -1.66
CA LYS D 434 3.50 -42.74 -0.83
C LYS D 434 2.08 -42.35 -1.17
N LEU D 435 1.18 -43.34 -1.13
CA LEU D 435 -0.24 -43.14 -1.32
C LEU D 435 -0.96 -43.59 -0.06
N VAL D 436 -1.73 -42.70 0.55
CA VAL D 436 -2.37 -43.01 1.82
C VAL D 436 -3.89 -43.16 1.67
N PRO D 437 -4.43 -44.35 2.01
CA PRO D 437 -5.88 -44.56 2.00
C PRO D 437 -6.61 -43.55 2.90
N LEU D 438 -7.82 -43.16 2.49
CA LEU D 438 -8.65 -42.21 3.23
C LEU D 438 -8.88 -42.62 4.68
N LYS D 439 -9.12 -43.91 4.90
CA LYS D 439 -9.30 -44.46 6.25
C LYS D 439 -8.13 -44.12 7.16
N GLU D 440 -6.92 -44.29 6.62
CA GLU D 440 -5.68 -44.06 7.36
C GLU D 440 -5.42 -42.58 7.57
N THR D 441 -5.83 -41.77 6.60
CA THR D 441 -5.72 -40.30 6.70
C THR D 441 -6.55 -39.77 7.87
N ILE D 442 -7.81 -40.23 7.95
CA ILE D 442 -8.72 -39.82 9.02
C ILE D 442 -8.18 -40.26 10.39
N LYS D 443 -7.82 -41.54 10.51
CA LYS D 443 -7.30 -42.08 11.76
C LYS D 443 -6.09 -41.31 12.24
N GLY D 444 -5.12 -41.09 11.35
CA GLY D 444 -3.88 -40.40 11.67
C GLY D 444 -4.06 -39.02 12.28
N PHE D 445 -4.87 -38.19 11.64
CA PHE D 445 -5.14 -36.85 12.17
C PHE D 445 -6.00 -36.89 13.43
N GLN D 446 -6.93 -37.83 13.50
CA GLN D 446 -7.72 -38.06 14.71
C GLN D 446 -6.82 -38.26 15.94
N GLN D 447 -5.82 -39.12 15.80
CA GLN D 447 -4.94 -39.47 16.92
C GLN D 447 -4.04 -38.31 17.34
N ILE D 448 -3.54 -37.53 16.38
CA ILE D 448 -2.72 -36.36 16.70
C ILE D 448 -3.56 -35.34 17.47
N LEU D 449 -4.76 -35.05 16.95
CA LEU D 449 -5.72 -34.17 17.62
C LEU D 449 -6.04 -34.61 19.04
N ALA D 450 -6.16 -35.94 19.23
CA ALA D 450 -6.52 -36.49 20.53
C ALA D 450 -5.34 -36.52 21.52
N GLY D 451 -4.17 -36.11 21.07
CA GLY D 451 -2.97 -36.04 21.90
C GLY D 451 -2.26 -37.37 22.07
N GLU D 452 -2.53 -38.31 21.17
CA GLU D 452 -1.97 -39.65 21.25
C GLU D 452 -0.47 -39.72 20.91
N TYR D 453 0.05 -38.66 20.29
CA TYR D 453 1.46 -38.60 19.92
C TYR D 453 2.17 -37.36 20.47
N ASP D 454 1.66 -36.82 21.58
CA ASP D 454 2.25 -35.65 22.22
C ASP D 454 3.72 -35.88 22.62
N HIS D 455 4.07 -37.14 22.87
CA HIS D 455 5.40 -37.52 23.33
C HIS D 455 6.43 -37.67 22.19
N LEU D 456 5.95 -37.67 20.95
CA LEU D 456 6.81 -37.87 19.79
C LEU D 456 7.38 -36.55 19.27
N PRO D 457 8.62 -36.57 18.73
CA PRO D 457 9.19 -35.35 18.18
C PRO D 457 8.44 -34.86 16.95
N GLU D 458 8.53 -33.55 16.74
CA GLU D 458 7.91 -32.84 15.62
C GLU D 458 8.25 -33.46 14.26
N GLN D 459 9.54 -33.69 14.05
CA GLN D 459 10.06 -34.10 12.74
C GLN D 459 9.66 -35.50 12.32
N ALA D 460 9.26 -36.33 13.28
CA ALA D 460 8.76 -37.68 12.97
C ALA D 460 7.57 -37.64 12.02
N PHE D 461 6.83 -36.54 12.06
CA PHE D 461 5.60 -36.36 11.28
C PHE D 461 5.83 -35.79 9.90
N TYR D 462 7.04 -35.27 9.67
CA TYR D 462 7.39 -34.63 8.40
C TYR D 462 7.71 -35.62 7.29
N MET D 463 7.08 -35.43 6.13
CA MET D 463 7.41 -36.13 4.89
C MET D 463 7.28 -37.67 5.04
N VAL D 464 6.13 -38.11 5.53
CA VAL D 464 5.82 -39.54 5.61
C VAL D 464 4.45 -39.83 4.98
N GLY D 465 4.13 -41.11 4.85
CA GLY D 465 2.81 -41.55 4.41
C GLY D 465 1.87 -41.73 5.59
N PRO D 466 1.54 -42.99 5.94
CA PRO D 466 0.63 -43.26 7.05
C PRO D 466 1.25 -42.96 8.42
N ILE D 467 0.42 -42.87 9.45
CA ILE D 467 0.86 -42.51 10.79
C ILE D 467 1.85 -43.51 11.41
N GLU D 468 1.79 -44.77 10.96
CA GLU D 468 2.75 -45.79 11.42
C GLU D 468 4.19 -45.47 11.05
N GLU D 469 4.39 -44.76 9.94
CA GLU D 469 5.72 -44.31 9.51
C GLU D 469 6.28 -43.21 10.41
N ALA D 470 5.40 -42.38 10.97
CA ALA D 470 5.79 -41.34 11.91
C ALA D 470 6.29 -41.95 13.22
N VAL D 471 5.60 -42.99 13.68
CA VAL D 471 6.02 -43.74 14.87
C VAL D 471 7.37 -44.39 14.62
N ALA D 472 7.50 -45.09 13.49
CA ALA D 472 8.76 -45.71 13.08
C ALA D 472 9.90 -44.69 12.92
N LYS D 473 9.57 -43.51 12.39
CA LYS D 473 10.55 -42.44 12.22
C LYS D 473 11.01 -41.89 13.56
N ALA D 474 10.07 -41.77 14.51
CA ALA D 474 10.38 -41.34 15.87
C ALA D 474 11.35 -42.29 16.58
N ASP D 475 11.15 -43.60 16.37
CA ASP D 475 12.04 -44.62 16.90
C ASP D 475 13.43 -44.53 16.26
N LYS D 476 13.45 -44.32 14.94
CA LYS D 476 14.69 -44.15 14.19
C LYS D 476 15.45 -42.88 14.59
N LEU D 477 14.71 -41.83 14.93
CA LEU D 477 15.31 -40.54 15.33
C LEU D 477 15.97 -40.59 16.71
N ALA D 478 15.58 -41.56 17.54
CA ALA D 478 16.22 -41.78 18.83
C ALA D 478 17.67 -42.24 18.64
N GLU D 479 17.85 -43.33 17.89
CA GLU D 479 19.15 -43.81 17.45
C GLU D 479 18.99 -44.95 16.46
N THR E 13 -34.51 30.06 -26.23
CA THR E 13 -34.40 29.32 -27.53
C THR E 13 -34.48 27.80 -27.34
N THR E 14 -34.78 27.09 -28.42
CA THR E 14 -35.01 25.65 -28.38
C THR E 14 -33.91 24.87 -29.09
N GLY E 15 -33.27 23.97 -28.34
CA GLY E 15 -32.23 23.10 -28.88
C GLY E 15 -32.73 21.70 -29.15
N ARG E 16 -31.84 20.84 -29.62
CA ARG E 16 -32.18 19.45 -29.94
C ARG E 16 -31.16 18.49 -29.35
N ILE E 17 -31.64 17.38 -28.77
CA ILE E 17 -30.75 16.34 -28.26
C ILE E 17 -30.02 15.69 -29.42
N VAL E 18 -28.69 15.66 -29.35
CA VAL E 18 -27.87 14.98 -30.36
C VAL E 18 -27.14 13.75 -29.83
N ALA E 19 -27.05 13.63 -28.50
CA ALA E 19 -26.45 12.46 -27.86
C ALA E 19 -27.08 12.17 -26.50
N VAL E 20 -27.24 10.88 -26.19
CA VAL E 20 -27.61 10.43 -24.83
C VAL E 20 -26.73 9.24 -24.45
N ILE E 21 -25.87 9.45 -23.45
CA ILE E 21 -25.02 8.38 -22.93
C ILE E 21 -25.16 8.37 -21.42
N GLY E 22 -26.02 7.48 -20.92
CA GLY E 22 -26.33 7.44 -19.50
C GLY E 22 -26.92 8.76 -19.06
N ALA E 23 -26.41 9.30 -17.95
CA ALA E 23 -26.90 10.57 -17.43
C ALA E 23 -26.21 11.79 -18.07
N VAL E 24 -25.53 11.57 -19.20
CA VAL E 24 -24.89 12.66 -19.95
C VAL E 24 -25.66 12.85 -21.27
N VAL E 25 -26.09 14.09 -21.52
CA VAL E 25 -26.89 14.42 -22.71
C VAL E 25 -26.29 15.63 -23.44
N ASP E 26 -26.05 15.48 -24.75
CA ASP E 26 -25.55 16.59 -25.58
C ASP E 26 -26.70 17.24 -26.34
N VAL E 27 -26.69 18.57 -26.40
CA VAL E 27 -27.77 19.35 -27.02
C VAL E 27 -27.20 20.40 -27.98
N GLN E 28 -27.74 20.44 -29.20
CA GLN E 28 -27.33 21.42 -30.19
C GLN E 28 -28.33 22.58 -30.27
N PHE E 29 -27.80 23.81 -30.26
CA PHE E 29 -28.62 25.02 -30.36
C PHE E 29 -28.31 25.79 -31.64
N ASP E 30 -29.35 26.27 -32.31
CA ASP E 30 -29.19 26.99 -33.57
C ASP E 30 -28.62 28.40 -33.43
N GLU E 31 -29.02 29.09 -32.37
CA GLU E 31 -28.60 30.47 -32.15
C GLU E 31 -27.56 30.59 -31.03
N GLY E 32 -27.87 31.42 -30.03
CA GLY E 32 -27.00 31.57 -28.87
C GLY E 32 -27.09 30.35 -27.96
N LEU E 33 -25.92 29.89 -27.51
CA LEU E 33 -25.85 28.73 -26.63
C LEU E 33 -26.12 29.10 -25.18
N PRO E 34 -26.76 28.19 -24.41
CA PRO E 34 -26.92 28.41 -22.98
C PRO E 34 -25.57 28.32 -22.25
N PRO E 35 -25.26 29.33 -21.42
CA PRO E 35 -24.03 29.31 -20.62
C PRO E 35 -23.93 28.08 -19.71
N ILE E 36 -22.70 27.68 -19.41
CA ILE E 36 -22.41 26.63 -18.44
C ILE E 36 -23.15 26.93 -17.14
N LEU E 37 -23.80 25.90 -16.59
CA LEU E 37 -24.62 25.95 -15.35
C LEU E 37 -26.11 26.26 -15.57
N ASN E 38 -26.48 26.72 -16.77
CA ASN E 38 -27.89 26.94 -17.10
C ASN E 38 -28.69 25.66 -17.06
N ALA E 39 -29.92 25.76 -16.54
CA ALA E 39 -30.87 24.66 -16.53
C ALA E 39 -31.60 24.58 -17.86
N LEU E 40 -31.65 23.39 -18.44
CA LEU E 40 -32.42 23.16 -19.65
C LEU E 40 -33.57 22.22 -19.35
N GLU E 41 -34.71 22.51 -19.96
CA GLU E 41 -35.93 21.73 -19.76
C GLU E 41 -36.23 20.87 -20.98
N VAL E 42 -36.20 19.56 -20.79
CA VAL E 42 -36.49 18.62 -21.88
C VAL E 42 -37.99 18.64 -22.16
N GLN E 43 -38.35 18.85 -23.42
CA GLN E 43 -39.74 18.91 -23.83
C GLN E 43 -40.32 17.51 -24.06
N GLY E 44 -41.62 17.39 -23.82
CA GLY E 44 -42.37 16.17 -24.09
C GLY E 44 -42.05 14.97 -23.23
N ARG E 45 -42.07 15.15 -21.91
CA ARG E 45 -41.84 14.04 -20.97
C ARG E 45 -42.70 14.24 -19.69
C ARG E 45 -43.18 13.53 -20.37
N GLU E 46 -43.10 13.10 -19.11
CA GLU E 46 -44.23 13.00 -18.18
C GLU E 46 -43.95 13.88 -16.95
N THR E 47 -42.82 13.62 -16.30
CA THR E 47 -42.35 14.44 -15.19
C THR E 47 -41.33 15.46 -15.70
N ARG E 48 -40.70 16.21 -14.80
CA ARG E 48 -39.78 17.25 -15.22
C ARG E 48 -38.34 16.73 -15.30
N LEU E 49 -37.71 16.93 -16.46
CA LEU E 49 -36.31 16.55 -16.66
C LEU E 49 -35.43 17.77 -16.95
N VAL E 50 -34.59 18.10 -15.97
CA VAL E 50 -33.67 19.23 -16.08
C VAL E 50 -32.26 18.73 -16.45
N LEU E 51 -31.65 19.41 -17.41
CA LEU E 51 -30.27 19.14 -17.80
C LEU E 51 -29.44 20.38 -17.46
N GLU E 52 -28.35 20.19 -16.72
CA GLU E 52 -27.48 21.32 -16.37
C GLU E 52 -26.28 21.36 -17.30
N VAL E 53 -26.07 22.50 -17.96
CA VAL E 53 -24.96 22.66 -18.88
C VAL E 53 -23.62 22.59 -18.13
N ALA E 54 -22.72 21.75 -18.64
CA ALA E 54 -21.41 21.56 -18.04
C ALA E 54 -20.27 22.05 -18.93
N GLN E 55 -20.45 21.91 -20.25
CA GLN E 55 -19.40 22.27 -21.21
C GLN E 55 -19.97 22.82 -22.50
N HIS E 56 -19.19 23.67 -23.16
CA HIS E 56 -19.43 24.03 -24.53
C HIS E 56 -18.46 23.21 -25.36
N LEU E 57 -18.99 22.25 -26.12
CA LEU E 57 -18.18 21.30 -26.88
C LEU E 57 -17.65 21.86 -28.20
N GLY E 58 -18.20 22.99 -28.63
CA GLY E 58 -17.96 23.51 -29.97
C GLY E 58 -19.05 23.07 -30.92
N GLU E 59 -19.04 23.63 -32.13
CA GLU E 59 -20.04 23.32 -33.16
C GLU E 59 -21.48 23.40 -32.64
N SER E 60 -21.75 24.46 -31.87
CA SER E 60 -23.09 24.76 -31.34
C SER E 60 -23.69 23.72 -30.39
N THR E 61 -22.83 22.86 -29.85
CA THR E 61 -23.26 21.76 -29.01
C THR E 61 -22.76 21.93 -27.56
N VAL E 62 -23.65 21.68 -26.60
CA VAL E 62 -23.30 21.70 -25.18
C VAL E 62 -23.42 20.30 -24.58
N ARG E 63 -22.59 20.01 -23.58
CA ARG E 63 -22.71 18.77 -22.84
C ARG E 63 -23.36 19.10 -21.50
N THR E 64 -24.34 18.28 -21.12
CA THR E 64 -25.14 18.52 -19.91
C THR E 64 -25.15 17.28 -19.02
N ILE E 65 -25.40 17.51 -17.73
CA ILE E 65 -25.63 16.42 -16.79
C ILE E 65 -27.12 16.39 -16.40
N ALA E 66 -27.73 15.21 -16.48
CA ALA E 66 -29.15 15.07 -16.24
C ALA E 66 -29.48 15.00 -14.75
N MET E 67 -30.58 15.62 -14.36
CA MET E 67 -31.06 15.62 -12.97
C MET E 67 -32.04 14.49 -12.63
N ASP E 68 -32.48 13.76 -13.66
CA ASP E 68 -33.31 12.56 -13.48
C ASP E 68 -32.89 11.55 -14.55
N GLY E 69 -33.53 10.39 -14.57
CA GLY E 69 -33.25 9.33 -15.55
C GLY E 69 -33.42 9.79 -16.99
N THR E 70 -32.65 9.19 -17.89
CA THR E 70 -32.64 9.62 -19.29
C THR E 70 -33.26 8.60 -20.24
N GLU E 71 -33.84 7.54 -19.69
CA GLU E 71 -34.46 6.51 -20.52
C GLU E 71 -35.59 7.12 -21.35
N GLY E 72 -35.81 6.58 -22.54
CA GLY E 72 -36.90 7.03 -23.39
C GLY E 72 -36.60 8.27 -24.22
N LEU E 73 -35.42 8.87 -24.02
CA LEU E 73 -35.01 10.05 -24.79
C LEU E 73 -34.63 9.69 -26.22
N VAL E 74 -35.00 10.56 -27.14
CA VAL E 74 -34.77 10.35 -28.57
C VAL E 74 -33.87 11.47 -29.08
N ARG E 75 -32.98 11.16 -30.01
CA ARG E 75 -32.17 12.19 -30.66
C ARG E 75 -33.10 13.07 -31.49
N GLY E 76 -32.99 14.39 -31.28
CA GLY E 76 -33.88 15.35 -31.91
C GLY E 76 -34.97 15.88 -30.99
N GLN E 77 -35.13 15.26 -29.82
CA GLN E 77 -36.10 15.72 -28.82
C GLN E 77 -35.81 17.16 -28.40
N LYS E 78 -36.85 17.98 -28.34
CA LYS E 78 -36.70 19.41 -28.09
C LYS E 78 -36.33 19.72 -26.66
N VAL E 79 -35.45 20.70 -26.49
CA VAL E 79 -34.92 21.10 -25.19
C VAL E 79 -34.95 22.62 -25.10
N LEU E 80 -35.50 23.13 -24.00
CA LEU E 80 -35.67 24.57 -23.82
C LEU E 80 -34.64 25.13 -22.83
N ASP E 81 -33.91 26.16 -23.26
CA ASP E 81 -33.04 26.93 -22.39
C ASP E 81 -33.88 27.82 -21.48
N SER E 82 -33.74 27.64 -20.16
CA SER E 82 -34.52 28.41 -19.18
C SER E 82 -34.04 29.86 -19.04
N GLY E 83 -32.77 30.09 -19.35
CA GLY E 83 -32.18 31.43 -19.26
C GLY E 83 -31.38 31.65 -17.98
N ALA E 84 -31.38 30.64 -17.10
CA ALA E 84 -30.69 30.75 -15.81
C ALA E 84 -30.31 29.36 -15.27
N PRO E 85 -29.45 29.32 -14.24
CA PRO E 85 -29.22 28.05 -13.55
C PRO E 85 -30.51 27.55 -12.88
N ILE E 86 -30.48 26.34 -12.35
CA ILE E 86 -31.63 25.79 -11.62
C ILE E 86 -32.09 26.82 -10.59
N ARG E 87 -33.39 27.13 -10.63
CA ARG E 87 -34.00 28.09 -9.71
C ARG E 87 -35.06 27.41 -8.85
N ILE E 88 -34.97 27.65 -7.54
CA ILE E 88 -35.81 26.95 -6.56
C ILE E 88 -36.59 27.93 -5.67
N PRO E 89 -37.73 27.47 -5.11
CA PRO E 89 -38.52 28.30 -4.18
C PRO E 89 -37.72 28.66 -2.92
N VAL E 90 -37.69 29.95 -2.59
CA VAL E 90 -37.06 30.42 -1.36
C VAL E 90 -38.03 31.31 -0.58
N GLY E 91 -38.06 31.13 0.74
CA GLY E 91 -38.94 31.91 1.60
C GLY E 91 -39.44 31.14 2.80
N PRO E 92 -40.31 31.77 3.61
CA PRO E 92 -40.89 31.11 4.79
C PRO E 92 -41.69 29.85 4.44
N GLU E 93 -42.26 29.80 3.24
CA GLU E 93 -43.10 28.69 2.80
C GLU E 93 -42.35 27.39 2.54
N THR E 94 -41.02 27.44 2.59
CA THR E 94 -40.23 26.22 2.44
C THR E 94 -40.20 25.41 3.75
N LEU E 95 -40.40 26.11 4.86
CA LEU E 95 -40.38 25.50 6.19
C LEU E 95 -41.46 24.45 6.39
N GLY E 96 -41.02 23.23 6.69
CA GLY E 96 -41.91 22.09 6.90
C GLY E 96 -42.14 21.27 5.66
N ARG E 97 -41.63 21.74 4.52
CA ARG E 97 -41.82 21.08 3.24
C ARG E 97 -40.59 20.27 2.84
N ILE E 98 -40.80 19.30 1.96
CA ILE E 98 -39.69 18.56 1.34
C ILE E 98 -39.65 18.87 -0.15
N MET E 99 -38.51 19.37 -0.62
CA MET E 99 -38.29 19.61 -2.05
C MET E 99 -37.10 18.79 -2.56
N ASN E 100 -37.04 18.59 -3.87
CA ASN E 100 -35.88 17.93 -4.48
C ASN E 100 -34.84 18.95 -4.97
N VAL E 101 -33.83 18.46 -5.66
CA VAL E 101 -32.71 19.30 -6.11
C VAL E 101 -33.16 20.47 -7.03
N ILE E 102 -34.18 20.23 -7.85
CA ILE E 102 -34.72 21.25 -8.76
C ILE E 102 -35.91 22.04 -8.16
N GLY E 103 -36.19 21.81 -6.88
CA GLY E 103 -37.15 22.61 -6.14
C GLY E 103 -38.59 22.15 -6.17
N GLU E 104 -38.82 20.96 -6.74
CA GLU E 104 -40.16 20.36 -6.80
C GLU E 104 -40.55 19.80 -5.44
N PRO E 105 -41.83 19.99 -5.04
CA PRO E 105 -42.28 19.32 -3.82
C PRO E 105 -42.31 17.80 -4.00
N ILE E 106 -41.86 17.08 -2.98
CA ILE E 106 -41.87 15.62 -3.00
C ILE E 106 -42.59 15.03 -1.77
N ASP E 107 -43.32 15.89 -1.06
CA ASP E 107 -44.11 15.48 0.10
C ASP E 107 -45.62 15.35 -0.19
N GLU E 108 -45.98 15.46 -1.47
CA GLU E 108 -47.37 15.37 -1.93
C GLU E 108 -48.34 16.35 -1.24
N ARG E 109 -47.87 17.58 -0.99
CA ARG E 109 -48.70 18.60 -0.35
C ARG E 109 -49.04 19.77 -1.28
N GLY E 110 -48.57 19.69 -2.53
CA GLY E 110 -48.82 20.72 -3.53
C GLY E 110 -47.64 21.67 -3.68
N PRO E 111 -47.81 22.72 -4.52
CA PRO E 111 -46.76 23.69 -4.77
C PRO E 111 -46.23 24.36 -3.49
N ILE E 112 -44.93 24.68 -3.50
CA ILE E 112 -44.31 25.48 -2.45
C ILE E 112 -44.44 26.94 -2.86
N LYS E 113 -45.42 27.62 -2.28
CA LYS E 113 -45.87 28.93 -2.76
C LYS E 113 -45.07 30.09 -2.18
N THR E 114 -43.84 30.23 -2.66
CA THR E 114 -42.98 31.34 -2.26
C THR E 114 -43.22 32.53 -3.19
N LYS E 115 -42.90 33.72 -2.71
CA LYS E 115 -42.97 34.92 -3.54
C LYS E 115 -41.64 35.25 -4.22
N GLN E 116 -40.62 34.42 -3.95
CA GLN E 116 -39.31 34.53 -4.60
C GLN E 116 -38.80 33.16 -5.04
N PHE E 117 -38.00 33.16 -6.10
CA PHE E 117 -37.23 31.99 -6.52
C PHE E 117 -35.77 32.41 -6.59
N ALA E 118 -34.86 31.46 -6.40
CA ALA E 118 -33.43 31.77 -6.42
C ALA E 118 -32.57 30.70 -7.08
N ALA E 119 -31.55 31.16 -7.82
CA ALA E 119 -30.58 30.29 -8.47
C ALA E 119 -29.70 29.55 -7.46
N ILE E 120 -29.51 28.25 -7.69
CA ILE E 120 -28.75 27.41 -6.76
C ILE E 120 -27.24 27.57 -6.88
N HIS E 121 -26.79 28.08 -8.02
CA HIS E 121 -25.40 28.48 -8.18
C HIS E 121 -25.33 29.96 -7.90
N ALA E 122 -24.66 30.30 -6.81
CA ALA E 122 -24.48 31.68 -6.38
C ALA E 122 -23.08 31.79 -5.82
N GLU E 123 -22.40 32.86 -6.20
CA GLU E 123 -21.04 33.08 -5.74
C GLU E 123 -21.01 33.25 -4.23
N ALA E 124 -19.96 32.75 -3.59
CA ALA E 124 -19.73 32.94 -2.17
C ALA E 124 -19.57 34.44 -1.88
N PRO E 125 -19.96 34.89 -0.66
CA PRO E 125 -19.82 36.29 -0.30
C PRO E 125 -18.40 36.83 -0.58
N GLU E 126 -18.32 38.10 -0.99
CA GLU E 126 -17.04 38.70 -1.37
C GLU E 126 -16.22 39.05 -0.13
N PHE E 127 -14.94 39.35 -0.32
CA PHE E 127 -14.05 39.72 0.79
C PHE E 127 -14.62 40.83 1.66
N VAL E 128 -15.15 41.88 1.04
CA VAL E 128 -15.70 43.03 1.77
C VAL E 128 -16.93 42.71 2.63
N GLU E 129 -17.58 41.58 2.34
CA GLU E 129 -18.80 41.18 3.05
C GLU E 129 -18.50 40.35 4.30
N MET E 130 -17.22 40.06 4.51
CA MET E 130 -16.80 39.17 5.60
C MET E 130 -16.92 39.84 6.97
N SER E 131 -17.35 39.05 7.94
CA SER E 131 -17.38 39.49 9.33
C SER E 131 -16.16 38.94 10.06
N VAL E 132 -15.47 39.80 10.79
CA VAL E 132 -14.32 39.38 11.59
C VAL E 132 -14.76 39.02 13.02
N GLU E 133 -16.01 39.33 13.32
CA GLU E 133 -16.64 39.01 14.61
C GLU E 133 -16.74 37.50 14.80
N GLN E 134 -16.09 37.00 15.85
CA GLN E 134 -16.17 35.59 16.23
C GLN E 134 -17.21 35.46 17.34
N GLU E 135 -18.30 34.75 17.04
CA GLU E 135 -19.41 34.63 17.97
C GLU E 135 -19.85 33.18 18.16
N ILE E 136 -20.10 32.81 19.41
CA ILE E 136 -20.64 31.49 19.75
C ILE E 136 -22.13 31.42 19.42
N LEU E 137 -22.51 30.41 18.66
CA LEU E 137 -23.92 30.10 18.45
C LEU E 137 -24.36 29.16 19.57
N VAL E 138 -25.07 29.72 20.54
CA VAL E 138 -25.50 28.97 21.71
C VAL E 138 -26.57 27.95 21.34
N THR E 139 -26.27 26.69 21.61
CA THR E 139 -27.15 25.59 21.27
C THR E 139 -28.06 25.23 22.45
N GLY E 140 -27.62 25.62 23.65
CA GLY E 140 -28.34 25.28 24.87
C GLY E 140 -28.09 23.87 25.36
N ILE E 141 -27.12 23.21 24.73
CA ILE E 141 -26.72 21.85 25.09
C ILE E 141 -25.39 21.93 25.87
N LYS E 142 -25.39 21.38 27.08
CA LYS E 142 -24.25 21.50 27.99
C LYS E 142 -22.91 20.96 27.45
N VAL E 143 -22.91 19.74 26.91
CA VAL E 143 -21.68 19.14 26.36
C VAL E 143 -21.06 20.00 25.25
N VAL E 144 -21.92 20.53 24.40
CA VAL E 144 -21.50 21.28 23.21
C VAL E 144 -21.06 22.70 23.58
N ASP E 145 -21.94 23.43 24.26
CA ASP E 145 -21.68 24.83 24.60
C ASP E 145 -20.42 25.03 25.45
N LEU E 146 -20.23 24.16 26.44
CA LEU E 146 -19.09 24.27 27.34
C LEU E 146 -17.76 23.89 26.68
N LEU E 147 -17.71 22.68 26.11
CA LEU E 147 -16.45 22.07 25.70
C LEU E 147 -16.09 22.19 24.22
N ALA E 148 -17.09 22.13 23.34
CA ALA E 148 -16.83 22.22 21.89
C ALA E 148 -17.85 23.12 21.19
N PRO E 149 -17.89 24.41 21.58
CA PRO E 149 -18.95 25.33 21.15
C PRO E 149 -19.00 25.55 19.63
N TYR E 150 -20.20 25.78 19.12
CA TYR E 150 -20.39 26.10 17.70
C TYR E 150 -20.11 27.57 17.48
N ALA E 151 -19.52 27.89 16.33
CA ALA E 151 -19.27 29.25 15.93
C ALA E 151 -20.25 29.65 14.84
N LYS E 152 -20.85 30.84 14.98
CA LYS E 152 -21.70 31.41 13.94
C LYS E 152 -20.93 31.47 12.62
N GLY E 153 -21.55 30.99 11.56
CA GLY E 153 -20.90 30.92 10.25
C GLY E 153 -19.88 29.81 10.09
N GLY E 154 -19.69 29.01 11.14
CA GLY E 154 -18.71 27.92 11.13
C GLY E 154 -19.26 26.60 10.62
N LYS E 155 -18.36 25.64 10.42
CA LYS E 155 -18.75 24.29 10.00
C LYS E 155 -18.32 23.29 11.07
N ILE E 156 -19.25 22.40 11.43
CA ILE E 156 -19.02 21.43 12.48
C ILE E 156 -19.10 20.05 11.86
N GLY E 157 -18.04 19.26 12.03
CA GLY E 157 -18.03 17.87 11.61
C GLY E 157 -18.73 16.98 12.63
N LEU E 158 -19.82 16.34 12.21
CA LEU E 158 -20.56 15.43 13.08
C LEU E 158 -20.13 13.98 12.85
N PHE E 159 -19.48 13.39 13.85
CA PHE E 159 -18.92 12.04 13.75
C PHE E 159 -19.75 11.01 14.53
N GLY E 160 -19.65 9.76 14.10
CA GLY E 160 -20.44 8.66 14.66
C GLY E 160 -21.40 8.11 13.63
N GLY E 161 -21.65 6.81 13.68
CA GLY E 161 -22.57 6.16 12.76
C GLY E 161 -24.01 6.33 13.21
N ALA E 162 -24.69 5.20 13.39
CA ALA E 162 -26.07 5.20 13.86
C ALA E 162 -26.17 4.59 15.26
N GLY E 163 -27.33 4.76 15.89
CA GLY E 163 -27.58 4.25 17.23
C GLY E 163 -26.92 5.08 18.32
N VAL E 164 -26.36 6.22 17.95
CA VAL E 164 -25.73 7.13 18.92
C VAL E 164 -26.51 8.45 19.09
N GLY E 165 -27.78 8.42 18.71
CA GLY E 165 -28.69 9.55 18.89
C GLY E 165 -28.41 10.74 17.99
N LYS E 166 -28.04 10.47 16.74
CA LYS E 166 -27.72 11.52 15.77
C LYS E 166 -28.92 12.40 15.44
N THR E 167 -30.03 11.77 15.04
CA THR E 167 -31.22 12.49 14.60
C THR E 167 -31.86 13.30 15.73
N VAL E 168 -31.87 12.76 16.95
CA VAL E 168 -32.40 13.46 18.12
C VAL E 168 -31.57 14.70 18.45
N LEU E 169 -30.24 14.57 18.33
CA LEU E 169 -29.36 15.73 18.46
C LEU E 169 -29.69 16.78 17.42
N ILE E 170 -29.83 16.35 16.16
CA ILE E 170 -30.18 17.24 15.05
C ILE E 170 -31.51 17.98 15.30
N MET E 171 -32.53 17.22 15.71
CA MET E 171 -33.86 17.79 15.97
C MET E 171 -33.86 18.76 17.15
N GLU E 172 -33.08 18.45 18.18
CA GLU E 172 -32.96 19.33 19.34
C GLU E 172 -32.21 20.61 18.97
N LEU E 173 -31.20 20.49 18.10
CA LEU E 173 -30.48 21.66 17.61
C LEU E 173 -31.42 22.62 16.90
N ILE E 174 -32.22 22.08 15.98
CA ILE E 174 -33.25 22.83 15.25
C ILE E 174 -34.23 23.50 16.24
N ASN E 175 -34.69 22.72 17.20
CA ASN E 175 -35.60 23.20 18.23
C ASN E 175 -35.00 24.35 19.05
N ASN E 176 -33.75 24.16 19.48
CA ASN E 176 -33.08 25.13 20.36
C ASN E 176 -32.67 26.44 19.69
N VAL E 177 -32.12 26.36 18.48
CA VAL E 177 -31.69 27.56 17.74
C VAL E 177 -32.88 28.47 17.41
N ALA E 178 -34.01 27.86 17.06
CA ALA E 178 -35.25 28.59 16.79
C ALA E 178 -35.84 29.19 18.07
N LYS E 179 -35.69 28.47 19.18
CA LYS E 179 -36.23 28.89 20.47
C LYS E 179 -35.38 29.99 21.12
N ALA E 180 -34.08 29.79 21.13
CA ALA E 180 -33.15 30.73 21.80
C ALA E 180 -32.87 31.99 20.97
N HIS E 181 -32.50 31.79 19.70
CA HIS E 181 -32.09 32.89 18.83
C HIS E 181 -33.23 33.41 17.96
N GLY E 182 -34.03 32.50 17.43
CA GLY E 182 -35.09 32.84 16.47
C GLY E 182 -34.66 32.61 15.03
N GLY E 183 -33.72 31.67 14.84
CA GLY E 183 -33.23 31.33 13.51
C GLY E 183 -33.72 29.98 13.05
N TYR E 184 -34.01 29.86 11.76
CA TYR E 184 -34.54 28.60 11.20
C TYR E 184 -33.44 27.66 10.73
N SER E 185 -33.83 26.46 10.35
CA SER E 185 -32.89 25.44 9.92
C SER E 185 -33.21 24.89 8.54
N VAL E 186 -32.18 24.37 7.87
CA VAL E 186 -32.35 23.71 6.58
C VAL E 186 -31.63 22.37 6.63
N PHE E 187 -32.34 21.30 6.25
CA PHE E 187 -31.75 19.98 6.19
C PHE E 187 -31.60 19.51 4.75
N ALA E 188 -30.35 19.29 4.34
CA ALA E 188 -30.05 18.78 3.02
C ALA E 188 -29.60 17.32 3.13
N GLY E 189 -30.45 16.42 2.66
CA GLY E 189 -30.11 15.00 2.57
C GLY E 189 -29.40 14.72 1.26
N VAL E 190 -28.08 14.61 1.34
CA VAL E 190 -27.25 14.34 0.16
C VAL E 190 -26.96 12.85 0.11
N GLY E 191 -27.59 12.16 -0.85
CA GLY E 191 -27.56 10.70 -0.88
C GLY E 191 -28.41 10.11 0.22
N GLU E 192 -29.58 10.69 0.43
CA GLU E 192 -30.55 10.24 1.44
C GLU E 192 -31.11 8.86 1.05
N ARG E 193 -31.07 7.91 1.99
CA ARG E 193 -31.78 6.65 1.80
C ARG E 193 -33.26 6.96 1.96
N THR E 194 -34.05 6.58 0.96
CA THR E 194 -35.47 6.93 0.90
C THR E 194 -36.23 6.48 2.15
N ARG E 195 -35.85 5.32 2.69
CA ARG E 195 -36.45 4.81 3.90
C ARG E 195 -36.17 5.74 5.07
N GLU E 196 -34.91 6.17 5.18
CA GLU E 196 -34.48 7.03 6.28
C GLU E 196 -34.95 8.47 6.11
N GLY E 197 -35.18 8.87 4.86
CA GLY E 197 -35.79 10.16 4.55
C GLY E 197 -37.23 10.22 5.03
N ASN E 198 -37.93 9.09 4.92
CA ASN E 198 -39.30 8.95 5.43
C ASN E 198 -39.34 8.96 6.96
N ASP E 199 -38.44 8.20 7.58
CA ASP E 199 -38.32 8.13 9.04
C ASP E 199 -38.05 9.51 9.65
N LEU E 200 -37.06 10.22 9.12
CA LEU E 200 -36.69 11.55 9.62
C LEU E 200 -37.85 12.53 9.55
N TYR E 201 -38.56 12.53 8.43
CA TYR E 201 -39.71 13.39 8.21
C TYR E 201 -40.79 13.17 9.27
N HIS E 202 -41.12 11.91 9.55
CA HIS E 202 -42.15 11.59 10.53
C HIS E 202 -41.70 11.78 11.98
N GLU E 203 -40.40 11.61 12.23
CA GLU E 203 -39.82 11.90 13.54
C GLU E 203 -39.85 13.40 13.84
N MET E 204 -39.58 14.20 12.81
CA MET E 204 -39.64 15.66 12.93
C MET E 204 -41.05 16.17 13.20
N ILE E 205 -42.04 15.50 12.59
CA ILE E 205 -43.45 15.79 12.85
C ILE E 205 -43.83 15.48 14.30
N GLU E 206 -43.34 14.34 14.80
CA GLU E 206 -43.61 13.92 16.18
C GLU E 206 -42.96 14.82 17.21
N SER E 207 -41.76 15.31 16.92
CA SER E 207 -41.02 16.17 17.84
C SER E 207 -41.56 17.60 17.83
N GLY E 208 -42.22 17.97 16.74
CA GLY E 208 -42.84 19.30 16.63
C GLY E 208 -42.03 20.30 15.84
N VAL E 209 -40.85 19.92 15.38
CA VAL E 209 -40.02 20.82 14.57
C VAL E 209 -40.59 21.01 13.15
N ILE E 210 -41.41 20.06 12.71
CA ILE E 210 -42.26 20.24 11.53
C ILE E 210 -43.72 20.17 11.97
N ASN E 211 -44.50 21.20 11.59
CA ASN E 211 -45.92 21.24 11.86
C ASN E 211 -46.71 21.29 10.55
N LEU E 212 -47.54 20.27 10.33
CA LEU E 212 -48.32 20.14 9.10
C LEU E 212 -49.64 20.93 9.12
N LYS E 213 -50.00 21.46 10.29
CA LYS E 213 -51.28 22.14 10.45
C LYS E 213 -51.21 23.68 10.48
N ASP E 214 -50.05 24.21 10.85
CA ASP E 214 -49.83 25.66 10.82
C ASP E 214 -48.45 26.03 10.23
N ALA E 215 -48.07 27.30 10.35
CA ALA E 215 -46.83 27.79 9.76
C ALA E 215 -45.66 27.88 10.76
N THR E 216 -45.68 27.04 11.79
CA THR E 216 -44.66 27.11 12.84
C THR E 216 -43.45 26.17 12.66
N SER E 217 -43.36 25.53 11.49
CA SER E 217 -42.24 24.61 11.21
C SER E 217 -40.89 25.31 11.28
N LYS E 218 -39.90 24.58 11.78
CA LYS E 218 -38.58 25.15 12.06
C LYS E 218 -37.52 24.74 11.04
N VAL E 219 -37.81 23.70 10.28
CA VAL E 219 -36.91 23.19 9.24
C VAL E 219 -37.53 23.13 7.86
N ALA E 220 -36.72 23.42 6.84
CA ALA E 220 -37.06 23.10 5.46
C ALA E 220 -36.23 21.90 5.01
N LEU E 221 -36.88 20.92 4.40
CA LEU E 221 -36.19 19.70 3.97
C LEU E 221 -35.89 19.69 2.47
N VAL E 222 -34.66 19.33 2.13
CA VAL E 222 -34.22 19.18 0.75
C VAL E 222 -33.57 17.80 0.60
N TYR E 223 -34.16 16.95 -0.23
CA TYR E 223 -33.71 15.57 -0.38
C TYR E 223 -33.14 15.24 -1.76
N GLY E 224 -31.93 14.71 -1.76
CA GLY E 224 -31.30 14.13 -2.96
C GLY E 224 -31.08 12.66 -2.67
N GLN E 225 -32.04 11.83 -3.07
CA GLN E 225 -32.04 10.42 -2.69
C GLN E 225 -31.02 9.57 -3.44
N MET E 226 -30.65 8.42 -2.87
CA MET E 226 -29.56 7.60 -3.41
C MET E 226 -29.76 7.10 -4.83
N ASN E 227 -31.02 6.83 -5.18
CA ASN E 227 -31.38 6.32 -6.51
C ASN E 227 -31.47 7.38 -7.62
N GLU E 228 -31.04 8.59 -7.31
CA GLU E 228 -31.01 9.68 -8.28
C GLU E 228 -29.64 9.76 -8.97
N PRO E 229 -29.60 10.27 -10.21
CA PRO E 229 -28.32 10.35 -10.94
C PRO E 229 -27.26 11.20 -10.23
N PRO E 230 -25.96 11.01 -10.58
CA PRO E 230 -24.86 11.76 -9.96
C PRO E 230 -25.09 13.28 -9.93
N GLY E 231 -25.54 13.85 -11.05
CA GLY E 231 -25.84 15.27 -11.14
C GLY E 231 -26.78 15.79 -10.05
N ALA E 232 -27.83 15.04 -9.75
CA ALA E 232 -28.80 15.43 -8.71
C ALA E 232 -28.20 15.43 -7.30
N ARG E 233 -27.51 14.34 -6.96
CA ARG E 233 -26.86 14.20 -5.65
C ARG E 233 -25.71 15.20 -5.46
N ALA E 234 -25.09 15.62 -6.56
CA ALA E 234 -24.00 16.61 -6.51
C ALA E 234 -24.50 18.02 -6.21
N ARG E 235 -25.68 18.36 -6.73
CA ARG E 235 -26.21 19.72 -6.64
C ARG E 235 -27.16 19.95 -5.47
N VAL E 236 -27.64 18.88 -4.84
CA VAL E 236 -28.67 19.04 -3.80
C VAL E 236 -28.19 19.84 -2.57
N ALA E 237 -26.89 19.74 -2.23
CA ALA E 237 -26.31 20.56 -1.17
C ALA E 237 -26.41 22.05 -1.49
N LEU E 238 -26.23 22.38 -2.77
CA LEU E 238 -26.38 23.77 -3.24
C LEU E 238 -27.82 24.24 -3.12
N THR E 239 -28.77 23.37 -3.43
CA THR E 239 -30.20 23.68 -3.29
C THR E 239 -30.51 24.03 -1.83
N GLY E 240 -30.06 23.18 -0.90
CA GLY E 240 -30.23 23.43 0.53
C GLY E 240 -29.57 24.73 0.97
N LEU E 241 -28.36 24.97 0.45
CA LEU E 241 -27.61 26.19 0.71
C LEU E 241 -28.40 27.43 0.30
N THR E 242 -29.07 27.34 -0.85
CA THR E 242 -29.84 28.44 -1.42
C THR E 242 -31.07 28.78 -0.57
N VAL E 243 -31.71 27.75 -0.03
CA VAL E 243 -32.84 27.95 0.89
C VAL E 243 -32.38 28.69 2.14
N ALA E 244 -31.21 28.28 2.66
CA ALA E 244 -30.62 28.89 3.84
C ALA E 244 -30.20 30.34 3.61
N GLU E 245 -29.64 30.59 2.42
CA GLU E 245 -29.17 31.93 2.04
C GLU E 245 -30.30 32.98 2.04
N TYR E 246 -31.52 32.56 1.74
CA TYR E 246 -32.66 33.46 1.82
C TYR E 246 -32.88 33.98 3.25
N PHE E 247 -32.84 33.07 4.22
CA PHE E 247 -33.09 33.44 5.61
C PHE E 247 -31.98 34.33 6.19
N ARG E 248 -30.76 34.14 5.70
CA ARG E 248 -29.65 35.02 6.06
C ARG E 248 -29.73 36.36 5.32
N ASP E 249 -29.67 36.31 3.99
CA ASP E 249 -29.48 37.50 3.15
C ASP E 249 -30.73 38.34 2.93
N GLN E 250 -31.89 37.79 3.27
CA GLN E 250 -33.16 38.50 3.10
C GLN E 250 -33.87 38.76 4.42
N GLU E 251 -33.57 37.95 5.44
CA GLU E 251 -34.24 38.07 6.74
C GLU E 251 -33.27 38.26 7.92
N GLY E 252 -31.97 38.42 7.63
CA GLY E 252 -30.96 38.72 8.63
C GLY E 252 -30.76 37.70 9.74
N GLN E 253 -31.04 36.44 9.45
CA GLN E 253 -31.02 35.40 10.47
C GLN E 253 -29.67 34.75 10.66
N ASP E 254 -29.51 34.11 11.82
CA ASP E 254 -28.44 33.15 12.06
C ASP E 254 -29.04 31.76 11.80
N VAL E 255 -28.75 31.24 10.61
CA VAL E 255 -29.39 30.04 10.08
C VAL E 255 -28.54 28.79 10.34
N LEU E 256 -29.21 27.66 10.58
CA LEU E 256 -28.54 26.37 10.67
C LEU E 256 -28.74 25.56 9.39
N LEU E 257 -27.65 25.03 8.85
CA LEU E 257 -27.72 24.14 7.70
C LEU E 257 -27.10 22.77 8.03
N PHE E 258 -27.92 21.73 7.93
CA PHE E 258 -27.43 20.37 8.10
C PHE E 258 -27.15 19.73 6.75
N ILE E 259 -25.97 19.14 6.61
CA ILE E 259 -25.63 18.38 5.41
C ILE E 259 -25.32 16.94 5.79
N ASP E 260 -26.21 16.04 5.37
CA ASP E 260 -26.12 14.62 5.69
C ASP E 260 -26.18 13.83 4.38
N ASN E 261 -25.06 13.39 3.77
CA ASN E 261 -23.62 13.32 4.20
CA ASN E 261 -23.83 13.94 4.29
C ASN E 261 -22.67 14.19 3.34
N ILE E 262 -21.68 14.82 3.93
CA ILE E 262 -20.66 15.55 3.14
C ILE E 262 -19.80 14.66 2.25
N PHE E 263 -19.53 13.43 2.68
CA PHE E 263 -18.78 12.52 1.81
C PHE E 263 -19.56 12.17 0.54
N ARG E 264 -20.89 12.09 0.65
CA ARG E 264 -21.74 11.73 -0.48
C ARG E 264 -21.89 12.90 -1.47
N PHE E 265 -21.65 14.11 -0.98
CA PHE E 265 -21.46 15.31 -1.80
C PHE E 265 -20.18 15.19 -2.64
N THR E 266 -19.09 14.80 -1.98
CA THR E 266 -17.82 14.54 -2.66
C THR E 266 -17.93 13.39 -3.65
N GLN E 267 -18.54 12.29 -3.21
CA GLN E 267 -18.72 11.10 -4.04
C GLN E 267 -19.50 11.40 -5.33
N ALA E 268 -20.59 12.17 -5.21
CA ALA E 268 -21.41 12.53 -6.36
C ALA E 268 -20.65 13.42 -7.33
N GLY E 269 -19.83 14.32 -6.78
CA GLY E 269 -18.92 15.14 -7.58
C GLY E 269 -17.91 14.30 -8.34
N SER E 270 -17.41 13.24 -7.70
CA SER E 270 -16.46 12.34 -8.35
C SER E 270 -17.11 11.59 -9.51
N GLU E 271 -18.35 11.18 -9.30
CA GLU E 271 -19.15 10.47 -10.31
C GLU E 271 -19.46 11.36 -11.51
N VAL E 272 -19.86 12.60 -11.25
CA VAL E 272 -20.11 13.58 -12.31
C VAL E 272 -18.85 13.84 -13.13
N SER E 273 -17.72 14.06 -12.44
CA SER E 273 -16.43 14.28 -13.10
C SER E 273 -16.07 13.08 -13.98
N ALA E 274 -16.25 11.87 -13.45
CA ALA E 274 -16.03 10.63 -14.21
C ALA E 274 -16.89 10.58 -15.47
N LEU E 275 -18.18 10.87 -15.33
CA LEU E 275 -19.12 10.82 -16.45
C LEU E 275 -18.79 11.80 -17.57
N LEU E 276 -18.21 12.95 -17.20
CA LEU E 276 -17.80 13.98 -18.17
C LEU E 276 -16.44 13.69 -18.82
N GLY E 277 -15.85 12.55 -18.47
CA GLY E 277 -14.59 12.11 -19.08
C GLY E 277 -13.35 12.77 -18.53
N ARG E 278 -13.49 13.45 -17.38
CA ARG E 278 -12.34 14.09 -16.75
C ARG E 278 -11.47 13.04 -16.09
N ILE E 279 -10.15 13.17 -16.27
CA ILE E 279 -9.20 12.21 -15.73
C ILE E 279 -9.18 12.26 -14.21
N PRO E 280 -9.37 11.09 -13.56
CA PRO E 280 -9.34 11.05 -12.10
C PRO E 280 -7.98 11.44 -11.52
N SER E 281 -8.03 12.01 -10.32
CA SER E 281 -6.86 12.39 -9.56
C SER E 281 -6.53 11.26 -8.57
N ALA E 282 -5.76 11.58 -7.53
CA ALA E 282 -5.34 10.61 -6.53
C ALA E 282 -6.51 9.89 -5.87
N VAL E 283 -6.37 8.57 -5.73
CA VAL E 283 -7.38 7.74 -5.07
C VAL E 283 -8.72 7.70 -5.82
N GLY E 284 -8.72 8.16 -7.08
CA GLY E 284 -9.91 8.12 -7.92
C GLY E 284 -10.85 9.31 -7.80
N TYR E 285 -10.49 10.28 -6.97
CA TYR E 285 -11.31 11.48 -6.79
C TYR E 285 -11.23 12.40 -8.01
N GLN E 286 -12.22 13.29 -8.13
CA GLN E 286 -12.25 14.27 -9.22
C GLN E 286 -11.02 15.20 -9.11
N PRO E 287 -10.49 15.67 -10.26
CA PRO E 287 -9.37 16.62 -10.16
C PRO E 287 -9.80 17.93 -9.50
N THR E 288 -11.09 18.23 -9.58
CA THR E 288 -11.72 19.40 -8.97
C THR E 288 -12.18 19.21 -7.53
N LEU E 289 -11.64 18.20 -6.84
CA LEU E 289 -12.04 17.89 -5.47
C LEU E 289 -12.07 19.12 -4.55
N ALA E 290 -10.98 19.88 -4.51
CA ALA E 290 -10.85 21.02 -3.59
C ALA E 290 -11.68 22.24 -3.97
N THR E 291 -11.85 22.48 -5.27
CA THR E 291 -12.68 23.60 -5.75
C THR E 291 -14.17 23.26 -5.66
N ASP E 292 -14.53 22.02 -5.98
CA ASP E 292 -15.90 21.55 -5.76
C ASP E 292 -16.31 21.79 -4.30
N MET E 293 -15.43 21.40 -3.37
CA MET E 293 -15.65 21.60 -1.94
C MET E 293 -15.66 23.08 -1.56
N GLY E 294 -14.69 23.84 -2.07
CA GLY E 294 -14.52 25.25 -1.73
C GLY E 294 -15.66 26.17 -2.16
N THR E 295 -16.15 26.00 -3.39
CA THR E 295 -17.19 26.86 -3.91
C THR E 295 -18.51 26.67 -3.13
N MET E 296 -18.68 25.48 -2.58
CA MET E 296 -19.84 25.17 -1.74
C MET E 296 -19.65 25.69 -0.30
N GLN E 297 -18.55 25.28 0.33
CA GLN E 297 -18.28 25.60 1.74
C GLN E 297 -18.18 27.09 2.04
N GLU E 298 -17.54 27.83 1.14
CA GLU E 298 -17.34 29.27 1.32
C GLU E 298 -18.66 30.07 1.36
N ARG E 299 -19.75 29.46 0.90
CA ARG E 299 -21.08 30.09 1.00
C ARG E 299 -21.63 30.01 2.42
N ILE E 300 -21.07 29.09 3.21
CA ILE E 300 -21.41 28.96 4.62
C ILE E 300 -20.45 29.85 5.40
N THR E 301 -20.95 30.98 5.88
CA THR E 301 -20.12 31.97 6.58
C THR E 301 -20.96 33.02 7.29
N THR E 302 -20.30 33.83 8.11
CA THR E 302 -20.91 35.00 8.73
C THR E 302 -20.70 36.20 7.80
N THR E 303 -21.79 36.89 7.47
CA THR E 303 -21.72 38.12 6.69
C THR E 303 -22.28 39.27 7.53
N LYS E 304 -22.36 40.45 6.93
CA LYS E 304 -22.94 41.61 7.59
C LYS E 304 -24.43 41.42 7.88
N LYS E 305 -25.13 40.74 6.97
CA LYS E 305 -26.56 40.45 7.12
C LYS E 305 -26.88 39.44 8.22
N GLY E 306 -26.07 38.38 8.33
CA GLY E 306 -26.29 37.32 9.31
C GLY E 306 -25.25 36.22 9.17
N SER E 307 -25.68 34.97 9.36
CA SER E 307 -24.76 33.82 9.26
C SER E 307 -25.50 32.53 8.91
N ILE E 308 -24.83 31.67 8.16
CA ILE E 308 -25.22 30.28 8.03
C ILE E 308 -24.17 29.45 8.73
N THR E 309 -24.60 28.70 9.74
CA THR E 309 -23.76 27.75 10.44
C THR E 309 -24.16 26.36 9.96
N SER E 310 -23.17 25.49 9.73
CA SER E 310 -23.47 24.16 9.19
C SER E 310 -22.95 22.98 10.02
N VAL E 311 -23.84 22.04 10.31
CA VAL E 311 -23.45 20.77 10.93
C VAL E 311 -23.42 19.71 9.84
N GLN E 312 -22.24 19.11 9.65
CA GLN E 312 -22.01 18.21 8.53
C GLN E 312 -21.58 16.83 9.01
N ALA E 313 -22.46 15.84 8.81
CA ALA E 313 -22.14 14.47 9.18
C ALA E 313 -21.02 13.93 8.29
N ILE E 314 -19.97 13.40 8.91
CA ILE E 314 -18.75 13.04 8.20
C ILE E 314 -18.58 11.54 8.16
N TYR E 315 -18.46 10.99 6.95
CA TYR E 315 -18.02 9.63 6.77
C TYR E 315 -16.55 9.66 6.36
N VAL E 316 -15.74 8.84 7.04
CA VAL E 316 -14.31 8.74 6.78
C VAL E 316 -14.05 7.42 6.05
N PRO E 317 -13.78 7.49 4.73
CA PRO E 317 -13.52 6.27 3.96
C PRO E 317 -12.30 5.49 4.47
N ALA E 318 -12.46 4.17 4.57
CA ALA E 318 -11.42 3.25 5.05
C ALA E 318 -10.86 3.61 6.42
N ASP E 319 -11.62 4.38 7.20
CA ASP E 319 -11.15 4.95 8.48
C ASP E 319 -9.80 5.65 8.34
N ASP E 320 -9.56 6.21 7.15
CA ASP E 320 -8.29 6.88 6.84
C ASP E 320 -8.51 8.40 6.84
N LEU E 321 -8.06 9.05 7.90
CA LEU E 321 -8.25 10.50 8.05
C LEU E 321 -7.37 11.30 7.09
N THR E 322 -6.41 10.64 6.45
CA THR E 322 -5.55 11.27 5.46
C THR E 322 -6.08 11.05 4.05
N ASP E 323 -7.23 10.38 3.93
CA ASP E 323 -7.87 10.18 2.63
C ASP E 323 -8.24 11.55 2.06
N PRO E 324 -8.03 11.77 0.74
CA PRO E 324 -8.33 13.10 0.18
C PRO E 324 -9.69 13.68 0.55
N ALA E 325 -10.74 12.88 0.60
CA ALA E 325 -12.09 13.40 0.89
C ALA E 325 -12.22 14.05 2.28
N PRO E 326 -11.97 13.29 3.39
CA PRO E 326 -12.01 13.90 4.72
C PRO E 326 -10.93 14.96 4.92
N ALA E 327 -9.74 14.74 4.37
CA ALA E 327 -8.65 15.72 4.48
C ALA E 327 -9.06 17.09 3.90
N THR E 328 -9.65 17.06 2.71
CA THR E 328 -10.13 18.29 2.05
C THR E 328 -11.28 18.93 2.83
N THR E 329 -12.18 18.12 3.36
CA THR E 329 -13.30 18.62 4.16
C THR E 329 -12.82 19.24 5.48
N PHE E 330 -11.84 18.60 6.12
CA PHE E 330 -11.32 19.06 7.42
C PHE E 330 -10.77 20.49 7.39
N ALA E 331 -10.27 20.90 6.23
CA ALA E 331 -9.77 22.26 6.03
C ALA E 331 -10.85 23.32 6.27
N HIS E 332 -12.11 22.93 6.13
CA HIS E 332 -13.25 23.86 6.25
C HIS E 332 -13.97 23.78 7.60
N LEU E 333 -13.61 22.81 8.42
CA LEU E 333 -14.27 22.60 9.71
C LEU E 333 -13.63 23.41 10.83
N ASP E 334 -14.50 23.92 11.70
CA ASP E 334 -14.11 24.77 12.84
C ASP E 334 -14.30 24.04 14.16
N ALA E 335 -15.07 22.95 14.12
CA ALA E 335 -15.39 22.18 15.32
C ALA E 335 -15.79 20.77 14.96
N THR E 336 -15.81 19.90 15.97
CA THR E 336 -16.30 18.55 15.80
C THR E 336 -17.29 18.20 16.91
N THR E 337 -18.32 17.43 16.56
CA THR E 337 -19.14 16.75 17.55
C THR E 337 -18.99 15.24 17.35
N VAL E 338 -18.36 14.59 18.33
CA VAL E 338 -18.12 13.15 18.27
C VAL E 338 -19.16 12.44 19.10
N LEU E 339 -20.07 11.73 18.42
CA LEU E 339 -21.07 10.90 19.06
C LEU E 339 -20.50 9.51 19.23
N SER E 340 -20.52 9.01 20.46
CA SER E 340 -19.82 7.78 20.82
C SER E 340 -20.74 6.69 21.38
N ARG E 341 -20.49 5.45 20.98
CA ARG E 341 -21.22 4.29 21.49
C ARG E 341 -20.88 4.02 22.96
N ALA E 342 -19.61 4.23 23.32
CA ALA E 342 -19.16 4.09 24.71
C ALA E 342 -19.87 5.06 25.64
N ILE E 343 -20.09 6.30 25.18
CA ILE E 343 -20.80 7.31 25.96
C ILE E 343 -22.30 6.98 26.03
N ALA E 344 -22.82 6.38 24.97
CA ALA E 344 -24.23 5.99 24.89
C ALA E 344 -24.54 4.83 25.83
N GLU E 345 -23.65 3.83 25.84
CA GLU E 345 -23.83 2.62 26.67
C GLU E 345 -23.67 2.93 28.17
N LEU E 346 -23.00 4.03 28.49
CA LEU E 346 -22.91 4.50 29.87
C LEU E 346 -24.19 5.22 30.31
N GLY E 347 -25.13 5.39 29.38
CA GLY E 347 -26.42 6.02 29.66
C GLY E 347 -26.40 7.55 29.61
N ILE E 348 -25.26 8.11 29.20
CA ILE E 348 -25.13 9.56 29.08
C ILE E 348 -25.65 10.01 27.72
N TYR E 349 -26.66 10.88 27.74
CA TYR E 349 -27.25 11.43 26.52
C TYR E 349 -27.44 12.94 26.64
N PRO E 350 -27.01 13.70 25.61
CA PRO E 350 -26.44 13.22 24.35
C PRO E 350 -25.13 12.45 24.52
N ALA E 351 -24.91 11.48 23.62
CA ALA E 351 -23.75 10.59 23.67
C ALA E 351 -22.48 11.23 23.10
N VAL E 352 -22.28 12.50 23.42
CA VAL E 352 -21.12 13.25 22.92
C VAL E 352 -19.89 13.00 23.78
N ASP E 353 -18.83 12.48 23.15
CA ASP E 353 -17.54 12.31 23.81
C ASP E 353 -16.98 13.69 24.17
N PRO E 354 -16.85 13.97 25.49
CA PRO E 354 -16.48 15.31 25.98
C PRO E 354 -15.00 15.63 25.81
N LEU E 355 -14.19 14.64 25.44
CA LEU E 355 -12.75 14.83 25.25
C LEU E 355 -12.35 14.84 23.77
N ASP E 356 -13.09 14.08 22.95
CA ASP E 356 -12.80 13.97 21.52
C ASP E 356 -13.35 15.13 20.70
N SER E 357 -14.49 15.67 21.13
CA SER E 357 -15.11 16.82 20.48
C SER E 357 -14.31 18.08 20.79
N THR E 358 -13.94 18.81 19.75
CA THR E 358 -13.16 20.05 19.91
C THR E 358 -13.74 21.21 19.12
N SER E 359 -13.30 22.43 19.45
CA SER E 359 -13.75 23.64 18.77
C SER E 359 -12.62 24.68 18.71
N ARG E 360 -12.49 25.32 17.55
CA ARG E 360 -11.47 26.35 17.33
C ARG E 360 -11.72 27.62 18.13
N ILE E 361 -12.97 27.87 18.50
CA ILE E 361 -13.34 29.06 19.26
C ILE E 361 -13.28 28.86 20.79
N MET E 362 -12.81 27.69 21.22
CA MET E 362 -12.48 27.48 22.62
C MET E 362 -11.17 28.19 22.95
N ASP E 363 -11.29 29.50 23.16
CA ASP E 363 -10.17 30.41 23.32
C ASP E 363 -10.56 31.46 24.36
N PRO E 364 -9.66 31.76 25.31
CA PRO E 364 -9.94 32.79 26.33
C PRO E 364 -10.25 34.16 25.72
N ASN E 365 -9.89 34.35 24.45
CA ASN E 365 -10.12 35.60 23.75
C ASN E 365 -11.48 35.67 23.07
N ILE E 366 -11.89 34.57 22.43
CA ILE E 366 -13.19 34.51 21.74
C ILE E 366 -14.31 34.29 22.75
N VAL E 367 -14.33 33.13 23.40
CA VAL E 367 -15.23 32.92 24.54
C VAL E 367 -14.63 33.55 25.78
N GLY E 368 -15.45 33.72 26.82
CA GLY E 368 -14.99 34.39 28.04
C GLY E 368 -13.82 33.70 28.73
N SER E 369 -13.11 34.45 29.56
CA SER E 369 -12.04 33.91 30.39
C SER E 369 -12.65 32.89 31.36
N GLU E 370 -13.86 33.19 31.83
CA GLU E 370 -14.63 32.29 32.69
C GLU E 370 -15.04 31.01 31.94
N HIS E 371 -15.33 31.15 30.64
CA HIS E 371 -15.69 30.01 29.81
C HIS E 371 -14.51 29.07 29.59
N TYR E 372 -13.36 29.64 29.22
CA TYR E 372 -12.16 28.86 28.92
C TYR E 372 -11.64 28.07 30.13
N ASP E 373 -11.53 28.74 31.27
CA ASP E 373 -10.99 28.14 32.48
C ASP E 373 -11.79 26.93 32.95
N VAL E 374 -13.10 27.11 33.06
CA VAL E 374 -14.02 26.05 33.50
C VAL E 374 -13.97 24.84 32.55
N ALA E 375 -13.98 25.12 31.25
CA ALA E 375 -13.92 24.07 30.22
C ALA E 375 -12.59 23.33 30.23
N ARG E 376 -11.49 24.05 30.41
CA ARG E 376 -10.17 23.46 30.58
C ARG E 376 -10.09 22.65 31.87
N GLY E 377 -10.78 23.13 32.90
CA GLY E 377 -10.87 22.43 34.19
C GLY E 377 -11.68 21.15 34.09
N VAL E 378 -12.73 21.17 33.26
CA VAL E 378 -13.55 19.98 33.03
C VAL E 378 -12.79 18.95 32.20
N GLN E 379 -12.04 19.42 31.21
CA GLN E 379 -11.19 18.56 30.39
C GLN E 379 -10.10 17.87 31.21
N LYS E 380 -9.38 18.65 32.02
CA LYS E 380 -8.30 18.14 32.87
C LYS E 380 -8.81 17.09 33.84
N ILE E 381 -9.92 17.40 34.52
CA ILE E 381 -10.47 16.53 35.55
C ILE E 381 -11.07 15.22 35.00
N LEU E 382 -11.46 15.24 33.73
CA LEU E 382 -11.97 14.04 33.06
C LEU E 382 -10.84 13.15 32.57
N GLN E 383 -9.73 13.78 32.17
CA GLN E 383 -8.52 13.07 31.76
C GLN E 383 -7.79 12.50 32.97
N ASP E 384 -7.77 13.26 34.07
CA ASP E 384 -7.16 12.82 35.32
C ASP E 384 -7.95 11.69 35.97
N TYR E 385 -9.28 11.71 35.78
CA TYR E 385 -10.15 10.63 36.24
C TYR E 385 -9.85 9.32 35.50
N LYS E 386 -9.55 9.43 34.21
CA LYS E 386 -9.19 8.28 33.37
C LYS E 386 -7.82 7.75 33.76
N SER E 387 -6.93 8.65 34.20
CA SER E 387 -5.60 8.29 34.70
C SER E 387 -5.68 7.54 36.02
N LEU E 388 -6.63 7.93 36.87
CA LEU E 388 -6.84 7.30 38.18
C LEU E 388 -7.72 6.05 38.10
N GLN E 389 -8.26 5.77 36.91
CA GLN E 389 -9.03 4.55 36.66
C GLN E 389 -8.14 3.31 36.67
N ASP E 390 -6.90 3.49 36.20
CA ASP E 390 -5.90 2.41 36.17
C ASP E 390 -5.56 1.90 37.57
N ILE E 391 -5.40 2.84 38.51
CA ILE E 391 -5.10 2.51 39.90
C ILE E 391 -6.37 2.07 40.63
N LEU E 400 -6.51 5.28 46.74
CA LEU E 400 -6.22 6.64 46.32
C LEU E 400 -6.12 7.59 47.52
N SER E 401 -5.38 8.68 47.33
CA SER E 401 -5.21 9.71 48.35
C SER E 401 -6.44 10.60 48.49
N GLU E 402 -6.41 11.52 49.46
CA GLU E 402 -7.53 12.43 49.71
C GLU E 402 -7.75 13.42 48.56
N GLU E 403 -6.66 13.82 47.91
CA GLU E 403 -6.73 14.72 46.76
C GLU E 403 -7.22 13.98 45.51
N ASP E 404 -6.80 12.72 45.36
CA ASP E 404 -7.21 11.88 44.24
C ASP E 404 -8.67 11.44 44.35
N LYS E 405 -9.12 11.12 45.57
CA LYS E 405 -10.52 10.77 45.85
C LYS E 405 -11.45 11.94 45.58
N LEU E 406 -10.97 13.15 45.88
CA LEU E 406 -11.72 14.38 45.64
C LEU E 406 -11.89 14.66 44.14
N THR E 407 -10.84 14.37 43.37
CA THR E 407 -10.87 14.56 41.91
C THR E 407 -11.70 13.50 41.19
N VAL E 408 -11.85 12.33 41.80
CA VAL E 408 -12.63 11.23 41.22
C VAL E 408 -14.13 11.47 41.35
N SER E 409 -14.59 11.83 42.56
CA SER E 409 -16.00 12.10 42.82
C SER E 409 -16.50 13.35 42.10
N ARG E 410 -15.63 14.35 41.99
CA ARG E 410 -15.93 15.58 41.24
C ARG E 410 -16.14 15.29 39.75
N ALA E 411 -15.28 14.43 39.18
CA ALA E 411 -15.33 14.10 37.76
C ALA E 411 -16.53 13.22 37.38
N ARG E 412 -16.88 12.30 38.27
CA ARG E 412 -18.06 11.44 38.08
C ARG E 412 -19.35 12.25 38.11
N LYS E 413 -19.39 13.29 38.94
CA LYS E 413 -20.52 14.21 38.97
C LYS E 413 -20.55 15.12 37.75
N ILE E 414 -19.37 15.39 37.19
CA ILE E 414 -19.23 16.16 35.96
C ILE E 414 -19.70 15.34 34.74
N GLN E 415 -19.36 14.05 34.72
CA GLN E 415 -19.83 13.12 33.68
C GLN E 415 -21.35 13.11 33.57
N ARG E 416 -22.03 13.12 34.72
CA ARG E 416 -23.49 13.11 34.78
C ARG E 416 -24.12 14.46 34.44
N PHE E 417 -23.48 15.55 34.87
CA PHE E 417 -24.02 16.90 34.62
C PHE E 417 -23.85 17.31 33.15
N LEU E 418 -23.04 16.55 32.41
CA LEU E 418 -22.91 16.71 30.98
C LEU E 418 -24.11 16.11 30.24
N SER E 419 -24.82 15.19 30.89
CA SER E 419 -26.03 14.59 30.31
C SER E 419 -27.19 15.59 30.39
N GLN E 420 -28.21 15.38 29.56
CA GLN E 420 -29.30 16.35 29.40
C GLN E 420 -30.57 15.72 28.84
N PRO E 421 -31.73 16.02 29.46
CA PRO E 421 -33.01 15.67 28.84
C PRO E 421 -33.32 16.62 27.68
N PHE E 422 -33.73 16.05 26.55
CA PHE E 422 -34.05 16.87 25.36
C PHE E 422 -35.55 17.12 25.21
N GLN E 423 -35.88 18.32 24.75
CA GLN E 423 -37.26 18.74 24.47
C GLN E 423 -37.89 17.88 23.38
N VAL E 424 -37.04 17.40 22.46
CA VAL E 424 -37.46 16.56 21.35
C VAL E 424 -37.84 15.15 21.80
N ALA E 425 -37.21 14.70 22.89
CA ALA E 425 -37.54 13.40 23.49
C ALA E 425 -38.41 13.60 24.74
N GLU E 426 -39.58 14.20 24.56
CA GLU E 426 -40.50 14.48 25.66
C GLU E 426 -41.75 13.60 25.63
N VAL E 427 -42.28 13.34 24.44
CA VAL E 427 -43.45 12.48 24.28
C VAL E 427 -43.06 11.02 24.40
N PHE E 428 -41.85 10.70 23.96
CA PHE E 428 -41.32 9.33 24.03
C PHE E 428 -40.99 8.90 25.46
N THR E 429 -40.41 9.81 26.24
CA THR E 429 -39.98 9.50 27.60
C THR E 429 -40.97 9.97 28.66
N GLY E 430 -41.43 11.21 28.54
CA GLY E 430 -42.27 11.84 29.56
C GLY E 430 -41.47 12.79 30.44
N HIS E 431 -40.16 12.62 30.43
CA HIS E 431 -39.23 13.47 31.17
C HIS E 431 -39.12 14.84 30.50
N LEU E 432 -39.25 15.90 31.30
CA LEU E 432 -39.24 17.28 30.79
C LEU E 432 -37.88 17.65 30.20
N GLY E 433 -37.87 18.02 28.92
CA GLY E 433 -36.64 18.40 28.22
C GLY E 433 -36.20 19.82 28.53
N LYS E 434 -34.89 20.03 28.53
CA LYS E 434 -34.32 21.30 29.01
C LYS E 434 -33.41 22.01 28.02
N LEU E 435 -33.61 23.32 27.89
CA LEU E 435 -32.68 24.19 27.16
C LEU E 435 -31.96 25.04 28.20
N VAL E 436 -30.65 24.85 28.29
CA VAL E 436 -29.84 25.48 29.33
C VAL E 436 -29.04 26.64 28.75
N PRO E 437 -29.32 27.88 29.20
CA PRO E 437 -28.55 29.07 28.80
C PRO E 437 -27.06 28.93 29.09
N LEU E 438 -26.24 29.64 28.32
CA LEU E 438 -24.78 29.50 28.35
C LEU E 438 -24.17 29.72 29.73
N LYS E 439 -24.52 30.83 30.37
CA LYS E 439 -23.95 31.20 31.67
C LYS E 439 -24.38 30.24 32.79
N GLU E 440 -25.58 29.66 32.65
CA GLU E 440 -26.06 28.63 33.55
C GLU E 440 -25.24 27.34 33.45
N THR E 441 -24.75 27.05 32.25
CA THR E 441 -23.90 25.88 32.01
C THR E 441 -22.52 26.08 32.64
N ILE E 442 -21.90 27.23 32.36
CA ILE E 442 -20.56 27.56 32.87
C ILE E 442 -20.51 27.52 34.40
N LYS E 443 -21.47 28.18 35.05
CA LYS E 443 -21.52 28.26 36.51
C LYS E 443 -21.90 26.92 37.16
N GLY E 444 -22.59 26.07 36.40
CA GLY E 444 -22.95 24.73 36.86
C GLY E 444 -21.73 23.84 37.05
N PHE E 445 -20.87 23.81 36.03
CA PHE E 445 -19.63 23.05 36.08
C PHE E 445 -18.57 23.72 36.95
N GLN E 446 -18.74 25.02 37.17
CA GLN E 446 -17.83 25.80 38.02
C GLN E 446 -18.04 25.46 39.49
N GLN E 447 -19.30 25.25 39.87
CA GLN E 447 -19.67 24.92 41.24
C GLN E 447 -19.36 23.46 41.62
N ILE E 448 -19.12 22.62 40.62
CA ILE E 448 -18.73 21.22 40.86
C ILE E 448 -17.21 21.10 41.01
N LEU E 449 -16.47 21.83 40.18
CA LEU E 449 -15.00 21.85 40.24
C LEU E 449 -14.49 22.41 41.56
N ALA E 450 -15.22 23.37 42.12
CA ALA E 450 -14.86 24.01 43.38
C ALA E 450 -15.17 23.14 44.59
N GLY E 451 -15.85 22.03 44.36
CA GLY E 451 -16.22 21.08 45.43
C GLY E 451 -17.36 21.55 46.30
N GLU E 452 -18.13 22.52 45.79
CA GLU E 452 -19.25 23.10 46.52
C GLU E 452 -20.43 22.14 46.63
N TYR E 453 -20.46 21.15 45.75
CA TYR E 453 -21.52 20.15 45.73
C TYR E 453 -21.00 18.73 45.99
N ASP E 454 -19.76 18.63 46.43
CA ASP E 454 -19.20 17.36 46.89
C ASP E 454 -19.75 17.00 48.26
N HIS E 455 -20.52 17.91 48.82
CA HIS E 455 -21.29 17.69 50.04
C HIS E 455 -22.57 16.91 49.71
N LEU E 456 -23.01 17.01 48.45
CA LEU E 456 -24.24 16.38 47.99
C LEU E 456 -23.99 15.13 47.14
N PRO E 457 -25.01 14.25 47.01
CA PRO E 457 -24.90 12.96 46.29
C PRO E 457 -24.52 13.08 44.80
N GLU E 458 -24.22 11.92 44.20
CA GLU E 458 -23.68 11.86 42.83
C GLU E 458 -24.74 11.80 41.74
N GLN E 459 -25.68 10.86 41.87
CA GLN E 459 -26.68 10.60 40.82
C GLN E 459 -27.80 11.63 40.75
N ALA E 460 -27.71 12.67 41.58
CA ALA E 460 -28.62 13.82 41.52
C ALA E 460 -28.24 14.73 40.34
N PHE E 461 -27.08 14.46 39.75
CA PHE E 461 -26.55 15.25 38.64
C PHE E 461 -26.86 14.62 37.28
N TYR E 462 -27.42 13.41 37.30
CA TYR E 462 -27.77 12.69 36.08
C TYR E 462 -29.12 13.12 35.51
N MET E 463 -29.13 13.38 34.20
CA MET E 463 -30.34 13.75 33.44
C MET E 463 -31.14 14.92 34.04
N VAL E 464 -30.46 16.06 34.20
CA VAL E 464 -31.12 17.30 34.63
C VAL E 464 -30.70 18.45 33.72
N GLY E 465 -31.36 19.61 33.87
CA GLY E 465 -31.05 20.80 33.10
C GLY E 465 -30.10 21.73 33.83
N PRO E 466 -30.60 22.90 34.27
CA PRO E 466 -29.81 23.84 35.06
C PRO E 466 -29.46 23.26 36.44
N ILE E 467 -28.35 23.72 37.01
CA ILE E 467 -27.84 23.16 38.28
C ILE E 467 -28.84 23.26 39.45
N GLU E 468 -29.73 24.26 39.39
CA GLU E 468 -30.79 24.44 40.39
C GLU E 468 -31.73 23.24 40.50
N GLU E 469 -31.80 22.45 39.44
CA GLU E 469 -32.60 21.23 39.43
C GLU E 469 -31.86 20.04 40.04
N ALA E 470 -30.53 20.09 39.97
CA ALA E 470 -29.68 19.07 40.58
C ALA E 470 -29.62 19.24 42.10
N VAL E 471 -29.75 20.50 42.55
CA VAL E 471 -29.83 20.82 43.98
C VAL E 471 -31.20 20.38 44.51
N ALA E 472 -32.25 20.65 43.72
CA ALA E 472 -33.61 20.26 44.06
C ALA E 472 -33.80 18.74 44.01
N LYS E 473 -33.05 18.07 43.13
CA LYS E 473 -33.06 16.61 43.04
C LYS E 473 -32.37 15.98 44.25
N ALA E 474 -31.51 16.76 44.91
CA ALA E 474 -30.87 16.37 46.16
C ALA E 474 -31.70 16.80 47.37
N ASP E 475 -32.41 17.92 47.22
CA ASP E 475 -33.32 18.42 48.25
C ASP E 475 -34.55 17.53 48.40
N LYS E 476 -35.09 17.07 47.27
CA LYS E 476 -36.25 16.17 47.26
C LYS E 476 -35.82 14.76 47.66
N LEU E 477 -34.80 14.23 47.00
CA LEU E 477 -34.25 12.91 47.33
C LEU E 477 -33.03 13.06 48.25
N ALA E 478 -33.29 13.03 49.55
CA ALA E 478 -32.23 13.18 50.56
C ALA E 478 -32.21 11.97 51.50
N THR F 13 18.32 27.54 -44.61
CA THR F 13 17.45 28.75 -44.76
C THR F 13 16.57 29.03 -43.53
N THR F 14 15.33 29.46 -43.78
CA THR F 14 14.42 29.97 -42.74
C THR F 14 13.17 29.11 -42.51
N GLY F 15 12.82 28.98 -41.23
CA GLY F 15 11.60 28.32 -40.82
C GLY F 15 10.64 29.29 -40.14
N ARG F 16 9.41 28.85 -39.94
CA ARG F 16 8.39 29.64 -39.26
C ARG F 16 7.77 28.79 -38.15
N ILE F 17 7.61 29.39 -36.98
CA ILE F 17 6.96 28.73 -35.85
C ILE F 17 5.48 28.46 -36.15
N VAL F 18 5.04 27.22 -35.93
CA VAL F 18 3.63 26.87 -36.16
C VAL F 18 2.89 26.47 -34.89
N ALA F 19 3.63 26.16 -33.84
CA ALA F 19 3.04 25.73 -32.56
C ALA F 19 4.03 25.94 -31.42
N VAL F 20 3.50 26.30 -30.26
CA VAL F 20 4.29 26.48 -29.04
C VAL F 20 3.49 25.97 -27.84
N ILE F 21 4.09 25.08 -27.05
CA ILE F 21 3.57 24.71 -25.73
C ILE F 21 4.76 24.48 -24.81
N GLY F 22 4.93 25.38 -23.85
CA GLY F 22 6.08 25.35 -22.95
C GLY F 22 7.37 25.24 -23.74
N ALA F 23 8.17 24.23 -23.41
CA ALA F 23 9.49 24.03 -24.01
C ALA F 23 9.44 23.50 -25.45
N VAL F 24 8.27 23.07 -25.91
CA VAL F 24 8.15 22.40 -27.21
C VAL F 24 7.60 23.34 -28.27
N VAL F 25 8.40 23.53 -29.32
CA VAL F 25 8.08 24.45 -30.42
C VAL F 25 8.16 23.70 -31.75
N ASP F 26 7.07 23.76 -32.51
CA ASP F 26 7.04 23.18 -33.86
C ASP F 26 7.35 24.27 -34.89
N VAL F 27 8.20 23.91 -35.86
CA VAL F 27 8.69 24.85 -36.88
C VAL F 27 8.58 24.22 -38.28
N GLN F 28 7.97 24.97 -39.20
CA GLN F 28 7.82 24.52 -40.59
C GLN F 28 8.88 25.17 -41.48
N PHE F 29 9.49 24.38 -42.36
CA PHE F 29 10.55 24.88 -43.24
C PHE F 29 10.14 24.76 -44.72
N ASP F 30 10.36 25.82 -45.49
CA ASP F 30 9.98 25.82 -46.90
C ASP F 30 11.02 25.21 -47.84
N GLU F 31 12.30 25.36 -47.48
CA GLU F 31 13.39 24.82 -48.27
C GLU F 31 14.46 24.20 -47.39
N GLY F 32 14.59 22.88 -47.43
CA GLY F 32 15.63 22.20 -46.67
C GLY F 32 15.24 22.10 -45.21
N LEU F 33 15.23 20.87 -44.71
CA LEU F 33 14.78 20.57 -43.37
C LEU F 33 15.99 20.24 -42.50
N PRO F 34 16.11 20.89 -41.33
CA PRO F 34 17.24 20.58 -40.43
C PRO F 34 17.17 19.16 -39.89
N PRO F 35 18.31 18.43 -39.92
CA PRO F 35 18.34 17.11 -39.28
C PRO F 35 18.12 17.18 -37.76
N ILE F 36 17.69 16.06 -37.20
CA ILE F 36 17.53 15.92 -35.76
C ILE F 36 18.85 16.26 -35.05
N LEU F 37 18.72 16.96 -33.92
CA LEU F 37 19.82 17.49 -33.09
C LEU F 37 20.41 18.85 -33.48
N ASN F 38 20.04 19.36 -34.67
CA ASN F 38 20.49 20.69 -35.08
C ASN F 38 19.95 21.80 -34.19
N ALA F 39 20.81 22.78 -33.93
CA ALA F 39 20.42 23.98 -33.21
C ALA F 39 19.80 24.98 -34.17
N LEU F 40 18.60 25.44 -33.84
CA LEU F 40 17.93 26.49 -34.62
C LEU F 40 17.99 27.76 -33.80
N GLU F 41 18.05 28.89 -34.48
CA GLU F 41 18.13 30.20 -33.86
C GLU F 41 16.83 30.96 -34.10
N VAL F 42 16.12 31.28 -33.03
CA VAL F 42 14.88 32.05 -33.14
C VAL F 42 15.23 33.52 -33.38
N GLN F 43 14.68 34.08 -34.45
CA GLN F 43 14.97 35.47 -34.83
C GLN F 43 14.21 36.47 -33.98
N GLY F 44 14.90 37.52 -33.57
CA GLY F 44 14.27 38.68 -32.95
C GLY F 44 14.15 38.66 -31.44
N ARG F 45 14.91 37.81 -30.79
CA ARG F 45 14.90 37.73 -29.33
C ARG F 45 15.99 38.63 -28.76
N GLU F 46 15.76 39.16 -27.56
CA GLU F 46 16.74 40.00 -26.89
C GLU F 46 18.00 39.21 -26.47
N THR F 47 17.80 37.97 -26.05
CA THR F 47 18.91 37.06 -25.75
C THR F 47 18.76 35.81 -26.60
N ARG F 48 19.89 35.19 -26.97
CA ARG F 48 19.87 34.03 -27.85
C ARG F 48 18.89 32.95 -27.39
N LEU F 49 17.93 32.60 -28.25
CA LEU F 49 17.02 31.48 -27.98
C LEU F 49 17.24 30.34 -28.96
N VAL F 50 17.74 29.22 -28.43
CA VAL F 50 18.07 28.07 -29.27
C VAL F 50 16.94 27.05 -29.20
N LEU F 51 16.56 26.51 -30.36
CA LEU F 51 15.65 25.36 -30.43
C LEU F 51 16.42 24.17 -30.98
N GLU F 52 16.34 23.03 -30.29
CA GLU F 52 17.03 21.83 -30.75
C GLU F 52 16.04 20.91 -31.42
N VAL F 53 16.33 20.52 -32.66
CA VAL F 53 15.45 19.62 -33.41
C VAL F 53 15.41 18.24 -32.74
N ALA F 54 14.21 17.79 -32.39
CA ALA F 54 14.01 16.50 -31.73
C ALA F 54 13.39 15.45 -32.66
N GLN F 55 12.44 15.86 -33.50
CA GLN F 55 11.71 14.95 -34.39
C GLN F 55 11.36 15.61 -35.71
N HIS F 56 11.22 14.80 -36.75
CA HIS F 56 10.59 15.24 -37.98
C HIS F 56 9.15 14.75 -37.93
N LEU F 57 8.18 15.68 -37.92
CA LEU F 57 6.76 15.33 -37.80
C LEU F 57 6.08 14.98 -39.12
N GLY F 58 6.73 15.33 -40.23
CA GLY F 58 6.12 15.25 -41.55
C GLY F 58 5.64 16.62 -42.00
N GLU F 59 5.22 16.71 -43.26
CA GLU F 59 4.81 17.98 -43.87
C GLU F 59 5.79 19.13 -43.59
N SER F 60 7.08 18.84 -43.80
CA SER F 60 8.16 19.85 -43.70
C SER F 60 8.23 20.54 -42.33
N THR F 61 7.72 19.87 -41.31
CA THR F 61 7.61 20.47 -39.98
C THR F 61 8.44 19.66 -38.98
N VAL F 62 9.22 20.36 -38.15
CA VAL F 62 10.01 19.70 -37.12
C VAL F 62 9.51 20.06 -35.73
N ARG F 63 9.71 19.15 -34.79
CA ARG F 63 9.38 19.39 -33.40
C ARG F 63 10.69 19.62 -32.66
N THR F 64 10.73 20.71 -31.91
CA THR F 64 11.97 21.15 -31.28
C THR F 64 11.79 21.36 -29.78
N ILE F 65 12.93 21.40 -29.07
CA ILE F 65 12.97 21.67 -27.64
C ILE F 65 13.77 22.94 -27.38
N ALA F 66 13.13 23.90 -26.72
CA ALA F 66 13.74 25.21 -26.45
C ALA F 66 14.77 25.12 -25.32
N MET F 67 15.86 25.88 -25.47
CA MET F 67 16.91 25.98 -24.44
C MET F 67 16.72 27.16 -23.48
N ASP F 68 15.64 27.90 -23.66
CA ASP F 68 15.27 29.00 -22.74
C ASP F 68 13.76 29.22 -22.84
N GLY F 69 13.23 30.20 -22.12
CA GLY F 69 11.78 30.42 -22.06
C GLY F 69 11.17 30.70 -23.42
N THR F 70 9.95 30.23 -23.63
CA THR F 70 9.25 30.45 -24.91
C THR F 70 8.19 31.56 -24.86
N GLU F 71 8.06 32.25 -23.73
CA GLU F 71 7.15 33.38 -23.64
C GLU F 71 7.52 34.41 -24.72
N GLY F 72 6.50 34.99 -25.35
CA GLY F 72 6.73 36.03 -26.34
C GLY F 72 6.87 35.53 -27.77
N LEU F 73 6.94 34.22 -27.95
CA LEU F 73 6.98 33.63 -29.29
C LEU F 73 5.61 33.74 -29.96
N VAL F 74 5.61 34.00 -31.26
CA VAL F 74 4.37 34.12 -32.02
C VAL F 74 4.42 33.13 -33.18
N ARG F 75 3.26 32.57 -33.53
CA ARG F 75 3.17 31.75 -34.73
C ARG F 75 3.53 32.61 -35.94
N GLY F 76 4.40 32.08 -36.80
CA GLY F 76 4.89 32.79 -37.97
C GLY F 76 6.26 33.41 -37.79
N GLN F 77 6.75 33.41 -36.55
CA GLN F 77 8.05 33.98 -36.21
C GLN F 77 9.16 33.19 -36.88
N LYS F 78 10.13 33.90 -37.43
CA LYS F 78 11.20 33.30 -38.22
C LYS F 78 12.23 32.59 -37.36
N VAL F 79 12.76 31.49 -37.88
CA VAL F 79 13.74 30.63 -37.22
C VAL F 79 14.80 30.24 -38.25
N LEU F 80 16.08 30.38 -37.90
CA LEU F 80 17.15 30.00 -38.80
C LEU F 80 17.86 28.73 -38.36
N ASP F 81 18.29 27.92 -39.33
CA ASP F 81 19.07 26.71 -39.09
C ASP F 81 20.56 27.06 -39.04
N SER F 82 21.20 26.78 -37.91
CA SER F 82 22.63 27.06 -37.73
C SER F 82 23.53 26.06 -38.48
N GLY F 83 22.93 24.95 -38.91
CA GLY F 83 23.66 23.93 -39.67
C GLY F 83 24.51 23.00 -38.83
N ALA F 84 24.24 22.97 -37.52
CA ALA F 84 25.00 22.16 -36.57
C ALA F 84 24.23 22.03 -35.26
N PRO F 85 24.54 21.00 -34.46
CA PRO F 85 24.00 20.94 -33.11
C PRO F 85 24.56 22.09 -32.27
N ILE F 86 24.03 22.29 -31.07
CA ILE F 86 24.60 23.24 -30.12
C ILE F 86 26.11 23.03 -29.98
N ARG F 87 26.88 24.09 -30.25
CA ARG F 87 28.32 24.04 -30.14
C ARG F 87 28.78 25.01 -29.07
N ILE F 88 29.73 24.57 -28.26
CA ILE F 88 30.21 25.34 -27.12
C ILE F 88 31.73 25.48 -27.14
N PRO F 89 32.25 26.55 -26.50
CA PRO F 89 33.68 26.71 -26.30
C PRO F 89 34.26 25.55 -25.48
N VAL F 90 35.37 24.98 -25.94
CA VAL F 90 36.11 23.98 -25.17
C VAL F 90 37.60 24.31 -25.21
N GLY F 91 38.31 23.97 -24.15
CA GLY F 91 39.73 24.27 -24.06
C GLY F 91 40.11 24.97 -22.78
N PRO F 92 41.39 25.35 -22.64
CA PRO F 92 41.95 25.97 -21.44
C PRO F 92 41.24 27.25 -20.98
N GLU F 93 40.66 28.02 -21.89
CA GLU F 93 40.02 29.26 -21.47
C GLU F 93 38.59 29.10 -20.97
N THR F 94 38.15 27.86 -20.81
CA THR F 94 36.91 27.59 -20.06
C THR F 94 37.22 27.58 -18.56
N LEU F 95 38.50 27.41 -18.23
CA LEU F 95 38.93 27.34 -16.83
C LEU F 95 38.81 28.70 -16.14
N GLY F 96 38.17 28.70 -14.97
CA GLY F 96 37.89 29.93 -14.24
C GLY F 96 36.60 30.62 -14.66
N ARG F 97 35.98 30.11 -15.72
CA ARG F 97 34.80 30.74 -16.30
C ARG F 97 33.52 30.01 -15.90
N ILE F 98 32.39 30.72 -15.97
CA ILE F 98 31.09 30.07 -15.86
C ILE F 98 30.36 30.19 -17.20
N MET F 99 29.85 29.07 -17.71
CA MET F 99 29.01 29.07 -18.91
C MET F 99 27.63 28.48 -18.65
N ASN F 100 26.67 28.83 -19.51
CA ASN F 100 25.34 28.23 -19.47
C ASN F 100 25.21 27.04 -20.45
N VAL F 101 23.99 26.52 -20.62
CA VAL F 101 23.74 25.34 -21.46
CA VAL F 101 23.74 25.34 -21.46
C VAL F 101 24.30 25.49 -22.88
N ILE F 102 24.19 26.70 -23.42
CA ILE F 102 24.62 26.95 -24.80
C ILE F 102 26.03 27.55 -24.91
N GLY F 103 26.81 27.43 -23.84
CA GLY F 103 28.21 27.85 -23.84
C GLY F 103 28.45 29.35 -23.80
N GLU F 104 27.43 30.12 -23.41
CA GLU F 104 27.57 31.56 -23.23
C GLU F 104 28.21 31.87 -21.87
N PRO F 105 29.16 32.84 -21.84
CA PRO F 105 29.68 33.28 -20.55
C PRO F 105 28.57 33.91 -19.71
N ILE F 106 28.46 33.47 -18.45
CA ILE F 106 27.46 34.04 -17.54
C ILE F 106 28.12 34.61 -16.28
N ASP F 107 29.38 35.01 -16.41
CA ASP F 107 30.14 35.54 -15.28
C ASP F 107 30.51 37.02 -15.46
N GLU F 108 29.98 37.64 -16.53
CA GLU F 108 30.23 39.06 -16.84
C GLU F 108 31.71 39.38 -17.10
N ARG F 109 32.47 38.39 -17.57
CA ARG F 109 33.91 38.59 -17.84
C ARG F 109 34.25 38.57 -19.33
N GLY F 110 33.23 38.75 -20.17
CA GLY F 110 33.41 38.84 -21.61
C GLY F 110 33.47 37.50 -22.33
N PRO F 111 33.88 37.51 -23.61
CA PRO F 111 33.98 36.33 -24.47
C PRO F 111 34.90 35.24 -23.93
N ILE F 112 34.55 34.00 -24.23
CA ILE F 112 35.40 32.85 -23.94
C ILE F 112 36.13 32.53 -25.26
N LYS F 113 37.29 33.15 -25.46
CA LYS F 113 37.99 33.00 -26.72
C LYS F 113 38.85 31.75 -26.82
N THR F 114 38.16 30.61 -26.92
CA THR F 114 38.79 29.31 -27.19
C THR F 114 39.19 29.24 -28.65
N LYS F 115 40.11 28.33 -28.95
CA LYS F 115 40.55 28.11 -30.33
C LYS F 115 39.64 27.10 -31.03
N GLN F 116 38.89 26.33 -30.23
CA GLN F 116 38.04 25.25 -30.73
C GLN F 116 36.64 25.31 -30.12
N PHE F 117 35.67 24.76 -30.84
CA PHE F 117 34.34 24.54 -30.30
C PHE F 117 34.03 23.05 -30.39
N ALA F 118 33.02 22.59 -29.67
CA ALA F 118 32.60 21.20 -29.77
C ALA F 118 31.09 21.10 -29.64
N ALA F 119 30.50 20.18 -30.40
CA ALA F 119 29.07 19.89 -30.28
C ALA F 119 28.82 19.17 -28.95
N ILE F 120 27.68 19.48 -28.32
CA ILE F 120 27.38 18.92 -27.00
C ILE F 120 26.88 17.48 -27.12
N HIS F 121 26.56 17.08 -28.33
CA HIS F 121 26.25 15.69 -28.63
C HIS F 121 27.49 15.07 -29.27
N ALA F 122 28.00 14.04 -28.63
CA ALA F 122 29.10 13.25 -29.12
C ALA F 122 28.71 11.81 -28.82
N GLU F 123 29.27 10.86 -29.56
CA GLU F 123 28.97 9.47 -29.28
C GLU F 123 29.85 8.97 -28.14
N ALA F 124 29.30 8.08 -27.33
CA ALA F 124 30.02 7.47 -26.22
C ALA F 124 31.27 6.74 -26.70
N PRO F 125 32.35 6.78 -25.89
CA PRO F 125 33.52 5.95 -26.14
C PRO F 125 33.13 4.51 -26.41
N GLU F 126 33.77 3.90 -27.41
CA GLU F 126 33.46 2.52 -27.80
C GLU F 126 34.04 1.54 -26.80
N PHE F 127 33.56 0.29 -26.85
CA PHE F 127 34.05 -0.78 -25.99
C PHE F 127 35.57 -0.92 -26.03
N VAL F 128 36.17 -0.80 -27.22
CA VAL F 128 37.63 -0.88 -27.40
C VAL F 128 38.40 0.19 -26.63
N GLU F 129 37.72 1.25 -26.24
CA GLU F 129 38.37 2.39 -25.59
C GLU F 129 38.39 2.27 -24.07
N MET F 130 37.76 1.21 -23.54
CA MET F 130 37.59 1.04 -22.10
C MET F 130 38.89 0.72 -21.38
N SER F 131 39.04 1.29 -20.18
CA SER F 131 40.15 0.96 -19.30
C SER F 131 39.66 0.02 -18.20
N VAL F 132 40.47 -0.99 -17.85
CA VAL F 132 40.10 -1.91 -16.77
C VAL F 132 40.89 -1.63 -15.48
N GLU F 133 41.61 -0.50 -15.47
CA GLU F 133 42.41 -0.10 -14.32
C GLU F 133 41.57 0.25 -13.10
N GLN F 134 41.86 -0.43 -11.99
CA GLN F 134 41.13 -0.26 -10.73
C GLN F 134 42.09 0.00 -9.58
N GLU F 135 42.25 1.27 -9.24
CA GLU F 135 43.15 1.72 -8.20
C GLU F 135 42.33 2.49 -7.18
N ILE F 136 42.59 2.26 -5.89
CA ILE F 136 41.82 2.93 -4.83
C ILE F 136 42.09 4.44 -4.80
N LEU F 137 41.01 5.20 -4.59
CA LEU F 137 41.10 6.62 -4.30
C LEU F 137 40.64 6.86 -2.86
N VAL F 138 41.62 7.03 -1.97
CA VAL F 138 41.37 7.24 -0.55
C VAL F 138 40.80 8.64 -0.32
N THR F 139 39.65 8.70 0.34
CA THR F 139 38.92 9.97 0.54
C THR F 139 39.16 10.56 1.93
N GLY F 140 39.58 9.70 2.87
CA GLY F 140 39.70 10.10 4.26
C GLY F 140 38.37 10.08 5.00
N ILE F 141 37.31 9.68 4.30
CA ILE F 141 36.00 9.50 4.90
C ILE F 141 35.87 8.02 5.30
N LYS F 142 35.76 7.76 6.60
CA LYS F 142 35.79 6.40 7.16
C LYS F 142 34.81 5.41 6.51
N VAL F 143 33.51 5.75 6.44
CA VAL F 143 32.49 4.85 5.85
C VAL F 143 32.84 4.44 4.43
N VAL F 144 33.26 5.41 3.63
CA VAL F 144 33.55 5.20 2.23
C VAL F 144 34.81 4.35 2.09
N ASP F 145 35.91 4.81 2.68
CA ASP F 145 37.20 4.13 2.56
C ASP F 145 37.13 2.68 3.06
N LEU F 146 36.37 2.44 4.13
CA LEU F 146 36.27 1.11 4.72
C LEU F 146 35.42 0.16 3.89
N LEU F 147 34.19 0.56 3.61
CA LEU F 147 33.16 -0.37 3.11
C LEU F 147 32.93 -0.34 1.61
N ALA F 148 33.02 0.84 1.01
CA ALA F 148 32.74 1.00 -0.40
C ALA F 148 33.70 2.00 -1.03
N PRO F 149 34.99 1.63 -1.12
CA PRO F 149 36.01 2.59 -1.55
C PRO F 149 35.82 3.10 -2.98
N TYR F 150 36.19 4.35 -3.22
CA TYR F 150 36.16 4.92 -4.56
C TYR F 150 37.41 4.49 -5.32
N ALA F 151 37.33 4.52 -6.65
CA ALA F 151 38.50 4.22 -7.48
C ALA F 151 38.90 5.42 -8.34
N LYS F 152 40.20 5.55 -8.61
CA LYS F 152 40.69 6.60 -9.50
C LYS F 152 40.16 6.35 -10.91
N GLY F 153 39.65 7.40 -11.54
CA GLY F 153 39.03 7.27 -12.85
C GLY F 153 37.70 6.52 -12.84
N GLY F 154 37.16 6.27 -11.64
CA GLY F 154 35.90 5.54 -11.50
C GLY F 154 34.65 6.40 -11.47
N LYS F 155 33.50 5.76 -11.68
CA LYS F 155 32.21 6.42 -11.60
C LYS F 155 31.59 6.25 -10.21
N ILE F 156 31.43 7.38 -9.52
CA ILE F 156 30.90 7.43 -8.16
C ILE F 156 29.51 8.09 -8.15
N GLY F 157 28.57 7.48 -7.45
CA GLY F 157 27.24 8.05 -7.28
C GLY F 157 26.84 8.25 -5.83
N LEU F 158 26.29 9.42 -5.53
CA LEU F 158 25.84 9.76 -4.18
C LEU F 158 24.32 9.89 -4.15
N PHE F 159 23.66 8.87 -3.65
CA PHE F 159 22.20 8.80 -3.60
C PHE F 159 21.66 9.42 -2.31
N GLY F 160 20.62 10.24 -2.44
CA GLY F 160 19.98 10.81 -1.25
C GLY F 160 18.64 11.49 -1.47
N GLY F 161 17.74 11.31 -0.51
CA GLY F 161 16.48 12.06 -0.48
C GLY F 161 16.72 13.53 -0.15
N ALA F 162 15.64 14.31 -0.13
CA ALA F 162 15.73 15.76 0.15
C ALA F 162 16.35 16.07 1.51
N GLY F 163 17.46 16.80 1.49
CA GLY F 163 18.08 17.33 2.72
C GLY F 163 18.97 16.39 3.53
N VAL F 164 19.33 15.24 2.96
CA VAL F 164 20.03 14.22 3.75
CA VAL F 164 20.02 14.19 3.71
C VAL F 164 21.55 14.37 3.75
N GLY F 165 22.11 15.02 2.74
CA GLY F 165 23.55 15.30 2.75
C GLY F 165 24.34 15.11 1.47
N LYS F 166 23.66 15.10 0.31
CA LYS F 166 24.32 14.91 -0.99
C LYS F 166 25.36 15.99 -1.28
N THR F 167 24.93 17.25 -1.17
CA THR F 167 25.75 18.40 -1.57
C THR F 167 26.88 18.61 -0.57
N VAL F 168 26.59 18.48 0.71
CA VAL F 168 27.65 18.56 1.73
C VAL F 168 28.73 17.51 1.43
N LEU F 169 28.30 16.30 1.05
CA LEU F 169 29.24 15.21 0.75
C LEU F 169 30.08 15.50 -0.51
N ILE F 170 29.43 15.97 -1.57
CA ILE F 170 30.18 16.33 -2.79
C ILE F 170 31.15 17.49 -2.53
N MET F 171 30.76 18.42 -1.65
CA MET F 171 31.64 19.55 -1.30
C MET F 171 32.84 19.10 -0.45
N GLU F 172 32.62 18.14 0.45
CA GLU F 172 33.71 17.56 1.24
C GLU F 172 34.70 16.80 0.35
N LEU F 173 34.18 16.13 -0.67
CA LEU F 173 35.00 15.39 -1.63
C LEU F 173 35.86 16.33 -2.49
N ILE F 174 35.27 17.43 -2.92
CA ILE F 174 36.01 18.50 -3.60
C ILE F 174 37.14 19.02 -2.70
N ASN F 175 36.87 19.06 -1.40
CA ASN F 175 37.87 19.47 -0.41
C ASN F 175 38.97 18.42 -0.20
N ASN F 176 38.58 17.13 -0.21
CA ASN F 176 39.50 16.03 0.10
C ASN F 176 40.24 15.42 -1.09
N VAL F 177 39.62 15.49 -2.27
CA VAL F 177 40.15 14.84 -3.46
C VAL F 177 40.86 15.84 -4.39
N ALA F 178 40.20 16.95 -4.68
CA ALA F 178 40.65 17.89 -5.72
C ALA F 178 42.03 18.50 -5.46
N LYS F 179 42.31 18.83 -4.20
CA LYS F 179 43.59 19.42 -3.81
C LYS F 179 44.72 18.39 -3.91
N ALA F 180 44.42 17.14 -3.55
CA ALA F 180 45.38 16.04 -3.69
C ALA F 180 45.54 15.61 -5.16
N HIS F 181 44.57 16.02 -5.98
CA HIS F 181 44.54 15.68 -7.41
C HIS F 181 45.39 16.64 -8.24
N GLY F 182 46.07 16.10 -9.23
CA GLY F 182 46.87 16.91 -10.15
C GLY F 182 46.28 16.92 -11.55
N GLY F 183 45.39 17.89 -11.80
CA GLY F 183 44.73 18.04 -13.09
C GLY F 183 43.65 19.11 -13.06
N TYR F 184 42.65 18.96 -13.92
CA TYR F 184 41.56 19.92 -13.99
C TYR F 184 40.28 19.34 -13.41
N SER F 185 39.38 20.22 -12.99
CA SER F 185 38.06 19.83 -12.53
C SER F 185 36.98 20.54 -13.34
N VAL F 186 35.85 19.85 -13.53
CA VAL F 186 34.66 20.48 -14.10
C VAL F 186 33.50 20.24 -13.15
N PHE F 187 32.84 21.33 -12.74
CA PHE F 187 31.60 21.24 -11.97
C PHE F 187 30.40 21.63 -12.83
N ALA F 188 29.45 20.70 -12.96
CA ALA F 188 28.19 20.98 -13.63
C ALA F 188 27.05 21.07 -12.63
N GLY F 189 26.47 22.27 -12.50
CA GLY F 189 25.27 22.45 -11.70
C GLY F 189 24.08 22.14 -12.59
N VAL F 190 23.32 21.13 -12.21
CA VAL F 190 22.20 20.67 -13.02
C VAL F 190 20.94 20.67 -12.16
N GLY F 191 20.06 21.64 -12.42
CA GLY F 191 18.75 21.73 -11.76
C GLY F 191 18.78 21.88 -10.25
N GLU F 192 19.85 22.48 -9.74
CA GLU F 192 19.98 22.70 -8.30
C GLU F 192 19.86 24.19 -7.95
N ARG F 193 20.32 24.58 -6.76
CA ARG F 193 20.13 25.95 -6.29
C ARG F 193 21.14 26.92 -6.91
N THR F 194 20.63 27.97 -7.53
CA THR F 194 21.47 29.03 -8.09
C THR F 194 22.39 29.62 -7.01
N ARG F 195 21.85 29.80 -5.80
CA ARG F 195 22.65 30.36 -4.71
C ARG F 195 23.80 29.44 -4.26
N GLU F 196 23.63 28.13 -4.45
CA GLU F 196 24.72 27.17 -4.25
C GLU F 196 25.85 27.37 -5.27
N GLY F 197 25.50 27.74 -6.50
CA GLY F 197 26.50 28.11 -7.52
C GLY F 197 27.25 29.38 -7.16
N ASN F 198 26.51 30.38 -6.68
CA ASN F 198 27.12 31.63 -6.19
C ASN F 198 28.10 31.37 -5.05
N ASP F 199 27.68 30.54 -4.09
CA ASP F 199 28.55 30.14 -2.97
C ASP F 199 29.85 29.49 -3.47
N LEU F 200 29.71 28.50 -4.36
CA LEU F 200 30.86 27.74 -4.88
C LEU F 200 31.83 28.62 -5.66
N TYR F 201 31.30 29.39 -6.61
CA TYR F 201 32.08 30.34 -7.39
C TYR F 201 32.94 31.27 -6.52
N HIS F 202 32.31 31.97 -5.58
CA HIS F 202 33.02 32.93 -4.73
C HIS F 202 33.98 32.30 -3.72
N GLU F 203 33.66 31.10 -3.25
CA GLU F 203 34.55 30.36 -2.37
C GLU F 203 35.81 29.92 -3.13
N MET F 204 35.64 29.59 -4.41
CA MET F 204 36.76 29.23 -5.28
C MET F 204 37.63 30.44 -5.64
N ILE F 205 37.01 31.62 -5.72
CA ILE F 205 37.77 32.86 -5.90
C ILE F 205 38.58 33.14 -4.62
N GLU F 206 37.94 32.98 -3.47
CA GLU F 206 38.60 33.21 -2.17
C GLU F 206 39.79 32.27 -1.94
N SER F 207 39.62 30.99 -2.25
CA SER F 207 40.67 29.99 -2.07
C SER F 207 41.74 30.06 -3.14
N GLY F 208 41.37 30.58 -4.31
CA GLY F 208 42.31 30.74 -5.41
C GLY F 208 42.31 29.63 -6.44
N VAL F 209 41.40 28.66 -6.32
CA VAL F 209 41.28 27.61 -7.36
C VAL F 209 40.67 28.21 -8.64
N ILE F 210 39.99 29.33 -8.49
CA ILE F 210 39.65 30.22 -9.59
C ILE F 210 40.43 31.53 -9.38
N ASN F 211 41.21 31.89 -10.39
CA ASN F 211 41.96 33.14 -10.39
C ASN F 211 41.44 34.03 -11.50
N LEU F 212 40.99 35.23 -11.12
CA LEU F 212 40.42 36.19 -12.05
C LEU F 212 41.48 37.06 -12.71
N LYS F 213 42.71 36.98 -12.19
CA LYS F 213 43.82 37.82 -12.67
C LYS F 213 44.83 37.06 -13.53
N ASP F 214 44.80 35.74 -13.45
CA ASP F 214 45.81 34.90 -14.10
C ASP F 214 45.16 33.71 -14.79
N ALA F 215 45.94 32.97 -15.58
CA ALA F 215 45.45 31.78 -16.28
C ALA F 215 45.64 30.51 -15.45
N THR F 216 45.68 30.65 -14.12
CA THR F 216 46.02 29.54 -13.23
C THR F 216 44.81 28.79 -12.67
N SER F 217 43.61 29.09 -13.16
CA SER F 217 42.40 28.40 -12.69
C SER F 217 42.40 26.91 -13.05
N LYS F 218 41.88 26.09 -12.15
CA LYS F 218 41.92 24.64 -12.30
C LYS F 218 40.52 24.03 -12.43
N VAL F 219 39.51 24.90 -12.46
CA VAL F 219 38.12 24.47 -12.49
C VAL F 219 37.34 25.21 -13.56
N ALA F 220 36.52 24.46 -14.30
CA ALA F 220 35.58 25.04 -15.26
C ALA F 220 34.17 24.79 -14.74
N LEU F 221 33.34 25.82 -14.80
CA LEU F 221 31.97 25.75 -14.27
C LEU F 221 30.91 25.87 -15.36
N VAL F 222 29.89 25.02 -15.27
CA VAL F 222 28.76 25.00 -16.19
C VAL F 222 27.49 24.93 -15.34
N TYR F 223 26.53 25.81 -15.60
CA TYR F 223 25.32 25.87 -14.77
C TYR F 223 24.01 26.00 -15.54
N GLY F 224 23.04 25.17 -15.12
CA GLY F 224 21.66 25.27 -15.58
C GLY F 224 20.76 24.80 -14.44
N GLN F 225 20.37 25.75 -13.59
CA GLN F 225 19.77 25.43 -12.29
C GLN F 225 18.24 25.32 -12.29
N MET F 226 17.64 25.23 -11.10
CA MET F 226 16.19 24.97 -10.99
C MET F 226 15.29 26.17 -11.33
N ASN F 227 15.91 27.31 -11.68
CA ASN F 227 15.18 28.44 -12.27
C ASN F 227 14.98 28.33 -13.78
N GLU F 228 15.63 27.32 -14.39
CA GLU F 228 15.61 27.15 -15.84
C GLU F 228 14.46 26.28 -16.32
N PRO F 229 13.98 26.54 -17.56
CA PRO F 229 12.97 25.66 -18.12
C PRO F 229 13.59 24.30 -18.45
N PRO F 230 12.75 23.27 -18.68
CA PRO F 230 13.24 21.88 -18.74
C PRO F 230 14.23 21.56 -19.88
N GLY F 231 14.11 22.22 -21.02
CA GLY F 231 15.04 21.97 -22.13
C GLY F 231 16.47 22.24 -21.71
N ALA F 232 16.66 23.34 -21.00
CA ALA F 232 17.96 23.74 -20.48
C ALA F 232 18.46 22.76 -19.43
N ARG F 233 17.57 22.36 -18.52
CA ARG F 233 17.94 21.41 -17.47
C ARG F 233 18.24 20.01 -18.03
N ALA F 234 17.60 19.65 -19.14
CA ALA F 234 17.84 18.35 -19.78
C ALA F 234 19.17 18.30 -20.52
N ARG F 235 19.61 19.44 -21.07
CA ARG F 235 20.84 19.48 -21.88
C ARG F 235 22.10 19.94 -21.16
N VAL F 236 21.96 20.64 -20.04
CA VAL F 236 23.14 21.25 -19.39
C VAL F 236 24.20 20.25 -18.91
N ALA F 237 23.76 19.03 -18.55
CA ALA F 237 24.70 17.96 -18.18
C ALA F 237 25.59 17.61 -19.36
N LEU F 238 25.03 17.61 -20.58
CA LEU F 238 25.80 17.35 -21.80
C LEU F 238 26.85 18.44 -22.02
N THR F 239 26.46 19.69 -21.76
CA THR F 239 27.39 20.83 -21.83
C THR F 239 28.59 20.59 -20.89
N GLY F 240 28.31 20.21 -19.65
CA GLY F 240 29.36 19.90 -18.68
C GLY F 240 30.27 18.78 -19.14
N LEU F 241 29.66 17.69 -19.63
CA LEU F 241 30.39 16.54 -20.16
C LEU F 241 31.34 16.90 -21.28
N THR F 242 30.86 17.72 -22.20
CA THR F 242 31.61 18.16 -23.39
C THR F 242 32.89 18.88 -22.97
N VAL F 243 32.77 19.75 -21.97
CA VAL F 243 33.92 20.46 -21.42
C VAL F 243 34.94 19.45 -20.87
N ALA F 244 34.46 18.45 -20.15
CA ALA F 244 35.32 17.43 -19.55
C ALA F 244 35.95 16.52 -20.62
N GLU F 245 35.15 16.15 -21.62
CA GLU F 245 35.61 15.33 -22.74
C GLU F 245 36.84 15.92 -23.43
N TYR F 246 36.84 17.24 -23.61
CA TYR F 246 37.99 17.92 -24.20
C TYR F 246 39.24 17.68 -23.37
N PHE F 247 39.15 17.94 -22.06
CA PHE F 247 40.30 17.79 -21.17
C PHE F 247 40.79 16.35 -21.09
N ARG F 248 39.87 15.39 -21.17
CA ARG F 248 40.21 13.96 -21.18
C ARG F 248 40.94 13.55 -22.47
N ASP F 249 40.48 14.04 -23.62
CA ASP F 249 40.93 13.55 -24.92
C ASP F 249 42.01 14.39 -25.59
N GLN F 250 41.78 15.70 -25.66
CA GLN F 250 42.66 16.62 -26.38
C GLN F 250 43.79 17.12 -25.50
N GLU F 251 43.83 16.63 -24.27
CA GLU F 251 44.89 16.97 -23.32
C GLU F 251 45.43 15.72 -22.63
N GLY F 252 44.71 14.61 -22.78
CA GLY F 252 45.08 13.32 -22.19
C GLY F 252 45.47 13.44 -20.72
N GLN F 253 44.65 14.15 -19.95
CA GLN F 253 44.98 14.51 -18.58
C GLN F 253 43.93 14.00 -17.61
N ASP F 254 44.31 13.84 -16.34
CA ASP F 254 43.39 13.41 -15.29
C ASP F 254 42.35 14.50 -15.03
N VAL F 255 41.09 14.16 -15.21
CA VAL F 255 39.99 15.10 -15.02
C VAL F 255 39.11 14.62 -13.87
N LEU F 256 38.65 15.58 -13.07
CA LEU F 256 37.59 15.34 -12.09
C LEU F 256 36.32 16.00 -12.58
N LEU F 257 35.22 15.25 -12.57
CA LEU F 257 33.93 15.80 -12.96
C LEU F 257 32.93 15.64 -11.83
N PHE F 258 32.40 16.76 -11.37
CA PHE F 258 31.39 16.81 -10.31
C PHE F 258 30.09 17.29 -10.89
N ILE F 259 29.02 16.54 -10.65
CA ILE F 259 27.68 16.91 -11.12
C ILE F 259 26.66 16.91 -9.98
N ASP F 260 26.03 18.05 -9.74
CA ASP F 260 24.94 18.20 -8.77
C ASP F 260 23.80 18.93 -9.49
N ASN F 261 22.73 18.24 -9.89
CA ASN F 261 22.39 16.86 -9.50
C ASN F 261 21.87 16.13 -10.74
N ILE F 262 22.39 14.92 -11.02
CA ILE F 262 22.07 14.23 -12.28
C ILE F 262 20.61 13.74 -12.42
N PHE F 263 19.92 13.50 -11.32
CA PHE F 263 18.48 13.22 -11.37
C PHE F 263 17.72 14.28 -12.17
N ARG F 264 18.15 15.53 -12.00
CA ARG F 264 17.46 16.68 -12.58
C ARG F 264 17.42 16.60 -14.11
N PHE F 265 18.42 15.95 -14.70
CA PHE F 265 18.46 15.60 -16.13
C PHE F 265 17.26 14.74 -16.53
N THR F 266 16.97 13.70 -15.74
CA THR F 266 15.88 12.77 -16.03
C THR F 266 14.50 13.39 -15.76
N GLN F 267 14.40 14.13 -14.66
CA GLN F 267 13.19 14.88 -14.33
C GLN F 267 12.82 15.87 -15.45
N ALA F 268 13.82 16.63 -15.91
CA ALA F 268 13.62 17.57 -17.02
C ALA F 268 13.11 16.84 -18.26
N GLY F 269 13.68 15.67 -18.54
CA GLY F 269 13.22 14.79 -19.61
C GLY F 269 11.77 14.39 -19.48
N SER F 270 11.34 14.11 -18.26
CA SER F 270 9.94 13.78 -17.99
C SER F 270 9.02 14.95 -18.33
N GLU F 271 9.44 16.17 -17.98
CA GLU F 271 8.67 17.38 -18.28
C GLU F 271 8.50 17.60 -19.79
N VAL F 272 9.57 17.42 -20.56
CA VAL F 272 9.51 17.61 -22.02
C VAL F 272 8.70 16.49 -22.70
N SER F 273 8.87 15.26 -22.20
CA SER F 273 8.19 14.09 -22.77
C SER F 273 6.67 14.27 -22.71
N ALA F 274 6.20 14.83 -21.59
CA ALA F 274 4.79 15.17 -21.39
C ALA F 274 4.31 16.19 -22.42
N LEU F 275 5.21 17.08 -22.83
CA LEU F 275 4.90 18.10 -23.83
C LEU F 275 5.03 17.57 -25.26
N LEU F 276 5.80 16.50 -25.44
CA LEU F 276 5.99 15.86 -26.75
C LEU F 276 4.84 14.91 -27.09
N GLY F 277 3.99 14.64 -26.11
CA GLY F 277 2.82 13.78 -26.32
C GLY F 277 3.08 12.29 -26.39
N ARG F 278 4.28 11.85 -26.01
CA ARG F 278 4.58 10.41 -25.86
C ARG F 278 3.56 9.72 -24.96
N ILE F 279 3.27 8.44 -25.21
CA ILE F 279 2.56 7.64 -24.22
C ILE F 279 3.50 7.48 -23.03
N PRO F 280 3.04 7.84 -21.81
CA PRO F 280 3.94 7.80 -20.66
C PRO F 280 4.27 6.37 -20.20
N SER F 281 5.41 6.22 -19.54
CA SER F 281 5.82 4.95 -18.97
C SER F 281 5.43 4.91 -17.48
N ALA F 282 6.02 3.98 -16.72
CA ALA F 282 5.71 3.84 -15.30
C ALA F 282 6.01 5.10 -14.48
N VAL F 283 5.14 5.41 -13.51
CA VAL F 283 5.28 6.57 -12.62
C VAL F 283 5.27 7.91 -13.39
N GLY F 284 4.70 7.89 -14.59
CA GLY F 284 4.57 9.09 -15.41
C GLY F 284 5.82 9.52 -16.14
N TYR F 285 6.86 8.70 -16.10
CA TYR F 285 8.11 9.00 -16.77
C TYR F 285 8.09 8.81 -18.30
N GLN F 286 9.03 9.49 -18.97
CA GLN F 286 9.30 9.30 -20.39
C GLN F 286 9.61 7.82 -20.71
N PRO F 287 9.07 7.31 -21.83
CA PRO F 287 9.35 5.92 -22.22
C PRO F 287 10.82 5.70 -22.55
N THR F 288 11.54 6.79 -22.77
CA THR F 288 12.95 6.77 -23.16
C THR F 288 13.89 6.99 -21.97
N LEU F 289 13.39 6.85 -20.75
CA LEU F 289 14.21 7.14 -19.57
C LEU F 289 15.58 6.47 -19.59
N ALA F 290 15.61 5.16 -19.82
CA ALA F 290 16.84 4.37 -19.75
C ALA F 290 17.82 4.61 -20.88
N THR F 291 17.32 4.70 -22.12
CA THR F 291 18.19 4.97 -23.26
C THR F 291 18.75 6.39 -23.21
N ASP F 292 17.90 7.35 -22.85
CA ASP F 292 18.35 8.74 -22.67
C ASP F 292 19.46 8.80 -21.64
N MET F 293 19.27 8.09 -20.53
CA MET F 293 20.27 8.04 -19.47
C MET F 293 21.55 7.35 -19.94
N GLY F 294 21.39 6.26 -20.69
CA GLY F 294 22.53 5.50 -21.19
C GLY F 294 23.37 6.31 -22.16
N THR F 295 22.73 7.03 -23.07
CA THR F 295 23.46 7.82 -24.07
C THR F 295 24.25 8.96 -23.43
N MET F 296 23.73 9.48 -22.33
CA MET F 296 24.43 10.50 -21.54
C MET F 296 25.50 9.89 -20.63
N GLN F 297 25.15 8.87 -19.83
CA GLN F 297 26.09 8.29 -18.85
C GLN F 297 27.31 7.64 -19.48
N GLU F 298 27.11 6.97 -20.62
CA GLU F 298 28.22 6.30 -21.31
C GLU F 298 29.33 7.25 -21.78
N ARG F 299 29.05 8.55 -21.79
CA ARG F 299 30.07 9.56 -22.10
C ARG F 299 30.86 9.96 -20.86
N ILE F 300 30.25 9.78 -19.68
CA ILE F 300 30.90 10.07 -18.42
C ILE F 300 31.75 8.86 -18.07
N THR F 301 32.96 8.84 -18.60
CA THR F 301 33.80 7.67 -18.44
C THR F 301 35.27 7.95 -18.70
N THR F 302 36.10 7.21 -17.98
CA THR F 302 37.51 7.08 -18.27
C THR F 302 37.67 6.27 -19.56
N THR F 303 38.70 6.60 -20.34
CA THR F 303 39.06 5.84 -21.53
C THR F 303 40.56 5.56 -21.47
N LYS F 304 41.06 4.77 -22.43
CA LYS F 304 42.50 4.56 -22.56
C LYS F 304 43.24 5.87 -22.83
N LYS F 305 42.50 6.87 -23.33
CA LYS F 305 43.06 8.15 -23.72
C LYS F 305 43.22 9.12 -22.54
N GLY F 306 42.39 8.95 -21.52
CA GLY F 306 42.43 9.82 -20.34
C GLY F 306 41.45 9.45 -19.25
N SER F 307 41.72 9.95 -18.05
CA SER F 307 40.96 9.58 -16.87
C SER F 307 39.94 10.64 -16.49
N ILE F 308 38.71 10.18 -16.24
CA ILE F 308 37.70 11.02 -15.58
C ILE F 308 37.25 10.32 -14.30
N THR F 309 37.55 10.94 -13.16
CA THR F 309 36.96 10.52 -11.90
C THR F 309 35.69 11.34 -11.73
N SER F 310 34.54 10.67 -11.84
CA SER F 310 33.27 11.37 -11.81
C SER F 310 32.50 11.11 -10.52
N VAL F 311 31.95 12.18 -9.96
CA VAL F 311 31.13 12.11 -8.75
C VAL F 311 29.80 12.80 -9.03
N GLN F 312 28.72 12.03 -9.04
CA GLN F 312 27.39 12.55 -9.37
C GLN F 312 26.46 12.44 -8.18
N ALA F 313 25.93 13.58 -7.73
CA ALA F 313 24.88 13.59 -6.72
C ALA F 313 23.59 13.17 -7.39
N ILE F 314 22.85 12.28 -6.73
CA ILE F 314 21.66 11.65 -7.32
C ILE F 314 20.46 11.77 -6.39
N TYR F 315 19.54 12.68 -6.73
CA TYR F 315 18.35 12.92 -5.92
C TYR F 315 17.38 11.73 -5.99
N VAL F 316 16.74 11.44 -4.86
CA VAL F 316 15.84 10.29 -4.74
C VAL F 316 14.42 10.78 -4.40
N PRO F 317 13.51 10.73 -5.38
CA PRO F 317 12.14 11.25 -5.23
C PRO F 317 11.40 10.55 -4.10
N ALA F 318 10.83 11.33 -3.18
CA ALA F 318 10.09 10.79 -2.04
C ALA F 318 10.83 9.68 -1.27
N ASP F 319 12.15 9.76 -1.25
CA ASP F 319 13.05 8.81 -0.60
C ASP F 319 12.94 7.38 -1.17
N ASP F 320 12.31 7.24 -2.34
CA ASP F 320 12.06 5.94 -2.95
C ASP F 320 13.17 5.51 -3.91
N LEU F 321 14.07 4.66 -3.42
CA LEU F 321 15.19 4.16 -4.25
C LEU F 321 14.75 3.27 -5.42
N THR F 322 13.52 2.79 -5.38
CA THR F 322 12.96 1.99 -6.48
C THR F 322 12.33 2.87 -7.58
N ASP F 323 12.29 4.18 -7.36
CA ASP F 323 11.82 5.10 -8.39
C ASP F 323 12.68 4.90 -9.63
N PRO F 324 12.04 4.82 -10.81
CA PRO F 324 12.77 4.57 -12.06
C PRO F 324 14.03 5.42 -12.29
N ALA F 325 14.04 6.67 -11.83
CA ALA F 325 15.23 7.51 -12.01
C ALA F 325 16.46 6.97 -11.25
N PRO F 326 16.43 6.94 -9.89
CA PRO F 326 17.59 6.40 -9.17
C PRO F 326 17.84 4.92 -9.46
N ALA F 327 16.77 4.15 -9.66
CA ALA F 327 16.88 2.69 -9.87
C ALA F 327 17.69 2.34 -11.12
N THR F 328 17.50 3.15 -12.17
CA THR F 328 18.20 2.97 -13.43
C THR F 328 19.65 3.52 -13.36
N THR F 329 19.91 4.41 -12.42
CA THR F 329 21.24 5.02 -12.28
C THR F 329 22.30 4.06 -11.68
N PHE F 330 21.88 3.19 -10.77
CA PHE F 330 22.83 2.28 -10.08
C PHE F 330 23.84 1.57 -10.99
N ALA F 331 23.35 0.96 -12.07
CA ALA F 331 24.19 0.15 -12.96
C ALA F 331 25.19 0.96 -13.77
N HIS F 332 25.09 2.28 -13.68
CA HIS F 332 26.03 3.17 -14.36
C HIS F 332 27.21 3.54 -13.48
N LEU F 333 27.29 2.94 -12.29
CA LEU F 333 28.27 3.36 -11.29
C LEU F 333 29.21 2.25 -10.88
N ASP F 334 30.44 2.62 -10.53
CA ASP F 334 31.42 1.69 -9.97
C ASP F 334 31.40 1.68 -8.45
N ALA F 335 31.07 2.83 -7.86
CA ALA F 335 30.88 2.93 -6.42
C ALA F 335 29.64 3.76 -6.12
N THR F 336 28.89 3.32 -5.11
CA THR F 336 27.66 3.98 -4.75
C THR F 336 27.70 4.30 -3.26
N THR F 337 27.36 5.54 -2.92
CA THR F 337 27.20 5.94 -1.53
C THR F 337 25.73 6.31 -1.36
N VAL F 338 24.99 5.45 -0.68
CA VAL F 338 23.56 5.65 -0.49
C VAL F 338 23.30 6.24 0.89
N LEU F 339 22.71 7.44 0.91
CA LEU F 339 22.37 8.12 2.15
C LEU F 339 20.96 7.76 2.60
N SER F 340 20.74 7.81 3.91
CA SER F 340 19.48 7.43 4.53
C SER F 340 18.95 8.53 5.47
N ARG F 341 17.69 8.91 5.28
CA ARG F 341 17.05 9.91 6.14
C ARG F 341 16.97 9.41 7.59
N ALA F 342 16.64 8.13 7.75
CA ALA F 342 16.53 7.53 9.07
C ALA F 342 17.85 7.67 9.83
N ILE F 343 18.95 7.42 9.14
CA ILE F 343 20.29 7.52 9.70
C ILE F 343 20.64 8.98 10.06
N ALA F 344 20.34 9.91 9.16
CA ALA F 344 20.54 11.33 9.42
C ALA F 344 19.78 11.78 10.67
N GLU F 345 18.54 11.31 10.81
CA GLU F 345 17.67 11.68 11.94
C GLU F 345 18.20 11.14 13.28
N LEU F 346 18.99 10.06 13.22
CA LEU F 346 19.65 9.52 14.40
C LEU F 346 20.90 10.32 14.77
N GLY F 347 21.28 11.25 13.88
CA GLY F 347 22.43 12.12 14.12
C GLY F 347 23.74 11.63 13.50
N ILE F 348 23.68 10.53 12.77
CA ILE F 348 24.88 9.99 12.12
C ILE F 348 25.12 10.72 10.80
N TYR F 349 26.20 11.50 10.77
CA TYR F 349 26.65 12.16 9.55
C TYR F 349 28.10 11.77 9.27
N PRO F 350 28.46 11.49 8.00
CA PRO F 350 27.56 11.45 6.84
C PRO F 350 26.56 10.32 6.98
N ALA F 351 25.35 10.54 6.49
CA ALA F 351 24.22 9.62 6.68
C ALA F 351 24.24 8.42 5.73
N VAL F 352 25.43 7.82 5.58
CA VAL F 352 25.63 6.69 4.68
C VAL F 352 24.99 5.41 5.22
N ASP F 353 24.22 4.73 4.38
CA ASP F 353 23.71 3.39 4.70
C ASP F 353 24.81 2.36 4.45
N PRO F 354 25.40 1.80 5.53
CA PRO F 354 26.58 0.97 5.38
C PRO F 354 26.26 -0.39 4.76
N LEU F 355 24.97 -0.72 4.69
CA LEU F 355 24.51 -1.97 4.11
C LEU F 355 23.86 -1.79 2.74
N ASP F 356 23.98 -0.60 2.16
CA ASP F 356 23.41 -0.34 0.84
C ASP F 356 24.36 0.50 -0.03
N SER F 357 25.61 0.60 0.41
CA SER F 357 26.64 1.31 -0.34
C SER F 357 27.69 0.30 -0.80
N THR F 358 28.03 0.32 -2.08
CA THR F 358 28.89 -0.73 -2.68
C THR F 358 30.01 -0.18 -3.56
N SER F 359 31.00 -1.04 -3.82
CA SER F 359 32.13 -0.71 -4.70
C SER F 359 32.68 -1.95 -5.39
N ARG F 360 33.01 -1.79 -6.66
CA ARG F 360 33.61 -2.87 -7.45
C ARG F 360 34.98 -3.28 -6.94
N ILE F 361 35.69 -2.37 -6.28
CA ILE F 361 37.02 -2.67 -5.76
C ILE F 361 37.03 -3.24 -4.33
N MET F 362 35.84 -3.40 -3.74
CA MET F 362 35.70 -4.16 -2.50
C MET F 362 35.90 -5.64 -2.82
N ASP F 363 37.17 -6.03 -2.84
CA ASP F 363 37.64 -7.30 -3.36
C ASP F 363 38.96 -7.57 -2.66
N PRO F 364 39.13 -8.76 -2.05
CA PRO F 364 40.37 -9.03 -1.31
C PRO F 364 41.64 -8.95 -2.18
N ASN F 365 41.51 -9.26 -3.46
CA ASN F 365 42.64 -9.21 -4.39
C ASN F 365 43.01 -7.77 -4.76
N ILE F 366 42.12 -6.83 -4.44
CA ILE F 366 42.36 -5.41 -4.72
C ILE F 366 42.76 -4.63 -3.46
N VAL F 367 41.95 -4.71 -2.40
CA VAL F 367 42.21 -3.95 -1.18
C VAL F 367 43.02 -4.72 -0.12
N GLY F 368 43.30 -6.00 -0.39
CA GLY F 368 44.03 -6.85 0.55
C GLY F 368 43.04 -7.51 1.50
N SER F 369 43.39 -8.70 2.00
CA SER F 369 42.48 -9.46 2.84
C SER F 369 42.14 -8.77 4.15
N GLU F 370 43.07 -8.01 4.72
CA GLU F 370 42.80 -7.33 5.99
C GLU F 370 41.66 -6.32 5.86
N HIS F 371 41.79 -5.40 4.90
CA HIS F 371 40.75 -4.44 4.56
C HIS F 371 39.41 -5.16 4.32
N TYR F 372 39.43 -6.15 3.45
CA TYR F 372 38.22 -6.87 3.07
C TYR F 372 37.53 -7.52 4.27
N ASP F 373 38.33 -8.20 5.09
CA ASP F 373 37.82 -8.92 6.27
C ASP F 373 37.16 -8.00 7.30
N VAL F 374 37.79 -6.86 7.58
CA VAL F 374 37.27 -5.89 8.54
C VAL F 374 35.97 -5.26 8.02
N ALA F 375 35.95 -4.93 6.73
CA ALA F 375 34.75 -4.40 6.07
C ALA F 375 33.58 -5.37 6.18
N ARG F 376 33.78 -6.62 5.74
CA ARG F 376 32.74 -7.65 5.82
C ARG F 376 32.32 -7.98 7.26
N GLY F 377 33.30 -7.92 8.18
CA GLY F 377 33.04 -8.13 9.60
C GLY F 377 32.17 -7.04 10.20
N VAL F 378 32.45 -5.80 9.83
CA VAL F 378 31.63 -4.65 10.20
C VAL F 378 30.20 -4.80 9.66
N GLN F 379 30.09 -5.21 8.39
CA GLN F 379 28.79 -5.36 7.75
C GLN F 379 27.96 -6.50 8.33
N LYS F 380 28.63 -7.58 8.73
CA LYS F 380 27.96 -8.73 9.36
C LYS F 380 27.32 -8.32 10.68
N ILE F 381 28.09 -7.64 11.53
CA ILE F 381 27.58 -7.20 12.83
C ILE F 381 26.44 -6.17 12.68
N LEU F 382 26.54 -5.32 11.67
CA LEU F 382 25.49 -4.34 11.39
C LEU F 382 24.21 -5.00 10.86
N GLN F 383 24.36 -6.05 10.06
CA GLN F 383 23.21 -6.77 9.52
C GLN F 383 22.54 -7.58 10.64
N ASP F 384 23.35 -8.16 11.51
CA ASP F 384 22.85 -8.90 12.66
C ASP F 384 22.08 -8.00 13.61
N TYR F 385 22.54 -6.76 13.76
CA TYR F 385 21.83 -5.75 14.54
C TYR F 385 20.53 -5.38 13.85
N LYS F 386 20.60 -5.17 12.53
CA LYS F 386 19.44 -4.82 11.74
C LYS F 386 18.32 -5.85 11.89
N SER F 387 18.65 -7.13 11.65
CA SER F 387 17.48 -8.02 11.67
CA SER F 387 17.91 -8.37 11.92
C SER F 387 16.99 -8.40 13.11
N LEU F 388 17.34 -7.57 14.09
CA LEU F 388 16.76 -7.60 15.43
C LEU F 388 15.86 -6.40 15.70
N GLN F 389 15.81 -5.47 14.75
CA GLN F 389 15.05 -4.22 14.91
C GLN F 389 13.59 -4.42 15.27
N ASP F 390 12.96 -5.45 14.71
CA ASP F 390 11.56 -5.78 15.01
C ASP F 390 11.33 -5.95 16.50
N ILE F 391 12.10 -6.85 17.11
CA ILE F 391 11.97 -7.17 18.54
C ILE F 391 12.41 -6.02 19.44
N ILE F 392 13.49 -5.34 19.05
CA ILE F 392 14.01 -4.21 19.83
C ILE F 392 13.00 -3.05 19.89
N ALA F 393 12.39 -2.73 18.75
CA ALA F 393 11.39 -1.65 18.68
C ALA F 393 10.23 -1.86 19.64
N ILE F 394 9.85 -3.12 19.87
CA ILE F 394 8.77 -3.43 20.80
C ILE F 394 9.26 -3.55 22.25
N LEU F 395 10.21 -4.45 22.48
CA LEU F 395 10.58 -4.83 23.85
C LEU F 395 11.86 -4.19 24.39
N GLY F 396 12.64 -3.55 23.52
CA GLY F 396 13.91 -2.95 23.93
C GLY F 396 15.05 -3.95 23.92
N MET F 397 16.24 -3.47 24.26
CA MET F 397 17.46 -4.28 24.19
C MET F 397 17.58 -5.28 25.35
N ASP F 398 16.88 -5.00 26.45
CA ASP F 398 16.99 -5.79 27.67
C ASP F 398 16.39 -7.19 27.61
N GLU F 399 15.59 -7.47 26.57
CA GLU F 399 14.99 -8.79 26.40
C GLU F 399 15.90 -9.78 25.66
N LEU F 400 16.88 -9.25 24.94
CA LEU F 400 17.78 -10.07 24.12
C LEU F 400 18.72 -10.93 24.95
N SER F 401 19.19 -12.02 24.34
CA SER F 401 20.23 -12.86 24.94
C SER F 401 21.52 -12.08 25.12
N GLU F 402 22.41 -12.58 25.98
CA GLU F 402 23.70 -11.94 26.22
C GLU F 402 24.50 -11.86 24.92
N GLU F 403 24.43 -12.91 24.12
CA GLU F 403 25.09 -12.98 22.81
C GLU F 403 24.63 -11.83 21.92
N ASP F 404 23.32 -11.68 21.77
CA ASP F 404 22.72 -10.63 20.94
C ASP F 404 22.95 -9.22 21.50
N LYS F 405 22.97 -9.10 22.82
CA LYS F 405 23.28 -7.82 23.47
C LYS F 405 24.70 -7.35 23.15
N LEU F 406 25.63 -8.30 23.08
CA LEU F 406 27.02 -8.02 22.73
C LEU F 406 27.13 -7.48 21.29
N THR F 407 26.39 -8.11 20.38
CA THR F 407 26.38 -7.70 18.98
C THR F 407 25.70 -6.36 18.80
N VAL F 408 24.68 -6.07 19.61
CA VAL F 408 23.99 -4.79 19.59
C VAL F 408 24.91 -3.66 20.10
N SER F 409 25.61 -3.91 21.21
CA SER F 409 26.50 -2.91 21.79
C SER F 409 27.67 -2.54 20.87
N ARG F 410 28.27 -3.54 20.23
CA ARG F 410 29.38 -3.31 19.29
C ARG F 410 28.90 -2.64 18.00
N ALA F 411 27.74 -3.09 17.49
CA ALA F 411 27.16 -2.53 16.28
C ALA F 411 26.83 -1.06 16.47
N ARG F 412 26.29 -0.71 17.63
CA ARG F 412 25.99 0.68 17.96
C ARG F 412 27.26 1.54 18.06
N LYS F 413 28.35 0.96 18.55
CA LYS F 413 29.63 1.67 18.60
C LYS F 413 30.24 1.86 17.21
N ILE F 414 30.13 0.81 16.40
CA ILE F 414 30.56 0.84 14.99
C ILE F 414 29.76 1.87 14.19
N GLN F 415 28.43 1.89 14.39
CA GLN F 415 27.56 2.87 13.76
C GLN F 415 28.04 4.28 14.05
N ARG F 416 28.37 4.54 15.30
CA ARG F 416 28.86 5.84 15.73
C ARG F 416 30.27 6.14 15.21
N PHE F 417 31.15 5.13 15.21
CA PHE F 417 32.51 5.33 14.70
C PHE F 417 32.54 5.55 13.18
N LEU F 418 31.44 5.19 12.52
CA LEU F 418 31.29 5.46 11.08
C LEU F 418 30.91 6.92 10.79
N SER F 419 30.42 7.63 11.82
CA SER F 419 30.15 9.07 11.70
C SER F 419 31.47 9.84 11.76
N GLN F 420 31.48 11.05 11.23
CA GLN F 420 32.72 11.81 11.08
C GLN F 420 32.44 13.29 10.84
N PRO F 421 33.12 14.18 11.59
CA PRO F 421 33.01 15.62 11.33
C PRO F 421 33.67 16.00 10.02
N PHE F 422 32.92 16.70 9.17
CA PHE F 422 33.41 17.18 7.88
C PHE F 422 33.92 18.63 8.00
N GLN F 423 35.02 18.91 7.32
CA GLN F 423 35.59 20.26 7.27
C GLN F 423 34.54 21.25 6.80
N VAL F 424 33.65 20.77 5.94
CA VAL F 424 32.63 21.58 5.27
C VAL F 424 31.38 21.80 6.14
N ALA F 425 31.15 20.92 7.12
CA ALA F 425 29.93 20.95 7.92
C ALA F 425 30.13 21.44 9.36
N GLU F 426 31.18 22.25 9.56
CA GLU F 426 31.59 22.67 10.91
C GLU F 426 30.54 23.51 11.65
N VAL F 427 29.77 24.29 10.90
CA VAL F 427 28.69 25.10 11.47
C VAL F 427 27.60 24.21 12.09
N PHE F 428 27.37 23.05 11.48
CA PHE F 428 26.27 22.17 11.88
C PHE F 428 26.64 21.16 12.97
N THR F 429 27.86 20.62 12.88
CA THR F 429 28.34 19.67 13.88
C THR F 429 28.85 20.38 15.12
N GLY F 430 29.51 21.53 14.92
CA GLY F 430 30.17 22.26 15.99
C GLY F 430 31.58 21.77 16.25
N HIS F 431 32.04 20.83 15.41
CA HIS F 431 33.36 20.21 15.56
C HIS F 431 34.27 20.53 14.37
N LEU F 432 35.56 20.62 14.64
CA LEU F 432 36.58 20.73 13.61
C LEU F 432 36.55 19.48 12.71
N GLY F 433 36.65 19.69 11.40
CA GLY F 433 36.60 18.61 10.42
C GLY F 433 37.78 17.66 10.54
N LYS F 434 37.54 16.39 10.22
CA LYS F 434 38.58 15.37 10.34
C LYS F 434 38.74 14.54 9.07
N LEU F 435 39.99 14.24 8.75
CA LEU F 435 40.32 13.36 7.64
C LEU F 435 41.18 12.22 8.19
N VAL F 436 40.74 10.98 7.95
CA VAL F 436 41.36 9.80 8.56
C VAL F 436 42.09 8.95 7.52
N PRO F 437 43.39 8.67 7.73
CA PRO F 437 44.12 7.74 6.85
C PRO F 437 43.47 6.36 6.81
N LEU F 438 43.55 5.72 5.65
CA LEU F 438 42.93 4.40 5.43
C LEU F 438 43.39 3.37 6.47
N LYS F 439 44.70 3.30 6.71
CA LYS F 439 45.26 2.35 7.68
C LYS F 439 44.67 2.55 9.08
N GLU F 440 44.40 3.81 9.44
CA GLU F 440 43.81 4.15 10.74
C GLU F 440 42.34 3.76 10.81
N THR F 441 41.62 3.92 9.70
CA THR F 441 40.23 3.47 9.58
C THR F 441 40.13 1.95 9.78
N ILE F 442 40.96 1.20 9.06
CA ILE F 442 41.00 -0.27 9.17
C ILE F 442 41.27 -0.70 10.61
N LYS F 443 42.30 -0.10 11.22
CA LYS F 443 42.74 -0.42 12.58
C LYS F 443 41.66 -0.15 13.63
N GLY F 444 41.02 1.02 13.55
CA GLY F 444 39.96 1.42 14.48
C GLY F 444 38.78 0.46 14.54
N PHE F 445 38.25 0.11 13.37
CA PHE F 445 37.13 -0.82 13.28
C PHE F 445 37.55 -2.26 13.58
N GLN F 446 38.82 -2.58 13.31
CA GLN F 446 39.38 -3.88 13.63
C GLN F 446 39.36 -4.07 15.15
N GLN F 447 39.81 -3.05 15.87
CA GLN F 447 39.86 -3.08 17.33
C GLN F 447 38.47 -3.17 17.97
N ILE F 448 37.49 -2.45 17.40
CA ILE F 448 36.11 -2.51 17.92
C ILE F 448 35.54 -3.92 17.76
N LEU F 449 35.65 -4.47 16.54
CA LEU F 449 35.20 -5.84 16.25
C LEU F 449 35.83 -6.88 17.19
N ALA F 450 37.09 -6.66 17.54
CA ALA F 450 37.83 -7.57 18.43
C ALA F 450 37.37 -7.45 19.89
N GLY F 451 36.58 -6.43 20.19
CA GLY F 451 36.07 -6.22 21.54
C GLY F 451 37.01 -5.44 22.44
N GLU F 452 38.03 -4.82 21.85
CA GLU F 452 39.03 -4.04 22.59
C GLU F 452 38.45 -2.82 23.30
N TYR F 453 37.30 -2.34 22.83
CA TYR F 453 36.66 -1.17 23.45
C TYR F 453 35.23 -1.44 23.93
N ASP F 454 34.94 -2.70 24.26
CA ASP F 454 33.63 -3.10 24.80
C ASP F 454 33.24 -2.35 26.08
N HIS F 455 34.26 -1.93 26.83
CA HIS F 455 34.07 -1.21 28.10
C HIS F 455 33.74 0.27 27.93
N LEU F 456 34.10 0.84 26.77
CA LEU F 456 33.90 2.27 26.50
C LEU F 456 32.44 2.62 26.19
N PRO F 457 31.97 3.81 26.63
CA PRO F 457 30.61 4.26 26.31
C PRO F 457 30.42 4.56 24.81
N GLU F 458 29.22 4.30 24.32
CA GLU F 458 28.91 4.47 22.89
C GLU F 458 29.16 5.88 22.36
N GLN F 459 28.78 6.89 23.15
CA GLN F 459 28.90 8.29 22.74
C GLN F 459 30.34 8.75 22.51
N ALA F 460 31.30 8.04 23.10
CA ALA F 460 32.73 8.31 22.88
C ALA F 460 33.13 8.12 21.41
N PHE F 461 32.45 7.22 20.72
CA PHE F 461 32.75 6.88 19.33
C PHE F 461 32.08 7.84 18.34
N TYR F 462 31.22 8.71 18.85
CA TYR F 462 30.44 9.61 18.01
C TYR F 462 31.24 10.85 17.59
N MET F 463 31.16 11.19 16.32
CA MET F 463 31.78 12.39 15.74
C MET F 463 33.27 12.58 16.11
N VAL F 464 34.07 11.55 15.85
CA VAL F 464 35.51 11.65 16.01
C VAL F 464 36.22 11.34 14.69
N GLY F 465 37.54 11.47 14.69
CA GLY F 465 38.36 11.03 13.57
C GLY F 465 38.90 9.64 13.86
N PRO F 466 40.20 9.54 14.19
CA PRO F 466 40.82 8.26 14.51
C PRO F 466 40.34 7.71 15.85
N ILE F 467 40.58 6.42 16.07
CA ILE F 467 40.11 5.74 17.27
C ILE F 467 40.66 6.33 18.58
N GLU F 468 41.84 6.94 18.53
CA GLU F 468 42.45 7.56 19.72
C GLU F 468 41.59 8.67 20.30
N GLU F 469 40.84 9.35 19.45
CA GLU F 469 39.95 10.43 19.87
C GLU F 469 38.74 9.89 20.66
N ALA F 470 38.29 8.69 20.29
CA ALA F 470 37.23 8.00 21.01
C ALA F 470 37.69 7.58 22.41
N VAL F 471 38.96 7.17 22.52
CA VAL F 471 39.57 6.82 23.81
C VAL F 471 39.68 8.06 24.71
N ALA F 472 40.21 9.14 24.15
CA ALA F 472 40.38 10.40 24.88
C ALA F 472 39.03 10.97 25.33
N LYS F 473 38.02 10.84 24.47
CA LYS F 473 36.66 11.32 24.77
C LYS F 473 36.04 10.57 25.93
N ALA F 474 36.25 9.25 25.98
CA ALA F 474 35.73 8.41 27.05
C ALA F 474 36.41 8.70 28.38
N ASP F 475 37.69 9.07 28.33
CA ASP F 475 38.46 9.41 29.52
C ASP F 475 37.96 10.70 30.20
N LYS F 476 37.49 11.63 29.39
CA LYS F 476 36.91 12.89 29.90
C LYS F 476 35.54 12.68 30.54
N LEU F 477 34.81 11.68 30.06
CA LEU F 477 33.49 11.34 30.59
C LEU F 477 33.58 10.61 31.94
N ALA F 478 34.50 9.67 32.04
CA ALA F 478 34.72 8.90 33.27
C ALA F 478 36.20 8.60 33.48
N ALA G 1 5.36 -3.68 3.42
CA ALA G 1 5.53 -3.54 1.95
C ALA G 1 4.19 -3.61 1.21
N THR G 2 3.51 -4.75 1.33
CA THR G 2 2.26 -4.98 0.61
C THR G 2 1.10 -5.06 1.61
N LEU G 3 -0.09 -4.65 1.18
CA LEU G 3 -1.26 -4.50 2.07
C LEU G 3 -1.61 -5.72 2.92
N LYS G 4 -1.54 -6.91 2.32
CA LYS G 4 -1.78 -8.18 3.02
C LYS G 4 -0.76 -8.40 4.15
N ASP G 5 0.50 -8.11 3.86
CA ASP G 5 1.59 -8.24 4.84
C ASP G 5 1.40 -7.29 6.02
N ILE G 6 1.09 -6.03 5.72
CA ILE G 6 0.83 -5.01 6.75
C ILE G 6 -0.43 -5.36 7.56
N THR G 7 -1.42 -5.94 6.89
CA THR G 7 -2.68 -6.31 7.54
C THR G 7 -2.41 -7.30 8.67
N ARG G 8 -1.62 -8.33 8.38
CA ARG G 8 -1.27 -9.33 9.39
C ARG G 8 -0.45 -8.74 10.53
N ARG G 9 0.57 -7.96 10.21
CA ARG G 9 1.39 -7.26 11.22
C ARG G 9 0.54 -6.37 12.12
N LEU G 10 -0.36 -5.60 11.51
CA LEU G 10 -1.26 -4.71 12.26
C LEU G 10 -2.13 -5.46 13.26
N LYS G 11 -2.69 -6.60 12.86
CA LYS G 11 -3.50 -7.42 13.76
C LYS G 11 -2.64 -8.00 14.89
N SER G 12 -1.39 -8.32 14.55
CA SER G 12 -0.42 -8.85 15.49
C SER G 12 -0.01 -7.82 16.56
N ILE G 13 0.40 -6.64 16.13
CA ILE G 13 0.87 -5.60 17.07
C ILE G 13 -0.30 -4.99 17.88
N LYS G 14 -1.51 -5.06 17.32
CA LYS G 14 -2.71 -4.68 18.07
C LYS G 14 -3.01 -5.63 19.23
N ASN G 15 -2.82 -6.93 18.99
CA ASN G 15 -2.99 -7.93 20.05
C ASN G 15 -1.92 -7.79 21.14
N ILE G 16 -0.68 -7.57 20.71
CA ILE G 16 0.45 -7.36 21.62
C ILE G 16 0.22 -6.15 22.54
N GLN G 17 -0.20 -5.03 21.95
CA GLN G 17 -0.50 -3.81 22.69
C GLN G 17 -1.47 -4.09 23.84
N LYS G 18 -2.53 -4.85 23.56
CA LYS G 18 -3.54 -5.21 24.55
C LYS G 18 -2.97 -6.14 25.62
N ILE G 19 -2.26 -7.18 25.20
CA ILE G 19 -1.65 -8.13 26.12
C ILE G 19 -0.62 -7.46 27.03
N THR G 20 0.24 -6.63 26.45
CA THR G 20 1.26 -5.91 27.21
C THR G 20 0.64 -5.01 28.27
N LYS G 21 -0.49 -4.39 27.94
CA LYS G 21 -1.23 -3.54 28.87
C LYS G 21 -1.82 -4.34 30.02
N SER G 22 -2.42 -5.50 29.70
CA SER G 22 -2.98 -6.39 30.73
C SER G 22 -1.89 -6.97 31.62
N MET G 23 -0.73 -7.25 31.02
CA MET G 23 0.43 -7.77 31.75
C MET G 23 1.01 -6.71 32.69
N LYS G 24 0.97 -5.45 32.25
CA LYS G 24 1.35 -4.32 33.09
C LYS G 24 0.43 -4.24 34.30
N MET G 25 -0.88 -4.44 34.06
CA MET G 25 -1.89 -4.33 35.12
C MET G 25 -1.84 -5.46 36.15
N VAL G 26 -1.53 -6.67 35.70
CA VAL G 26 -1.33 -7.82 36.59
C VAL G 26 -0.08 -7.61 37.44
N ALA G 27 1.00 -7.15 36.81
CA ALA G 27 2.26 -6.88 37.49
C ALA G 27 2.16 -5.72 38.48
N ALA G 28 1.32 -4.74 38.15
CA ALA G 28 1.05 -3.60 39.05
C ALA G 28 0.38 -4.07 40.35
N ALA G 29 -0.55 -5.02 40.23
CA ALA G 29 -1.23 -5.60 41.37
C ALA G 29 -0.31 -6.54 42.17
N LYS G 30 0.51 -7.30 41.45
CA LYS G 30 1.50 -8.20 42.05
C LYS G 30 2.58 -7.42 42.79
N TYR G 31 3.01 -6.29 42.23
CA TYR G 31 3.96 -5.40 42.89
C TYR G 31 3.33 -4.75 44.13
N ALA G 32 2.09 -4.31 44.01
CA ALA G 32 1.35 -3.71 45.14
C ALA G 32 1.31 -4.65 46.35
N ARG G 33 1.08 -5.93 46.10
CA ARG G 33 1.09 -6.97 47.12
C ARG G 33 2.51 -7.17 47.68
N ALA G 34 3.50 -7.18 46.78
CA ALA G 34 4.90 -7.45 47.15
C ALA G 34 5.52 -6.35 47.99
N GLU G 35 5.22 -5.10 47.64
CA GLU G 35 5.74 -3.94 48.38
C GLU G 35 5.17 -3.88 49.80
N ARG G 36 3.92 -4.29 49.96
CA ARG G 36 3.28 -4.42 51.27
C ARG G 36 3.94 -5.51 52.11
N GLU G 37 4.25 -6.63 51.47
CA GLU G 37 4.87 -7.77 52.15
C GLU G 37 6.35 -7.56 52.41
N LEU G 38 6.99 -6.66 51.66
CA LEU G 38 8.40 -6.34 51.84
C LEU G 38 8.70 -5.56 53.12
N LYS G 39 7.72 -4.78 53.59
CA LYS G 39 7.87 -3.97 54.81
C LYS G 39 8.23 -4.82 56.05
N PRO G 40 7.39 -5.81 56.41
CA PRO G 40 7.77 -6.66 57.56
C PRO G 40 8.87 -7.67 57.24
N ALA G 41 9.15 -7.85 55.95
CA ALA G 41 10.22 -8.76 55.51
C ALA G 41 11.60 -8.15 55.72
N ARG G 42 11.71 -6.82 55.56
CA ARG G 42 12.97 -6.12 55.78
C ARG G 42 13.38 -6.06 57.24
N VAL G 43 12.42 -5.78 58.13
CA VAL G 43 12.68 -5.73 59.58
C VAL G 43 13.08 -7.12 60.11
N TYR G 44 12.48 -8.17 59.52
CA TYR G 44 12.85 -9.55 59.81
C TYR G 44 14.24 -9.89 59.27
N GLY G 45 14.55 -9.34 58.10
CA GLY G 45 15.82 -9.59 57.42
C GLY G 45 17.06 -9.09 58.15
N VAL G 46 16.96 -7.89 58.71
CA VAL G 46 18.09 -7.22 59.40
C VAL G 46 18.98 -8.18 60.19
N GLY G 47 18.36 -8.97 61.08
CA GLY G 47 19.08 -9.94 61.90
C GLY G 47 19.58 -11.13 61.09
N LEU G 67 30.04 -21.76 46.75
CA LEU G 67 28.62 -21.65 46.45
C LEU G 67 28.24 -20.25 45.97
N ILE G 68 27.40 -20.17 44.94
CA ILE G 68 27.03 -18.88 44.34
C ILE G 68 25.80 -18.19 44.99
N ILE G 69 24.55 -18.51 44.58
CA ILE G 69 24.21 -19.45 43.53
C ILE G 69 23.22 -18.86 42.49
N GLY G 70 22.54 -17.77 42.83
CA GLY G 70 21.73 -17.01 41.85
C GLY G 70 20.21 -17.03 42.01
N VAL G 71 19.63 -15.85 42.27
CA VAL G 71 18.18 -15.72 42.49
C VAL G 71 17.49 -14.81 41.46
N SER G 72 16.51 -15.38 40.74
CA SER G 72 15.60 -14.60 39.88
C SER G 72 14.21 -15.26 39.79
N SER G 73 13.81 -15.70 38.61
CA SER G 73 12.50 -16.34 38.41
C SER G 73 12.38 -17.17 37.12
N ASP G 74 11.17 -17.68 36.87
CA ASP G 74 10.85 -18.46 35.68
C ASP G 74 10.39 -17.60 34.50
N ARG G 75 9.88 -16.40 34.80
CA ARG G 75 9.21 -15.57 33.81
C ARG G 75 10.09 -14.43 33.33
N GLY G 76 10.08 -14.21 32.01
CA GLY G 76 10.81 -13.12 31.38
C GLY G 76 9.97 -11.86 31.30
N LEU G 77 10.20 -11.08 30.24
CA LEU G 77 9.51 -9.81 30.01
C LEU G 77 9.57 -8.87 31.21
N CYS G 78 10.74 -8.78 31.84
CA CYS G 78 10.95 -7.90 32.97
C CYS G 78 12.27 -7.13 32.87
N GLY G 79 12.73 -6.95 31.63
CA GLY G 79 13.95 -6.21 31.35
C GLY G 79 15.21 -6.97 31.77
N ALA G 80 16.09 -6.28 32.50
CA ALA G 80 17.39 -6.84 32.89
C ALA G 80 17.38 -7.40 34.32
N ILE G 81 16.42 -8.26 34.60
CA ILE G 81 16.31 -8.92 35.91
C ILE G 81 17.15 -10.20 35.92
N HIS G 82 16.96 -11.04 34.90
CA HIS G 82 17.64 -12.32 34.80
C HIS G 82 19.07 -12.18 34.32
N SER G 83 19.26 -11.32 33.32
CA SER G 83 20.58 -11.11 32.72
C SER G 83 21.58 -10.50 33.70
N SER G 84 21.12 -9.60 34.55
CA SER G 84 21.98 -8.93 35.53
C SER G 84 22.49 -9.88 36.61
N VAL G 85 21.64 -10.80 37.04
CA VAL G 85 22.02 -11.80 38.05
C VAL G 85 22.76 -13.01 37.45
N ALA G 86 22.68 -13.15 36.14
CA ALA G 86 23.34 -14.26 35.44
C ALA G 86 24.66 -13.81 34.82
N ILE G 105 26.37 -25.20 41.73
CA ILE G 105 25.45 -25.30 40.60
C ILE G 105 24.02 -25.58 41.07
N ILE G 106 23.26 -24.51 41.29
CA ILE G 106 21.84 -24.59 41.66
C ILE G 106 21.02 -23.59 40.84
N GLY G 107 20.87 -22.37 41.35
CA GLY G 107 20.08 -21.32 40.69
C GLY G 107 18.58 -21.48 40.86
N VAL G 108 17.96 -20.52 41.54
CA VAL G 108 16.51 -20.53 41.75
C VAL G 108 15.79 -19.67 40.71
N GLY G 109 15.07 -20.34 39.82
CA GLY G 109 14.43 -19.71 38.67
C GLY G 109 14.81 -20.43 37.40
N ASP G 110 13.82 -20.74 36.57
CA ASP G 110 14.05 -21.52 35.36
C ASP G 110 14.88 -20.78 34.31
N LYS G 111 14.87 -19.45 34.38
CA LYS G 111 15.71 -18.61 33.53
C LYS G 111 17.20 -18.73 33.86
N ILE G 112 17.52 -18.98 35.13
CA ILE G 112 18.91 -19.10 35.57
C ILE G 112 19.65 -20.25 34.87
N ARG G 113 19.01 -21.42 34.79
CA ARG G 113 19.65 -22.60 34.20
C ARG G 113 19.60 -22.65 32.66
N SER G 114 18.56 -22.06 32.08
CA SER G 114 18.42 -22.00 30.63
C SER G 114 19.40 -21.01 29.99
N ILE G 115 19.80 -20.00 30.77
CA ILE G 115 20.79 -19.01 30.34
C ILE G 115 22.21 -19.48 30.65
N LEU G 116 22.39 -20.15 31.78
CA LEU G 116 23.69 -20.71 32.17
C LEU G 116 23.74 -22.22 31.95
N THR G 127 18.82 -26.52 41.04
CA THR G 127 17.88 -26.01 40.04
C THR G 127 16.43 -26.12 40.53
N PHE G 128 15.74 -24.97 40.55
CA PHE G 128 14.36 -24.89 41.01
C PHE G 128 13.47 -24.18 40.00
N LYS G 129 12.30 -24.76 39.76
CA LYS G 129 11.31 -24.21 38.83
C LYS G 129 10.11 -23.71 39.63
N GLU G 130 9.16 -23.10 38.92
CA GLU G 130 7.90 -22.62 39.52
C GLU G 130 8.12 -21.52 40.57
N VAL G 131 9.00 -20.58 40.25
CA VAL G 131 9.23 -19.43 41.13
C VAL G 131 8.86 -18.11 40.45
N GLY G 132 8.26 -17.21 41.22
CA GLY G 132 7.87 -15.89 40.71
C GLY G 132 6.37 -15.71 40.55
N ARG G 133 5.69 -16.73 40.00
CA ARG G 133 4.25 -16.69 39.72
C ARG G 133 3.41 -16.51 40.98
N ARG G 134 3.71 -17.31 42.00
CA ARG G 134 3.17 -17.12 43.34
C ARG G 134 4.23 -16.44 44.19
N PRO G 135 3.84 -15.45 45.02
CA PRO G 135 4.81 -14.74 45.86
C PRO G 135 5.61 -15.69 46.74
N PRO G 136 6.93 -15.43 46.89
CA PRO G 136 7.79 -16.33 47.67
C PRO G 136 7.41 -16.36 49.14
N THR G 137 7.68 -17.49 49.78
CA THR G 137 7.38 -17.69 51.19
C THR G 137 8.67 -18.17 51.86
N PHE G 138 8.66 -18.25 53.19
CA PHE G 138 9.80 -18.80 53.92
C PHE G 138 9.94 -20.29 53.66
N GLY G 139 8.82 -20.94 53.31
CA GLY G 139 8.81 -22.35 52.94
C GLY G 139 9.60 -22.62 51.68
N ASP G 140 9.54 -21.67 50.75
CA ASP G 140 10.37 -21.70 49.54
C ASP G 140 11.85 -21.65 49.87
N ALA G 141 12.22 -20.77 50.81
CA ALA G 141 13.60 -20.64 51.27
C ALA G 141 14.08 -21.92 51.96
N SER G 142 13.20 -22.54 52.75
CA SER G 142 13.50 -23.80 53.43
C SER G 142 13.77 -24.93 52.45
N VAL G 143 12.90 -25.07 51.44
CA VAL G 143 13.07 -26.07 50.37
C VAL G 143 14.45 -25.97 49.72
N ILE G 144 14.84 -24.75 49.34
CA ILE G 144 16.16 -24.47 48.77
C ILE G 144 17.29 -24.83 49.74
N ALA G 145 17.16 -24.39 51.00
CA ALA G 145 18.17 -24.62 52.02
C ALA G 145 18.32 -26.10 52.39
N LEU G 146 17.22 -26.83 52.34
CA LEU G 146 17.22 -28.27 52.65
C LEU G 146 17.90 -29.08 51.54
N GLU G 147 17.68 -28.66 50.29
CA GLU G 147 18.30 -29.29 49.13
C GLU G 147 19.82 -29.04 49.11
N LEU G 148 20.25 -28.02 49.85
CA LEU G 148 21.67 -27.72 50.01
C LEU G 148 22.32 -28.61 51.06
N SER G 159 28.42 -15.97 48.93
CA SER G 159 27.57 -14.82 48.62
C SER G 159 26.16 -15.27 48.23
N ILE G 160 25.27 -14.30 48.00
CA ILE G 160 23.96 -14.56 47.41
C ILE G 160 23.59 -13.42 46.45
N ILE G 161 23.24 -13.79 45.22
CA ILE G 161 23.05 -12.80 44.15
C ILE G 161 21.56 -12.57 43.82
N PHE G 162 21.08 -11.40 44.19
CA PHE G 162 19.68 -11.02 43.99
C PHE G 162 19.52 -9.55 43.61
N ASN G 163 18.34 -9.21 43.10
CA ASN G 163 18.00 -7.83 42.78
C ASN G 163 17.31 -7.12 43.95
N ARG G 164 17.98 -6.11 44.51
CA ARG G 164 17.48 -5.36 45.64
C ARG G 164 16.55 -4.23 45.18
N PHE G 165 15.38 -4.16 45.79
CA PHE G 165 14.36 -3.16 45.42
C PHE G 165 14.69 -1.78 45.96
N ARG G 166 14.55 -0.77 45.10
CA ARG G 166 14.78 0.62 45.45
C ARG G 166 13.49 1.42 45.25
N SER G 167 13.00 1.44 44.01
CA SER G 167 11.76 2.10 43.64
C SER G 167 11.16 1.35 42.44
N VAL G 168 10.03 1.86 41.93
CA VAL G 168 9.36 1.27 40.76
C VAL G 168 10.26 1.19 39.51
N ILE G 169 11.20 2.12 39.40
CA ILE G 169 12.12 2.17 38.26
C ILE G 169 13.46 1.52 38.60
N SER G 170 13.93 1.73 39.84
CA SER G 170 15.28 1.36 40.23
C SER G 170 15.39 0.06 41.03
N TYR G 171 16.37 -0.76 40.65
CA TYR G 171 16.78 -1.93 41.41
C TYR G 171 18.28 -2.21 41.17
N LYS G 172 18.93 -2.84 42.14
CA LYS G 172 20.36 -3.14 42.04
C LYS G 172 20.72 -4.57 42.46
N THR G 173 21.74 -5.12 41.82
CA THR G 173 22.31 -6.42 42.21
C THR G 173 23.24 -6.26 43.41
N GLU G 206 22.78 -22.15 59.51
CA GLU G 206 21.67 -22.89 60.11
C GLU G 206 20.35 -22.24 59.72
N TYR G 207 19.64 -21.69 60.71
CA TYR G 207 18.38 -20.98 60.52
C TYR G 207 18.57 -19.66 59.77
N SER G 208 19.69 -18.98 60.04
CA SER G 208 20.02 -17.71 59.38
C SER G 208 20.35 -17.92 57.90
N LEU G 209 20.71 -19.14 57.53
CA LEU G 209 20.90 -19.50 56.12
C LEU G 209 19.57 -19.39 55.37
N ALA G 210 18.50 -19.91 55.99
CA ALA G 210 17.15 -19.82 55.45
C ALA G 210 16.61 -18.39 55.49
N ASN G 211 17.08 -17.61 56.46
CA ASN G 211 16.72 -16.19 56.58
C ASN G 211 17.28 -15.35 55.43
N ILE G 212 18.55 -15.60 55.08
CA ILE G 212 19.22 -14.90 53.98
C ILE G 212 18.59 -15.22 52.61
N ILE G 213 18.25 -16.50 52.40
CA ILE G 213 17.58 -16.93 51.16
C ILE G 213 16.20 -16.27 51.06
N TYR G 214 15.48 -16.22 52.17
CA TYR G 214 14.17 -15.55 52.24
C TYR G 214 14.27 -14.05 51.97
N TYR G 215 15.24 -13.40 52.58
CA TYR G 215 15.48 -11.97 52.37
C TYR G 215 15.65 -11.65 50.89
N SER G 216 16.51 -12.43 50.22
CA SER G 216 16.79 -12.27 48.79
C SER G 216 15.55 -12.50 47.93
N LEU G 217 14.70 -13.42 48.36
CA LEU G 217 13.45 -13.76 47.67
C LEU G 217 12.43 -12.63 47.72
N LYS G 218 12.25 -12.05 48.90
CA LYS G 218 11.27 -10.97 49.13
C LYS G 218 11.66 -9.68 48.42
N GLU G 219 12.97 -9.44 48.33
CA GLU G 219 13.50 -8.30 47.59
C GLU G 219 13.39 -8.54 46.08
N SER G 220 13.74 -9.76 45.65
CA SER G 220 13.79 -10.10 44.23
C SER G 220 12.43 -9.92 43.53
N THR G 221 11.37 -10.47 44.13
CA THR G 221 10.04 -10.42 43.54
C THR G 221 9.45 -9.01 43.50
N THR G 222 9.75 -8.21 44.54
CA THR G 222 9.35 -6.81 44.56
C THR G 222 10.02 -6.07 43.40
N SER G 223 11.31 -6.33 43.17
CA SER G 223 12.06 -5.77 42.04
C SER G 223 11.57 -6.31 40.70
N GLU G 224 11.33 -7.62 40.63
CA GLU G 224 10.88 -8.28 39.39
C GLU G 224 9.50 -7.80 38.96
N GLN G 225 8.58 -7.68 39.92
CA GLN G 225 7.22 -7.23 39.60
C GLN G 225 7.17 -5.76 39.16
N SER G 226 8.00 -4.93 39.78
CA SER G 226 8.14 -3.52 39.39
C SER G 226 8.75 -3.40 38.00
N ALA G 227 9.80 -4.18 37.76
CA ALA G 227 10.50 -4.16 36.48
C ALA G 227 9.63 -4.68 35.33
N ARG G 228 8.82 -5.70 35.60
CA ARG G 228 7.88 -6.20 34.59
C ARG G 228 6.80 -5.16 34.30
N MET G 229 6.21 -4.57 35.35
CA MET G 229 5.27 -3.47 35.23
C MET G 229 5.83 -2.34 34.38
N THR G 230 7.09 -1.98 34.66
CA THR G 230 7.80 -0.94 33.91
C THR G 230 7.99 -1.32 32.45
N ALA G 231 8.60 -2.47 32.19
CA ALA G 231 8.91 -2.91 30.83
C ALA G 231 7.67 -3.08 29.97
N MET G 232 6.59 -3.58 30.57
CA MET G 232 5.33 -3.80 29.84
C MET G 232 4.61 -2.50 29.53
N ASP G 233 4.71 -1.53 30.45
CA ASP G 233 4.20 -0.18 30.19
C ASP G 233 4.87 0.41 28.96
N ASN G 234 6.20 0.31 28.89
CA ASN G 234 6.99 0.81 27.77
C ASN G 234 6.74 0.04 26.47
N ALA G 235 6.58 -1.27 26.58
CA ALA G 235 6.29 -2.13 25.44
C ALA G 235 4.94 -1.77 24.84
N SER G 236 3.93 -1.58 25.70
CA SER G 236 2.59 -1.20 25.27
C SER G 236 2.57 0.17 24.61
N LYS G 237 3.47 1.06 25.06
CA LYS G 237 3.65 2.36 24.43
C LYS G 237 4.32 2.24 23.06
N ASN G 238 5.35 1.40 22.98
CA ASN G 238 6.05 1.14 21.73
C ASN G 238 5.15 0.48 20.70
N ALA G 239 4.28 -0.42 21.17
CA ALA G 239 3.28 -1.06 20.33
C ALA G 239 2.31 -0.03 19.77
N SER G 240 1.87 0.90 20.63
CA SER G 240 0.97 1.98 20.24
C SER G 240 1.56 2.83 19.11
N GLU G 241 2.80 3.28 19.29
CA GLU G 241 3.50 4.08 18.29
C GLU G 241 3.74 3.32 16.99
N MET G 242 3.93 2.01 17.08
CA MET G 242 4.10 1.16 15.92
C MET G 242 2.79 0.96 15.17
N ILE G 243 1.69 0.83 15.92
CA ILE G 243 0.35 0.72 15.31
C ILE G 243 0.05 1.96 14.48
N ASP G 244 0.30 3.14 15.04
CA ASP G 244 0.16 4.41 14.33
C ASP G 244 1.02 4.47 13.08
N LYS G 245 2.30 4.12 13.23
CA LYS G 245 3.26 4.15 12.11
C LYS G 245 2.87 3.18 10.99
N LEU G 246 2.44 1.98 11.37
CA LEU G 246 2.01 0.97 10.42
C LEU G 246 0.68 1.31 9.74
N THR G 247 -0.25 1.89 10.50
CA THR G 247 -1.54 2.33 9.96
C THR G 247 -1.34 3.44 8.91
N LEU G 248 -0.39 4.31 9.17
CA LEU G 248 -0.05 5.35 8.20
C LEU G 248 0.58 4.77 6.92
N THR G 249 1.52 3.84 7.09
CA THR G 249 2.10 3.12 5.94
C THR G 249 1.02 2.37 5.16
N PHE G 250 0.16 1.66 5.88
CA PHE G 250 -0.97 0.96 5.26
C PHE G 250 -1.79 1.89 4.35
N ASN G 251 -2.17 3.05 4.88
CA ASN G 251 -3.06 3.97 4.18
C ASN G 251 -2.42 4.72 3.01
N ARG G 252 -1.14 5.07 3.14
CA ARG G 252 -0.38 5.58 2.00
C ARG G 252 -0.29 4.54 0.87
N THR G 253 -0.04 3.29 1.24
CA THR G 253 0.01 2.19 0.28
C THR G 253 -1.36 1.95 -0.34
N ARG G 254 -2.39 1.95 0.50
CA ARG G 254 -3.78 1.82 0.08
C ARG G 254 -4.14 2.84 -1.02
N GLN G 255 -3.81 4.11 -0.76
CA GLN G 255 -4.08 5.19 -1.71
C GLN G 255 -3.24 5.08 -2.97
N ALA G 256 -1.95 4.78 -2.80
CA ALA G 256 -1.02 4.62 -3.94
C ALA G 256 -1.43 3.50 -4.91
N VAL G 257 -1.91 2.38 -4.37
CA VAL G 257 -2.39 1.25 -5.18
C VAL G 257 -3.55 1.69 -6.08
N ILE G 258 -4.49 2.41 -5.50
CA ILE G 258 -5.68 2.90 -6.23
C ILE G 258 -5.24 3.88 -7.33
N THR G 259 -4.40 4.84 -6.96
CA THR G 259 -3.89 5.83 -7.90
C THR G 259 -3.12 5.18 -9.05
N LYS G 260 -2.21 4.27 -8.72
CA LYS G 260 -1.42 3.58 -9.76
C LYS G 260 -2.27 2.80 -10.77
N GLU G 261 -3.26 2.07 -10.27
CA GLU G 261 -4.17 1.28 -11.10
C GLU G 261 -4.92 2.19 -12.06
N LEU G 262 -5.37 3.32 -11.55
CA LEU G 262 -6.13 4.26 -12.34
C LEU G 262 -5.27 4.89 -13.45
N ILE G 263 -4.03 5.21 -13.13
CA ILE G 263 -3.11 5.80 -14.11
C ILE G 263 -2.80 4.83 -15.27
N GLU G 264 -2.72 3.54 -14.95
CA GLU G 264 -2.54 2.49 -15.97
C GLU G 264 -3.75 2.35 -16.88
N ILE G 265 -4.94 2.47 -16.27
CA ILE G 265 -6.21 2.40 -17.01
C ILE G 265 -6.34 3.60 -17.96
N ILE G 266 -6.09 4.80 -17.43
CA ILE G 266 -6.14 6.05 -18.20
C ILE G 266 -5.15 6.05 -19.37
N SER G 267 -3.93 5.58 -19.12
CA SER G 267 -2.88 5.51 -20.13
C SER G 267 -3.25 4.56 -21.27
N GLY G 268 -3.90 3.45 -20.91
CA GLY G 268 -4.35 2.47 -21.90
C GLY G 268 -5.49 3.00 -22.75
N ALA G 269 -6.38 3.77 -22.13
CA ALA G 269 -7.53 4.35 -22.81
C ALA G 269 -7.14 5.50 -23.74
N ALA G 270 -6.20 6.34 -23.28
CA ALA G 270 -5.71 7.47 -24.09
C ALA G 270 -4.91 6.98 -25.29
N ALA G 271 -4.32 5.90 -25.25
N SER H 17 16.73 -1.53 72.54
CA SER H 17 15.39 -1.80 71.94
C SER H 17 15.22 -3.28 71.62
N PHE H 18 13.97 -3.71 71.47
CA PHE H 18 13.65 -5.11 71.20
C PHE H 18 12.79 -5.27 69.95
N THR H 19 13.29 -6.08 69.01
CA THR H 19 12.59 -6.36 67.76
C THR H 19 12.08 -7.81 67.73
N PHE H 20 10.81 -7.96 67.40
CA PHE H 20 10.15 -9.27 67.43
C PHE H 20 9.25 -9.43 66.20
N ALA H 21 9.65 -10.31 65.29
CA ALA H 21 8.94 -10.51 64.04
C ALA H 21 8.94 -11.94 63.53
N SER H 22 7.90 -12.27 62.76
CA SER H 22 7.88 -13.45 61.91
C SER H 22 8.16 -12.95 60.50
N PRO H 23 8.44 -13.86 59.54
CA PRO H 23 8.68 -13.44 58.15
C PRO H 23 7.57 -12.58 57.55
N THR H 24 6.39 -12.56 58.17
CA THR H 24 5.23 -11.86 57.62
C THR H 24 4.67 -10.75 58.52
N GLN H 25 4.84 -10.88 59.84
CA GLN H 25 4.27 -9.90 60.77
C GLN H 25 5.29 -9.36 61.75
N VAL H 26 5.20 -8.06 62.04
CA VAL H 26 6.06 -7.41 63.04
C VAL H 26 5.24 -7.11 64.31
N PHE H 27 5.76 -7.55 65.44
CA PHE H 27 5.09 -7.38 66.73
C PHE H 27 5.72 -6.26 67.56
N PHE H 28 7.05 -6.17 67.48
CA PHE H 28 7.82 -5.12 68.15
C PHE H 28 8.97 -4.70 67.24
N ASN H 29 9.11 -3.39 67.04
CA ASN H 29 10.13 -2.84 66.14
C ASN H 29 11.11 -1.93 66.88
N GLN H 35 12.07 -6.96 80.01
CA GLN H 35 12.18 -8.41 80.10
C GLN H 35 11.43 -9.11 78.95
N VAL H 36 12.09 -10.10 78.35
CA VAL H 36 11.47 -10.95 77.34
C VAL H 36 11.70 -12.42 77.68
N ASP H 37 10.62 -13.13 78.00
CA ASP H 37 10.68 -14.56 78.28
C ASP H 37 10.75 -15.34 76.96
N VAL H 38 11.78 -16.16 76.82
CA VAL H 38 12.09 -16.86 75.57
C VAL H 38 12.21 -18.38 75.78
N PRO H 39 11.47 -19.17 74.98
CA PRO H 39 11.62 -20.64 75.01
C PRO H 39 12.71 -21.16 74.08
N THR H 40 13.64 -21.94 74.64
CA THR H 40 14.76 -22.49 73.86
C THR H 40 14.92 -24.01 74.05
N LEU H 58 15.36 -22.05 68.59
CA LEU H 58 14.28 -21.94 69.56
C LEU H 58 13.49 -23.24 69.71
N ARG H 59 12.54 -23.24 70.64
CA ARG H 59 11.66 -24.37 70.89
C ARG H 59 10.22 -23.85 70.96
N PRO H 60 9.29 -24.57 70.28
CA PRO H 60 7.86 -24.24 70.34
C PRO H 60 7.41 -23.94 71.76
N GLY H 61 6.81 -22.77 71.96
CA GLY H 61 6.38 -22.34 73.29
C GLY H 61 5.87 -20.91 73.34
N LEU H 62 5.60 -20.46 74.56
CA LEU H 62 5.04 -19.13 74.81
C LEU H 62 6.10 -18.05 74.95
N VAL H 63 5.81 -16.88 74.39
CA VAL H 63 6.64 -15.70 74.53
C VAL H 63 5.85 -14.65 75.31
N VAL H 64 6.45 -14.15 76.39
CA VAL H 64 5.83 -13.09 77.19
C VAL H 64 6.79 -11.90 77.28
N VAL H 65 6.38 -10.77 76.71
CA VAL H 65 7.18 -9.56 76.68
C VAL H 65 6.87 -8.65 77.87
N PHE H 76 2.84 -17.03 71.12
CA PHE H 76 3.32 -18.38 70.82
C PHE H 76 4.23 -18.39 69.60
N VAL H 77 5.45 -18.88 69.81
CA VAL H 77 6.48 -18.94 68.77
C VAL H 77 6.76 -20.40 68.38
N SER H 78 6.98 -20.63 67.09
CA SER H 78 7.22 -21.97 66.58
C SER H 78 8.67 -22.43 66.73
N SER H 79 9.61 -21.60 66.28
CA SER H 79 11.02 -21.97 66.19
C SER H 79 11.83 -20.80 65.62
N GLY H 80 13.16 -20.94 65.62
CA GLY H 80 14.04 -19.92 65.04
C GLY H 80 15.20 -19.54 65.95
N SER H 81 15.54 -18.25 65.96
CA SER H 81 16.64 -17.73 66.78
C SER H 81 16.13 -16.76 67.85
N GLN H 91 17.19 -9.32 69.01
CA GLN H 91 16.01 -9.47 68.14
C GLN H 91 15.55 -10.93 68.04
N LEU H 92 14.27 -11.14 68.34
CA LEU H 92 13.70 -12.49 68.35
C LEU H 92 13.09 -12.84 67.00
N LEU H 93 13.68 -13.82 66.33
CA LEU H 93 13.23 -14.26 65.02
C LEU H 93 12.54 -15.63 65.10
N ALA H 94 11.34 -15.70 64.52
CA ALA H 94 10.51 -16.89 64.59
C ALA H 94 9.88 -17.19 63.24
N GLU H 95 9.80 -18.47 62.88
CA GLU H 95 9.18 -18.85 61.60
C GLU H 95 7.67 -18.59 61.61
N GLU H 96 7.03 -18.92 62.72
CA GLU H 96 5.63 -18.58 62.96
C GLU H 96 5.45 -18.01 64.36
N ALA H 97 5.07 -16.74 64.44
CA ALA H 97 4.75 -16.08 65.71
C ALA H 97 3.31 -15.58 65.65
N VAL H 98 2.50 -16.00 66.62
CA VAL H 98 1.07 -15.68 66.63
C VAL H 98 0.47 -15.47 68.02
N THR H 99 -0.68 -14.78 68.05
CA THR H 99 -1.60 -14.82 69.18
C THR H 99 -2.23 -16.23 69.17
N LEU H 100 -2.63 -16.82 70.30
CA LEU H 100 -2.96 -16.21 71.61
C LEU H 100 -4.43 -15.75 71.63
N ASP H 101 -4.93 -15.36 70.45
CA ASP H 101 -6.35 -15.12 70.20
C ASP H 101 -6.75 -15.97 69.01
N MET H 102 -5.79 -16.20 68.11
CA MET H 102 -6.00 -16.86 66.82
C MET H 102 -5.87 -18.38 66.90
N LEU H 103 -5.24 -18.86 67.97
CA LEU H 103 -4.92 -20.28 68.10
C LEU H 103 -6.06 -21.11 68.69
N ASP H 104 -6.34 -22.22 68.02
CA ASP H 104 -7.32 -23.21 68.45
C ASP H 104 -6.74 -24.57 68.08
N LEU H 105 -6.25 -25.37 69.04
CA LEU H 105 -6.40 -25.26 70.51
C LEU H 105 -7.54 -26.15 71.01
N GLY H 106 -8.64 -26.15 70.26
CA GLY H 106 -9.61 -27.22 70.32
C GLY H 106 -9.25 -28.21 69.24
N ALA H 107 -8.56 -27.69 68.22
CA ALA H 107 -8.10 -28.49 67.08
C ALA H 107 -6.63 -28.91 67.21
N ALA H 108 -5.92 -28.32 68.18
CA ALA H 108 -4.53 -28.71 68.48
C ALA H 108 -4.50 -30.05 69.21
N LYS H 109 -5.53 -30.30 70.02
CA LYS H 109 -5.71 -31.60 70.66
C LYS H 109 -5.98 -32.69 69.62
N ALA H 110 -6.74 -32.33 68.59
CA ALA H 110 -6.98 -33.22 67.46
C ALA H 110 -5.70 -33.42 66.65
N ASN H 111 -4.88 -32.38 66.58
CA ASN H 111 -3.59 -32.44 65.89
C ASN H 111 -2.55 -33.25 66.66
N LEU H 112 -2.62 -33.20 68.00
CA LEU H 112 -1.71 -33.93 68.86
C LEU H 112 -1.99 -35.43 68.80
N GLU H 113 -3.28 -35.78 68.85
CA GLU H 113 -3.72 -37.18 68.78
C GLU H 113 -3.45 -37.80 67.41
N LYS H 114 -3.57 -36.99 66.37
CA LYS H 114 -3.30 -37.42 65.00
C LYS H 114 -1.81 -37.69 64.80
N ALA H 115 -0.97 -36.89 65.46
CA ALA H 115 0.48 -37.04 65.38
C ALA H 115 0.95 -38.26 66.17
N GLN H 116 0.25 -38.54 67.26
CA GLN H 116 0.54 -39.72 68.09
C GLN H 116 0.00 -41.01 67.47
N SER H 117 -0.82 -40.85 66.44
CA SER H 117 -1.37 -41.98 65.68
C SER H 117 -0.40 -42.44 64.59
N GLU H 118 0.28 -41.49 63.96
CA GLU H 118 1.30 -41.79 62.95
C GLU H 118 2.58 -42.33 63.57
N LEU H 119 2.79 -42.05 64.86
CA LEU H 119 3.97 -42.50 65.59
C LEU H 119 3.96 -44.02 65.79
N LEU H 120 2.80 -44.55 66.16
CA LEU H 120 2.61 -45.99 66.29
C LEU H 120 2.35 -46.61 64.92
N GLY H 121 3.16 -46.20 63.94
CA GLY H 121 3.04 -46.67 62.56
C GLY H 121 3.70 -48.01 62.36
N ALA H 122 4.82 -48.08 61.64
CA ALA H 122 5.56 -46.95 61.03
C ALA H 122 6.41 -46.11 62.00
N ALA H 123 7.69 -46.43 62.20
CA ALA H 123 8.47 -47.54 61.60
C ALA H 123 9.86 -47.10 61.17
N ASP H 124 9.98 -46.73 59.89
CA ASP H 124 11.25 -46.36 59.26
C ASP H 124 11.83 -45.06 59.82
N GLU H 125 13.06 -45.14 60.32
CA GLU H 125 13.72 -44.03 61.01
C GLU H 125 13.71 -42.73 60.21
N ALA H 126 13.66 -41.61 60.93
CA ALA H 126 13.66 -40.26 60.35
C ALA H 126 12.43 -39.98 59.48
N THR H 127 11.26 -40.31 60.01
CA THR H 127 10.01 -40.20 59.26
C THR H 127 8.77 -39.59 59.97
N ARG H 128 8.43 -39.90 61.23
CA ARG H 128 9.10 -40.69 62.30
C ARG H 128 9.89 -39.85 63.33
N ALA H 129 11.06 -39.35 62.94
CA ALA H 129 11.71 -38.29 63.70
C ALA H 129 10.95 -37.00 63.42
N GLU H 130 10.38 -36.91 62.22
CA GLU H 130 9.54 -35.79 61.81
C GLU H 130 8.20 -35.80 62.54
N ILE H 131 7.69 -37.00 62.83
CA ILE H 131 6.45 -37.17 63.58
C ILE H 131 6.62 -36.71 65.03
N GLN H 132 7.76 -37.05 65.63
CA GLN H 132 8.07 -36.67 67.01
C GLN H 132 8.19 -35.15 67.19
N ILE H 133 8.85 -34.49 66.24
CA ILE H 133 8.92 -33.02 66.24
C ILE H 133 7.51 -32.41 66.24
N ARG H 134 6.65 -32.93 65.37
CA ARG H 134 5.25 -32.50 65.29
C ARG H 134 4.49 -32.75 66.60
N ILE H 135 4.87 -33.80 67.33
CA ILE H 135 4.31 -34.09 68.65
C ILE H 135 4.81 -33.07 69.70
N GLU H 136 6.06 -32.64 69.57
CA GLU H 136 6.64 -31.67 70.50
C GLU H 136 6.04 -30.28 70.32
N ALA H 137 5.81 -29.91 69.06
CA ALA H 137 5.20 -28.61 68.73
C ALA H 137 3.75 -28.56 69.22
N ASN H 138 3.04 -29.68 69.06
CA ASN H 138 1.64 -29.77 69.45
C ASN H 138 1.39 -29.84 70.95
N GLU H 139 2.32 -30.46 71.68
CA GLU H 139 2.25 -30.53 73.15
C GLU H 139 2.39 -29.16 73.78
N ALA H 140 3.26 -28.32 73.22
CA ALA H 140 3.45 -26.96 73.69
C ALA H 140 2.29 -26.07 73.27
N VAL I 1 23.44 -35.24 71.63
CA VAL I 1 22.86 -34.79 70.33
C VAL I 1 21.35 -35.05 70.31
N ALA I 2 20.61 -34.16 69.65
CA ALA I 2 19.15 -34.27 69.53
C ALA I 2 18.74 -35.44 68.65
N TYR I 3 17.64 -36.09 69.02
CA TYR I 3 17.15 -37.29 68.33
C TYR I 3 16.97 -37.11 66.83
N TRP I 4 16.40 -35.96 66.44
CA TRP I 4 16.16 -35.68 65.03
C TRP I 4 17.48 -35.58 64.25
N ARG I 5 18.54 -35.14 64.93
CA ARG I 5 19.88 -35.20 64.35
C ARG I 5 20.59 -36.49 64.76
N GLN I 6 20.22 -37.58 64.10
CA GLN I 6 20.91 -38.87 64.23
C GLN I 6 20.92 -39.54 62.86
N ALA I 7 19.76 -40.03 62.44
CA ALA I 7 19.51 -40.37 61.03
C ALA I 7 18.80 -39.15 60.47
N GLY I 8 19.52 -38.35 59.67
CA GLY I 8 19.13 -36.96 59.43
C GLY I 8 19.35 -36.25 60.76
N LEU I 9 18.75 -35.07 60.99
CA LEU I 9 18.06 -34.23 60.03
C LEU I 9 18.50 -32.81 60.37
N SER I 10 18.18 -31.86 59.51
CA SER I 10 18.55 -30.46 59.74
C SER I 10 17.62 -29.75 60.73
N TYR I 11 18.09 -28.60 61.26
CA TYR I 11 17.24 -27.73 62.07
C TYR I 11 16.23 -26.97 61.18
N ILE I 12 16.52 -26.90 59.88
CA ILE I 12 15.63 -26.28 58.91
C ILE I 12 14.34 -27.09 58.76
N ARG I 13 14.48 -28.42 58.78
CA ARG I 13 13.32 -29.32 58.74
C ARG I 13 12.58 -29.29 60.08
N TYR I 14 13.32 -29.13 61.17
CA TYR I 14 12.74 -28.98 62.50
C TYR I 14 11.78 -27.78 62.52
N SER I 15 12.31 -26.62 62.18
CA SER I 15 11.56 -25.36 62.16
C SER I 15 10.39 -25.40 61.17
N GLN I 16 10.62 -26.07 60.02
CA GLN I 16 9.58 -26.21 58.98
C GLN I 16 8.37 -26.99 59.50
N ILE I 17 8.63 -28.06 60.25
CA ILE I 17 7.58 -28.88 60.87
C ILE I 17 6.87 -28.13 62.01
N CYS I 18 7.64 -27.43 62.84
CA CYS I 18 7.09 -26.70 63.98
C CYS I 18 6.21 -25.52 63.53
N ALA I 19 6.67 -24.82 62.49
CA ALA I 19 5.92 -23.69 61.93
C ALA I 19 4.59 -24.11 61.34
N LYS I 20 4.58 -25.27 60.68
CA LYS I 20 3.38 -25.80 60.03
C LYS I 20 2.37 -26.27 61.08
N ALA I 21 2.88 -26.81 62.19
CA ALA I 21 2.03 -27.30 63.29
C ALA I 21 1.32 -26.16 64.01
N VAL I 22 1.91 -24.97 63.95
CA VAL I 22 1.30 -23.76 64.52
C VAL I 22 0.17 -23.28 63.61
N ARG I 23 0.43 -23.27 62.30
CA ARG I 23 -0.56 -22.86 61.30
C ARG I 23 -1.79 -23.77 61.32
N ASP I 24 -1.54 -25.08 61.41
CA ASP I 24 -2.61 -26.08 61.43
C ASP I 24 -3.43 -26.06 62.72
N ALA I 25 -2.99 -25.25 63.67
CA ALA I 25 -3.71 -25.04 64.92
C ALA I 25 -4.18 -23.60 65.02
PG ANP J . -18.82 -18.79 -2.99
O1G ANP J . -18.53 -20.12 -3.63
O2G ANP J . -20.08 -18.13 -3.48
O3G ANP J . -17.63 -17.85 -2.93
PB ANP J . -20.15 -18.37 -0.28
O1B ANP J . -19.40 -17.23 0.33
O2B ANP J . -21.46 -18.06 -0.96
N3B ANP J . -19.12 -19.27 -1.35
PA ANP J . -21.23 -20.77 0.84
O1A ANP J . -20.97 -21.40 -0.50
O2A ANP J . -22.65 -20.54 1.32
O3A ANP J . -20.44 -19.38 0.94
O5' ANP J . -20.46 -21.62 1.97
C5' ANP J . -19.12 -22.06 1.77
C4' ANP J . -18.90 -23.41 2.47
O4' ANP J . -19.14 -23.27 3.86
C3' ANP J . -19.86 -24.50 1.96
O3' ANP J . -19.18 -25.75 1.86
C2' ANP J . -20.92 -24.56 3.04
O2' ANP J . -21.51 -25.86 3.12
C1' ANP J . -20.15 -24.17 4.30
N9 ANP J . -21.04 -23.52 5.30
C8 ANP J . -21.74 -22.39 5.12
N7 ANP J . -22.44 -22.06 6.24
C5 ANP J . -22.18 -23.00 7.17
C6 ANP J . -22.60 -23.25 8.57
N6 ANP J . -23.45 -22.41 9.21
N1 ANP J . -22.10 -24.35 9.19
C2 ANP J . -21.25 -25.19 8.55
N3 ANP J . -20.83 -25.02 7.28
C4 ANP J . -21.25 -23.96 6.55
MG MG K . -22.06 -18.12 -2.89
PG ANP L . -4.23 25.58 9.33
O1G ANP L . -5.67 25.87 9.60
O2G ANP L . -3.61 26.47 8.28
O3G ANP L . -3.92 24.11 9.09
PB ANP L . -1.77 26.39 10.97
O1B ANP L . -0.94 25.13 10.85
O2B ANP L . -1.46 27.52 10.03
N3B ANP L . -3.46 25.99 10.83
PA ANP L . -2.25 28.28 13.08
O1A ANP L . -3.60 28.50 12.47
O2A ANP L . -1.22 29.38 13.06
O3A ANP L . -1.59 26.94 12.47
O5' ANP L . -2.42 27.91 14.64
C5' ANP L . -3.43 27.01 15.08
C4' ANP L . -3.92 27.45 16.46
O4' ANP L . -2.82 27.50 17.37
C3' ANP L . -4.55 28.84 16.43
O3' ANP L . -5.75 28.89 17.21
C2' ANP L . -3.52 29.74 17.09
O2' ANP L . -4.16 30.78 17.82
C1' ANP L . -2.75 28.78 18.00
N9 ANP L . -1.34 29.18 18.19
C8 ANP L . -0.41 29.32 17.23
N7 ANP L . 0.79 29.69 17.75
C5 ANP L . 0.64 29.77 19.08
C6 ANP L . 1.51 30.11 20.25
N6 ANP L . 2.81 30.44 20.08
N1 ANP L . 0.95 30.08 21.48
C2 ANP L . -0.35 29.77 21.67
N3 ANP L . -1.20 29.45 20.66
C4 ANP L . -0.77 29.44 19.37
MG MG M . -2.48 28.21 8.40
PG ANP N . 24.64 -5.62 -10.34
O1G ANP N . 25.76 -4.63 -10.40
O2G ANP N . 24.43 -6.47 -11.58
O3G ANP N . 23.36 -5.11 -9.70
PB ANP N . 24.94 -8.44 -9.22
O1B ANP N . 23.62 -8.73 -8.55
O2B ANP N . 25.13 -8.98 -10.61
N3B ANP N . 25.27 -6.74 -9.17
PA ANP N . 27.59 -9.25 -8.58
O1A ANP N . 28.09 -8.01 -9.27
O2A ANP N . 27.82 -10.60 -9.22
O3A ANP N . 26.03 -9.09 -8.23
O5' ANP N . 28.22 -9.28 -7.09
C5' ANP N . 28.18 -8.13 -6.25
C4' ANP N . 29.43 -8.04 -5.37
O4' ANP N . 29.48 -9.19 -4.52
C3' ANP N . 30.73 -8.05 -6.18
O3' ANP N . 31.66 -7.16 -5.58
C2' ANP N . 31.25 -9.47 -6.08
O2' ANP N . 32.67 -9.51 -6.12
C1' ANP N . 30.71 -9.90 -4.71
N9 ANP N . 30.45 -11.35 -4.63
C8 ANP N . 29.62 -12.08 -5.41
N7 ANP N . 29.61 -13.38 -5.03
C5 ANP N . 30.43 -13.50 -3.98
C6 ANP N . 30.89 -14.59 -3.08
N6 ANP N . 30.48 -15.87 -3.24
N1 ANP N . 31.77 -14.28 -2.09
C2 ANP N . 32.22 -13.02 -1.91
N3 ANP N . 31.84 -11.98 -2.68
C4 ANP N . 30.98 -12.16 -3.70
MG MG O . 25.26 -8.05 -12.42
PB ADP P . 4.13 -24.77 -10.69
O1B ADP P . 3.22 -24.42 -9.54
O2B ADP P . 3.49 -25.73 -11.68
O3B ADP P . 4.81 -23.59 -11.33
PA ADP P . 5.83 -27.06 -10.18
O1A ADP P . 6.67 -27.15 -11.43
O2A ADP P . 4.71 -28.05 -9.99
O3A ADP P . 5.32 -25.54 -9.95
O5' ADP P . 6.83 -27.22 -8.94
C5' ADP P . 7.95 -26.34 -8.83
C4' ADP P . 9.09 -27.04 -8.09
O4' ADP P . 8.83 -27.10 -6.68
C3' ADP P . 9.28 -28.49 -8.51
O3' ADP P . 10.12 -28.62 -9.66
C2' ADP P . 9.90 -29.11 -7.27
O2' ADP P . 11.29 -28.78 -7.25
C1' ADP P . 9.19 -28.38 -6.15
N9 ADP P . 7.98 -29.15 -5.78
C8 ADP P . 6.72 -28.89 -6.20
N7 ADP P . 5.84 -29.79 -5.70
C5 ADP P . 6.53 -30.66 -4.96
C6 ADP P . 6.19 -31.86 -4.14
N6 ADP P . 4.92 -32.29 -4.05
N1 ADP P . 7.21 -32.49 -3.50
C2 ADP P . 8.48 -32.06 -3.60
N3 ADP P . 8.85 -30.98 -4.31
C4 ADP P . 7.94 -30.25 -5.00
MG MG Q . 3.57 -25.74 -13.78
N1 AZI R . 3.41 -21.17 -12.69
N2 AZI R . 4.57 -21.19 -12.75
N3 AZI R . 5.73 -21.28 -12.78
P PO4 S . -29.92 7.61 15.12
O1 PO4 S . -29.33 7.02 16.38
O2 PO4 S . -30.20 9.08 15.34
O3 PO4 S . -28.93 7.46 13.98
O4 PO4 S . -31.20 6.89 14.79
PG ANP T . 18.81 18.77 -1.39
O1G ANP T . 17.88 19.86 -0.88
O2G ANP T . 19.87 19.22 -2.36
O3G ANP T . 18.08 17.53 -1.80
PB ANP T . 21.17 17.53 0.13
O1B ANP T . 20.90 16.04 0.17
O2B ANP T . 22.14 18.00 -0.92
N3B ANP T . 19.66 18.38 0.06
PA ANP T . 22.86 18.92 1.96
O1A ANP T . 22.57 20.26 1.34
O2A ANP T . 24.19 18.26 1.70
O3A ANP T . 21.72 17.88 1.59
O5' ANP T . 22.66 19.05 3.55
C5' ANP T . 21.45 19.59 4.09
C4' ANP T . 21.59 19.82 5.58
O4' ANP T . 21.75 18.58 6.28
C3' ANP T . 22.83 20.64 5.95
O3' ANP T . 22.61 22.05 5.91
C2' ANP T . 23.12 20.15 7.35
O2' ANP T . 22.27 20.83 8.28
C1' ANP T . 22.74 18.69 7.30
N9 ANP T . 23.93 17.87 6.93
C8 ANP T . 24.12 17.24 5.74
N7 ANP T . 25.31 16.59 5.73
C5 ANP T . 25.91 16.80 6.90
C6 ANP T . 27.19 16.39 7.54
N6 ANP T . 28.07 15.61 6.87
N1 ANP T . 27.43 16.82 8.80
C2 ANP T . 26.55 17.60 9.47
N3 ANP T . 25.38 18.01 8.96
C4 ANP T . 25.01 17.64 7.70
MG MG U . 21.82 19.35 -2.58
#